data_4KWG
#
_entry.id   4KWG
#
_cell.length_a   101.506
_cell.length_b   176.193
_cell.length_c   101.546
_cell.angle_alpha   90.000
_cell.angle_beta   94.920
_cell.angle_gamma   90.000
#
_symmetry.space_group_name_H-M   'P 1 21 1'
#
loop_
_entity.id
_entity.type
_entity.pdbx_description
1 polymer 'Aldehyde dehydrogenase, mitochondrial'
2 non-polymer 7-bromo-5-methyl-1H-indole-2,3-dione
3 non-polymer 'SODIUM ION'
4 non-polymer 1,2-ETHANEDIOL
5 non-polymer GUANIDINE
6 water water
#
_entity_poly.entity_id   1
_entity_poly.type   'polypeptide(L)'
_entity_poly.pdbx_seq_one_letter_code
;AVPAPNQQPEVFCNQIFINNEWHDAVSRKTFPTVNPSTGEVICQVAEGDKEDVDKAVKAARAAFQLGSPWRRMDASHRGR
LLNRLADLIERDRTYLAALETLDNGKPYVISYLVDLDMVLKCLRYYAGWADKYHGKTIPIDGDFFSYTRHEPVGVCGQII
PWNFPLLMQAWKLGPALATGNVVVMKVAEQTPLTALYVANLIKEAGFPPGVVNIVPGFGPTAGAAIASHEDVDKVAFTGS
TEIGRVIQVAAGSSNLKRVTLELGGKSPNIIMSDADMDWAVEQAHFALFFNQGQCCCAGSRTFVQEDIYDEFVERSVARA
KSRVVGNPFDSKTEQGPQVDETQFKKILGYINTGKQEGAKLLCGGGIAADRGYFIQPTVFGDVQDGMTIAKEEIFGPVMQ
ILKFKTIEEVVGRANNSTYGLAAAVFTKDLDKANYLSQALQAGTVWVNCYDVFGAQSPFGGYKMSGSGRELGEYGLQAYT
EVKTVTVKVPQKNS
;
_entity_poly.pdbx_strand_id   A,B,C,D,E,F,G,H
#
# COMPACT_ATOMS: atom_id res chain seq x y z
N ALA A 1 -2.20 -58.21 21.79
CA ALA A 1 -3.27 -57.69 20.90
C ALA A 1 -3.64 -58.70 19.81
N VAL A 2 -3.75 -59.98 20.19
CA VAL A 2 -4.24 -61.02 19.29
C VAL A 2 -5.37 -61.79 19.98
N PRO A 3 -6.61 -61.61 19.49
CA PRO A 3 -7.74 -62.34 20.08
C PRO A 3 -7.62 -63.86 19.89
N ALA A 4 -8.22 -64.62 20.81
CA ALA A 4 -8.11 -66.08 20.80
C ALA A 4 -8.73 -66.70 19.55
N PRO A 5 -8.10 -67.78 19.02
CA PRO A 5 -8.61 -68.42 17.82
C PRO A 5 -9.68 -69.46 18.13
N ASN A 6 -10.59 -69.67 17.17
CA ASN A 6 -11.41 -70.88 17.15
C ASN A 6 -10.64 -71.92 16.34
N GLN A 7 -10.18 -72.97 17.00
CA GLN A 7 -9.28 -73.95 16.39
C GLN A 7 -9.98 -74.96 15.48
N GLN A 8 -11.30 -74.97 15.50
CA GLN A 8 -12.09 -75.76 14.55
C GLN A 8 -13.25 -74.93 14.02
N PRO A 9 -12.94 -73.97 13.13
CA PRO A 9 -13.98 -73.10 12.57
C PRO A 9 -14.88 -73.82 11.58
N GLU A 10 -16.19 -73.58 11.65
CA GLU A 10 -17.15 -74.16 10.71
C GLU A 10 -16.80 -73.75 9.28
N VAL A 11 -17.06 -74.65 8.33
CA VAL A 11 -16.94 -74.35 6.92
C VAL A 11 -18.33 -74.09 6.38
N PHE A 12 -18.53 -72.91 5.78
CA PHE A 12 -19.84 -72.47 5.28
C PHE A 12 -19.94 -72.42 3.76
N CYS A 13 -18.82 -72.24 3.08
CA CYS A 13 -18.79 -72.14 1.63
C CYS A 13 -17.79 -73.12 1.04
N ASN A 14 -18.29 -74.02 0.20
CA ASN A 14 -17.44 -75.02 -0.46
C ASN A 14 -17.86 -75.31 -1.91
N GLN A 15 -18.56 -74.36 -2.53
CA GLN A 15 -19.17 -74.55 -3.83
C GLN A 15 -18.64 -73.55 -4.87
N ILE A 16 -19.17 -73.61 -6.08
CA ILE A 16 -18.82 -72.66 -7.13
C ILE A 16 -19.69 -71.41 -6.97
N PHE A 17 -19.04 -70.25 -7.04
CA PHE A 17 -19.70 -68.97 -6.89
C PHE A 17 -19.88 -68.29 -8.24
N ILE A 18 -21.11 -68.26 -8.72
CA ILE A 18 -21.46 -67.58 -9.98
C ILE A 18 -22.76 -66.81 -9.79
N ASN A 19 -22.75 -65.54 -10.18
CA ASN A 19 -23.91 -64.64 -10.02
C ASN A 19 -24.42 -64.52 -8.59
N ASN A 20 -23.51 -64.38 -7.63
CA ASN A 20 -23.86 -64.30 -6.21
C ASN A 20 -24.70 -65.49 -5.70
N GLU A 21 -24.56 -66.64 -6.37
CA GLU A 21 -25.22 -67.89 -5.97
C GLU A 21 -24.16 -68.96 -5.80
N TRP A 22 -24.48 -69.99 -5.01
CA TRP A 22 -23.61 -71.14 -4.85
C TRP A 22 -24.11 -72.30 -5.69
N HIS A 23 -23.20 -72.90 -6.47
CA HIS A 23 -23.51 -73.99 -7.38
C HIS A 23 -22.61 -75.19 -7.14
N ASP A 24 -23.18 -76.39 -7.20
CA ASP A 24 -22.39 -77.62 -7.35
C ASP A 24 -21.79 -77.60 -8.73
N ALA A 25 -20.68 -78.33 -8.91
CA ALA A 25 -20.06 -78.47 -10.21
C ALA A 25 -21.01 -79.19 -11.18
N VAL A 26 -20.88 -78.88 -12.47
CA VAL A 26 -21.71 -79.52 -13.49
C VAL A 26 -21.61 -81.04 -13.34
N SER A 27 -20.38 -81.53 -13.26
CA SER A 27 -20.11 -82.96 -13.17
C SER A 27 -20.49 -83.60 -11.81
N ARG A 28 -20.85 -82.77 -10.84
CA ARG A 28 -21.15 -83.22 -9.47
C ARG A 28 -19.92 -83.73 -8.72
N LYS A 29 -18.76 -83.73 -9.37
CA LYS A 29 -17.54 -84.20 -8.74
C LYS A 29 -17.12 -83.23 -7.65
N THR A 30 -16.36 -83.74 -6.71
CA THR A 30 -15.79 -82.92 -5.67
C THR A 30 -14.36 -83.34 -5.42
N PHE A 31 -13.66 -82.57 -4.59
CA PHE A 31 -12.33 -82.93 -4.15
C PHE A 31 -12.16 -82.54 -2.68
N PRO A 32 -11.34 -83.29 -1.95
CA PRO A 32 -11.11 -82.96 -0.55
C PRO A 32 -10.04 -81.87 -0.39
N THR A 33 -10.24 -80.97 0.56
CA THR A 33 -9.17 -80.08 1.01
C THR A 33 -8.71 -80.54 2.39
N VAL A 34 -7.40 -80.53 2.60
CA VAL A 34 -6.79 -81.18 3.76
C VAL A 34 -6.17 -80.17 4.73
N ASN A 35 -6.25 -80.52 6.01
CA ASN A 35 -5.58 -79.80 7.10
C ASN A 35 -4.13 -80.29 7.22
N PRO A 36 -3.15 -79.50 6.74
CA PRO A 36 -1.76 -79.97 6.67
C PRO A 36 -1.06 -80.24 8.01
N SER A 37 -1.60 -79.70 9.10
CA SER A 37 -1.10 -79.98 10.44
C SER A 37 -1.45 -81.39 10.94
N THR A 38 -2.61 -81.90 10.51
CA THR A 38 -3.08 -83.23 10.91
C THR A 38 -3.09 -84.22 9.74
N GLY A 39 -3.25 -83.71 8.51
CA GLY A 39 -3.41 -84.57 7.33
C GLY A 39 -4.82 -85.11 7.17
N GLU A 40 -5.74 -84.70 8.03
CA GLU A 40 -7.13 -85.12 7.90
C GLU A 40 -7.89 -84.18 6.98
N VAL A 41 -8.89 -84.72 6.29
CA VAL A 41 -9.72 -83.96 5.38
C VAL A 41 -10.57 -82.98 6.17
N ILE A 42 -10.63 -81.73 5.70
CA ILE A 42 -11.43 -80.70 6.36
C ILE A 42 -12.84 -80.82 5.82
N CYS A 43 -12.96 -80.79 4.49
CA CYS A 43 -14.24 -81.00 3.83
C CYS A 43 -14.06 -81.21 2.34
N GLN A 44 -15.17 -81.55 1.70
CA GLN A 44 -15.23 -81.73 0.27
C GLN A 44 -15.55 -80.38 -0.38
N VAL A 45 -15.07 -80.17 -1.60
CA VAL A 45 -15.29 -78.91 -2.33
C VAL A 45 -15.67 -79.23 -3.76
N ALA A 46 -16.60 -78.46 -4.33
CA ALA A 46 -17.04 -78.67 -5.71
C ALA A 46 -15.87 -78.55 -6.68
N GLU A 47 -15.70 -79.55 -7.55
CA GLU A 47 -14.59 -79.56 -8.51
C GLU A 47 -15.02 -78.94 -9.84
N GLY A 48 -14.71 -77.66 -10.01
CA GLY A 48 -15.00 -76.96 -11.25
C GLY A 48 -14.09 -77.40 -12.36
N ASP A 49 -14.64 -77.49 -13.58
CA ASP A 49 -13.88 -77.81 -14.78
C ASP A 49 -14.32 -76.80 -15.86
N LYS A 50 -13.92 -77.02 -17.11
CA LYS A 50 -14.22 -76.07 -18.20
C LYS A 50 -15.69 -75.64 -18.27
N GLU A 51 -16.59 -76.59 -18.10
CA GLU A 51 -18.02 -76.29 -18.22
C GLU A 51 -18.45 -75.29 -17.16
N ASP A 52 -17.86 -75.37 -15.98
CA ASP A 52 -18.18 -74.44 -14.90
C ASP A 52 -17.56 -73.07 -15.16
N VAL A 53 -16.36 -73.06 -15.75
CA VAL A 53 -15.67 -71.85 -16.15
C VAL A 53 -16.47 -71.11 -17.24
N ASP A 54 -16.96 -71.87 -18.21
CA ASP A 54 -17.85 -71.32 -19.24
C ASP A 54 -19.06 -70.61 -18.64
N LYS A 55 -19.65 -71.19 -17.60
CA LYS A 55 -20.76 -70.56 -16.89
C LYS A 55 -20.33 -69.24 -16.23
N ALA A 56 -19.17 -69.27 -15.58
CA ALA A 56 -18.61 -68.11 -14.89
C ALA A 56 -18.32 -66.97 -15.87
N VAL A 57 -17.74 -67.32 -17.02
CA VAL A 57 -17.36 -66.34 -18.03
C VAL A 57 -18.60 -65.64 -18.62
N LYS A 58 -19.63 -66.42 -18.96
CA LYS A 58 -20.91 -65.87 -19.44
C LYS A 58 -21.56 -64.94 -18.40
N ALA A 59 -21.55 -65.35 -17.15
CA ALA A 59 -22.08 -64.52 -16.07
C ALA A 59 -21.31 -63.20 -15.99
N ALA A 60 -19.99 -63.29 -16.06
CA ALA A 60 -19.12 -62.11 -16.03
C ALA A 60 -19.31 -61.20 -17.24
N ARG A 61 -19.34 -61.79 -18.44
CA ARG A 61 -19.59 -61.04 -19.67
C ARG A 61 -20.87 -60.20 -19.60
N ALA A 62 -21.93 -60.79 -19.02
CA ALA A 62 -23.23 -60.11 -18.92
C ALA A 62 -23.22 -58.97 -17.88
N ALA A 63 -22.57 -59.21 -16.75
CA ALA A 63 -22.37 -58.16 -15.75
C ALA A 63 -21.56 -56.98 -16.30
N PHE A 64 -20.78 -57.24 -17.35
CA PHE A 64 -19.90 -56.23 -17.95
C PHE A 64 -20.52 -55.49 -19.14
N GLN A 65 -21.72 -55.88 -19.55
CA GLN A 65 -22.34 -55.26 -20.71
C GLN A 65 -22.66 -53.79 -20.51
N LEU A 66 -22.44 -53.01 -21.56
CA LEU A 66 -22.76 -51.60 -21.57
C LEU A 66 -24.19 -51.40 -21.05
N GLY A 67 -24.34 -50.48 -20.10
CA GLY A 67 -25.64 -50.22 -19.47
C GLY A 67 -26.00 -51.13 -18.30
N SER A 68 -25.09 -52.02 -17.89
CA SER A 68 -25.31 -52.85 -16.70
C SER A 68 -25.13 -52.02 -15.43
N PRO A 69 -25.63 -52.52 -14.28
CA PRO A 69 -25.38 -51.83 -13.02
C PRO A 69 -23.89 -51.62 -12.71
N TRP A 70 -23.06 -52.61 -13.00
CA TRP A 70 -21.64 -52.51 -12.71
C TRP A 70 -20.93 -51.50 -13.60
N ARG A 71 -21.32 -51.42 -14.88
CA ARG A 71 -20.76 -50.45 -15.82
C ARG A 71 -21.25 -49.01 -15.59
N ARG A 72 -22.52 -48.85 -15.20
CA ARG A 72 -23.09 -47.51 -14.96
C ARG A 72 -22.74 -46.98 -13.57
N MET A 73 -22.36 -47.87 -12.66
CA MET A 73 -21.99 -47.50 -11.30
C MET A 73 -20.96 -46.36 -11.31
N ASP A 74 -21.17 -45.37 -10.44
CA ASP A 74 -20.18 -44.32 -10.25
C ASP A 74 -18.86 -44.93 -9.78
N ALA A 75 -17.74 -44.36 -10.23
CA ALA A 75 -16.42 -44.87 -9.82
C ALA A 75 -16.25 -44.77 -8.31
N SER A 76 -16.69 -43.66 -7.73
CA SER A 76 -16.64 -43.48 -6.28
C SER A 76 -17.37 -44.62 -5.56
N HIS A 77 -18.49 -45.08 -6.12
CA HIS A 77 -19.28 -46.13 -5.50
C HIS A 77 -18.61 -47.51 -5.58
N ARG A 78 -17.83 -47.77 -6.64
CA ARG A 78 -16.95 -48.95 -6.65
C ARG A 78 -15.97 -48.89 -5.48
N GLY A 79 -15.46 -47.70 -5.20
CA GLY A 79 -14.59 -47.49 -4.05
C GLY A 79 -15.32 -47.74 -2.74
N ARG A 80 -16.58 -47.31 -2.68
CA ARG A 80 -17.42 -47.54 -1.51
C ARG A 80 -17.70 -49.02 -1.25
N LEU A 81 -17.90 -49.81 -2.30
CA LEU A 81 -18.11 -51.25 -2.13
C LEU A 81 -16.84 -51.94 -1.64
N LEU A 82 -15.69 -51.51 -2.16
CA LEU A 82 -14.41 -52.07 -1.73
C LEU A 82 -14.16 -51.82 -0.24
N ASN A 83 -14.49 -50.62 0.23
CA ASN A 83 -14.41 -50.30 1.65
C ASN A 83 -15.41 -51.10 2.48
N ARG A 84 -16.61 -51.33 1.93
CA ARG A 84 -17.62 -52.14 2.60
C ARG A 84 -17.14 -53.59 2.74
N LEU A 85 -16.62 -54.16 1.66
CA LEU A 85 -16.00 -55.48 1.71
C LEU A 85 -14.95 -55.57 2.82
N ALA A 86 -14.03 -54.61 2.85
CA ALA A 86 -12.99 -54.55 3.88
C ALA A 86 -13.56 -54.48 5.31
N ASP A 87 -14.65 -53.72 5.49
CA ASP A 87 -15.30 -53.66 6.80
C ASP A 87 -15.89 -55.01 7.22
N LEU A 88 -16.40 -55.75 6.25
CA LEU A 88 -16.95 -57.08 6.49
C LEU A 88 -15.85 -58.10 6.79
N ILE A 89 -14.72 -57.98 6.09
CA ILE A 89 -13.56 -58.83 6.38
C ILE A 89 -13.01 -58.52 7.77
N GLU A 90 -13.10 -57.26 8.21
CA GLU A 90 -12.62 -56.88 9.54
C GLU A 90 -13.53 -57.41 10.64
N ARG A 91 -14.85 -57.37 10.38
CA ARG A 91 -15.82 -57.98 11.29
C ARG A 91 -15.50 -59.47 11.53
N ASP A 92 -15.11 -60.18 10.47
CA ASP A 92 -14.85 -61.62 10.52
C ASP A 92 -13.35 -61.94 10.45
N ARG A 93 -12.53 -61.06 11.02
CA ARG A 93 -11.08 -61.20 10.93
C ARG A 93 -10.58 -62.48 11.59
N THR A 94 -11.00 -62.73 12.82
CA THR A 94 -10.50 -63.89 13.57
C THR A 94 -10.93 -65.20 12.93
N TYR A 95 -12.18 -65.26 12.49
CA TYR A 95 -12.70 -66.41 11.77
C TYR A 95 -11.82 -66.73 10.56
N LEU A 96 -11.68 -65.74 9.67
CA LEU A 96 -10.90 -65.90 8.44
C LEU A 96 -9.44 -66.27 8.70
N ALA A 97 -8.82 -65.66 9.70
CA ALA A 97 -7.44 -65.99 10.05
C ALA A 97 -7.32 -67.45 10.52
N ALA A 98 -8.31 -67.90 11.28
CA ALA A 98 -8.34 -69.27 11.79
C ALA A 98 -8.60 -70.27 10.67
N LEU A 99 -9.53 -69.93 9.78
CA LEU A 99 -9.82 -70.74 8.60
C LEU A 99 -8.63 -70.81 7.64
N GLU A 100 -7.86 -69.73 7.59
CA GLU A 100 -6.64 -69.68 6.78
C GLU A 100 -5.59 -70.64 7.34
N THR A 101 -5.34 -70.55 8.64
CA THR A 101 -4.40 -71.44 9.32
C THR A 101 -4.81 -72.91 9.17
N LEU A 102 -6.09 -73.18 9.39
CA LEU A 102 -6.66 -74.54 9.27
C LEU A 102 -6.33 -75.17 7.92
N ASP A 103 -6.53 -74.39 6.85
CA ASP A 103 -6.41 -74.88 5.49
C ASP A 103 -5.01 -74.71 4.90
N ASN A 104 -4.26 -73.71 5.36
CA ASN A 104 -2.94 -73.42 4.80
C ASN A 104 -1.78 -73.96 5.65
N GLY A 105 -1.93 -73.87 6.97
CA GLY A 105 -0.90 -74.36 7.89
C GLY A 105 -0.11 -73.26 8.60
N LYS A 106 -0.15 -72.05 8.06
CA LYS A 106 0.62 -70.95 8.64
C LYS A 106 0.10 -70.61 10.05
N PRO A 107 1.00 -70.17 10.95
CA PRO A 107 0.60 -69.84 12.33
C PRO A 107 -0.53 -68.81 12.39
N TYR A 108 -1.48 -69.04 13.30
CA TYR A 108 -2.64 -68.17 13.46
C TYR A 108 -2.28 -66.74 13.88
N VAL A 109 -1.19 -66.60 14.64
CA VAL A 109 -0.72 -65.27 15.02
C VAL A 109 -0.32 -64.48 13.76
N ILE A 110 0.43 -65.13 12.87
CA ILE A 110 0.85 -64.51 11.61
C ILE A 110 -0.36 -64.26 10.69
N SER A 111 -1.30 -65.20 10.64
CA SER A 111 -2.51 -65.02 9.82
C SER A 111 -3.24 -63.74 10.23
N TYR A 112 -3.47 -63.59 11.52
CA TYR A 112 -4.22 -62.45 12.07
C TYR A 112 -3.48 -61.11 11.94
N LEU A 113 -2.23 -61.06 12.39
CA LEU A 113 -1.50 -59.79 12.44
C LEU A 113 -0.93 -59.38 11.09
N VAL A 114 -0.50 -60.35 10.28
CA VAL A 114 0.08 -60.03 8.98
C VAL A 114 -0.93 -60.20 7.84
N ASP A 115 -1.32 -61.44 7.55
CA ASP A 115 -2.15 -61.73 6.36
C ASP A 115 -3.43 -60.91 6.27
N LEU A 116 -4.27 -60.97 7.30
CA LEU A 116 -5.53 -60.23 7.27
C LEU A 116 -5.36 -58.73 7.40
N ASP A 117 -4.34 -58.29 8.14
CA ASP A 117 -4.03 -56.87 8.19
C ASP A 117 -3.71 -56.37 6.77
N MET A 118 -2.94 -57.15 6.02
CA MET A 118 -2.55 -56.79 4.66
C MET A 118 -3.69 -56.89 3.64
N VAL A 119 -4.61 -57.82 3.87
CA VAL A 119 -5.84 -57.89 3.08
C VAL A 119 -6.61 -56.58 3.25
N LEU A 120 -6.91 -56.25 4.50
CA LEU A 120 -7.65 -55.02 4.81
C LEU A 120 -6.97 -53.78 4.21
N LYS A 121 -5.64 -53.71 4.33
CA LYS A 121 -4.90 -52.56 3.81
C LYS A 121 -4.91 -52.52 2.28
N CYS A 122 -4.79 -53.68 1.64
CA CYS A 122 -4.83 -53.75 0.17
C CYS A 122 -6.19 -53.29 -0.38
N LEU A 123 -7.27 -53.80 0.21
CA LEU A 123 -8.62 -53.45 -0.24
C LEU A 123 -8.95 -51.98 -0.01
N ARG A 124 -8.51 -51.45 1.13
CA ARG A 124 -8.79 -50.05 1.47
C ARG A 124 -7.96 -49.11 0.62
N TYR A 125 -6.73 -49.51 0.31
CA TYR A 125 -5.88 -48.75 -0.59
C TYR A 125 -6.55 -48.63 -1.96
N TYR A 126 -6.93 -49.76 -2.54
CA TYR A 126 -7.47 -49.76 -3.91
C TYR A 126 -8.86 -49.13 -4.00
N ALA A 127 -9.61 -49.20 -2.91
CA ALA A 127 -10.85 -48.43 -2.77
C ALA A 127 -10.61 -46.97 -3.13
N GLY A 128 -9.49 -46.43 -2.64
CA GLY A 128 -9.09 -45.06 -2.90
C GLY A 128 -8.78 -44.74 -4.36
N TRP A 129 -8.30 -45.72 -5.12
CA TRP A 129 -7.94 -45.53 -6.54
C TRP A 129 -9.14 -45.51 -7.49
N ALA A 130 -10.23 -46.16 -7.09
CA ALA A 130 -11.40 -46.35 -7.96
C ALA A 130 -11.74 -45.15 -8.84
N ASP A 131 -11.77 -43.96 -8.24
CA ASP A 131 -12.16 -42.75 -8.95
C ASP A 131 -11.01 -41.75 -9.17
N LYS A 132 -9.77 -42.26 -9.15
CA LYS A 132 -8.60 -41.39 -9.31
C LYS A 132 -7.62 -41.79 -10.42
N TYR A 133 -7.94 -42.80 -11.23
CA TYR A 133 -6.99 -43.26 -12.26
C TYR A 133 -7.21 -42.59 -13.63
N HIS A 134 -6.99 -41.29 -13.64
CA HIS A 134 -7.35 -40.42 -14.77
C HIS A 134 -6.77 -40.83 -16.11
N GLY A 135 -7.58 -40.67 -17.17
CA GLY A 135 -7.06 -40.62 -18.53
C GLY A 135 -6.46 -39.25 -18.77
N LYS A 136 -6.15 -38.93 -20.02
CA LYS A 136 -5.41 -37.71 -20.32
C LYS A 136 -6.07 -36.90 -21.42
N THR A 137 -5.88 -35.58 -21.38
CA THR A 137 -6.18 -34.71 -22.52
C THR A 137 -4.83 -34.26 -23.08
N ILE A 138 -4.71 -34.29 -24.40
CA ILE A 138 -3.44 -34.39 -25.08
C ILE A 138 -3.34 -33.33 -26.17
N PRO A 139 -2.28 -32.49 -26.14
CA PRO A 139 -2.13 -31.41 -27.10
C PRO A 139 -1.55 -31.91 -28.44
N ILE A 140 -2.38 -32.61 -29.18
CA ILE A 140 -2.02 -33.20 -30.47
C ILE A 140 -1.89 -32.10 -31.52
N ASP A 141 -1.08 -32.35 -32.55
CA ASP A 141 -0.97 -31.41 -33.69
C ASP A 141 -2.32 -31.30 -34.41
N GLY A 142 -2.55 -30.15 -35.04
CA GLY A 142 -3.74 -29.94 -35.86
C GLY A 142 -4.98 -29.46 -35.12
N ASP A 143 -6.07 -29.31 -35.87
CA ASP A 143 -7.33 -28.79 -35.33
C ASP A 143 -8.13 -29.93 -34.70
N PHE A 144 -7.63 -30.43 -33.58
CA PHE A 144 -8.22 -31.59 -32.93
C PHE A 144 -8.20 -31.45 -31.41
N PHE A 145 -9.17 -32.09 -30.76
CA PHE A 145 -9.18 -32.28 -29.32
C PHE A 145 -9.02 -33.77 -29.12
N SER A 146 -7.93 -34.16 -28.47
CA SER A 146 -7.63 -35.57 -28.26
C SER A 146 -7.49 -35.90 -26.78
N TYR A 147 -8.09 -37.02 -26.38
CA TYR A 147 -8.08 -37.45 -24.99
C TYR A 147 -8.17 -38.97 -24.87
N THR A 148 -7.77 -39.50 -23.72
CA THR A 148 -7.84 -40.94 -23.47
C THR A 148 -8.88 -41.31 -22.42
N ARG A 149 -9.55 -42.43 -22.67
CA ARG A 149 -10.42 -43.07 -21.70
C ARG A 149 -9.71 -44.30 -21.17
N HIS A 150 -9.65 -44.42 -19.86
CA HIS A 150 -9.13 -45.61 -19.21
C HIS A 150 -10.29 -46.53 -18.90
N GLU A 151 -10.58 -47.43 -19.83
CA GLU A 151 -11.69 -48.35 -19.68
C GLU A 151 -11.21 -49.62 -18.99
N PRO A 152 -12.15 -50.40 -18.41
CA PRO A 152 -11.75 -51.70 -17.88
C PRO A 152 -11.32 -52.62 -19.01
N VAL A 153 -10.33 -53.47 -18.77
CA VAL A 153 -9.88 -54.43 -19.79
C VAL A 153 -10.98 -55.46 -20.08
N GLY A 154 -11.82 -55.75 -19.09
CA GLY A 154 -13.02 -56.55 -19.29
C GLY A 154 -13.16 -57.73 -18.36
N VAL A 155 -13.32 -58.92 -18.94
CA VAL A 155 -13.39 -60.15 -18.15
C VAL A 155 -11.98 -60.61 -17.80
N CYS A 156 -11.65 -60.56 -16.51
CA CYS A 156 -10.31 -60.90 -16.05
C CYS A 156 -10.28 -62.25 -15.38
N GLY A 157 -9.44 -63.14 -15.94
CA GLY A 157 -9.18 -64.44 -15.36
C GLY A 157 -8.05 -64.32 -14.36
N GLN A 158 -8.30 -64.78 -13.14
CA GLN A 158 -7.32 -64.63 -12.06
C GLN A 158 -7.11 -65.96 -11.35
N ILE A 159 -5.92 -66.51 -11.51
CA ILE A 159 -5.54 -67.77 -10.90
C ILE A 159 -4.57 -67.46 -9.76
N ILE A 160 -4.92 -67.90 -8.55
CA ILE A 160 -4.14 -67.57 -7.37
C ILE A 160 -3.58 -68.79 -6.64
N PRO A 161 -2.41 -68.63 -5.99
CA PRO A 161 -1.68 -69.72 -5.38
C PRO A 161 -2.11 -69.99 -3.94
N TRP A 162 -1.47 -70.98 -3.32
CA TRP A 162 -1.87 -71.47 -2.01
C TRP A 162 -1.09 -70.90 -0.82
N ASN A 163 0.06 -70.25 -1.08
CA ASN A 163 0.91 -69.76 0.01
C ASN A 163 0.32 -68.58 0.77
N PHE A 164 -0.42 -67.72 0.07
CA PHE A 164 -1.14 -66.61 0.68
C PHE A 164 -2.52 -66.52 0.05
N PRO A 165 -3.43 -67.44 0.42
CA PRO A 165 -4.74 -67.52 -0.26
C PRO A 165 -5.50 -66.20 -0.22
N LEU A 166 -5.74 -65.70 0.99
CA LEU A 166 -6.52 -64.49 1.20
C LEU A 166 -5.87 -63.26 0.60
N LEU A 167 -4.60 -63.05 0.93
CA LEU A 167 -3.89 -61.86 0.51
C LEU A 167 -3.75 -61.77 -1.01
N MET A 168 -3.40 -62.89 -1.65
CA MET A 168 -3.32 -62.94 -3.12
C MET A 168 -4.65 -62.63 -3.77
N GLN A 169 -5.74 -63.10 -3.18
CA GLN A 169 -7.08 -62.82 -3.67
C GLN A 169 -7.34 -61.32 -3.62
N ALA A 170 -6.95 -60.68 -2.51
CA ALA A 170 -7.08 -59.25 -2.35
C ALA A 170 -6.23 -58.50 -3.37
N TRP A 171 -4.99 -58.96 -3.56
CA TRP A 171 -4.05 -58.35 -4.51
C TRP A 171 -4.60 -58.32 -5.93
N LYS A 172 -5.44 -59.29 -6.26
CA LYS A 172 -6.00 -59.41 -7.60
C LYS A 172 -7.33 -58.66 -7.70
N LEU A 173 -8.24 -58.90 -6.76
CA LEU A 173 -9.56 -58.28 -6.80
C LEU A 173 -9.48 -56.76 -6.66
N GLY A 174 -8.56 -56.28 -5.83
CA GLY A 174 -8.42 -54.85 -5.55
C GLY A 174 -8.28 -53.96 -6.78
N PRO A 175 -7.22 -54.17 -7.57
CA PRO A 175 -7.05 -53.43 -8.83
C PRO A 175 -8.17 -53.70 -9.83
N ALA A 176 -8.52 -54.97 -10.02
CA ALA A 176 -9.58 -55.35 -10.95
C ALA A 176 -10.87 -54.56 -10.69
N LEU A 177 -11.36 -54.64 -9.46
CA LEU A 177 -12.64 -54.02 -9.11
C LEU A 177 -12.59 -52.50 -9.07
N ALA A 178 -11.46 -51.95 -8.62
CA ALA A 178 -11.28 -50.50 -8.59
C ALA A 178 -11.42 -49.89 -9.98
N THR A 179 -10.97 -50.62 -11.00
CA THR A 179 -11.04 -50.15 -12.38
C THR A 179 -12.28 -50.63 -13.14
N GLY A 180 -13.22 -51.23 -12.40
CA GLY A 180 -14.51 -51.61 -12.97
C GLY A 180 -14.51 -52.85 -13.84
N ASN A 181 -13.56 -53.75 -13.61
CA ASN A 181 -13.55 -55.03 -14.33
C ASN A 181 -14.48 -56.05 -13.69
N VAL A 182 -14.64 -57.18 -14.37
CA VAL A 182 -15.34 -58.34 -13.82
C VAL A 182 -14.34 -59.49 -13.78
N VAL A 183 -14.48 -60.39 -12.82
CA VAL A 183 -13.51 -61.47 -12.68
C VAL A 183 -14.11 -62.87 -12.64
N VAL A 184 -13.33 -63.80 -13.16
CA VAL A 184 -13.51 -65.22 -12.96
C VAL A 184 -12.23 -65.70 -12.29
N MET A 185 -12.32 -66.04 -11.00
CA MET A 185 -11.13 -66.38 -10.22
C MET A 185 -11.04 -67.88 -9.95
N LYS A 186 -9.86 -68.44 -10.20
CA LYS A 186 -9.57 -69.84 -9.89
C LYS A 186 -8.68 -69.91 -8.66
N VAL A 187 -9.22 -70.46 -7.58
CA VAL A 187 -8.50 -70.58 -6.32
C VAL A 187 -7.76 -71.92 -6.28
N ALA A 188 -6.67 -71.97 -5.51
CA ALA A 188 -5.84 -73.17 -5.43
C ALA A 188 -6.57 -74.29 -4.68
N GLU A 189 -6.49 -75.50 -5.21
CA GLU A 189 -7.18 -76.66 -4.63
C GLU A 189 -6.75 -76.96 -3.18
N GLN A 190 -5.54 -76.54 -2.83
CA GLN A 190 -4.97 -76.74 -1.51
C GLN A 190 -5.62 -75.81 -0.49
N THR A 191 -6.03 -74.63 -0.93
CA THR A 191 -6.56 -73.59 -0.03
C THR A 191 -7.73 -72.83 -0.65
N PRO A 192 -8.87 -73.51 -0.87
CA PRO A 192 -9.99 -72.84 -1.52
C PRO A 192 -10.95 -72.16 -0.54
N LEU A 193 -10.84 -72.46 0.75
CA LEU A 193 -11.92 -72.16 1.70
C LEU A 193 -12.08 -70.68 2.05
N THR A 194 -10.99 -70.00 2.37
CA THR A 194 -11.09 -68.59 2.76
C THR A 194 -11.64 -67.73 1.61
N ALA A 195 -11.21 -68.02 0.38
CA ALA A 195 -11.60 -67.25 -0.78
C ALA A 195 -13.08 -67.38 -1.11
N LEU A 196 -13.64 -68.57 -0.86
CA LEU A 196 -15.07 -68.80 -1.06
C LEU A 196 -15.90 -68.05 -0.02
N TYR A 197 -15.46 -68.06 1.24
CA TYR A 197 -16.17 -67.26 2.26
C TYR A 197 -16.14 -65.77 1.90
N VAL A 198 -15.00 -65.29 1.40
CA VAL A 198 -14.91 -63.90 0.95
C VAL A 198 -15.95 -63.63 -0.15
N ALA A 199 -16.18 -64.58 -1.04
CA ALA A 199 -17.24 -64.46 -2.04
C ALA A 199 -18.61 -64.17 -1.39
N ASN A 200 -18.91 -64.85 -0.28
CA ASN A 200 -20.13 -64.58 0.48
C ASN A 200 -20.15 -63.15 1.02
N LEU A 201 -19.00 -62.62 1.40
CA LEU A 201 -18.89 -61.23 1.83
C LEU A 201 -19.04 -60.26 0.65
N ILE A 202 -18.51 -60.65 -0.50
CA ILE A 202 -18.71 -59.88 -1.74
C ILE A 202 -20.20 -59.74 -2.06
N LYS A 203 -20.96 -60.83 -1.89
CA LYS A 203 -22.42 -60.75 -2.02
C LYS A 203 -23.01 -59.81 -0.95
N GLU A 204 -22.62 -59.99 0.30
CA GLU A 204 -23.15 -59.19 1.41
C GLU A 204 -22.89 -57.68 1.22
N ALA A 205 -21.69 -57.34 0.76
CA ALA A 205 -21.32 -55.93 0.55
C ALA A 205 -22.24 -55.23 -0.45
N GLY A 206 -22.67 -55.97 -1.46
CA GLY A 206 -23.63 -55.46 -2.43
C GLY A 206 -23.14 -55.40 -3.86
N PHE A 207 -21.99 -56.01 -4.15
CA PHE A 207 -21.50 -56.12 -5.53
C PHE A 207 -22.57 -56.77 -6.41
N PRO A 208 -22.84 -56.20 -7.61
CA PRO A 208 -23.79 -56.85 -8.51
C PRO A 208 -23.37 -58.27 -8.91
N PRO A 209 -24.35 -59.13 -9.25
CA PRO A 209 -24.08 -60.53 -9.60
C PRO A 209 -23.26 -60.66 -10.88
N GLY A 210 -22.31 -61.60 -10.86
CA GLY A 210 -21.45 -61.84 -12.02
C GLY A 210 -20.22 -60.96 -12.05
N VAL A 211 -20.13 -59.97 -11.16
CA VAL A 211 -18.96 -59.09 -11.12
C VAL A 211 -17.74 -59.85 -10.59
N VAL A 212 -17.95 -60.72 -9.61
CA VAL A 212 -16.91 -61.60 -9.10
C VAL A 212 -17.43 -63.03 -9.04
N ASN A 213 -16.80 -63.92 -9.79
CA ASN A 213 -17.16 -65.32 -9.84
C ASN A 213 -15.97 -66.17 -9.44
N ILE A 214 -16.20 -67.18 -8.62
CA ILE A 214 -15.11 -68.01 -8.12
C ILE A 214 -15.37 -69.48 -8.42
N VAL A 215 -14.38 -70.15 -9.01
CA VAL A 215 -14.50 -71.53 -9.45
C VAL A 215 -13.34 -72.35 -8.90
N PRO A 216 -13.55 -73.04 -7.76
CA PRO A 216 -12.50 -73.94 -7.28
C PRO A 216 -12.29 -75.12 -8.24
N GLY A 217 -11.04 -75.55 -8.38
CA GLY A 217 -10.73 -76.68 -9.27
C GLY A 217 -9.24 -76.93 -9.39
N PHE A 218 -8.87 -77.84 -10.28
CA PHE A 218 -7.47 -78.17 -10.49
C PHE A 218 -6.83 -77.27 -11.54
N GLY A 219 -5.50 -77.26 -11.53
CA GLY A 219 -4.70 -76.44 -12.43
C GLY A 219 -4.93 -76.77 -13.89
N PRO A 220 -4.67 -78.04 -14.30
CA PRO A 220 -4.77 -78.46 -15.69
C PRO A 220 -6.20 -78.45 -16.28
N THR A 221 -7.21 -78.37 -15.42
CA THR A 221 -8.60 -78.33 -15.86
C THR A 221 -9.17 -76.90 -15.88
N ALA A 222 -9.53 -76.40 -14.69
CA ALA A 222 -10.18 -75.10 -14.58
C ALA A 222 -9.23 -73.96 -14.89
N GLY A 223 -7.99 -74.08 -14.40
CA GLY A 223 -6.97 -73.08 -14.68
C GLY A 223 -6.74 -72.95 -16.17
N ALA A 224 -6.47 -74.08 -16.81
CA ALA A 224 -6.24 -74.12 -18.26
C ALA A 224 -7.44 -73.56 -19.02
N ALA A 225 -8.64 -73.90 -18.55
CA ALA A 225 -9.87 -73.43 -19.20
C ALA A 225 -9.94 -71.90 -19.21
N ILE A 226 -9.59 -71.27 -18.09
CA ILE A 226 -9.56 -69.80 -18.02
C ILE A 226 -8.47 -69.26 -18.94
N ALA A 227 -7.29 -69.88 -18.88
CA ALA A 227 -6.16 -69.49 -19.71
C ALA A 227 -6.49 -69.47 -21.21
N SER A 228 -7.25 -70.46 -21.66
CA SER A 228 -7.54 -70.65 -23.08
C SER A 228 -8.92 -70.19 -23.54
N HIS A 229 -9.67 -69.51 -22.67
CA HIS A 229 -11.05 -69.12 -23.01
C HIS A 229 -11.07 -68.01 -24.07
N GLU A 230 -11.99 -68.13 -25.03
CA GLU A 230 -12.09 -67.20 -26.16
C GLU A 230 -12.75 -65.85 -25.82
N ASP A 231 -13.27 -65.71 -24.60
CA ASP A 231 -13.99 -64.50 -24.17
C ASP A 231 -13.43 -63.91 -22.86
N VAL A 232 -12.28 -64.42 -22.41
CA VAL A 232 -11.54 -63.80 -21.31
C VAL A 232 -10.57 -62.82 -21.94
N ASP A 233 -10.61 -61.57 -21.48
CA ASP A 233 -9.84 -60.49 -22.08
C ASP A 233 -8.44 -60.38 -21.50
N LYS A 234 -8.25 -60.90 -20.30
CA LYS A 234 -7.00 -60.73 -19.56
C LYS A 234 -6.85 -61.86 -18.53
N VAL A 235 -5.64 -62.38 -18.40
CA VAL A 235 -5.36 -63.38 -17.38
C VAL A 235 -4.20 -62.93 -16.48
N ALA A 236 -4.34 -63.16 -15.18
CA ALA A 236 -3.30 -62.84 -14.21
C ALA A 236 -3.03 -64.07 -13.36
N PHE A 237 -1.77 -64.48 -13.32
CA PHE A 237 -1.40 -65.76 -12.71
C PHE A 237 -0.23 -65.61 -11.75
N THR A 238 -0.40 -66.13 -10.54
CA THR A 238 0.68 -66.22 -9.58
C THR A 238 0.91 -67.70 -9.31
N GLY A 239 2.06 -68.21 -9.73
CA GLY A 239 2.44 -69.61 -9.50
C GLY A 239 3.86 -69.88 -9.94
N SER A 240 4.15 -71.13 -10.28
CA SER A 240 5.48 -71.51 -10.72
C SER A 240 5.83 -70.90 -12.07
N THR A 241 7.13 -70.69 -12.28
CA THR A 241 7.65 -70.19 -13.54
C THR A 241 7.33 -71.14 -14.68
N GLU A 242 7.36 -72.44 -14.37
CA GLU A 242 6.99 -73.52 -15.28
C GLU A 242 5.58 -73.35 -15.83
N ILE A 243 4.61 -73.14 -14.94
CA ILE A 243 3.21 -72.98 -15.35
C ILE A 243 2.98 -71.63 -16.03
N GLY A 244 3.69 -70.60 -15.57
CA GLY A 244 3.66 -69.29 -16.22
C GLY A 244 3.86 -69.39 -17.71
N ARG A 245 4.79 -70.25 -18.13
CA ARG A 245 5.03 -70.49 -19.55
C ARG A 245 3.81 -71.09 -20.25
N VAL A 246 3.15 -72.04 -19.58
CA VAL A 246 1.93 -72.65 -20.12
C VAL A 246 0.82 -71.61 -20.28
N ILE A 247 0.72 -70.70 -19.31
CA ILE A 247 -0.29 -69.64 -19.33
C ILE A 247 -0.10 -68.72 -20.55
N GLN A 248 1.14 -68.33 -20.82
CA GLN A 248 1.42 -67.40 -21.91
C GLN A 248 1.26 -68.05 -23.30
N VAL A 249 1.56 -69.35 -23.38
CA VAL A 249 1.34 -70.11 -24.61
C VAL A 249 -0.16 -70.23 -24.89
N ALA A 250 -0.94 -70.50 -23.84
CA ALA A 250 -2.40 -70.62 -23.95
C ALA A 250 -3.06 -69.34 -24.46
N ALA A 251 -2.50 -68.19 -24.10
CA ALA A 251 -3.06 -66.88 -24.47
C ALA A 251 -2.80 -66.57 -25.94
N GLY A 252 -1.57 -66.81 -26.38
CA GLY A 252 -1.23 -66.71 -27.79
C GLY A 252 -1.98 -67.73 -28.63
N SER A 253 -2.17 -68.92 -28.07
CA SER A 253 -2.94 -69.97 -28.74
C SER A 253 -4.42 -69.63 -28.85
N SER A 254 -4.95 -68.89 -27.88
CA SER A 254 -6.38 -68.61 -27.83
C SER A 254 -6.74 -67.29 -28.51
N ASN A 255 -6.94 -66.23 -27.71
CA ASN A 255 -7.53 -64.98 -28.20
C ASN A 255 -6.65 -63.74 -27.97
N LEU A 256 -5.35 -63.98 -27.80
CA LEU A 256 -4.38 -62.90 -27.49
C LEU A 256 -4.79 -62.10 -26.26
N LYS A 257 -5.29 -62.78 -25.24
CA LYS A 257 -5.62 -62.13 -23.97
C LYS A 257 -4.35 -61.54 -23.35
N ARG A 258 -4.51 -60.40 -22.69
CA ARG A 258 -3.41 -59.74 -22.02
C ARG A 258 -2.98 -60.59 -20.83
N VAL A 259 -1.67 -60.66 -20.58
CA VAL A 259 -1.08 -61.54 -19.57
C VAL A 259 -0.16 -60.76 -18.63
N THR A 260 -0.32 -60.99 -17.34
CA THR A 260 0.69 -60.62 -16.33
C THR A 260 0.99 -61.85 -15.50
N LEU A 261 2.21 -61.95 -15.00
CA LEU A 261 2.67 -63.12 -14.28
C LEU A 261 3.47 -62.73 -13.03
N GLU A 262 3.16 -63.38 -11.91
CA GLU A 262 3.94 -63.27 -10.68
C GLU A 262 4.47 -64.66 -10.35
N LEU A 263 5.74 -64.90 -10.64
CA LEU A 263 6.30 -66.26 -10.61
C LEU A 263 7.29 -66.44 -9.45
N GLY A 264 8.19 -67.42 -9.57
CA GLY A 264 9.09 -67.76 -8.47
C GLY A 264 10.37 -66.96 -8.46
N GLY A 265 11.22 -67.23 -7.47
CA GLY A 265 12.48 -66.50 -7.32
C GLY A 265 13.55 -67.30 -6.59
N LYS A 266 14.79 -66.85 -6.70
CA LYS A 266 15.88 -67.37 -5.90
C LYS A 266 16.63 -66.14 -5.37
N SER A 267 15.93 -65.41 -4.52
CA SER A 267 16.29 -64.04 -4.18
C SER A 267 17.56 -63.95 -3.33
N PRO A 268 18.51 -63.07 -3.72
CA PRO A 268 19.73 -62.89 -2.94
C PRO A 268 19.56 -61.90 -1.80
N ASN A 269 19.90 -62.35 -0.60
CA ASN A 269 20.00 -61.50 0.58
C ASN A 269 21.48 -61.25 0.86
N ILE A 270 21.93 -59.99 0.67
CA ILE A 270 23.36 -59.68 0.67
C ILE A 270 23.78 -58.92 1.93
N ILE A 271 24.64 -59.55 2.73
CA ILE A 271 25.08 -59.00 4.02
C ILE A 271 26.53 -58.52 3.89
N MET A 272 26.71 -57.21 3.91
CA MET A 272 28.03 -56.60 3.82
C MET A 272 28.70 -56.66 5.19
N SER A 273 30.03 -56.51 5.21
CA SER A 273 30.78 -56.63 6.47
C SER A 273 30.44 -55.55 7.49
N ASP A 274 30.04 -54.37 7.03
CA ASP A 274 29.69 -53.24 7.93
C ASP A 274 28.24 -53.28 8.42
N ALA A 275 27.53 -54.38 8.17
CA ALA A 275 26.13 -54.52 8.55
C ALA A 275 25.96 -54.71 10.06
N ASP A 276 24.80 -54.32 10.57
CA ASP A 276 24.45 -54.59 11.95
C ASP A 276 24.27 -56.10 12.08
N MET A 277 25.13 -56.75 12.85
CA MET A 277 25.18 -58.21 12.91
C MET A 277 23.85 -58.79 13.38
N ASP A 278 23.40 -58.35 14.54
CA ASP A 278 22.18 -58.88 15.17
C ASP A 278 20.96 -58.69 14.26
N TRP A 279 20.75 -57.46 13.80
CA TRP A 279 19.61 -57.15 12.92
C TRP A 279 19.68 -57.99 11.64
N ALA A 280 20.84 -57.99 10.99
CA ALA A 280 21.05 -58.80 9.78
C ALA A 280 20.71 -60.28 9.99
N VAL A 281 21.22 -60.87 11.07
CA VAL A 281 20.97 -62.28 11.37
C VAL A 281 19.47 -62.58 11.57
N GLU A 282 18.78 -61.73 12.33
CA GLU A 282 17.35 -61.91 12.58
C GLU A 282 16.52 -61.71 11.31
N GLN A 283 16.89 -60.71 10.51
CA GLN A 283 16.17 -60.41 9.28
C GLN A 283 16.39 -61.45 8.18
N ALA A 284 17.61 -61.98 8.10
CA ALA A 284 17.93 -63.06 7.16
C ALA A 284 17.27 -64.38 7.55
N HIS A 285 17.01 -64.55 8.84
CA HIS A 285 16.24 -65.68 9.34
C HIS A 285 14.80 -65.52 8.86
N PHE A 286 14.23 -64.35 9.14
CA PHE A 286 12.89 -64.00 8.67
C PHE A 286 12.80 -64.11 7.15
N ALA A 287 13.77 -63.52 6.45
CA ALA A 287 13.81 -63.51 4.98
C ALA A 287 13.61 -64.89 4.35
N LEU A 288 14.11 -65.93 5.01
CA LEU A 288 14.00 -67.29 4.48
C LEU A 288 12.86 -68.10 5.06
N PHE A 289 12.79 -68.16 6.39
CA PHE A 289 11.86 -69.05 7.09
C PHE A 289 10.43 -68.52 7.22
N PHE A 290 10.16 -67.29 6.78
CA PHE A 290 8.80 -66.77 6.90
C PHE A 290 7.81 -67.61 6.08
N ASN A 291 6.64 -67.88 6.66
CA ASN A 291 5.60 -68.67 6.01
C ASN A 291 6.09 -70.06 5.59
N GLN A 292 6.88 -70.71 6.46
CA GLN A 292 7.45 -72.03 6.20
C GLN A 292 8.29 -72.05 4.90
N GLY A 293 8.92 -70.91 4.60
CA GLY A 293 9.70 -70.76 3.37
C GLY A 293 8.88 -70.75 2.09
N GLN A 294 7.56 -70.70 2.22
CA GLN A 294 6.65 -70.82 1.08
C GLN A 294 6.35 -69.41 0.56
N CYS A 295 7.41 -68.82 0.03
CA CYS A 295 7.47 -67.41 -0.29
C CYS A 295 8.26 -67.29 -1.58
N CYS A 296 7.64 -66.73 -2.62
CA CYS A 296 8.30 -66.54 -3.90
C CYS A 296 9.57 -65.70 -3.81
N CYS A 297 9.55 -64.68 -2.96
CA CYS A 297 10.72 -63.80 -2.79
C CYS A 297 11.54 -64.10 -1.52
N ALA A 298 11.42 -65.30 -0.97
CA ALA A 298 12.21 -65.71 0.19
C ALA A 298 13.70 -65.57 -0.12
N GLY A 299 14.45 -64.96 0.81
CA GLY A 299 15.90 -64.81 0.68
C GLY A 299 16.61 -66.16 0.73
N SER A 300 16.59 -66.87 -0.39
CA SER A 300 17.07 -68.25 -0.46
C SER A 300 18.54 -68.36 -0.81
N ARG A 301 19.17 -67.23 -1.09
CA ARG A 301 20.61 -67.17 -1.30
C ARG A 301 21.18 -66.08 -0.40
N THR A 302 21.61 -66.46 0.79
CA THR A 302 22.14 -65.51 1.77
C THR A 302 23.63 -65.31 1.53
N PHE A 303 24.00 -64.23 0.85
CA PHE A 303 25.40 -63.92 0.58
C PHE A 303 25.98 -63.14 1.74
N VAL A 304 27.10 -63.61 2.29
CA VAL A 304 27.74 -62.98 3.45
C VAL A 304 29.23 -62.73 3.20
N GLN A 305 29.67 -61.50 3.46
CA GLN A 305 31.06 -61.10 3.26
C GLN A 305 31.96 -61.95 4.17
N GLU A 306 33.11 -62.34 3.66
CA GLU A 306 33.95 -63.34 4.32
C GLU A 306 34.40 -62.97 5.74
N ASP A 307 34.62 -61.67 6.00
CA ASP A 307 35.09 -61.21 7.32
C ASP A 307 34.12 -61.54 8.45
N ILE A 308 32.82 -61.56 8.16
CA ILE A 308 31.80 -61.84 9.18
C ILE A 308 31.07 -63.17 8.96
N TYR A 309 31.45 -63.90 7.91
CA TYR A 309 30.80 -65.16 7.54
C TYR A 309 30.64 -66.14 8.72
N ASP A 310 31.73 -66.39 9.43
CA ASP A 310 31.74 -67.39 10.51
C ASP A 310 30.77 -67.04 11.66
N GLU A 311 30.84 -65.79 12.12
CA GLU A 311 29.94 -65.32 13.17
C GLU A 311 28.48 -65.38 12.72
N PHE A 312 28.23 -64.96 11.50
CA PHE A 312 26.88 -64.96 10.95
C PHE A 312 26.32 -66.37 10.85
N VAL A 313 27.13 -67.31 10.36
CA VAL A 313 26.72 -68.71 10.25
C VAL A 313 26.35 -69.28 11.62
N GLU A 314 27.21 -69.08 12.60
CA GLU A 314 26.97 -69.60 13.95
C GLU A 314 25.71 -69.01 14.58
N ARG A 315 25.47 -67.72 14.35
CA ARG A 315 24.27 -67.07 14.89
C ARG A 315 23.00 -67.53 14.18
N SER A 316 23.09 -67.69 12.86
CA SER A 316 21.95 -68.16 12.07
C SER A 316 21.58 -69.59 12.45
N VAL A 317 22.59 -70.43 12.64
CA VAL A 317 22.38 -71.82 13.06
C VAL A 317 21.68 -71.85 14.42
N ALA A 318 22.14 -71.03 15.35
CA ALA A 318 21.55 -70.99 16.69
C ALA A 318 20.08 -70.58 16.62
N ARG A 319 19.77 -69.59 15.78
CA ARG A 319 18.40 -69.08 15.65
C ARG A 319 17.47 -70.13 15.01
N ALA A 320 17.99 -70.85 14.03
CA ALA A 320 17.24 -71.90 13.35
C ALA A 320 16.93 -73.09 14.27
N LYS A 321 17.88 -73.45 15.13
CA LYS A 321 17.68 -74.53 16.10
C LYS A 321 16.71 -74.13 17.21
N SER A 322 16.52 -72.83 17.42
CA SER A 322 15.60 -72.32 18.44
C SER A 322 14.18 -72.08 17.92
N ARG A 323 14.02 -72.06 16.60
CA ARG A 323 12.72 -71.76 15.99
C ARG A 323 11.71 -72.84 16.34
N VAL A 324 10.60 -72.44 16.96
CA VAL A 324 9.60 -73.38 17.45
C VAL A 324 8.72 -73.88 16.30
N VAL A 325 8.70 -75.20 16.13
CA VAL A 325 7.89 -75.85 15.10
C VAL A 325 6.80 -76.64 15.78
N GLY A 326 5.56 -76.48 15.33
CA GLY A 326 4.45 -77.24 15.89
C GLY A 326 3.09 -76.76 15.48
N ASN A 327 2.10 -77.07 16.32
CA ASN A 327 0.70 -76.69 16.09
C ASN A 327 0.60 -75.20 15.79
N PRO A 328 0.08 -74.85 14.60
CA PRO A 328 0.04 -73.42 14.22
C PRO A 328 -0.94 -72.59 15.06
N PHE A 329 -1.89 -73.22 15.74
CA PHE A 329 -2.77 -72.51 16.66
C PHE A 329 -2.13 -72.25 18.04
N ASP A 330 -0.97 -72.83 18.30
CA ASP A 330 -0.20 -72.50 19.52
C ASP A 330 0.46 -71.14 19.34
N SER A 331 0.31 -70.27 20.34
CA SER A 331 0.84 -68.91 20.25
C SER A 331 2.38 -68.84 20.26
N LYS A 332 3.03 -69.93 20.70
CA LYS A 332 4.49 -70.03 20.69
C LYS A 332 5.07 -70.52 19.36
N THR A 333 4.26 -71.21 18.56
CA THR A 333 4.70 -71.74 17.26
C THR A 333 5.10 -70.64 16.29
N GLU A 334 6.31 -70.74 15.74
CA GLU A 334 6.79 -69.79 14.73
C GLU A 334 6.69 -70.40 13.33
N GLN A 335 6.82 -71.71 13.23
CA GLN A 335 6.73 -72.41 11.96
C GLN A 335 5.68 -73.51 12.03
N GLY A 336 4.67 -73.41 11.15
CA GLY A 336 3.67 -74.48 10.97
C GLY A 336 4.15 -75.53 9.99
N PRO A 337 3.22 -76.37 9.49
CA PRO A 337 3.59 -77.39 8.51
C PRO A 337 3.68 -76.83 7.10
N GLN A 338 4.16 -77.63 6.16
CA GLN A 338 4.07 -77.31 4.75
C GLN A 338 2.64 -77.58 4.29
N VAL A 339 2.31 -77.11 3.09
CA VAL A 339 0.92 -77.06 2.66
C VAL A 339 0.34 -78.44 2.29
N ASP A 340 1.16 -79.30 1.69
CA ASP A 340 0.69 -80.62 1.27
C ASP A 340 1.81 -81.64 1.08
N GLU A 341 1.42 -82.87 0.78
CA GLU A 341 2.33 -84.00 0.61
C GLU A 341 3.36 -83.70 -0.48
N THR A 342 2.87 -83.26 -1.64
CA THR A 342 3.73 -82.98 -2.79
C THR A 342 4.89 -82.06 -2.43
N GLN A 343 4.58 -80.95 -1.75
CA GLN A 343 5.59 -79.97 -1.38
C GLN A 343 6.52 -80.53 -0.31
N PHE A 344 5.95 -81.26 0.65
CA PHE A 344 6.70 -81.96 1.69
C PHE A 344 7.80 -82.84 1.08
N LYS A 345 7.41 -83.70 0.14
CA LYS A 345 8.35 -84.60 -0.54
C LYS A 345 9.36 -83.81 -1.35
N LYS A 346 8.86 -82.82 -2.10
CA LYS A 346 9.71 -81.95 -2.92
C LYS A 346 10.83 -81.34 -2.09
N ILE A 347 10.48 -80.82 -0.91
CA ILE A 347 11.46 -80.15 -0.05
C ILE A 347 12.48 -81.17 0.44
N LEU A 348 12.00 -82.27 1.00
CA LEU A 348 12.87 -83.37 1.44
C LEU A 348 13.80 -83.85 0.33
N GLY A 349 13.29 -83.90 -0.91
CA GLY A 349 14.11 -84.23 -2.07
C GLY A 349 15.20 -83.22 -2.32
N TYR A 350 14.88 -81.94 -2.15
CA TYR A 350 15.87 -80.87 -2.32
C TYR A 350 16.95 -80.90 -1.24
N ILE A 351 16.56 -81.21 -0.01
CA ILE A 351 17.50 -81.38 1.11
C ILE A 351 18.47 -82.54 0.80
N ASN A 352 17.94 -83.62 0.25
CA ASN A 352 18.77 -84.75 -0.18
C ASN A 352 19.81 -84.34 -1.21
N THR A 353 19.41 -83.53 -2.20
CA THR A 353 20.37 -83.09 -3.23
C THR A 353 21.47 -82.22 -2.63
N GLY A 354 21.13 -81.44 -1.60
CA GLY A 354 22.10 -80.60 -0.91
C GLY A 354 23.17 -81.44 -0.24
N LYS A 355 22.74 -82.47 0.48
CA LYS A 355 23.66 -83.41 1.11
C LYS A 355 24.47 -84.17 0.06
N GLN A 356 23.82 -84.57 -1.04
CA GLN A 356 24.49 -85.31 -2.12
C GLN A 356 25.62 -84.53 -2.78
N GLU A 357 25.40 -83.23 -2.99
CA GLU A 357 26.36 -82.39 -3.72
C GLU A 357 27.42 -81.75 -2.82
N GLY A 358 27.38 -82.05 -1.52
CA GLY A 358 28.45 -81.67 -0.60
C GLY A 358 28.30 -80.31 0.07
N ALA A 359 27.08 -79.82 0.18
CA ALA A 359 26.80 -78.64 1.00
C ALA A 359 26.79 -79.06 2.46
N LYS A 360 27.35 -78.22 3.32
CA LYS A 360 27.51 -78.56 4.74
C LYS A 360 26.21 -78.36 5.51
N LEU A 361 25.52 -79.47 5.82
CA LEU A 361 24.33 -79.43 6.66
C LEU A 361 24.72 -79.04 8.08
N LEU A 362 24.19 -77.92 8.56
CA LEU A 362 24.56 -77.37 9.87
C LEU A 362 23.50 -77.58 10.96
N CYS A 363 22.24 -77.76 10.55
CA CYS A 363 21.18 -78.15 11.48
C CYS A 363 19.95 -78.66 10.72
N GLY A 364 19.03 -79.28 11.46
CA GLY A 364 17.82 -79.86 10.88
C GLY A 364 18.11 -80.87 9.79
N GLY A 365 17.33 -80.82 8.72
CA GLY A 365 17.52 -81.70 7.57
C GLY A 365 16.40 -82.70 7.38
N GLY A 366 15.73 -83.09 8.47
CA GLY A 366 14.72 -84.13 8.41
C GLY A 366 13.31 -83.67 8.76
N ILE A 367 12.45 -84.65 9.02
CA ILE A 367 11.05 -84.43 9.39
C ILE A 367 11.01 -83.90 10.83
N ALA A 368 10.03 -83.05 11.12
CA ALA A 368 9.94 -82.41 12.44
C ALA A 368 8.85 -83.00 13.34
N ALA A 369 7.94 -83.80 12.77
CA ALA A 369 6.85 -84.40 13.56
C ALA A 369 6.32 -85.68 12.91
N ASP A 370 5.72 -86.54 13.73
CA ASP A 370 5.10 -87.78 13.24
C ASP A 370 3.83 -87.51 12.43
N ARG A 371 3.14 -86.41 12.75
CA ARG A 371 1.83 -86.12 12.17
C ARG A 371 1.81 -84.72 11.55
N GLY A 372 1.51 -84.66 10.25
CA GLY A 372 1.44 -83.39 9.53
C GLY A 372 2.72 -83.12 8.75
N TYR A 373 2.65 -82.20 7.81
CA TYR A 373 3.74 -82.02 6.84
C TYR A 373 4.84 -81.09 7.38
N PHE A 374 5.35 -81.42 8.56
CA PHE A 374 6.31 -80.58 9.28
C PHE A 374 7.75 -80.92 8.92
N ILE A 375 8.56 -79.89 8.68
CA ILE A 375 9.97 -80.06 8.35
C ILE A 375 10.83 -79.17 9.25
N GLN A 376 11.92 -79.73 9.75
CA GLN A 376 12.83 -79.01 10.62
C GLN A 376 13.45 -77.83 9.87
N PRO A 377 13.58 -76.68 10.54
CA PRO A 377 14.40 -75.59 10.00
C PRO A 377 15.79 -76.10 9.65
N THR A 378 16.17 -75.94 8.39
CA THR A 378 17.39 -76.53 7.85
C THR A 378 18.31 -75.45 7.30
N VAL A 379 19.59 -75.54 7.63
CA VAL A 379 20.62 -74.61 7.15
C VAL A 379 21.74 -75.39 6.48
N PHE A 380 22.08 -74.98 5.26
CA PHE A 380 23.27 -75.45 4.57
C PHE A 380 24.31 -74.34 4.56
N GLY A 381 25.56 -74.69 4.80
CA GLY A 381 26.68 -73.75 4.75
C GLY A 381 27.61 -74.07 3.60
N ASP A 382 28.54 -73.16 3.34
CA ASP A 382 29.52 -73.30 2.26
C ASP A 382 28.86 -73.70 0.95
N VAL A 383 27.75 -73.03 0.64
CA VAL A 383 26.98 -73.35 -0.55
C VAL A 383 27.67 -72.69 -1.75
N GLN A 384 27.67 -73.41 -2.88
CA GLN A 384 28.29 -72.92 -4.10
C GLN A 384 27.23 -72.62 -5.13
N ASP A 385 27.49 -71.65 -5.98
CA ASP A 385 26.56 -71.23 -7.04
C ASP A 385 26.07 -72.39 -7.89
N GLY A 386 26.97 -73.34 -8.18
CA GLY A 386 26.66 -74.47 -9.05
C GLY A 386 25.80 -75.55 -8.43
N MET A 387 25.61 -75.51 -7.11
CA MET A 387 24.79 -76.51 -6.43
C MET A 387 23.29 -76.30 -6.75
N THR A 388 22.56 -77.41 -6.78
CA THR A 388 21.14 -77.42 -7.11
C THR A 388 20.32 -76.58 -6.12
N ILE A 389 20.66 -76.66 -4.84
CA ILE A 389 20.00 -75.86 -3.79
C ILE A 389 20.28 -74.35 -3.88
N ALA A 390 21.33 -73.98 -4.61
CA ALA A 390 21.66 -72.58 -4.87
C ALA A 390 21.04 -72.03 -6.15
N LYS A 391 20.43 -72.91 -6.96
CA LYS A 391 19.92 -72.54 -8.27
C LYS A 391 18.40 -72.65 -8.36
N GLU A 392 17.82 -73.67 -7.74
CA GLU A 392 16.40 -73.96 -7.90
C GLU A 392 15.59 -73.52 -6.68
N GLU A 393 14.33 -73.16 -6.92
CA GLU A 393 13.43 -72.74 -5.86
C GLU A 393 13.00 -73.93 -5.02
N ILE A 394 13.31 -73.89 -3.73
CA ILE A 394 13.00 -74.97 -2.82
C ILE A 394 11.64 -74.76 -2.20
N PHE A 395 11.33 -73.52 -1.81
CA PHE A 395 10.01 -73.18 -1.29
C PHE A 395 9.73 -73.92 0.03
N GLY A 396 10.77 -74.10 0.82
CA GLY A 396 10.68 -74.75 2.13
C GLY A 396 11.63 -74.08 3.11
N PRO A 397 11.65 -74.55 4.38
CA PRO A 397 12.47 -73.95 5.43
C PRO A 397 13.90 -74.44 5.37
N VAL A 398 14.60 -74.05 4.31
CA VAL A 398 15.92 -74.54 3.98
C VAL A 398 16.76 -73.34 3.57
N MET A 399 17.80 -73.06 4.35
CA MET A 399 18.62 -71.88 4.18
C MET A 399 19.94 -72.22 3.49
N GLN A 400 20.34 -71.38 2.54
CA GLN A 400 21.63 -71.49 1.89
C GLN A 400 22.47 -70.27 2.22
N ILE A 401 23.62 -70.48 2.87
CA ILE A 401 24.56 -69.39 3.15
C ILE A 401 25.80 -69.51 2.26
N LEU A 402 26.16 -68.40 1.63
CA LEU A 402 27.28 -68.33 0.70
C LEU A 402 28.26 -67.25 1.14
N LYS A 403 29.52 -67.44 0.78
CA LYS A 403 30.59 -66.52 1.16
C LYS A 403 31.02 -65.71 -0.04
N PHE A 404 31.27 -64.41 0.16
CA PHE A 404 31.82 -63.55 -0.90
C PHE A 404 32.87 -62.59 -0.33
N LYS A 405 33.69 -62.05 -1.23
CA LYS A 405 34.73 -61.08 -0.85
C LYS A 405 34.36 -59.65 -1.25
N THR A 406 34.29 -59.39 -2.55
CA THR A 406 34.09 -58.03 -3.06
C THR A 406 32.65 -57.75 -3.48
N ILE A 407 32.37 -56.47 -3.63
CA ILE A 407 31.04 -55.99 -4.01
C ILE A 407 30.79 -56.26 -5.50
N GLU A 408 31.84 -56.15 -6.31
CA GLU A 408 31.78 -56.48 -7.74
C GLU A 408 31.43 -57.95 -7.93
N GLU A 409 31.98 -58.80 -7.08
CA GLU A 409 31.79 -60.23 -7.16
C GLU A 409 30.35 -60.61 -6.89
N VAL A 410 29.78 -60.09 -5.81
CA VAL A 410 28.45 -60.50 -5.37
C VAL A 410 27.34 -60.02 -6.32
N VAL A 411 27.53 -58.85 -6.92
CA VAL A 411 26.65 -58.36 -7.97
C VAL A 411 26.54 -59.38 -9.10
N GLY A 412 27.69 -59.77 -9.64
CA GLY A 412 27.73 -60.75 -10.73
C GLY A 412 27.06 -62.05 -10.34
N ARG A 413 27.35 -62.52 -9.12
CA ARG A 413 26.80 -63.80 -8.66
C ARG A 413 25.30 -63.71 -8.35
N ALA A 414 24.89 -62.66 -7.64
CA ALA A 414 23.47 -62.43 -7.37
C ALA A 414 22.65 -62.38 -8.66
N ASN A 415 23.12 -61.61 -9.65
CA ASN A 415 22.43 -61.48 -10.93
C ASN A 415 22.54 -62.69 -11.88
N ASN A 416 23.40 -63.65 -11.55
CA ASN A 416 23.58 -64.86 -12.36
C ASN A 416 22.47 -65.86 -12.06
N SER A 417 21.28 -65.58 -12.59
CA SER A 417 20.09 -66.39 -12.34
C SER A 417 19.01 -66.01 -13.35
N THR A 418 18.16 -66.98 -13.69
CA THR A 418 17.00 -66.71 -14.55
C THR A 418 15.85 -66.08 -13.75
N TYR A 419 16.03 -65.97 -12.44
CA TYR A 419 15.08 -65.28 -11.55
C TYR A 419 15.56 -63.86 -11.20
N GLY A 420 14.60 -63.04 -10.78
CA GLY A 420 14.90 -61.68 -10.29
C GLY A 420 13.68 -61.05 -9.62
N LEU A 421 13.07 -61.78 -8.69
CA LEU A 421 11.85 -61.31 -8.06
C LEU A 421 12.17 -60.25 -7.02
N ALA A 422 13.12 -60.56 -6.14
CA ALA A 422 13.50 -59.65 -5.08
C ALA A 422 14.98 -59.78 -4.75
N ALA A 423 15.46 -58.88 -3.91
CA ALA A 423 16.81 -58.93 -3.39
C ALA A 423 16.91 -58.02 -2.16
N ALA A 424 17.96 -58.20 -1.36
CA ALA A 424 18.17 -57.33 -0.21
C ALA A 424 19.64 -57.02 0.07
N VAL A 425 19.87 -55.87 0.70
CA VAL A 425 21.21 -55.36 0.95
C VAL A 425 21.27 -54.87 2.39
N PHE A 426 22.20 -55.41 3.17
CA PHE A 426 22.42 -54.98 4.54
C PHE A 426 23.80 -54.33 4.67
N THR A 427 23.80 -53.07 5.09
CA THR A 427 25.01 -52.25 5.11
C THR A 427 24.69 -50.90 5.76
N LYS A 428 25.68 -50.30 6.41
CA LYS A 428 25.52 -48.95 6.97
C LYS A 428 26.03 -47.86 6.02
N ASP A 429 26.72 -48.27 4.95
CA ASP A 429 27.35 -47.33 4.02
C ASP A 429 26.38 -46.85 2.96
N LEU A 430 26.23 -45.53 2.86
CA LEU A 430 25.33 -44.91 1.88
C LEU A 430 25.64 -45.33 0.44
N ASP A 431 26.91 -45.23 0.06
CA ASP A 431 27.35 -45.50 -1.31
C ASP A 431 27.17 -46.96 -1.72
N LYS A 432 27.47 -47.90 -0.81
CA LYS A 432 27.31 -49.33 -1.07
C LYS A 432 25.84 -49.66 -1.30
N ALA A 433 24.97 -49.08 -0.47
CA ALA A 433 23.53 -49.28 -0.59
C ALA A 433 23.00 -48.81 -1.94
N ASN A 434 23.42 -47.62 -2.37
CA ASN A 434 22.96 -47.08 -3.64
C ASN A 434 23.57 -47.83 -4.84
N TYR A 435 24.85 -48.17 -4.75
CA TYR A 435 25.54 -48.95 -5.79
C TYR A 435 24.88 -50.32 -5.98
N LEU A 436 24.56 -50.99 -4.88
CA LEU A 436 23.95 -52.31 -4.95
C LEU A 436 22.48 -52.27 -5.37
N SER A 437 21.72 -51.32 -4.82
CA SER A 437 20.31 -51.18 -5.19
C SER A 437 20.13 -50.91 -6.70
N GLN A 438 21.08 -50.19 -7.28
CA GLN A 438 21.08 -49.91 -8.71
C GLN A 438 21.42 -51.16 -9.51
N ALA A 439 22.46 -51.87 -9.08
CA ALA A 439 23.06 -52.95 -9.87
C ALA A 439 22.27 -54.26 -9.85
N LEU A 440 21.52 -54.51 -8.78
CA LEU A 440 20.81 -55.76 -8.64
C LEU A 440 19.62 -55.83 -9.60
N GLN A 441 19.48 -56.97 -10.26
CA GLN A 441 18.44 -57.20 -11.25
C GLN A 441 17.24 -57.83 -10.55
N ALA A 442 16.52 -57.01 -9.80
CA ALA A 442 15.43 -57.48 -8.97
C ALA A 442 14.28 -56.49 -8.96
N GLY A 443 13.05 -57.02 -8.96
CA GLY A 443 11.86 -56.20 -8.98
C GLY A 443 11.69 -55.36 -7.73
N THR A 444 12.10 -55.91 -6.59
CA THR A 444 12.14 -55.20 -5.32
C THR A 444 13.52 -55.39 -4.69
N VAL A 445 14.16 -54.28 -4.30
CA VAL A 445 15.39 -54.35 -3.49
C VAL A 445 15.12 -53.72 -2.12
N TRP A 446 15.32 -54.51 -1.06
CA TRP A 446 15.19 -54.04 0.30
C TRP A 446 16.56 -53.67 0.87
N VAL A 447 16.61 -52.57 1.60
CA VAL A 447 17.83 -52.08 2.22
C VAL A 447 17.64 -52.10 3.73
N ASN A 448 18.38 -53.00 4.39
CA ASN A 448 18.31 -53.17 5.85
C ASN A 448 16.95 -53.63 6.36
N CYS A 449 16.26 -54.41 5.53
CA CYS A 449 15.00 -55.02 5.89
C CYS A 449 14.72 -56.13 4.89
N TYR A 450 13.61 -56.82 5.08
CA TYR A 450 13.19 -57.85 4.13
C TYR A 450 11.70 -58.05 4.24
N ASP A 451 11.06 -58.45 3.15
CA ASP A 451 9.62 -58.73 3.14
C ASP A 451 8.83 -57.55 3.69
N VAL A 452 9.17 -56.36 3.19
CA VAL A 452 8.44 -55.13 3.52
C VAL A 452 7.54 -54.80 2.35
N PHE A 453 6.28 -55.23 2.44
CA PHE A 453 5.29 -54.94 1.41
C PHE A 453 4.30 -53.88 1.89
N GLY A 454 3.99 -52.94 1.01
CA GLY A 454 2.89 -52.01 1.22
C GLY A 454 2.03 -52.02 -0.03
N ALA A 455 0.72 -51.83 0.15
CA ALA A 455 -0.20 -51.77 -0.99
C ALA A 455 0.17 -50.64 -1.96
N GLN A 456 0.98 -49.70 -1.48
CA GLN A 456 1.35 -48.51 -2.23
C GLN A 456 2.57 -48.72 -3.12
N SER A 457 3.38 -49.74 -2.83
CA SER A 457 4.62 -49.96 -3.57
C SER A 457 4.53 -51.21 -4.42
N PRO A 458 4.90 -51.10 -5.71
CA PRO A 458 4.69 -52.20 -6.63
C PRO A 458 5.61 -53.39 -6.40
N PHE A 459 5.14 -54.58 -6.74
CA PHE A 459 5.90 -55.81 -6.59
C PHE A 459 5.80 -56.65 -7.86
N GLY A 460 6.92 -57.20 -8.30
CA GLY A 460 6.93 -58.04 -9.49
C GLY A 460 8.31 -58.48 -9.89
N GLY A 461 8.40 -59.27 -10.95
CA GLY A 461 9.65 -59.94 -11.28
C GLY A 461 10.38 -59.37 -12.47
N TYR A 462 11.70 -59.41 -12.40
CA TYR A 462 12.57 -59.28 -13.55
C TYR A 462 12.71 -60.66 -14.16
N LYS A 463 13.11 -60.72 -15.42
CA LYS A 463 13.42 -61.98 -16.10
C LYS A 463 12.28 -63.00 -15.98
N MET A 464 12.56 -64.24 -15.54
CA MET A 464 11.54 -65.28 -15.49
C MET A 464 10.81 -65.38 -14.15
N SER A 465 11.01 -64.39 -13.28
CA SER A 465 10.20 -64.26 -12.08
C SER A 465 8.84 -63.60 -12.35
N GLY A 466 8.61 -63.20 -13.60
CA GLY A 466 7.31 -62.71 -14.04
C GLY A 466 7.34 -61.46 -14.92
N SER A 467 6.16 -60.97 -15.26
CA SER A 467 6.02 -59.75 -16.05
C SER A 467 4.85 -58.91 -15.55
N GLY A 468 4.98 -57.59 -15.64
CA GLY A 468 3.99 -56.67 -15.06
C GLY A 468 4.17 -56.56 -13.57
N ARG A 469 3.41 -55.65 -12.95
CA ARG A 469 3.53 -55.38 -11.52
C ARG A 469 2.18 -55.41 -10.81
N GLU A 470 2.18 -55.87 -9.57
CA GLU A 470 1.02 -55.75 -8.68
C GLU A 470 1.31 -54.76 -7.56
N LEU A 471 0.24 -54.25 -6.94
CA LEU A 471 0.29 -53.17 -5.94
C LEU A 471 0.65 -51.80 -6.53
N GLY A 472 0.44 -50.75 -5.73
CA GLY A 472 0.66 -49.37 -6.16
C GLY A 472 -0.24 -48.95 -7.31
N GLU A 473 0.02 -47.76 -7.85
CA GLU A 473 -0.66 -47.30 -9.06
C GLU A 473 -0.39 -48.26 -10.23
N TYR A 474 0.83 -48.80 -10.25
CA TYR A 474 1.27 -49.69 -11.31
C TYR A 474 0.35 -50.89 -11.50
N GLY A 475 -0.21 -51.37 -10.39
CA GLY A 475 -1.13 -52.51 -10.40
C GLY A 475 -2.44 -52.26 -11.14
N LEU A 476 -2.78 -51.00 -11.37
CA LEU A 476 -3.96 -50.65 -12.15
C LEU A 476 -3.72 -50.77 -13.65
N GLN A 477 -2.46 -50.65 -14.09
CA GLN A 477 -2.14 -50.61 -15.53
C GLN A 477 -2.65 -51.78 -16.36
N ALA A 478 -2.41 -53.00 -15.89
CA ALA A 478 -2.79 -54.20 -16.63
C ALA A 478 -4.30 -54.48 -16.60
N TYR A 479 -5.02 -53.73 -15.77
CA TYR A 479 -6.47 -53.85 -15.67
C TYR A 479 -7.20 -52.70 -16.37
N THR A 480 -6.47 -51.95 -17.17
CA THR A 480 -7.02 -50.83 -17.93
C THR A 480 -6.76 -51.03 -19.42
N GLU A 481 -7.76 -50.69 -20.23
CA GLU A 481 -7.66 -50.69 -21.67
C GLU A 481 -7.79 -49.24 -22.09
N VAL A 482 -6.81 -48.76 -22.85
CA VAL A 482 -6.71 -47.34 -23.18
C VAL A 482 -7.41 -47.05 -24.50
N LYS A 483 -8.32 -46.08 -24.49
CA LYS A 483 -8.97 -45.63 -25.71
C LYS A 483 -8.62 -44.19 -25.98
N THR A 484 -8.12 -43.91 -27.18
CA THR A 484 -7.93 -42.55 -27.65
C THR A 484 -9.17 -42.09 -28.42
N VAL A 485 -9.74 -40.97 -28.00
CA VAL A 485 -10.80 -40.29 -28.75
C VAL A 485 -10.20 -38.99 -29.31
N THR A 486 -10.28 -38.84 -30.63
CA THR A 486 -9.72 -37.68 -31.33
C THR A 486 -10.79 -37.00 -32.19
N VAL A 487 -11.17 -35.80 -31.78
CA VAL A 487 -12.28 -35.07 -32.37
C VAL A 487 -11.81 -33.83 -33.14
N LYS A 488 -12.27 -33.69 -34.37
CA LYS A 488 -12.02 -32.49 -35.14
C LYS A 488 -12.76 -31.33 -34.51
N VAL A 489 -12.03 -30.24 -34.23
CA VAL A 489 -12.63 -29.00 -33.69
C VAL A 489 -12.49 -27.88 -34.71
N PRO A 490 -13.32 -26.83 -34.61
CA PRO A 490 -13.27 -25.70 -35.55
C PRO A 490 -11.91 -25.02 -35.61
N GLN A 491 -11.31 -24.76 -34.45
CA GLN A 491 -9.98 -24.14 -34.40
C GLN A 491 -9.30 -24.48 -33.08
N LYS A 492 -8.16 -25.17 -33.15
CA LYS A 492 -7.37 -25.51 -31.98
C LYS A 492 -6.63 -24.29 -31.47
N ASN A 493 -6.81 -24.01 -30.17
CA ASN A 493 -6.05 -23.01 -29.46
C ASN A 493 -5.51 -23.59 -28.16
N SER A 494 -4.31 -23.16 -27.77
CA SER A 494 -3.70 -23.59 -26.51
C SER A 494 -4.60 -23.26 -25.32
N ALA B 1 4.76 -27.60 -50.69
CA ALA B 1 5.95 -27.25 -51.52
C ALA B 1 6.94 -28.42 -51.53
N VAL B 2 6.78 -29.30 -52.52
CA VAL B 2 7.53 -30.57 -52.56
C VAL B 2 8.75 -30.45 -53.47
N PRO B 3 9.96 -30.78 -52.96
CA PRO B 3 11.13 -30.79 -53.83
C PRO B 3 11.06 -31.93 -54.84
N ALA B 4 11.45 -31.65 -56.08
CA ALA B 4 11.45 -32.65 -57.15
C ALA B 4 12.22 -33.90 -56.71
N PRO B 5 11.64 -35.08 -56.91
CA PRO B 5 12.28 -36.33 -56.48
C PRO B 5 13.37 -36.78 -57.43
N ASN B 6 14.35 -37.49 -56.89
CA ASN B 6 15.20 -38.34 -57.70
C ASN B 6 14.43 -39.64 -57.84
N GLN B 7 14.02 -39.96 -59.06
CA GLN B 7 13.14 -41.11 -59.30
C GLN B 7 13.88 -42.44 -59.32
N GLN B 8 15.21 -42.38 -59.27
CA GLN B 8 16.04 -43.57 -59.17
C GLN B 8 17.11 -43.35 -58.10
N PRO B 9 16.68 -43.36 -56.82
CA PRO B 9 17.63 -43.11 -55.75
C PRO B 9 18.66 -44.24 -55.63
N GLU B 10 19.92 -43.87 -55.45
CA GLU B 10 21.02 -44.82 -55.26
C GLU B 10 20.81 -45.56 -53.94
N VAL B 11 21.12 -46.86 -53.93
CA VAL B 11 21.09 -47.66 -52.71
C VAL B 11 22.51 -47.78 -52.15
N PHE B 12 22.66 -47.41 -50.87
CA PHE B 12 23.97 -47.40 -50.20
C PHE B 12 24.12 -48.52 -49.15
N CYS B 13 23.03 -48.82 -48.45
CA CYS B 13 23.03 -49.82 -47.39
C CYS B 13 22.09 -50.96 -47.73
N ASN B 14 22.60 -52.19 -47.64
CA ASN B 14 21.82 -53.38 -47.96
C ASN B 14 22.32 -54.65 -47.27
N GLN B 15 23.02 -54.48 -46.15
CA GLN B 15 23.62 -55.58 -45.40
C GLN B 15 23.01 -55.65 -44.00
N ILE B 16 23.62 -56.44 -43.12
CA ILE B 16 23.20 -56.54 -41.73
C ILE B 16 24.00 -55.57 -40.90
N PHE B 17 23.31 -54.84 -40.01
CA PHE B 17 23.92 -53.78 -39.20
C PHE B 17 24.05 -54.25 -37.76
N ILE B 18 25.30 -54.48 -37.33
CA ILE B 18 25.60 -54.92 -35.97
C ILE B 18 26.86 -54.20 -35.50
N ASN B 19 26.78 -53.56 -34.33
CA ASN B 19 27.90 -52.81 -33.73
C ASN B 19 28.43 -51.69 -34.63
N ASN B 20 27.51 -50.92 -35.19
CA ASN B 20 27.84 -49.79 -36.07
C ASN B 20 28.71 -50.17 -37.27
N GLU B 21 28.63 -51.43 -37.69
CA GLU B 21 29.37 -51.93 -38.84
C GLU B 21 28.44 -52.76 -39.73
N TRP B 22 28.83 -52.91 -41.00
CA TRP B 22 28.01 -53.61 -41.98
C TRP B 22 28.52 -55.02 -42.24
N HIS B 23 27.63 -56.00 -42.09
CA HIS B 23 28.01 -57.40 -42.17
C HIS B 23 27.20 -58.14 -43.21
N ASP B 24 27.87 -59.04 -43.94
CA ASP B 24 27.19 -60.05 -44.73
C ASP B 24 26.61 -61.09 -43.78
N ALA B 25 25.56 -61.78 -44.22
CA ALA B 25 24.97 -62.88 -43.47
C ALA B 25 25.99 -64.00 -43.34
N VAL B 26 25.93 -64.75 -42.23
CA VAL B 26 26.84 -65.88 -42.01
C VAL B 26 26.80 -66.87 -43.19
N SER B 27 25.59 -67.12 -43.68
CA SER B 27 25.38 -67.98 -44.83
C SER B 27 25.86 -67.36 -46.16
N ARG B 28 26.03 -66.03 -46.17
CA ARG B 28 26.36 -65.26 -47.37
C ARG B 28 25.22 -65.16 -48.38
N LYS B 29 24.03 -65.64 -48.01
CA LYS B 29 22.88 -65.66 -48.92
C LYS B 29 22.13 -64.32 -48.91
N THR B 30 21.61 -63.95 -50.08
CA THR B 30 20.88 -62.70 -50.23
C THR B 30 19.45 -62.99 -50.70
N PHE B 31 18.61 -61.96 -50.69
CA PHE B 31 17.28 -62.03 -51.26
C PHE B 31 16.96 -60.74 -52.02
N PRO B 32 16.06 -60.81 -53.00
CA PRO B 32 15.74 -59.63 -53.79
C PRO B 32 14.65 -58.77 -53.14
N THR B 33 14.75 -57.46 -53.29
CA THR B 33 13.66 -56.54 -52.98
C THR B 33 13.24 -55.84 -54.28
N VAL B 34 11.93 -55.80 -54.52
CA VAL B 34 11.38 -55.39 -55.81
C VAL B 34 10.78 -53.98 -55.76
N ASN B 35 10.94 -53.26 -56.88
CA ASN B 35 10.23 -52.02 -57.14
C ASN B 35 8.82 -52.36 -57.65
N PRO B 36 7.79 -52.22 -56.79
CA PRO B 36 6.44 -52.72 -57.14
C PRO B 36 5.73 -52.00 -58.30
N SER B 37 6.19 -50.80 -58.66
CA SER B 37 5.68 -50.08 -59.83
C SER B 37 6.09 -50.72 -61.16
N THR B 38 7.20 -51.46 -61.15
CA THR B 38 7.74 -52.08 -62.36
C THR B 38 7.76 -53.61 -62.28
N GLY B 39 7.91 -54.14 -61.07
CA GLY B 39 8.16 -55.57 -60.88
C GLY B 39 9.63 -55.93 -61.07
N GLU B 40 10.49 -54.93 -61.22
CA GLU B 40 11.92 -55.15 -61.39
C GLU B 40 12.64 -55.13 -60.05
N VAL B 41 13.81 -55.74 -59.99
CA VAL B 41 14.58 -55.80 -58.76
C VAL B 41 15.41 -54.52 -58.57
N ILE B 42 15.37 -53.97 -57.37
CA ILE B 42 16.18 -52.80 -57.01
C ILE B 42 17.61 -53.25 -56.73
N CYS B 43 17.77 -54.18 -55.78
CA CYS B 43 19.09 -54.72 -55.42
C CYS B 43 18.94 -55.99 -54.60
N GLN B 44 20.06 -56.62 -54.26
CA GLN B 44 20.07 -57.76 -53.35
C GLN B 44 20.25 -57.25 -51.92
N VAL B 45 19.63 -57.93 -50.97
CA VAL B 45 19.76 -57.61 -49.55
C VAL B 45 20.19 -58.86 -48.81
N ALA B 46 21.14 -58.71 -47.90
CA ALA B 46 21.60 -59.83 -47.05
C ALA B 46 20.41 -60.52 -46.39
N GLU B 47 20.39 -61.85 -46.45
CA GLU B 47 19.33 -62.65 -45.83
C GLU B 47 19.76 -63.09 -44.45
N GLY B 48 19.39 -62.32 -43.43
CA GLY B 48 19.71 -62.64 -42.05
C GLY B 48 18.93 -63.86 -41.56
N ASP B 49 19.56 -64.65 -40.70
CA ASP B 49 18.95 -65.83 -40.10
C ASP B 49 19.29 -65.87 -38.59
N LYS B 50 18.96 -66.98 -37.93
CA LYS B 50 19.17 -67.15 -36.50
C LYS B 50 20.57 -66.81 -36.02
N GLU B 51 21.60 -67.27 -36.74
CA GLU B 51 22.97 -67.04 -36.31
C GLU B 51 23.37 -65.57 -36.40
N ASP B 52 22.76 -64.84 -37.33
CA ASP B 52 22.98 -63.41 -37.48
C ASP B 52 22.26 -62.66 -36.36
N VAL B 53 21.05 -63.13 -36.04
CA VAL B 53 20.28 -62.60 -34.92
C VAL B 53 21.04 -62.80 -33.62
N ASP B 54 21.64 -63.99 -33.45
CA ASP B 54 22.44 -64.29 -32.27
C ASP B 54 23.61 -63.32 -32.12
N LYS B 55 24.29 -63.00 -33.22
CA LYS B 55 25.37 -62.00 -33.18
C LYS B 55 24.84 -60.63 -32.75
N ALA B 56 23.68 -60.24 -33.27
CA ALA B 56 23.06 -58.96 -32.93
C ALA B 56 22.63 -58.86 -31.45
N VAL B 57 22.07 -59.94 -30.92
CA VAL B 57 21.67 -59.99 -29.51
C VAL B 57 22.88 -59.93 -28.57
N LYS B 58 24.00 -60.53 -28.98
CA LYS B 58 25.24 -60.43 -28.22
C LYS B 58 25.76 -59.00 -28.21
N ALA B 59 25.74 -58.36 -29.38
CA ALA B 59 26.14 -56.97 -29.50
C ALA B 59 25.23 -56.05 -28.67
N ALA B 60 23.92 -56.32 -28.69
CA ALA B 60 22.98 -55.56 -27.89
C ALA B 60 23.23 -55.76 -26.39
N ARG B 61 23.40 -57.01 -25.98
CA ARG B 61 23.64 -57.34 -24.58
C ARG B 61 24.90 -56.66 -24.03
N ALA B 62 25.99 -56.68 -24.80
CA ALA B 62 27.24 -56.06 -24.37
C ALA B 62 27.10 -54.53 -24.21
N ALA B 63 26.33 -53.90 -25.11
CA ALA B 63 26.11 -52.47 -25.05
C ALA B 63 25.22 -52.09 -23.86
N PHE B 64 24.40 -53.05 -23.41
CA PHE B 64 23.52 -52.84 -22.27
C PHE B 64 24.15 -53.18 -20.92
N GLN B 65 25.41 -53.62 -20.90
CA GLN B 65 26.04 -53.98 -19.64
C GLN B 65 26.21 -52.74 -18.76
N LEU B 66 26.03 -52.94 -17.46
CA LEU B 66 26.19 -51.89 -16.46
C LEU B 66 27.62 -51.36 -16.56
N GLY B 67 27.77 -50.04 -16.64
CA GLY B 67 29.09 -49.42 -16.82
C GLY B 67 29.40 -48.99 -18.25
N SER B 68 28.68 -49.53 -19.22
CA SER B 68 28.86 -49.19 -20.63
C SER B 68 28.51 -47.72 -20.90
N PRO B 69 29.07 -47.15 -21.98
CA PRO B 69 28.74 -45.79 -22.40
C PRO B 69 27.23 -45.54 -22.52
N TRP B 70 26.48 -46.51 -23.04
CA TRP B 70 25.03 -46.34 -23.21
C TRP B 70 24.27 -46.32 -21.89
N ARG B 71 24.63 -47.20 -20.96
CA ARG B 71 23.97 -47.27 -19.65
C ARG B 71 24.31 -46.08 -18.76
N ARG B 72 25.55 -45.61 -18.85
CA ARG B 72 26.02 -44.46 -18.07
C ARG B 72 25.57 -43.11 -18.65
N MET B 73 25.26 -43.07 -19.94
CA MET B 73 24.90 -41.82 -20.60
C MET B 73 23.73 -41.14 -19.88
N ASP B 74 23.80 -39.81 -19.77
CA ASP B 74 22.74 -39.05 -19.13
C ASP B 74 21.44 -39.22 -19.90
N ALA B 75 20.33 -39.31 -19.18
CA ALA B 75 19.02 -39.35 -19.81
C ALA B 75 18.85 -38.22 -20.84
N SER B 76 19.27 -37.01 -20.45
CA SER B 76 19.16 -35.83 -21.32
C SER B 76 19.93 -35.97 -22.63
N HIS B 77 21.11 -36.57 -22.58
CA HIS B 77 21.94 -36.75 -23.78
C HIS B 77 21.35 -37.78 -24.74
N ARG B 78 20.64 -38.78 -24.21
CA ARG B 78 19.85 -39.70 -25.05
C ARG B 78 18.87 -38.93 -25.92
N GLY B 79 18.24 -37.90 -25.36
CA GLY B 79 17.35 -37.03 -26.11
C GLY B 79 18.05 -36.25 -27.21
N ARG B 80 19.27 -35.78 -26.92
CA ARG B 80 20.06 -35.02 -27.89
C ARG B 80 20.39 -35.90 -29.08
N LEU B 81 20.83 -37.13 -28.81
CA LEU B 81 21.11 -38.11 -29.86
C LEU B 81 19.87 -38.42 -30.70
N LEU B 82 18.70 -38.51 -30.08
CA LEU B 82 17.47 -38.71 -30.85
C LEU B 82 17.18 -37.47 -31.69
N ASN B 83 17.40 -36.28 -31.11
CA ASN B 83 17.21 -35.03 -31.87
C ASN B 83 18.22 -34.90 -33.00
N ARG B 84 19.44 -35.36 -32.77
CA ARG B 84 20.48 -35.39 -33.79
C ARG B 84 20.08 -36.31 -34.95
N LEU B 85 19.60 -37.51 -34.63
CA LEU B 85 19.10 -38.45 -35.65
C LEU B 85 17.96 -37.84 -36.47
N ALA B 86 17.04 -37.15 -35.81
CA ALA B 86 15.96 -36.46 -36.50
C ALA B 86 16.49 -35.44 -37.50
N ASP B 87 17.46 -34.64 -37.08
CA ASP B 87 18.09 -33.66 -37.97
C ASP B 87 18.71 -34.35 -39.18
N LEU B 88 19.41 -35.45 -38.95
CA LEU B 88 20.03 -36.21 -40.04
C LEU B 88 19.00 -36.75 -41.04
N ILE B 89 17.88 -37.26 -40.54
CA ILE B 89 16.79 -37.70 -41.40
C ILE B 89 16.18 -36.54 -42.18
N GLU B 90 15.97 -35.41 -41.52
CA GLU B 90 15.46 -34.21 -42.20
C GLU B 90 16.45 -33.76 -43.29
N ARG B 91 17.74 -33.74 -42.95
CA ARG B 91 18.79 -33.43 -43.91
C ARG B 91 18.64 -34.26 -45.19
N ASP B 92 18.37 -35.55 -45.03
CA ASP B 92 18.24 -36.50 -46.15
C ASP B 92 16.78 -36.79 -46.49
N ARG B 93 15.89 -35.85 -46.20
CA ARG B 93 14.45 -36.05 -46.33
C ARG B 93 14.00 -36.34 -47.76
N THR B 94 14.53 -35.58 -48.70
CA THR B 94 14.18 -35.75 -50.11
C THR B 94 14.58 -37.13 -50.62
N TYR B 95 15.76 -37.59 -50.22
CA TYR B 95 16.27 -38.90 -50.60
C TYR B 95 15.48 -40.05 -49.98
N LEU B 96 15.23 -39.97 -48.66
CA LEU B 96 14.54 -41.04 -47.97
C LEU B 96 13.11 -41.24 -48.48
N ALA B 97 12.42 -40.14 -48.75
CA ALA B 97 11.07 -40.20 -49.31
C ALA B 97 11.07 -40.90 -50.66
N ALA B 98 12.08 -40.61 -51.48
CA ALA B 98 12.19 -41.20 -52.81
C ALA B 98 12.42 -42.69 -52.73
N LEU B 99 13.34 -43.09 -51.85
CA LEU B 99 13.65 -44.50 -51.62
C LEU B 99 12.47 -45.25 -50.99
N GLU B 100 11.68 -44.57 -50.17
CA GLU B 100 10.50 -45.17 -49.57
C GLU B 100 9.55 -45.55 -50.70
N THR B 101 9.21 -44.57 -51.53
CA THR B 101 8.43 -44.78 -52.74
C THR B 101 9.02 -45.87 -53.66
N LEU B 102 10.34 -45.86 -53.84
CA LEU B 102 10.99 -46.83 -54.73
C LEU B 102 10.69 -48.26 -54.30
N ASP B 103 10.85 -48.52 -53.01
CA ASP B 103 10.79 -49.88 -52.47
C ASP B 103 9.39 -50.30 -52.00
N ASN B 104 8.54 -49.33 -51.65
CA ASN B 104 7.21 -49.60 -51.08
C ASN B 104 6.07 -49.38 -52.07
N GLY B 105 6.21 -48.34 -52.90
CA GLY B 105 5.25 -48.05 -53.96
C GLY B 105 4.36 -46.85 -53.68
N LYS B 106 4.28 -46.39 -52.43
CA LYS B 106 3.41 -45.25 -52.09
C LYS B 106 3.85 -43.97 -52.81
N PRO B 107 2.90 -43.05 -53.07
CA PRO B 107 3.23 -41.82 -53.76
C PRO B 107 4.32 -40.99 -53.08
N TYR B 108 5.28 -40.50 -53.86
CA TYR B 108 6.36 -39.66 -53.36
C TYR B 108 5.86 -38.44 -52.60
N VAL B 109 4.82 -37.79 -53.12
CA VAL B 109 4.20 -36.65 -52.44
C VAL B 109 3.83 -37.01 -51.00
N ILE B 110 3.28 -38.22 -50.82
CA ILE B 110 2.85 -38.70 -49.51
C ILE B 110 4.04 -39.09 -48.65
N SER B 111 5.00 -39.80 -49.25
CA SER B 111 6.24 -40.15 -48.55
C SER B 111 6.89 -38.91 -47.94
N TYR B 112 6.99 -37.84 -48.73
CA TYR B 112 7.70 -36.63 -48.27
C TYR B 112 6.91 -35.88 -47.20
N LEU B 113 5.64 -35.59 -47.47
CA LEU B 113 4.83 -34.74 -46.61
C LEU B 113 4.18 -35.48 -45.45
N VAL B 114 3.87 -36.77 -45.62
CA VAL B 114 3.19 -37.51 -44.57
C VAL B 114 4.16 -38.43 -43.84
N ASP B 115 4.80 -39.35 -44.56
CA ASP B 115 5.64 -40.34 -43.91
C ASP B 115 6.80 -39.71 -43.14
N LEU B 116 7.63 -38.93 -43.84
CA LEU B 116 8.84 -38.35 -43.20
C LEU B 116 8.54 -37.27 -42.18
N ASP B 117 7.44 -36.56 -42.35
CA ASP B 117 7.00 -35.57 -41.36
C ASP B 117 6.71 -36.28 -40.04
N MET B 118 5.93 -37.35 -40.10
CA MET B 118 5.56 -38.12 -38.91
C MET B 118 6.76 -38.87 -38.29
N VAL B 119 7.72 -39.28 -39.12
CA VAL B 119 8.97 -39.86 -38.65
C VAL B 119 9.72 -38.82 -37.80
N LEU B 120 9.87 -37.62 -38.34
CA LEU B 120 10.57 -36.54 -37.66
C LEU B 120 9.88 -36.19 -36.34
N LYS B 121 8.56 -36.02 -36.40
CA LYS B 121 7.78 -35.64 -35.21
C LYS B 121 7.83 -36.71 -34.12
N CYS B 122 7.82 -37.98 -34.52
CA CYS B 122 7.88 -39.10 -33.57
C CYS B 122 9.21 -39.09 -32.83
N LEU B 123 10.30 -39.03 -33.58
CA LEU B 123 11.64 -39.01 -33.00
C LEU B 123 11.83 -37.79 -32.09
N ARG B 124 11.35 -36.63 -32.54
CA ARG B 124 11.47 -35.40 -31.74
C ARG B 124 10.55 -35.39 -30.51
N TYR B 125 9.37 -36.00 -30.62
CA TYR B 125 8.49 -36.15 -29.47
C TYR B 125 9.18 -37.02 -28.40
N TYR B 126 9.70 -38.16 -28.81
CA TYR B 126 10.32 -39.09 -27.85
C TYR B 126 11.67 -38.62 -27.31
N ALA B 127 12.40 -37.83 -28.09
CA ALA B 127 13.60 -37.15 -27.59
C ALA B 127 13.28 -36.36 -26.33
N GLY B 128 12.10 -35.77 -26.29
CA GLY B 128 11.64 -35.02 -25.14
C GLY B 128 11.32 -35.85 -23.91
N TRP B 129 10.98 -37.13 -24.10
CA TRP B 129 10.67 -38.03 -22.98
C TRP B 129 11.89 -38.62 -22.28
N ALA B 130 13.09 -38.45 -22.85
CA ALA B 130 14.26 -39.18 -22.37
C ALA B 130 14.56 -38.98 -20.87
N ASP B 131 14.37 -37.76 -20.40
CA ASP B 131 14.70 -37.39 -19.03
C ASP B 131 13.49 -36.96 -18.20
N LYS B 132 12.30 -37.42 -18.60
CA LYS B 132 11.06 -37.01 -17.93
C LYS B 132 10.13 -38.15 -17.52
N TYR B 133 10.50 -39.40 -17.79
CA TYR B 133 9.67 -40.54 -17.40
C TYR B 133 9.97 -40.97 -15.95
N HIS B 134 9.51 -40.15 -15.02
CA HIS B 134 9.85 -40.28 -13.61
C HIS B 134 9.33 -41.57 -12.98
N GLY B 135 10.12 -42.12 -12.06
CA GLY B 135 9.61 -43.09 -11.11
C GLY B 135 8.91 -42.32 -9.99
N LYS B 136 8.66 -43.00 -8.87
CA LYS B 136 7.89 -42.40 -7.78
C LYS B 136 8.58 -42.51 -6.44
N THR B 137 8.24 -41.59 -5.53
CA THR B 137 8.51 -41.77 -4.11
C THR B 137 7.17 -42.01 -3.43
N ILE B 138 7.09 -43.08 -2.64
CA ILE B 138 5.81 -43.66 -2.24
C ILE B 138 5.64 -43.65 -0.71
N PRO B 139 4.53 -43.06 -0.21
CA PRO B 139 4.30 -42.97 1.23
C PRO B 139 3.85 -44.30 1.85
N ILE B 140 4.80 -45.22 1.99
CA ILE B 140 4.51 -46.55 2.52
C ILE B 140 4.36 -46.52 4.05
N ASP B 141 3.60 -47.47 4.58
CA ASP B 141 3.45 -47.64 6.03
C ASP B 141 4.81 -47.95 6.67
N GLY B 142 4.98 -47.52 7.91
CA GLY B 142 6.16 -47.87 8.71
C GLY B 142 7.38 -46.97 8.49
N ASP B 143 8.45 -47.27 9.21
CA ASP B 143 9.68 -46.48 9.12
C ASP B 143 10.50 -46.91 7.91
N PHE B 144 9.98 -46.59 6.73
CA PHE B 144 10.61 -46.94 5.47
C PHE B 144 10.53 -45.79 4.48
N PHE B 145 11.56 -45.69 3.64
CA PHE B 145 11.55 -44.85 2.47
C PHE B 145 11.46 -45.78 1.27
N SER B 146 10.39 -45.64 0.49
CA SER B 146 10.15 -46.52 -0.65
C SER B 146 10.01 -45.68 -1.92
N TYR B 147 10.67 -46.12 -2.98
CA TYR B 147 10.62 -45.42 -4.25
C TYR B 147 10.78 -46.39 -5.40
N THR B 148 10.45 -45.94 -6.61
CA THR B 148 10.59 -46.79 -7.78
C THR B 148 11.59 -46.20 -8.75
N ARG B 149 12.38 -47.09 -9.37
CA ARG B 149 13.27 -46.74 -10.47
C ARG B 149 12.62 -47.25 -11.74
N HIS B 150 12.54 -46.40 -12.75
CA HIS B 150 12.09 -46.82 -14.07
C HIS B 150 13.32 -47.13 -14.93
N GLU B 151 13.71 -48.41 -14.95
CA GLU B 151 14.89 -48.86 -15.69
C GLU B 151 14.53 -49.33 -17.10
N PRO B 152 15.52 -49.44 -17.99
CA PRO B 152 15.23 -50.06 -19.29
C PRO B 152 14.83 -51.51 -19.13
N VAL B 153 13.95 -52.00 -19.98
CA VAL B 153 13.57 -53.42 -19.98
C VAL B 153 14.75 -54.27 -20.46
N GLY B 154 15.58 -53.70 -21.33
CA GLY B 154 16.84 -54.32 -21.73
C GLY B 154 16.94 -54.50 -23.24
N VAL B 155 17.19 -55.74 -23.67
CA VAL B 155 17.32 -56.04 -25.10
C VAL B 155 15.93 -56.22 -25.70
N CYS B 156 15.61 -55.35 -26.66
CA CYS B 156 14.28 -55.29 -27.24
C CYS B 156 14.28 -55.77 -28.68
N GLY B 157 13.54 -56.85 -28.94
CA GLY B 157 13.38 -57.38 -30.27
C GLY B 157 12.23 -56.69 -30.98
N GLN B 158 12.52 -56.06 -32.10
CA GLN B 158 11.52 -55.25 -32.80
C GLN B 158 11.33 -55.70 -34.23
N ILE B 159 10.12 -56.14 -34.52
CA ILE B 159 9.74 -56.66 -35.83
C ILE B 159 8.73 -55.70 -36.44
N ILE B 160 9.11 -55.08 -37.56
CA ILE B 160 8.25 -54.09 -38.21
C ILE B 160 7.82 -54.52 -39.62
N PRO B 161 6.66 -54.04 -40.08
CA PRO B 161 6.07 -54.48 -41.35
C PRO B 161 6.50 -53.60 -42.54
N TRP B 162 5.83 -53.77 -43.67
CA TRP B 162 6.24 -53.16 -44.93
C TRP B 162 5.37 -51.98 -45.37
N ASN B 163 4.29 -51.71 -44.65
CA ASN B 163 3.31 -50.72 -45.11
C ASN B 163 3.70 -49.27 -44.79
N PHE B 164 4.36 -49.07 -43.65
CA PHE B 164 4.98 -47.77 -43.33
C PHE B 164 6.41 -48.00 -42.83
N PRO B 165 7.32 -48.36 -43.75
CA PRO B 165 8.67 -48.82 -43.34
C PRO B 165 9.39 -47.87 -42.37
N LEU B 166 9.54 -46.62 -42.77
CA LEU B 166 10.26 -45.63 -41.96
C LEU B 166 9.49 -45.20 -40.70
N LEU B 167 8.17 -45.07 -40.82
CA LEU B 167 7.35 -44.60 -39.70
C LEU B 167 7.26 -45.67 -38.62
N MET B 168 7.07 -46.93 -39.02
CA MET B 168 7.04 -48.02 -38.05
C MET B 168 8.39 -48.19 -37.37
N GLN B 169 9.49 -47.91 -38.08
CA GLN B 169 10.81 -47.94 -37.45
C GLN B 169 10.93 -46.88 -36.36
N ALA B 170 10.51 -45.66 -36.67
CA ALA B 170 10.58 -44.56 -35.72
C ALA B 170 9.69 -44.80 -34.48
N TRP B 171 8.52 -45.40 -34.69
CA TRP B 171 7.58 -45.73 -33.60
C TRP B 171 8.20 -46.69 -32.59
N LYS B 172 9.08 -47.55 -33.08
CA LYS B 172 9.76 -48.55 -32.26
C LYS B 172 11.02 -47.99 -31.59
N LEU B 173 11.86 -47.30 -32.35
CA LEU B 173 13.14 -46.82 -31.82
C LEU B 173 12.98 -45.63 -30.87
N GLY B 174 12.01 -44.76 -31.16
CA GLY B 174 11.74 -43.60 -30.32
C GLY B 174 11.61 -43.91 -28.83
N PRO B 175 10.57 -44.66 -28.45
CA PRO B 175 10.35 -45.00 -27.03
C PRO B 175 11.39 -45.98 -26.46
N ALA B 176 11.94 -46.86 -27.29
CA ALA B 176 12.99 -47.78 -26.82
C ALA B 176 14.26 -47.02 -26.43
N LEU B 177 14.73 -46.16 -27.31
CA LEU B 177 15.97 -45.41 -27.09
C LEU B 177 15.84 -44.29 -26.06
N ALA B 178 14.67 -43.64 -26.01
CA ALA B 178 14.42 -42.61 -25.01
C ALA B 178 14.57 -43.14 -23.58
N THR B 179 14.18 -44.41 -23.38
CA THR B 179 14.25 -45.05 -22.06
C THR B 179 15.50 -45.93 -21.88
N GLY B 180 16.45 -45.80 -22.82
CA GLY B 180 17.77 -46.40 -22.67
C GLY B 180 17.89 -47.88 -22.95
N ASN B 181 16.97 -48.43 -23.73
CA ASN B 181 17.04 -49.83 -24.14
C ASN B 181 17.99 -50.00 -25.29
N VAL B 182 18.30 -51.27 -25.60
CA VAL B 182 19.04 -51.62 -26.81
C VAL B 182 18.12 -52.45 -27.70
N VAL B 183 18.39 -52.42 -29.00
CA VAL B 183 17.43 -52.89 -30.00
C VAL B 183 18.04 -53.89 -30.98
N VAL B 184 17.29 -54.98 -31.24
CA VAL B 184 17.56 -55.86 -32.37
C VAL B 184 16.33 -55.81 -33.26
N MET B 185 16.46 -55.16 -34.41
CA MET B 185 15.33 -54.91 -35.29
C MET B 185 15.31 -55.87 -36.49
N LYS B 186 14.12 -56.36 -36.81
CA LYS B 186 13.89 -57.14 -38.02
C LYS B 186 12.99 -56.33 -38.95
N VAL B 187 13.56 -55.89 -40.07
CA VAL B 187 12.79 -55.17 -41.09
C VAL B 187 12.18 -56.16 -42.11
N ALA B 188 11.08 -55.74 -42.74
CA ALA B 188 10.33 -56.60 -43.65
C ALA B 188 11.10 -56.79 -44.98
N GLU B 189 11.02 -58.00 -45.52
CA GLU B 189 11.74 -58.37 -46.75
C GLU B 189 11.35 -57.52 -47.96
N GLN B 190 10.11 -57.06 -47.99
CA GLN B 190 9.57 -56.25 -49.08
C GLN B 190 10.06 -54.81 -49.04
N THR B 191 10.40 -54.31 -47.86
CA THR B 191 10.78 -52.90 -47.68
C THR B 191 11.91 -52.70 -46.66
N PRO B 192 13.10 -53.29 -46.91
CA PRO B 192 14.21 -53.20 -45.97
C PRO B 192 15.11 -51.96 -46.11
N LEU B 193 15.09 -51.31 -47.26
CA LEU B 193 16.14 -50.34 -47.63
C LEU B 193 16.16 -49.08 -46.78
N THR B 194 15.02 -48.46 -46.60
CA THR B 194 14.96 -47.19 -45.87
C THR B 194 15.40 -47.39 -44.42
N ALA B 195 14.97 -48.47 -43.80
CA ALA B 195 15.37 -48.77 -42.42
C ALA B 195 16.89 -48.91 -42.31
N LEU B 196 17.48 -49.55 -43.31
CA LEU B 196 18.92 -49.80 -43.32
C LEU B 196 19.73 -48.54 -43.56
N TYR B 197 19.23 -47.60 -44.36
CA TYR B 197 19.91 -46.30 -44.50
C TYR B 197 19.87 -45.53 -43.17
N VAL B 198 18.75 -45.64 -42.46
CA VAL B 198 18.60 -44.95 -41.17
C VAL B 198 19.65 -45.46 -40.17
N ALA B 199 20.04 -46.73 -40.31
CA ALA B 199 21.12 -47.30 -39.50
C ALA B 199 22.41 -46.49 -39.64
N ASN B 200 22.77 -46.14 -40.86
CA ASN B 200 23.94 -45.27 -41.10
C ASN B 200 23.85 -43.94 -40.36
N LEU B 201 22.66 -43.36 -40.30
CA LEU B 201 22.44 -42.09 -39.60
C LEU B 201 22.49 -42.28 -38.09
N ILE B 202 22.08 -43.46 -37.62
CA ILE B 202 22.18 -43.80 -36.20
C ILE B 202 23.64 -43.82 -35.75
N LYS B 203 24.51 -44.40 -36.59
CA LYS B 203 25.96 -44.39 -36.33
C LYS B 203 26.52 -42.98 -36.44
N GLU B 204 26.06 -42.23 -37.44
CA GLU B 204 26.54 -40.87 -37.66
C GLU B 204 26.11 -39.96 -36.52
N ALA B 205 24.90 -40.18 -36.00
CA ALA B 205 24.36 -39.41 -34.88
C ALA B 205 25.23 -39.52 -33.62
N GLY B 206 25.85 -40.68 -33.42
CA GLY B 206 26.73 -40.92 -32.27
C GLY B 206 26.29 -42.01 -31.32
N PHE B 207 25.23 -42.73 -31.66
CA PHE B 207 24.78 -43.85 -30.82
C PHE B 207 25.92 -44.87 -30.69
N PRO B 208 26.23 -45.31 -29.46
CA PRO B 208 27.30 -46.29 -29.25
C PRO B 208 27.07 -47.62 -29.98
N PRO B 209 28.16 -48.34 -30.31
CA PRO B 209 28.00 -49.61 -31.02
C PRO B 209 27.10 -50.60 -30.29
N GLY B 210 26.19 -51.22 -31.01
CA GLY B 210 25.33 -52.26 -30.45
C GLY B 210 24.01 -51.80 -29.88
N VAL B 211 23.81 -50.49 -29.75
CA VAL B 211 22.56 -49.94 -29.20
C VAL B 211 21.40 -50.18 -30.17
N VAL B 212 21.66 -50.02 -31.47
CA VAL B 212 20.70 -50.41 -32.50
C VAL B 212 21.37 -51.39 -33.45
N ASN B 213 20.74 -52.55 -33.60
CA ASN B 213 21.21 -53.59 -34.50
C ASN B 213 20.06 -54.02 -35.38
N ILE B 214 20.30 -54.05 -36.69
CA ILE B 214 19.26 -54.34 -37.67
C ILE B 214 19.63 -55.55 -38.52
N VAL B 215 18.70 -56.50 -38.61
CA VAL B 215 18.91 -57.76 -39.31
C VAL B 215 17.73 -58.01 -40.27
N PRO B 216 17.89 -57.68 -41.57
CA PRO B 216 16.85 -58.02 -42.54
C PRO B 216 16.80 -59.51 -42.84
N GLY B 217 15.64 -60.01 -43.26
CA GLY B 217 15.43 -61.44 -43.50
C GLY B 217 13.95 -61.82 -43.52
N PHE B 218 13.67 -63.11 -43.49
CA PHE B 218 12.30 -63.61 -43.51
C PHE B 218 11.70 -63.66 -42.11
N GLY B 219 10.38 -63.82 -42.05
CA GLY B 219 9.65 -63.92 -40.79
C GLY B 219 9.88 -65.24 -40.06
N PRO B 220 9.66 -66.38 -40.75
CA PRO B 220 9.92 -67.70 -40.16
C PRO B 220 11.36 -67.95 -39.69
N THR B 221 12.33 -67.18 -40.21
CA THR B 221 13.75 -67.37 -39.84
C THR B 221 14.21 -66.33 -38.82
N ALA B 222 14.43 -65.09 -39.28
CA ALA B 222 14.94 -64.02 -38.42
C ALA B 222 13.90 -63.56 -37.39
N GLY B 223 12.66 -63.39 -37.85
CA GLY B 223 11.55 -63.03 -36.96
C GLY B 223 11.34 -64.04 -35.84
N ALA B 224 11.28 -65.32 -36.21
CA ALA B 224 11.12 -66.41 -35.23
C ALA B 224 12.33 -66.53 -34.30
N ALA B 225 13.51 -66.22 -34.80
CA ALA B 225 14.73 -66.26 -33.99
C ALA B 225 14.71 -65.20 -32.87
N ILE B 226 14.21 -64.01 -33.18
CA ILE B 226 14.14 -62.94 -32.19
C ILE B 226 13.11 -63.26 -31.12
N ALA B 227 11.91 -63.67 -31.54
CA ALA B 227 10.83 -63.98 -30.62
C ALA B 227 11.15 -65.15 -29.68
N SER B 228 12.01 -66.07 -30.14
CA SER B 228 12.35 -67.26 -29.36
C SER B 228 13.71 -67.17 -28.67
N HIS B 229 14.43 -66.07 -28.85
CA HIS B 229 15.78 -65.94 -28.29
C HIS B 229 15.75 -65.94 -26.77
N GLU B 230 16.74 -66.61 -26.18
CA GLU B 230 16.78 -66.84 -24.74
C GLU B 230 17.18 -65.61 -23.92
N ASP B 231 17.80 -64.64 -24.59
CA ASP B 231 18.39 -63.47 -23.95
C ASP B 231 17.82 -62.16 -24.52
N VAL B 232 16.66 -62.25 -25.15
CA VAL B 232 15.89 -61.07 -25.50
C VAL B 232 14.84 -60.88 -24.41
N ASP B 233 14.79 -59.68 -23.85
CA ASP B 233 13.96 -59.39 -22.70
C ASP B 233 12.54 -58.99 -23.11
N LYS B 234 12.41 -58.46 -24.32
CA LYS B 234 11.17 -57.86 -24.75
C LYS B 234 11.02 -57.93 -26.27
N VAL B 235 9.83 -58.30 -26.73
CA VAL B 235 9.55 -58.28 -28.17
C VAL B 235 8.34 -57.39 -28.46
N ALA B 236 8.50 -56.52 -29.45
CA ALA B 236 7.40 -55.74 -29.99
C ALA B 236 7.19 -56.18 -31.44
N PHE B 237 5.96 -56.59 -31.76
CA PHE B 237 5.62 -57.03 -33.10
C PHE B 237 4.50 -56.19 -33.71
N THR B 238 4.69 -55.79 -34.97
CA THR B 238 3.62 -55.24 -35.78
C THR B 238 3.45 -56.12 -37.02
N GLY B 239 2.22 -56.58 -37.25
CA GLY B 239 1.89 -57.38 -38.42
C GLY B 239 0.49 -57.96 -38.34
N SER B 240 0.29 -59.13 -38.93
CA SER B 240 -1.02 -59.77 -38.94
C SER B 240 -1.32 -60.44 -37.60
N THR B 241 -2.60 -60.60 -37.31
CA THR B 241 -3.03 -61.25 -36.07
C THR B 241 -2.57 -62.71 -36.02
N GLU B 242 -2.60 -63.38 -37.17
CA GLU B 242 -2.10 -64.75 -37.29
C GLU B 242 -0.68 -64.86 -36.71
N ILE B 243 0.22 -64.01 -37.19
CA ILE B 243 1.62 -64.03 -36.76
C ILE B 243 1.79 -63.58 -35.29
N GLY B 244 0.96 -62.64 -34.85
CA GLY B 244 0.98 -62.16 -33.47
C GLY B 244 0.78 -63.27 -32.45
N ARG B 245 -0.09 -64.22 -32.78
CA ARG B 245 -0.30 -65.42 -31.96
C ARG B 245 0.97 -66.25 -31.84
N VAL B 246 1.67 -66.42 -32.96
CA VAL B 246 2.92 -67.20 -33.00
C VAL B 246 4.01 -66.53 -32.14
N ILE B 247 4.06 -65.21 -32.17
CA ILE B 247 5.05 -64.45 -31.40
C ILE B 247 4.85 -64.68 -29.89
N GLN B 248 3.60 -64.55 -29.44
CA GLN B 248 3.27 -64.70 -28.02
C GLN B 248 3.53 -66.13 -27.54
N VAL B 249 3.16 -67.11 -28.37
CA VAL B 249 3.51 -68.51 -28.09
C VAL B 249 5.03 -68.66 -27.93
N ALA B 250 5.78 -68.05 -28.84
CA ALA B 250 7.24 -68.17 -28.85
C ALA B 250 7.88 -67.52 -27.61
N ALA B 251 7.30 -66.41 -27.18
CA ALA B 251 7.73 -65.74 -25.95
C ALA B 251 7.51 -66.64 -24.73
N GLY B 252 6.29 -67.17 -24.61
CA GLY B 252 5.96 -68.10 -23.53
C GLY B 252 6.80 -69.37 -23.50
N SER B 253 7.20 -69.85 -24.68
CA SER B 253 7.94 -71.11 -24.81
C SER B 253 9.44 -70.93 -24.60
N SER B 254 9.92 -69.70 -24.68
CA SER B 254 11.34 -69.40 -24.49
C SER B 254 11.63 -68.90 -23.07
N ASN B 255 11.71 -67.59 -22.89
CA ASN B 255 12.18 -66.99 -21.63
C ASN B 255 11.20 -66.00 -20.99
N LEU B 256 9.91 -66.13 -21.32
CA LEU B 256 8.87 -65.22 -20.82
C LEU B 256 9.19 -63.74 -21.07
N LYS B 257 9.84 -63.45 -22.21
CA LYS B 257 10.02 -62.08 -22.67
C LYS B 257 8.68 -61.34 -22.71
N ARG B 258 8.72 -60.03 -22.45
CA ARG B 258 7.51 -59.22 -22.41
C ARG B 258 7.08 -58.90 -23.83
N VAL B 259 5.77 -58.95 -24.08
CA VAL B 259 5.24 -58.86 -25.43
C VAL B 259 4.30 -57.67 -25.61
N THR B 260 4.43 -56.97 -26.73
CA THR B 260 3.42 -56.02 -27.19
C THR B 260 3.14 -56.26 -28.67
N LEU B 261 1.88 -56.10 -29.06
CA LEU B 261 1.42 -56.44 -30.40
C LEU B 261 0.56 -55.32 -31.00
N GLU B 262 0.90 -54.91 -32.22
CA GLU B 262 0.07 -54.04 -33.05
C GLU B 262 -0.35 -54.84 -34.29
N LEU B 263 -1.62 -55.23 -34.36
CA LEU B 263 -2.10 -56.16 -35.38
C LEU B 263 -3.16 -55.54 -36.30
N GLY B 264 -3.87 -56.37 -37.05
CA GLY B 264 -4.82 -55.88 -38.05
C GLY B 264 -6.17 -55.46 -37.47
N GLY B 265 -7.02 -54.97 -38.36
CA GLY B 265 -8.36 -54.54 -37.99
C GLY B 265 -9.36 -54.74 -39.11
N LYS B 266 -10.63 -54.44 -38.80
CA LYS B 266 -11.67 -54.27 -39.80
C LYS B 266 -12.55 -53.13 -39.29
N SER B 267 -11.94 -51.94 -39.28
CA SER B 267 -12.44 -50.79 -38.56
C SER B 267 -13.70 -50.18 -39.17
N PRO B 268 -14.74 -49.95 -38.34
CA PRO B 268 -15.98 -49.37 -38.82
C PRO B 268 -15.96 -47.84 -38.88
N ASN B 269 -16.35 -47.27 -40.02
CA ASN B 269 -16.50 -45.83 -40.20
C ASN B 269 -17.99 -45.49 -40.31
N ILE B 270 -18.53 -44.89 -39.25
CA ILE B 270 -19.98 -44.73 -39.09
C ILE B 270 -20.43 -43.32 -39.47
N ILE B 271 -21.26 -43.24 -40.51
CA ILE B 271 -21.81 -41.98 -41.01
C ILE B 271 -23.27 -41.83 -40.59
N MET B 272 -23.51 -40.94 -39.63
CA MET B 272 -24.87 -40.63 -39.19
C MET B 272 -25.53 -39.70 -40.22
N SER B 273 -26.86 -39.70 -40.23
CA SER B 273 -27.62 -38.95 -41.23
C SER B 273 -27.40 -37.43 -41.16
N ASP B 274 -27.03 -36.92 -39.99
CA ASP B 274 -26.75 -35.48 -39.84
C ASP B 274 -25.29 -35.09 -40.17
N ALA B 275 -24.49 -36.04 -40.65
CA ALA B 275 -23.11 -35.76 -41.03
C ALA B 275 -23.03 -34.70 -42.12
N ASP B 276 -21.94 -33.93 -42.12
CA ASP B 276 -21.65 -33.09 -43.28
C ASP B 276 -21.27 -34.03 -44.41
N MET B 277 -22.09 -34.02 -45.47
CA MET B 277 -22.00 -35.00 -46.55
C MET B 277 -20.66 -34.93 -47.27
N ASP B 278 -20.28 -33.74 -47.71
CA ASP B 278 -19.05 -33.55 -48.50
C ASP B 278 -17.81 -33.93 -47.71
N TRP B 279 -17.77 -33.55 -46.43
CA TRP B 279 -16.66 -33.89 -45.56
C TRP B 279 -16.60 -35.40 -45.32
N ALA B 280 -17.74 -36.00 -44.98
CA ALA B 280 -17.81 -37.44 -44.72
C ALA B 280 -17.42 -38.28 -45.95
N VAL B 281 -17.92 -37.90 -47.12
CA VAL B 281 -17.56 -38.60 -48.36
C VAL B 281 -16.05 -38.61 -48.56
N GLU B 282 -15.43 -37.43 -48.50
CA GLU B 282 -13.99 -37.29 -48.72
C GLU B 282 -13.19 -38.05 -47.66
N GLN B 283 -13.58 -37.89 -46.40
CA GLN B 283 -12.86 -38.55 -45.31
C GLN B 283 -12.99 -40.07 -45.34
N ALA B 284 -14.19 -40.57 -45.67
CA ALA B 284 -14.41 -42.01 -45.79
C ALA B 284 -13.61 -42.61 -46.96
N HIS B 285 -13.49 -41.84 -48.03
CA HIS B 285 -12.64 -42.23 -49.16
C HIS B 285 -11.17 -42.33 -48.73
N PHE B 286 -10.68 -41.29 -48.06
CA PHE B 286 -9.32 -41.29 -47.50
C PHE B 286 -9.14 -42.44 -46.52
N ALA B 287 -10.12 -42.61 -45.63
CA ALA B 287 -10.08 -43.64 -44.58
C ALA B 287 -9.79 -45.05 -45.11
N LEU B 288 -10.25 -45.32 -46.33
CA LEU B 288 -10.10 -46.63 -46.92
C LEU B 288 -8.94 -46.71 -47.91
N PHE B 289 -8.87 -45.76 -48.84
CA PHE B 289 -7.93 -45.83 -49.94
C PHE B 289 -6.53 -45.32 -49.61
N PHE B 290 -6.36 -44.68 -48.46
CA PHE B 290 -5.05 -44.14 -48.09
C PHE B 290 -4.00 -45.25 -48.09
N ASN B 291 -2.85 -44.95 -48.68
CA ASN B 291 -1.70 -45.87 -48.75
C ASN B 291 -2.03 -47.16 -49.49
N GLN B 292 -2.76 -47.05 -50.59
CA GLN B 292 -3.19 -48.21 -51.39
C GLN B 292 -4.05 -49.21 -50.59
N GLY B 293 -4.78 -48.70 -49.60
CA GLY B 293 -5.60 -49.54 -48.72
C GLY B 293 -4.82 -50.32 -47.67
N GLN B 294 -3.50 -50.16 -47.67
CA GLN B 294 -2.61 -50.97 -46.84
C GLN B 294 -2.40 -50.32 -45.47
N CYS B 295 -3.50 -50.24 -44.72
CA CYS B 295 -3.54 -49.66 -43.40
C CYS B 295 -4.29 -50.60 -42.48
N CYS B 296 -3.65 -50.97 -41.37
CA CYS B 296 -4.28 -51.80 -40.36
C CYS B 296 -5.62 -51.21 -39.91
N CYS B 297 -5.67 -49.89 -39.77
CA CYS B 297 -6.86 -49.21 -39.28
C CYS B 297 -7.68 -48.60 -40.40
N ALA B 298 -7.62 -49.21 -41.59
CA ALA B 298 -8.37 -48.74 -42.75
C ALA B 298 -9.88 -48.82 -42.47
N GLY B 299 -10.60 -47.76 -42.83
CA GLY B 299 -12.06 -47.72 -42.65
C GLY B 299 -12.77 -48.65 -43.60
N SER B 300 -12.63 -49.96 -43.35
CA SER B 300 -13.03 -51.01 -44.29
C SER B 300 -14.49 -51.44 -44.14
N ARG B 301 -15.18 -50.90 -43.14
CA ARG B 301 -16.62 -51.13 -42.98
C ARG B 301 -17.33 -49.79 -42.88
N THR B 302 -17.71 -49.24 -44.02
CA THR B 302 -18.33 -47.92 -44.06
C THR B 302 -19.83 -48.07 -43.83
N PHE B 303 -20.24 -47.86 -42.57
CA PHE B 303 -21.65 -47.90 -42.19
C PHE B 303 -22.29 -46.54 -42.49
N VAL B 304 -23.34 -46.53 -43.31
CA VAL B 304 -24.02 -45.29 -43.69
C VAL B 304 -25.50 -45.36 -43.36
N GLN B 305 -26.02 -44.34 -42.69
CA GLN B 305 -27.43 -44.31 -42.29
C GLN B 305 -28.33 -44.27 -43.54
N GLU B 306 -29.39 -45.07 -43.51
CA GLU B 306 -30.28 -45.32 -44.67
C GLU B 306 -30.86 -44.07 -45.36
N ASP B 307 -31.04 -42.98 -44.62
CA ASP B 307 -31.59 -41.73 -45.18
C ASP B 307 -30.63 -41.05 -46.16
N ILE B 308 -29.32 -41.25 -45.96
CA ILE B 308 -28.31 -40.62 -46.80
C ILE B 308 -27.48 -41.64 -47.61
N TYR B 309 -27.87 -42.91 -47.55
CA TYR B 309 -27.09 -43.98 -48.17
C TYR B 309 -26.90 -43.75 -49.66
N ASP B 310 -28.01 -43.61 -50.38
CA ASP B 310 -27.96 -43.50 -51.85
C ASP B 310 -27.11 -42.34 -52.32
N GLU B 311 -27.29 -41.16 -51.72
CA GLU B 311 -26.48 -40.00 -52.06
C GLU B 311 -25.01 -40.24 -51.74
N PHE B 312 -24.76 -40.77 -50.55
CA PHE B 312 -23.39 -41.05 -50.11
C PHE B 312 -22.69 -41.99 -51.08
N VAL B 313 -23.40 -43.05 -51.48
CA VAL B 313 -22.86 -44.04 -52.40
C VAL B 313 -22.51 -43.43 -53.76
N GLU B 314 -23.42 -42.64 -54.33
CA GLU B 314 -23.16 -41.97 -55.61
C GLU B 314 -21.91 -41.11 -55.52
N ARG B 315 -21.85 -40.26 -54.50
CA ARG B 315 -20.70 -39.39 -54.27
C ARG B 315 -19.41 -40.18 -54.06
N SER B 316 -19.50 -41.27 -53.30
CA SER B 316 -18.36 -42.15 -53.03
C SER B 316 -17.83 -42.83 -54.30
N VAL B 317 -18.74 -43.28 -55.16
CA VAL B 317 -18.37 -43.88 -56.44
C VAL B 317 -17.65 -42.86 -57.33
N ALA B 318 -18.20 -41.65 -57.44
CA ALA B 318 -17.59 -40.61 -58.28
C ALA B 318 -16.17 -40.26 -57.81
N ARG B 319 -15.97 -40.20 -56.49
CA ARG B 319 -14.64 -39.94 -55.93
C ARG B 319 -13.66 -41.08 -56.28
N ALA B 320 -14.14 -42.32 -56.18
CA ALA B 320 -13.32 -43.50 -56.46
C ALA B 320 -12.99 -43.61 -57.95
N LYS B 321 -13.97 -43.29 -58.79
CA LYS B 321 -13.77 -43.31 -60.24
C LYS B 321 -12.79 -42.25 -60.72
N SER B 322 -12.63 -41.17 -59.95
CA SER B 322 -11.73 -40.08 -60.31
C SER B 322 -10.34 -40.21 -59.70
N ARG B 323 -10.15 -41.15 -58.77
CA ARG B 323 -8.87 -41.31 -58.09
C ARG B 323 -7.76 -41.70 -59.07
N VAL B 324 -6.70 -40.90 -59.12
CA VAL B 324 -5.63 -41.11 -60.10
C VAL B 324 -4.67 -42.20 -59.62
N VAL B 325 -4.68 -43.32 -60.34
CA VAL B 325 -3.73 -44.40 -60.16
C VAL B 325 -2.63 -44.25 -61.19
N GLY B 326 -1.37 -44.41 -60.77
CA GLY B 326 -0.25 -44.27 -61.70
C GLY B 326 1.12 -44.31 -61.05
N ASN B 327 2.12 -43.75 -61.74
CA ASN B 327 3.49 -43.70 -61.26
C ASN B 327 3.58 -42.90 -59.96
N PRO B 328 4.06 -43.52 -58.87
CA PRO B 328 4.09 -42.80 -57.60
C PRO B 328 4.99 -41.55 -57.58
N PHE B 329 5.93 -41.44 -58.51
CA PHE B 329 6.76 -40.24 -58.64
C PHE B 329 6.09 -39.10 -59.42
N ASP B 330 4.99 -39.41 -60.10
CA ASP B 330 4.19 -38.37 -60.75
C ASP B 330 3.40 -37.62 -59.67
N SER B 331 3.51 -36.30 -59.67
CA SER B 331 2.90 -35.48 -58.61
C SER B 331 1.37 -35.59 -58.56
N LYS B 332 0.74 -35.95 -59.68
CA LYS B 332 -0.72 -36.10 -59.72
C LYS B 332 -1.22 -37.45 -59.17
N THR B 333 -0.32 -38.42 -59.00
CA THR B 333 -0.69 -39.78 -58.55
C THR B 333 -1.19 -39.82 -57.09
N GLU B 334 -2.42 -40.30 -56.91
CA GLU B 334 -2.99 -40.49 -55.58
C GLU B 334 -2.71 -41.89 -55.03
N GLN B 335 -2.69 -42.89 -55.92
CA GLN B 335 -2.54 -44.29 -55.53
C GLN B 335 -1.44 -44.96 -56.34
N GLY B 336 -0.39 -45.43 -55.64
CA GLY B 336 0.68 -46.22 -56.25
C GLY B 336 0.27 -47.68 -56.33
N PRO B 337 1.24 -48.58 -56.60
CA PRO B 337 0.91 -50.00 -56.66
C PRO B 337 0.81 -50.63 -55.28
N GLN B 338 0.27 -51.84 -55.24
CA GLN B 338 0.33 -52.67 -54.03
C GLN B 338 1.79 -53.16 -53.85
N VAL B 339 2.12 -53.71 -52.69
CA VAL B 339 3.52 -53.85 -52.27
C VAL B 339 4.28 -54.97 -52.99
N ASP B 340 3.55 -56.03 -53.34
CA ASP B 340 4.17 -57.18 -54.00
C ASP B 340 3.13 -58.09 -54.67
N GLU B 341 3.61 -59.15 -55.29
CA GLU B 341 2.79 -60.07 -56.07
C GLU B 341 1.74 -60.78 -55.22
N THR B 342 2.16 -61.21 -54.04
CA THR B 342 1.31 -61.95 -53.11
C THR B 342 0.07 -61.15 -52.74
N GLN B 343 0.27 -59.87 -52.41
CA GLN B 343 -0.81 -58.95 -52.02
C GLN B 343 -1.69 -58.57 -53.21
N PHE B 344 -1.03 -58.28 -54.34
CA PHE B 344 -1.71 -58.06 -55.60
C PHE B 344 -2.74 -59.16 -55.86
N LYS B 345 -2.29 -60.41 -55.85
CA LYS B 345 -3.17 -61.55 -56.08
C LYS B 345 -4.21 -61.72 -54.97
N LYS B 346 -3.77 -61.61 -53.72
CA LYS B 346 -4.66 -61.73 -52.56
C LYS B 346 -5.86 -60.77 -52.64
N ILE B 347 -5.58 -59.52 -52.99
CA ILE B 347 -6.62 -58.49 -53.08
C ILE B 347 -7.61 -58.81 -54.20
N LEU B 348 -7.08 -59.18 -55.36
CA LEU B 348 -7.90 -59.61 -56.50
C LEU B 348 -8.82 -60.77 -56.14
N GLY B 349 -8.28 -61.73 -55.38
CA GLY B 349 -9.06 -62.85 -54.86
C GLY B 349 -10.23 -62.43 -53.98
N TYR B 350 -10.01 -61.42 -53.14
CA TYR B 350 -11.08 -60.86 -52.30
C TYR B 350 -12.14 -60.16 -53.15
N ILE B 351 -11.68 -59.39 -54.15
CA ILE B 351 -12.57 -58.72 -55.08
C ILE B 351 -13.48 -59.75 -55.75
N ASN B 352 -12.89 -60.87 -56.16
CA ASN B 352 -13.67 -61.96 -56.74
C ASN B 352 -14.71 -62.50 -55.78
N THR B 353 -14.31 -62.69 -54.52
CA THR B 353 -15.20 -63.23 -53.49
C THR B 353 -16.36 -62.29 -53.19
N GLY B 354 -16.10 -60.98 -53.22
CA GLY B 354 -17.13 -59.96 -53.00
C GLY B 354 -18.28 -60.02 -53.99
N LYS B 355 -17.94 -60.08 -55.29
CA LYS B 355 -18.98 -60.14 -56.33
C LYS B 355 -19.59 -61.53 -56.46
N GLN B 356 -18.89 -62.54 -55.93
CA GLN B 356 -19.37 -63.91 -55.93
C GLN B 356 -20.36 -64.17 -54.81
N GLU B 357 -20.16 -63.52 -53.66
CA GLU B 357 -21.05 -63.70 -52.50
C GLU B 357 -22.18 -62.66 -52.45
N GLY B 358 -22.41 -61.94 -53.56
CA GLY B 358 -23.60 -61.11 -53.72
C GLY B 358 -23.50 -59.63 -53.40
N ALA B 359 -22.28 -59.14 -53.13
CA ALA B 359 -22.08 -57.70 -52.91
C ALA B 359 -22.09 -56.96 -54.25
N LYS B 360 -22.67 -55.77 -54.27
CA LYS B 360 -22.86 -55.04 -55.52
C LYS B 360 -21.61 -54.24 -55.95
N LEU B 361 -20.93 -54.72 -56.98
CA LEU B 361 -19.78 -54.03 -57.54
C LEU B 361 -20.24 -52.73 -58.22
N LEU B 362 -19.69 -51.61 -57.77
CA LEU B 362 -20.13 -50.30 -58.25
C LEU B 362 -19.09 -49.63 -59.14
N CYS B 363 -17.80 -49.88 -58.89
CA CYS B 363 -16.74 -49.39 -59.76
C CYS B 363 -15.46 -50.19 -59.58
N GLY B 364 -14.55 -50.07 -60.55
CA GLY B 364 -13.28 -50.78 -60.53
C GLY B 364 -13.46 -52.29 -60.55
N GLY B 365 -12.63 -53.00 -59.79
CA GLY B 365 -12.73 -54.45 -59.65
C GLY B 365 -11.72 -55.27 -60.43
N GLY B 366 -10.82 -54.61 -61.15
CA GLY B 366 -9.81 -55.29 -61.94
C GLY B 366 -8.42 -54.67 -61.82
N ILE B 367 -7.50 -55.17 -62.64
CA ILE B 367 -6.11 -54.69 -62.66
C ILE B 367 -6.06 -53.34 -63.37
N ALA B 368 -5.21 -52.44 -62.89
CA ALA B 368 -5.22 -51.04 -63.34
C ALA B 368 -4.13 -50.73 -64.37
N ALA B 369 -3.08 -51.55 -64.41
CA ALA B 369 -2.00 -51.37 -65.38
C ALA B 369 -1.37 -52.72 -65.71
N ASP B 370 -0.78 -52.82 -66.90
CA ASP B 370 -0.22 -54.10 -67.35
C ASP B 370 1.21 -54.36 -66.86
N ARG B 371 1.79 -53.41 -66.12
CA ARG B 371 3.07 -53.62 -65.45
C ARG B 371 3.02 -53.04 -64.02
N GLY B 372 3.51 -53.82 -63.05
CA GLY B 372 3.43 -53.45 -61.65
C GLY B 372 2.13 -53.97 -61.02
N TYR B 373 1.95 -53.70 -59.74
CA TYR B 373 0.85 -54.30 -58.98
C TYR B 373 -0.25 -53.26 -58.70
N PHE B 374 -0.77 -52.66 -59.78
CA PHE B 374 -1.75 -51.60 -59.67
C PHE B 374 -3.16 -52.17 -59.75
N ILE B 375 -4.00 -51.82 -58.78
CA ILE B 375 -5.37 -52.31 -58.76
C ILE B 375 -6.34 -51.14 -58.78
N GLN B 376 -7.44 -51.31 -59.51
CA GLN B 376 -8.45 -50.27 -59.63
C GLN B 376 -9.11 -49.96 -58.29
N PRO B 377 -9.34 -48.67 -58.01
CA PRO B 377 -10.15 -48.33 -56.86
C PRO B 377 -11.52 -49.01 -56.97
N THR B 378 -11.80 -49.89 -56.02
CA THR B 378 -12.96 -50.75 -56.07
C THR B 378 -13.91 -50.41 -54.94
N VAL B 379 -15.21 -50.36 -55.23
CA VAL B 379 -16.23 -50.02 -54.24
C VAL B 379 -17.38 -50.99 -54.34
N PHE B 380 -17.66 -51.66 -53.22
CA PHE B 380 -18.84 -52.53 -53.10
C PHE B 380 -19.92 -51.84 -52.29
N GLY B 381 -21.17 -52.03 -52.73
CA GLY B 381 -22.34 -51.55 -52.01
C GLY B 381 -23.21 -52.72 -51.60
N ASP B 382 -24.29 -52.43 -50.87
CA ASP B 382 -25.18 -53.45 -50.31
C ASP B 382 -24.41 -54.57 -49.62
N VAL B 383 -23.36 -54.21 -48.89
CA VAL B 383 -22.53 -55.20 -48.20
C VAL B 383 -23.22 -55.57 -46.89
N GLN B 384 -23.23 -56.87 -46.59
CA GLN B 384 -23.90 -57.42 -45.41
C GLN B 384 -22.84 -57.94 -44.44
N ASP B 385 -23.17 -57.94 -43.15
CA ASP B 385 -22.21 -58.32 -42.10
C ASP B 385 -21.67 -59.76 -42.29
N GLY B 386 -22.46 -60.63 -42.90
CA GLY B 386 -22.06 -62.02 -43.11
C GLY B 386 -20.99 -62.25 -44.17
N MET B 387 -20.80 -61.29 -45.06
CA MET B 387 -19.89 -61.45 -46.21
C MET B 387 -18.41 -61.45 -45.81
N THR B 388 -17.61 -62.21 -46.55
CA THR B 388 -16.16 -62.31 -46.32
C THR B 388 -15.46 -60.96 -46.35
N ILE B 389 -15.81 -60.14 -47.34
CA ILE B 389 -15.24 -58.80 -47.48
C ILE B 389 -15.65 -57.85 -46.35
N ALA B 390 -16.72 -58.19 -45.63
CA ALA B 390 -17.12 -57.47 -44.43
C ALA B 390 -16.39 -57.96 -43.17
N LYS B 391 -15.82 -59.16 -43.23
CA LYS B 391 -15.22 -59.81 -42.06
C LYS B 391 -13.69 -59.79 -42.04
N GLU B 392 -13.08 -60.01 -43.20
CA GLU B 392 -11.63 -60.19 -43.29
C GLU B 392 -10.91 -58.95 -43.80
N GLU B 393 -9.69 -58.77 -43.33
CA GLU B 393 -8.87 -57.63 -43.71
C GLU B 393 -8.36 -57.84 -45.14
N ILE B 394 -8.85 -57.01 -46.07
CA ILE B 394 -8.46 -57.12 -47.47
C ILE B 394 -7.08 -56.50 -47.71
N PHE B 395 -6.84 -55.34 -47.07
CA PHE B 395 -5.56 -54.64 -47.14
C PHE B 395 -5.28 -54.12 -48.56
N GLY B 396 -6.36 -53.75 -49.26
CA GLY B 396 -6.28 -53.24 -50.61
C GLY B 396 -7.31 -52.16 -50.83
N PRO B 397 -7.30 -51.53 -52.01
CA PRO B 397 -8.20 -50.42 -52.27
C PRO B 397 -9.62 -50.91 -52.61
N VAL B 398 -10.25 -51.59 -51.65
CA VAL B 398 -11.56 -52.19 -51.85
C VAL B 398 -12.51 -51.70 -50.74
N MET B 399 -13.57 -51.00 -51.14
CA MET B 399 -14.47 -50.34 -50.19
C MET B 399 -15.76 -51.11 -49.97
N GLN B 400 -16.16 -51.23 -48.70
CA GLN B 400 -17.42 -51.86 -48.32
C GLN B 400 -18.36 -50.81 -47.74
N ILE B 401 -19.54 -50.67 -48.33
CA ILE B 401 -20.54 -49.72 -47.84
C ILE B 401 -21.77 -50.48 -47.37
N LEU B 402 -22.07 -50.36 -46.07
CA LEU B 402 -23.20 -51.05 -45.46
C LEU B 402 -24.22 -50.04 -44.96
N LYS B 403 -25.49 -50.42 -44.99
CA LYS B 403 -26.60 -49.56 -44.60
C LYS B 403 -27.10 -49.94 -43.20
N PHE B 404 -27.52 -48.94 -42.41
CA PHE B 404 -28.10 -49.18 -41.09
C PHE B 404 -29.19 -48.15 -40.81
N LYS B 405 -29.93 -48.36 -39.71
CA LYS B 405 -31.07 -47.49 -39.39
C LYS B 405 -30.86 -46.71 -38.09
N THR B 406 -30.66 -47.42 -37.00
CA THR B 406 -30.58 -46.79 -35.67
C THR B 406 -29.15 -46.82 -35.11
N ILE B 407 -28.94 -46.03 -34.05
CA ILE B 407 -27.63 -45.93 -33.42
C ILE B 407 -27.36 -47.17 -32.55
N GLU B 408 -28.43 -47.75 -31.98
CA GLU B 408 -28.31 -49.00 -31.22
C GLU B 408 -27.88 -50.14 -32.14
N GLU B 409 -28.42 -50.14 -33.35
CA GLU B 409 -28.10 -51.16 -34.33
C GLU B 409 -26.63 -51.14 -34.73
N VAL B 410 -26.10 -49.95 -35.05
CA VAL B 410 -24.76 -49.84 -35.63
C VAL B 410 -23.65 -50.12 -34.60
N VAL B 411 -23.92 -49.81 -33.33
CA VAL B 411 -23.03 -50.17 -32.22
C VAL B 411 -22.86 -51.69 -32.12
N GLY B 412 -23.98 -52.41 -32.18
CA GLY B 412 -23.95 -53.87 -32.16
C GLY B 412 -23.19 -54.48 -33.33
N ARG B 413 -23.45 -53.97 -34.54
CA ARG B 413 -22.80 -54.50 -35.75
C ARG B 413 -21.32 -54.10 -35.84
N ALA B 414 -21.00 -52.88 -35.44
CA ALA B 414 -19.63 -52.39 -35.47
C ALA B 414 -18.72 -53.15 -34.51
N ASN B 415 -19.23 -53.44 -33.33
CA ASN B 415 -18.44 -54.15 -32.30
C ASN B 415 -18.39 -55.65 -32.49
N ASN B 416 -19.31 -56.20 -33.28
CA ASN B 416 -19.37 -57.64 -33.53
C ASN B 416 -18.23 -58.05 -34.47
N SER B 417 -17.05 -58.16 -33.89
CA SER B 417 -15.83 -58.41 -34.63
C SER B 417 -14.71 -58.76 -33.64
N THR B 418 -13.78 -59.60 -34.08
CA THR B 418 -12.62 -59.97 -33.28
C THR B 418 -11.53 -58.89 -33.34
N TYR B 419 -11.70 -57.96 -34.26
CA TYR B 419 -10.81 -56.81 -34.40
C TYR B 419 -11.35 -55.61 -33.62
N GLY B 420 -10.46 -54.70 -33.28
CA GLY B 420 -10.84 -53.46 -32.59
C GLY B 420 -9.69 -52.48 -32.51
N LEU B 421 -9.08 -52.20 -33.66
CA LEU B 421 -7.96 -51.28 -33.72
C LEU B 421 -8.47 -49.83 -33.68
N ALA B 422 -9.45 -49.52 -34.53
CA ALA B 422 -9.96 -48.17 -34.66
C ALA B 422 -11.41 -48.11 -35.10
N ALA B 423 -11.97 -46.90 -35.07
CA ALA B 423 -13.31 -46.65 -35.56
C ALA B 423 -13.51 -45.15 -35.76
N ALA B 424 -14.59 -44.80 -36.46
CA ALA B 424 -14.92 -43.40 -36.66
C ALA B 424 -16.42 -43.13 -36.60
N VAL B 425 -16.73 -41.91 -36.19
CA VAL B 425 -18.09 -41.41 -36.10
C VAL B 425 -18.17 -40.07 -36.83
N PHE B 426 -19.15 -39.93 -37.72
CA PHE B 426 -19.42 -38.67 -38.40
C PHE B 426 -20.82 -38.17 -38.05
N THR B 427 -20.88 -37.07 -37.31
CA THR B 427 -22.13 -36.50 -36.82
C THR B 427 -21.92 -35.07 -36.30
N LYS B 428 -22.92 -34.22 -36.47
CA LYS B 428 -22.89 -32.87 -35.89
C LYS B 428 -23.40 -32.84 -34.46
N ASP B 429 -24.00 -33.93 -34.01
CA ASP B 429 -24.67 -33.96 -32.72
C ASP B 429 -23.73 -34.36 -31.59
N LEU B 430 -23.72 -33.54 -30.54
CA LEU B 430 -22.89 -33.76 -29.36
C LEU B 430 -23.17 -35.10 -28.68
N ASP B 431 -24.43 -35.37 -28.38
CA ASP B 431 -24.82 -36.61 -27.70
C ASP B 431 -24.51 -37.85 -28.54
N LYS B 432 -24.76 -37.78 -29.85
CA LYS B 432 -24.44 -38.92 -30.73
C LYS B 432 -22.96 -39.25 -30.70
N ALA B 433 -22.12 -38.21 -30.74
CA ALA B 433 -20.66 -38.37 -30.75
C ALA B 433 -20.14 -39.00 -29.45
N ASN B 434 -20.66 -38.53 -28.31
CA ASN B 434 -20.27 -39.10 -27.03
C ASN B 434 -20.84 -40.50 -26.84
N TYR B 435 -22.10 -40.71 -27.22
CA TYR B 435 -22.72 -42.05 -27.17
C TYR B 435 -21.88 -43.08 -27.90
N LEU B 436 -21.42 -42.74 -29.11
CA LEU B 436 -20.69 -43.69 -29.94
C LEU B 436 -19.24 -43.91 -29.53
N SER B 437 -18.47 -42.84 -29.38
CA SER B 437 -17.05 -43.00 -29.01
C SER B 437 -16.91 -43.76 -27.69
N GLN B 438 -17.96 -43.67 -26.88
CA GLN B 438 -18.05 -44.40 -25.62
C GLN B 438 -18.31 -45.88 -25.84
N ALA B 439 -19.26 -46.18 -26.72
CA ALA B 439 -19.78 -47.53 -26.89
C ALA B 439 -18.92 -48.41 -27.83
N LEU B 440 -18.17 -47.77 -28.72
CA LEU B 440 -17.35 -48.52 -29.68
C LEU B 440 -16.12 -49.14 -29.01
N GLN B 441 -15.89 -50.41 -29.29
CA GLN B 441 -14.78 -51.16 -28.70
C GLN B 441 -13.59 -51.11 -29.64
N ALA B 442 -12.81 -50.05 -29.50
CA ALA B 442 -11.69 -49.77 -30.39
C ALA B 442 -10.66 -48.93 -29.67
N GLY B 443 -9.39 -49.10 -30.03
CA GLY B 443 -8.30 -48.37 -29.40
C GLY B 443 -8.35 -46.90 -29.68
N THR B 444 -8.71 -46.55 -30.91
CA THR B 444 -8.89 -45.16 -31.31
C THR B 444 -10.25 -44.95 -31.96
N VAL B 445 -10.95 -43.91 -31.53
CA VAL B 445 -12.18 -43.49 -32.17
C VAL B 445 -12.03 -42.05 -32.63
N TRP B 446 -12.05 -41.87 -33.95
CA TRP B 446 -12.03 -40.54 -34.55
C TRP B 446 -13.46 -40.01 -34.71
N VAL B 447 -13.64 -38.74 -34.37
CA VAL B 447 -14.94 -38.08 -34.51
C VAL B 447 -14.79 -36.95 -35.52
N ASN B 448 -15.54 -37.07 -36.62
CA ASN B 448 -15.50 -36.09 -37.71
C ASN B 448 -14.14 -35.97 -38.40
N CYS B 449 -13.38 -37.06 -38.36
CA CYS B 449 -12.08 -37.17 -38.99
C CYS B 449 -11.70 -38.65 -39.06
N TYR B 450 -10.54 -38.94 -39.64
CA TYR B 450 -10.05 -40.31 -39.77
C TYR B 450 -8.55 -40.32 -40.02
N ASP B 451 -7.88 -41.37 -39.56
CA ASP B 451 -6.43 -41.54 -39.70
C ASP B 451 -5.65 -40.35 -39.17
N VAL B 452 -6.14 -39.72 -38.11
CA VAL B 452 -5.41 -38.63 -37.47
C VAL B 452 -4.52 -39.25 -36.40
N PHE B 453 -3.24 -39.35 -36.71
CA PHE B 453 -2.26 -39.86 -35.77
C PHE B 453 -1.40 -38.72 -35.26
N GLY B 454 -1.19 -38.72 -33.95
CA GLY B 454 -0.25 -37.80 -33.33
C GLY B 454 0.65 -38.56 -32.39
N ALA B 455 1.93 -38.19 -32.37
CA ALA B 455 2.92 -38.82 -31.50
C ALA B 455 2.53 -38.72 -30.03
N GLN B 456 1.75 -37.71 -29.70
CA GLN B 456 1.33 -37.47 -28.32
C GLN B 456 0.19 -38.42 -27.91
N SER B 457 -0.53 -38.97 -28.89
CA SER B 457 -1.76 -39.73 -28.66
C SER B 457 -1.55 -41.22 -28.86
N PRO B 458 -1.83 -42.05 -27.82
CA PRO B 458 -1.53 -43.47 -27.95
C PRO B 458 -2.41 -44.19 -28.98
N PHE B 459 -1.90 -45.30 -29.50
CA PHE B 459 -2.55 -46.05 -30.56
C PHE B 459 -2.28 -47.54 -30.37
N GLY B 460 -3.31 -48.35 -30.58
CA GLY B 460 -3.20 -49.80 -30.38
C GLY B 460 -4.57 -50.41 -30.33
N GLY B 461 -4.64 -51.73 -30.31
CA GLY B 461 -5.91 -52.44 -30.51
C GLY B 461 -6.62 -52.96 -29.28
N TYR B 462 -7.95 -53.06 -29.39
CA TYR B 462 -8.76 -53.86 -28.49
C TYR B 462 -8.79 -55.26 -29.08
N LYS B 463 -9.24 -56.22 -28.28
CA LYS B 463 -9.44 -57.60 -28.73
C LYS B 463 -8.18 -58.15 -29.43
N MET B 464 -8.34 -58.71 -30.63
CA MET B 464 -7.24 -59.36 -31.33
C MET B 464 -6.56 -58.44 -32.36
N SER B 465 -6.79 -57.14 -32.24
CA SER B 465 -6.03 -56.15 -33.01
C SER B 465 -4.71 -55.81 -32.30
N GLY B 466 -4.56 -56.29 -31.06
CA GLY B 466 -3.31 -56.13 -30.35
C GLY B 466 -3.39 -56.03 -28.84
N SER B 467 -2.24 -55.72 -28.25
CA SER B 467 -2.10 -55.49 -26.82
C SER B 467 -0.96 -54.50 -26.62
N GLY B 468 -1.11 -53.59 -25.66
CA GLY B 468 -0.15 -52.53 -25.46
C GLY B 468 -0.47 -51.34 -26.34
N ARG B 469 0.22 -50.23 -26.11
CA ARG B 469 0.01 -49.03 -26.91
C ARG B 469 1.34 -48.45 -27.34
N GLU B 470 1.37 -47.91 -28.56
CA GLU B 470 2.52 -47.13 -29.03
C GLU B 470 2.14 -45.65 -29.10
N LEU B 471 3.16 -44.80 -29.12
CA LEU B 471 3.01 -43.34 -29.10
C LEU B 471 2.49 -42.83 -27.75
N GLY B 472 2.66 -41.53 -27.52
CA GLY B 472 2.29 -40.90 -26.26
C GLY B 472 3.17 -41.33 -25.10
N GLU B 473 2.78 -40.94 -23.89
CA GLU B 473 3.46 -41.40 -22.68
C GLU B 473 3.34 -42.92 -22.54
N TYR B 474 2.19 -43.45 -22.97
CA TYR B 474 1.86 -44.86 -22.88
C TYR B 474 2.86 -45.77 -23.62
N GLY B 475 3.52 -45.24 -24.65
CA GLY B 475 4.50 -46.00 -25.41
C GLY B 475 5.76 -46.36 -24.64
N LEU B 476 6.02 -45.65 -23.54
CA LEU B 476 7.21 -45.89 -22.73
C LEU B 476 6.99 -47.02 -21.74
N GLN B 477 5.72 -47.30 -21.43
CA GLN B 477 5.37 -48.30 -20.42
C GLN B 477 5.93 -49.68 -20.70
N ALA B 478 5.83 -50.13 -21.95
CA ALA B 478 6.32 -51.46 -22.32
C ALA B 478 7.84 -51.54 -22.45
N TYR B 479 8.52 -50.40 -22.45
CA TYR B 479 9.99 -50.35 -22.55
C TYR B 479 10.67 -50.03 -21.23
N THR B 480 9.90 -50.14 -20.15
CA THR B 480 10.37 -49.83 -18.81
C THR B 480 10.16 -51.04 -17.92
N GLU B 481 11.18 -51.37 -17.14
CA GLU B 481 11.05 -52.34 -16.04
C GLU B 481 11.08 -51.56 -14.73
N VAL B 482 10.13 -51.87 -13.85
CA VAL B 482 9.94 -51.11 -12.61
C VAL B 482 10.64 -51.80 -11.44
N LYS B 483 11.48 -51.05 -10.72
CA LYS B 483 12.17 -51.56 -9.54
C LYS B 483 11.77 -50.75 -8.32
N THR B 484 11.19 -51.42 -7.33
CA THR B 484 10.91 -50.81 -6.05
C THR B 484 12.18 -50.94 -5.20
N VAL B 485 12.62 -49.84 -4.60
CA VAL B 485 13.66 -49.89 -3.58
C VAL B 485 13.04 -49.43 -2.27
N THR B 486 13.09 -50.28 -1.25
CA THR B 486 12.50 -49.97 0.06
C THR B 486 13.59 -50.00 1.15
N VAL B 487 13.79 -48.85 1.79
CA VAL B 487 14.89 -48.63 2.72
C VAL B 487 14.38 -48.39 4.14
N LYS B 488 14.90 -49.15 5.11
CA LYS B 488 14.61 -48.88 6.52
C LYS B 488 15.21 -47.52 6.90
N VAL B 489 14.43 -46.70 7.61
CA VAL B 489 14.91 -45.40 8.08
C VAL B 489 14.66 -45.26 9.57
N PRO B 490 15.44 -44.41 10.25
CA PRO B 490 15.29 -44.30 11.70
C PRO B 490 13.89 -43.94 12.16
N GLN B 491 13.27 -42.96 11.52
CA GLN B 491 11.90 -42.58 11.84
C GLN B 491 11.26 -41.84 10.68
N LYS B 492 10.19 -42.42 10.14
CA LYS B 492 9.44 -41.84 9.03
C LYS B 492 8.54 -40.72 9.52
N ASN B 493 8.57 -39.59 8.81
CA ASN B 493 7.65 -38.49 9.04
C ASN B 493 7.06 -38.07 7.70
N SER B 494 5.90 -37.43 7.75
CA SER B 494 5.26 -36.91 6.54
C SER B 494 6.13 -35.82 5.94
N ALA C 1 -35.90 -39.30 -0.30
CA ALA C 1 -35.84 -39.98 1.03
C ALA C 1 -35.21 -39.08 2.11
N VAL C 2 -36.05 -38.34 2.83
CA VAL C 2 -35.59 -37.41 3.86
C VAL C 2 -36.33 -37.68 5.18
N PRO C 3 -35.59 -38.03 6.24
CA PRO C 3 -36.25 -38.27 7.53
C PRO C 3 -36.74 -36.96 8.16
N ALA C 4 -37.71 -37.07 9.06
CA ALA C 4 -38.35 -35.92 9.71
C ALA C 4 -37.33 -35.09 10.48
N PRO C 5 -37.31 -33.77 10.24
CA PRO C 5 -36.34 -32.90 10.91
C PRO C 5 -36.74 -32.55 12.34
N ASN C 6 -35.76 -32.56 13.24
CA ASN C 6 -35.87 -31.85 14.50
C ASN C 6 -35.65 -30.38 14.18
N GLN C 7 -36.74 -29.61 14.16
CA GLN C 7 -36.72 -28.23 13.65
C GLN C 7 -36.09 -27.21 14.61
N GLN C 8 -35.82 -27.62 15.84
CA GLN C 8 -35.16 -26.76 16.81
C GLN C 8 -34.01 -27.51 17.46
N PRO C 9 -33.00 -27.87 16.66
CA PRO C 9 -31.92 -28.74 17.12
C PRO C 9 -31.10 -28.07 18.22
N GLU C 10 -30.74 -28.85 19.23
CA GLU C 10 -29.97 -28.36 20.37
C GLU C 10 -28.55 -28.00 19.93
N VAL C 11 -28.01 -26.92 20.46
CA VAL C 11 -26.65 -26.50 20.16
C VAL C 11 -25.72 -26.96 21.29
N PHE C 12 -24.79 -27.85 20.95
CA PHE C 12 -23.85 -28.40 21.93
C PHE C 12 -22.51 -27.65 21.93
N CYS C 13 -22.08 -27.20 20.77
CA CYS C 13 -20.75 -26.59 20.61
C CYS C 13 -20.87 -25.14 20.17
N ASN C 14 -20.31 -24.23 20.96
CA ASN C 14 -20.39 -22.80 20.65
C ASN C 14 -19.17 -22.03 21.16
N GLN C 15 -18.03 -22.72 21.23
CA GLN C 15 -16.80 -22.17 21.78
C GLN C 15 -15.66 -22.25 20.76
N ILE C 16 -14.45 -21.89 21.19
CA ILE C 16 -13.25 -22.02 20.38
C ILE C 16 -12.66 -23.42 20.57
N PHE C 17 -12.31 -24.08 19.47
CA PHE C 17 -11.80 -25.46 19.49
C PHE C 17 -10.29 -25.48 19.32
N ILE C 18 -9.57 -25.77 20.41
CA ILE C 18 -8.11 -25.86 20.39
C ILE C 18 -7.65 -27.10 21.15
N ASN C 19 -6.74 -27.87 20.53
CA ASN C 19 -6.18 -29.10 21.13
C ASN C 19 -7.24 -30.09 21.58
N ASN C 20 -8.29 -30.25 20.76
CA ASN C 20 -9.42 -31.13 21.05
C ASN C 20 -10.13 -30.80 22.37
N GLU C 21 -10.16 -29.52 22.71
CA GLU C 21 -10.89 -29.04 23.87
C GLU C 21 -11.55 -27.71 23.56
N TRP C 22 -12.54 -27.36 24.35
CA TRP C 22 -13.36 -26.17 24.12
C TRP C 22 -12.91 -25.03 24.99
N HIS C 23 -12.85 -23.83 24.41
CA HIS C 23 -12.32 -22.65 25.09
C HIS C 23 -13.23 -21.46 24.92
N ASP C 24 -13.48 -20.72 26.02
CA ASP C 24 -14.02 -19.37 25.90
C ASP C 24 -12.96 -18.49 25.27
N ALA C 25 -13.38 -17.39 24.66
CA ALA C 25 -12.42 -16.40 24.19
C ALA C 25 -11.64 -15.87 25.39
N VAL C 26 -10.38 -15.51 25.17
CA VAL C 26 -9.56 -14.91 26.25
C VAL C 26 -10.25 -13.65 26.80
N SER C 27 -10.85 -12.87 25.92
CA SER C 27 -11.63 -11.68 26.32
C SER C 27 -13.00 -12.01 26.94
N ARG C 28 -13.46 -13.25 26.79
CA ARG C 28 -14.78 -13.69 27.25
C ARG C 28 -15.96 -13.17 26.40
N LYS C 29 -15.68 -12.35 25.39
CA LYS C 29 -16.71 -11.78 24.54
C LYS C 29 -17.40 -12.87 23.72
N THR C 30 -18.71 -12.74 23.55
CA THR C 30 -19.46 -13.60 22.64
C THR C 30 -20.26 -12.75 21.65
N PHE C 31 -20.61 -13.35 20.53
CA PHE C 31 -21.47 -12.71 19.53
C PHE C 31 -22.68 -13.59 19.26
N PRO C 32 -23.80 -12.99 18.86
CA PRO C 32 -25.00 -13.78 18.54
C PRO C 32 -24.94 -14.34 17.12
N THR C 33 -25.48 -15.54 16.92
CA THR C 33 -25.77 -16.03 15.59
C THR C 33 -27.28 -16.18 15.44
N VAL C 34 -27.76 -15.83 14.24
CA VAL C 34 -29.18 -15.61 14.00
C VAL C 34 -29.78 -16.70 13.12
N ASN C 35 -31.02 -17.07 13.43
CA ASN C 35 -31.86 -17.89 12.57
C ASN C 35 -32.42 -16.93 11.51
N PRO C 36 -31.94 -17.05 10.25
CA PRO C 36 -32.36 -16.06 9.26
C PRO C 36 -33.82 -16.16 8.80
N SER C 37 -34.51 -17.25 9.14
CA SER C 37 -35.94 -17.38 8.83
C SER C 37 -36.83 -16.61 9.79
N THR C 38 -36.29 -16.23 10.95
CA THR C 38 -37.03 -15.48 11.97
C THR C 38 -36.39 -14.15 12.36
N GLY C 39 -35.07 -14.05 12.23
CA GLY C 39 -34.33 -12.88 12.68
C GLY C 39 -33.97 -12.93 14.14
N GLU C 40 -34.22 -14.06 14.80
CA GLU C 40 -33.92 -14.23 16.22
C GLU C 40 -32.62 -14.98 16.42
N VAL C 41 -32.01 -14.74 17.57
CA VAL C 41 -30.73 -15.34 17.94
C VAL C 41 -30.96 -16.80 18.33
N ILE C 42 -30.12 -17.69 17.80
CA ILE C 42 -30.16 -19.10 18.17
C ILE C 42 -29.39 -19.26 19.47
N CYS C 43 -28.15 -18.77 19.49
CA CYS C 43 -27.32 -18.77 20.70
C CYS C 43 -26.17 -17.78 20.58
N GLN C 44 -25.39 -17.66 21.67
CA GLN C 44 -24.16 -16.87 21.66
C GLN C 44 -22.99 -17.78 21.31
N VAL C 45 -21.99 -17.20 20.64
CA VAL C 45 -20.78 -17.94 20.27
C VAL C 45 -19.56 -17.14 20.69
N ALA C 46 -18.55 -17.84 21.20
CA ALA C 46 -17.29 -17.21 21.61
C ALA C 46 -16.67 -16.41 20.47
N GLU C 47 -16.35 -15.14 20.75
CA GLU C 47 -15.76 -14.25 19.75
C GLU C 47 -14.25 -14.37 19.78
N GLY C 48 -13.73 -15.28 18.96
CA GLY C 48 -12.28 -15.46 18.84
C GLY C 48 -11.63 -14.24 18.21
N ASP C 49 -10.44 -13.90 18.71
CA ASP C 49 -9.68 -12.75 18.23
C ASP C 49 -8.19 -13.13 18.14
N LYS C 50 -7.34 -12.13 17.87
CA LYS C 50 -5.90 -12.30 17.70
C LYS C 50 -5.24 -13.21 18.74
N GLU C 51 -5.58 -13.01 20.02
CA GLU C 51 -5.02 -13.81 21.11
C GLU C 51 -5.38 -15.29 21.01
N ASP C 52 -6.63 -15.56 20.60
CA ASP C 52 -7.13 -16.92 20.45
C ASP C 52 -6.50 -17.60 19.23
N VAL C 53 -6.40 -16.85 18.13
CA VAL C 53 -5.71 -17.32 16.93
C VAL C 53 -4.25 -17.63 17.25
N ASP C 54 -3.62 -16.82 18.12
CA ASP C 54 -2.23 -17.10 18.54
C ASP C 54 -2.11 -18.44 19.27
N LYS C 55 -3.08 -18.76 20.13
CA LYS C 55 -3.08 -20.04 20.84
C LYS C 55 -3.34 -21.22 19.88
N ALA C 56 -4.29 -21.04 18.96
CA ALA C 56 -4.59 -22.08 17.96
C ALA C 56 -3.39 -22.41 17.07
N VAL C 57 -2.66 -21.37 16.66
CA VAL C 57 -1.49 -21.56 15.80
C VAL C 57 -0.36 -22.26 16.57
N LYS C 58 -0.18 -21.91 17.84
CA LYS C 58 0.84 -22.57 18.68
C LYS C 58 0.52 -24.06 18.89
N ALA C 59 -0.76 -24.37 19.01
CA ALA C 59 -1.22 -25.76 19.12
C ALA C 59 -1.02 -26.50 17.80
N ALA C 60 -1.33 -25.83 16.70
CA ALA C 60 -1.07 -26.39 15.36
C ALA C 60 0.41 -26.66 15.14
N ARG C 61 1.24 -25.66 15.43
CA ARG C 61 2.69 -25.83 15.33
C ARG C 61 3.19 -27.01 16.18
N ALA C 62 2.65 -27.18 17.38
CA ALA C 62 3.07 -28.28 18.27
C ALA C 62 2.68 -29.63 17.70
N ALA C 63 1.45 -29.74 17.20
CA ALA C 63 0.99 -30.99 16.58
C ALA C 63 1.73 -31.30 15.27
N PHE C 64 2.37 -30.30 14.67
CA PHE C 64 3.12 -30.47 13.43
C PHE C 64 4.63 -30.73 13.67
N GLN C 65 5.09 -30.64 14.92
CA GLN C 65 6.51 -30.88 15.20
C GLN C 65 6.92 -32.26 14.74
N LEU C 66 8.15 -32.36 14.24
CA LEU C 66 8.70 -33.61 13.75
C LEU C 66 8.73 -34.65 14.87
N GLY C 67 8.17 -35.83 14.61
CA GLY C 67 8.12 -36.90 15.60
C GLY C 67 6.85 -36.89 16.44
N SER C 68 5.92 -35.99 16.11
CA SER C 68 4.61 -35.97 16.76
C SER C 68 3.75 -37.12 16.24
N PRO C 69 2.67 -37.44 16.97
CA PRO C 69 1.77 -38.48 16.46
C PRO C 69 1.28 -38.22 15.03
N TRP C 70 0.93 -36.97 14.73
CA TRP C 70 0.41 -36.61 13.42
C TRP C 70 1.45 -36.74 12.31
N ARG C 71 2.67 -36.29 12.58
CA ARG C 71 3.75 -36.39 11.61
C ARG C 71 4.20 -37.84 11.37
N ARG C 72 4.28 -38.65 12.42
CA ARG C 72 4.74 -40.04 12.30
C ARG C 72 3.68 -41.00 11.76
N MET C 73 2.41 -40.58 11.81
CA MET C 73 1.29 -41.42 11.42
C MET C 73 1.41 -41.89 9.96
N ASP C 74 1.11 -43.16 9.73
CA ASP C 74 1.11 -43.68 8.36
C ASP C 74 0.17 -42.85 7.49
N ALA C 75 0.58 -42.60 6.25
CA ALA C 75 -0.28 -41.88 5.31
C ALA C 75 -1.63 -42.59 5.18
N SER C 76 -1.60 -43.92 5.05
CA SER C 76 -2.83 -44.70 4.94
C SER C 76 -3.75 -44.54 6.16
N HIS C 77 -3.16 -44.28 7.32
CA HIS C 77 -3.97 -44.11 8.53
C HIS C 77 -4.64 -42.73 8.58
N ARG C 78 -4.01 -41.72 7.99
CA ARG C 78 -4.67 -40.42 7.81
C ARG C 78 -5.97 -40.60 7.03
N GLY C 79 -5.93 -41.47 6.02
CA GLY C 79 -7.11 -41.79 5.21
C GLY C 79 -8.20 -42.46 6.01
N ARG C 80 -7.81 -43.44 6.83
CA ARG C 80 -8.72 -44.13 7.72
C ARG C 80 -9.46 -43.16 8.66
N LEU C 81 -8.75 -42.15 9.17
CA LEU C 81 -9.37 -41.15 10.04
C LEU C 81 -10.36 -40.27 9.31
N LEU C 82 -10.07 -39.96 8.04
CA LEU C 82 -10.99 -39.19 7.21
C LEU C 82 -12.28 -39.95 6.93
N ASN C 83 -12.16 -41.25 6.62
CA ASN C 83 -13.33 -42.12 6.43
C ASN C 83 -14.11 -42.32 7.72
N ARG C 84 -13.40 -42.38 8.84
CA ARG C 84 -14.04 -42.46 10.16
C ARG C 84 -14.82 -41.17 10.45
N LEU C 85 -14.19 -40.02 10.19
CA LEU C 85 -14.87 -38.73 10.33
C LEU C 85 -16.14 -38.68 9.47
N ALA C 86 -16.07 -39.22 8.26
CA ALA C 86 -17.21 -39.25 7.35
C ALA C 86 -18.35 -40.12 7.88
N ASP C 87 -18.02 -41.31 8.36
CA ASP C 87 -18.99 -42.19 9.01
C ASP C 87 -19.68 -41.48 10.19
N LEU C 88 -18.92 -40.75 11.00
CA LEU C 88 -19.48 -40.01 12.13
C LEU C 88 -20.38 -38.87 11.68
N ILE C 89 -20.03 -38.21 10.58
CA ILE C 89 -20.90 -37.20 10.00
C ILE C 89 -22.17 -37.87 9.48
N GLU C 90 -22.01 -39.00 8.80
CA GLU C 90 -23.15 -39.75 8.30
C GLU C 90 -24.05 -40.22 9.44
N ARG C 91 -23.46 -40.70 10.53
CA ARG C 91 -24.24 -41.08 11.71
C ARG C 91 -25.13 -39.93 12.17
N ASP C 92 -24.55 -38.73 12.29
CA ASP C 92 -25.28 -37.55 12.77
C ASP C 92 -25.83 -36.68 11.65
N ARG C 93 -26.10 -37.29 10.50
CA ARG C 93 -26.47 -36.56 9.29
C ARG C 93 -27.75 -35.74 9.44
N THR C 94 -28.75 -36.32 10.09
CA THR C 94 -30.07 -35.70 10.24
C THR C 94 -29.97 -34.45 11.12
N TYR C 95 -29.23 -34.58 12.21
CA TYR C 95 -28.96 -33.45 13.09
C TYR C 95 -28.22 -32.33 12.36
N LEU C 96 -27.16 -32.70 11.64
CA LEU C 96 -26.31 -31.71 10.97
C LEU C 96 -27.05 -30.94 9.90
N ALA C 97 -27.90 -31.64 9.15
CA ALA C 97 -28.74 -31.00 8.15
C ALA C 97 -29.69 -29.99 8.79
N ALA C 98 -30.34 -30.38 9.89
CA ALA C 98 -31.25 -29.49 10.60
C ALA C 98 -30.51 -28.28 11.17
N LEU C 99 -29.37 -28.51 11.80
CA LEU C 99 -28.55 -27.40 12.32
C LEU C 99 -28.05 -26.48 11.21
N GLU C 100 -27.67 -27.06 10.07
CA GLU C 100 -27.24 -26.26 8.92
C GLU C 100 -28.35 -25.33 8.46
N THR C 101 -29.56 -25.88 8.32
CA THR C 101 -30.75 -25.12 7.92
C THR C 101 -31.10 -24.03 8.94
N LEU C 102 -30.93 -24.32 10.22
CA LEU C 102 -31.27 -23.39 11.29
C LEU C 102 -30.44 -22.11 11.22
N ASP C 103 -29.14 -22.26 10.97
CA ASP C 103 -28.18 -21.18 11.06
C ASP C 103 -28.02 -20.46 9.71
N ASN C 104 -28.16 -21.21 8.62
CA ASN C 104 -27.92 -20.72 7.25
C ASN C 104 -29.22 -20.30 6.55
N GLY C 105 -30.26 -21.13 6.68
CA GLY C 105 -31.57 -20.84 6.10
C GLY C 105 -31.96 -21.67 4.88
N LYS C 106 -31.02 -22.43 4.32
CA LYS C 106 -31.31 -23.26 3.14
C LYS C 106 -32.32 -24.36 3.50
N PRO C 107 -33.16 -24.78 2.53
CA PRO C 107 -34.16 -25.81 2.84
C PRO C 107 -33.53 -27.09 3.40
N TYR C 108 -34.16 -27.65 4.43
CA TYR C 108 -33.63 -28.84 5.10
C TYR C 108 -33.48 -30.03 4.14
N VAL C 109 -34.36 -30.14 3.16
CA VAL C 109 -34.28 -31.19 2.15
C VAL C 109 -32.98 -31.04 1.33
N ILE C 110 -32.67 -29.80 0.94
CA ILE C 110 -31.45 -29.53 0.18
C ILE C 110 -30.25 -29.78 1.08
N SER C 111 -30.32 -29.26 2.30
CA SER C 111 -29.29 -29.49 3.30
C SER C 111 -28.97 -30.98 3.51
N TYR C 112 -30.01 -31.81 3.56
CA TYR C 112 -29.84 -33.24 3.78
C TYR C 112 -29.31 -33.95 2.54
N LEU C 113 -30.03 -33.82 1.43
CA LEU C 113 -29.73 -34.58 0.22
C LEU C 113 -28.55 -34.03 -0.59
N VAL C 114 -28.27 -32.74 -0.48
CA VAL C 114 -27.22 -32.12 -1.29
C VAL C 114 -25.98 -31.82 -0.46
N ASP C 115 -26.09 -30.91 0.52
CA ASP C 115 -24.91 -30.44 1.27
C ASP C 115 -24.18 -31.54 2.04
N LEU C 116 -24.92 -32.38 2.76
CA LEU C 116 -24.28 -33.46 3.52
C LEU C 116 -23.79 -34.60 2.65
N ASP C 117 -24.52 -34.89 1.57
CA ASP C 117 -24.07 -35.87 0.59
C ASP C 117 -22.72 -35.46 0.02
N MET C 118 -22.58 -34.18 -0.30
CA MET C 118 -21.35 -33.66 -0.88
C MET C 118 -20.23 -33.59 0.14
N VAL C 119 -20.57 -33.31 1.40
CA VAL C 119 -19.60 -33.39 2.50
C VAL C 119 -19.01 -34.81 2.55
N LEU C 120 -19.90 -35.80 2.61
CA LEU C 120 -19.50 -37.19 2.72
C LEU C 120 -18.65 -37.63 1.53
N LYS C 121 -19.07 -37.26 0.32
CA LYS C 121 -18.32 -37.60 -0.90
C LYS C 121 -16.95 -36.91 -0.96
N CYS C 122 -16.87 -35.67 -0.50
CA CYS C 122 -15.62 -34.93 -0.50
C CYS C 122 -14.59 -35.59 0.43
N LEU C 123 -15.01 -35.87 1.67
CA LEU C 123 -14.13 -36.46 2.67
C LEU C 123 -13.65 -37.86 2.30
N ARG C 124 -14.56 -38.68 1.77
CA ARG C 124 -14.20 -40.02 1.34
C ARG C 124 -13.32 -40.01 0.10
N TYR C 125 -13.49 -39.00 -0.76
CA TYR C 125 -12.63 -38.86 -1.91
C TYR C 125 -11.19 -38.62 -1.46
N TYR C 126 -11.00 -37.68 -0.54
CA TYR C 126 -9.64 -37.31 -0.12
C TYR C 126 -8.98 -38.30 0.83
N ALA C 127 -9.79 -39.09 1.53
CA ALA C 127 -9.27 -40.18 2.33
C ALA C 127 -8.45 -41.07 1.41
N GLY C 128 -8.98 -41.30 0.21
CA GLY C 128 -8.30 -42.09 -0.81
C GLY C 128 -6.97 -41.52 -1.27
N TRP C 129 -6.82 -40.19 -1.22
CA TRP C 129 -5.60 -39.53 -1.71
C TRP C 129 -4.44 -39.57 -0.73
N ALA C 130 -4.72 -39.90 0.52
CA ALA C 130 -3.77 -39.75 1.62
C ALA C 130 -2.43 -40.44 1.35
N ASP C 131 -2.47 -41.62 0.73
CA ASP C 131 -1.28 -42.45 0.50
C ASP C 131 -0.98 -42.69 -0.98
N LYS C 132 -1.33 -41.72 -1.83
CA LYS C 132 -1.17 -41.83 -3.28
C LYS C 132 -0.54 -40.60 -3.96
N TYR C 133 -0.31 -39.50 -3.25
CA TYR C 133 0.22 -38.29 -3.89
C TYR C 133 1.75 -38.34 -3.96
N HIS C 134 2.23 -39.17 -4.87
CA HIS C 134 3.65 -39.51 -4.96
C HIS C 134 4.51 -38.33 -5.37
N GLY C 135 5.70 -38.26 -4.78
CA GLY C 135 6.79 -37.50 -5.38
C GLY C 135 7.40 -38.32 -6.51
N LYS C 136 8.57 -37.90 -6.99
CA LYS C 136 9.15 -38.45 -8.19
C LYS C 136 10.60 -38.85 -7.98
N THR C 137 11.07 -39.81 -8.76
CA THR C 137 12.50 -40.06 -8.89
C THR C 137 12.89 -39.57 -10.27
N ILE C 138 13.99 -38.83 -10.32
CA ILE C 138 14.27 -37.95 -11.44
C ILE C 138 15.62 -38.29 -12.08
N PRO C 139 15.63 -38.60 -13.39
CA PRO C 139 16.87 -38.97 -14.08
C PRO C 139 17.76 -37.76 -14.41
N ILE C 140 18.34 -37.17 -13.37
CA ILE C 140 19.20 -35.99 -13.48
C ILE C 140 20.55 -36.32 -14.15
N ASP C 141 21.20 -35.31 -14.73
CA ASP C 141 22.55 -35.48 -15.29
C ASP C 141 23.58 -35.83 -14.22
N GLY C 142 24.65 -36.50 -14.62
CA GLY C 142 25.77 -36.79 -13.72
C GLY C 142 25.53 -37.95 -12.76
N ASP C 143 26.53 -38.22 -11.94
CA ASP C 143 26.47 -39.34 -10.98
C ASP C 143 25.73 -38.93 -9.73
N PHE C 144 24.41 -38.86 -9.84
CA PHE C 144 23.56 -38.45 -8.73
C PHE C 144 22.25 -39.22 -8.76
N PHE C 145 21.65 -39.38 -7.59
CA PHE C 145 20.31 -39.93 -7.45
C PHE C 145 19.45 -38.77 -6.94
N SER C 146 18.49 -38.33 -7.75
CA SER C 146 17.63 -37.21 -7.39
C SER C 146 16.18 -37.65 -7.29
N TYR C 147 15.50 -37.16 -6.27
CA TYR C 147 14.09 -37.44 -6.07
C TYR C 147 13.41 -36.29 -5.33
N THR C 148 12.10 -36.33 -5.29
CA THR C 148 11.32 -35.33 -4.55
C THR C 148 10.46 -35.99 -3.49
N ARG C 149 10.39 -35.34 -2.34
CA ARG C 149 9.43 -35.66 -1.30
C ARG C 149 8.30 -34.63 -1.40
N HIS C 150 7.06 -35.11 -1.39
CA HIS C 150 5.91 -34.23 -1.26
C HIS C 150 5.57 -34.14 0.22
N GLU C 151 6.00 -33.06 0.86
CA GLU C 151 5.78 -32.83 2.28
C GLU C 151 4.58 -31.94 2.51
N PRO C 152 4.02 -31.95 3.73
CA PRO C 152 2.93 -31.03 4.03
C PRO C 152 3.42 -29.60 4.14
N VAL C 153 2.64 -28.65 3.64
CA VAL C 153 3.02 -27.24 3.67
C VAL C 153 3.14 -26.73 5.12
N GLY C 154 2.30 -27.25 6.01
CA GLY C 154 2.46 -27.00 7.42
C GLY C 154 1.20 -26.49 8.07
N VAL C 155 1.34 -25.37 8.78
CA VAL C 155 0.24 -24.76 9.50
C VAL C 155 -0.61 -23.96 8.52
N CYS C 156 -1.80 -24.47 8.24
CA CYS C 156 -2.69 -23.89 7.25
C CYS C 156 -3.85 -23.12 7.89
N GLY C 157 -3.96 -21.84 7.53
CA GLY C 157 -5.10 -21.02 7.94
C GLY C 157 -6.20 -21.09 6.90
N GLN C 158 -7.41 -21.49 7.31
CA GLN C 158 -8.50 -21.72 6.36
C GLN C 158 -9.75 -20.91 6.71
N ILE C 159 -10.12 -19.97 5.84
CA ILE C 159 -11.23 -19.04 6.09
C ILE C 159 -12.40 -19.36 5.16
N ILE C 160 -13.49 -19.85 5.73
CA ILE C 160 -14.64 -20.32 4.93
C ILE C 160 -15.86 -19.41 5.03
N PRO C 161 -16.65 -19.35 3.95
CA PRO C 161 -17.81 -18.47 3.88
C PRO C 161 -19.05 -19.12 4.50
N TRP C 162 -20.20 -18.47 4.33
CA TRP C 162 -21.43 -18.84 5.04
C TRP C 162 -22.50 -19.50 4.17
N ASN C 163 -22.31 -19.46 2.86
CA ASN C 163 -23.29 -20.00 1.92
C ASN C 163 -23.36 -21.53 1.90
N PHE C 164 -22.23 -22.18 2.12
CA PHE C 164 -22.16 -23.64 2.25
C PHE C 164 -21.25 -23.98 3.43
N PRO C 165 -21.77 -23.85 4.66
CA PRO C 165 -20.87 -23.92 5.84
C PRO C 165 -20.15 -25.23 6.01
N LEU C 166 -20.90 -26.34 6.01
CA LEU C 166 -20.32 -27.68 6.16
C LEU C 166 -19.52 -28.09 4.94
N LEU C 167 -20.06 -27.83 3.76
CA LEU C 167 -19.39 -28.27 2.53
C LEU C 167 -18.02 -27.61 2.37
N MET C 168 -17.97 -26.29 2.54
CA MET C 168 -16.71 -25.54 2.42
C MET C 168 -15.71 -25.95 3.48
N GLN C 169 -16.20 -26.39 4.64
CA GLN C 169 -15.36 -26.96 5.67
C GLN C 169 -14.72 -28.25 5.18
N ALA C 170 -15.51 -29.11 4.53
CA ALA C 170 -15.00 -30.36 3.98
C ALA C 170 -14.02 -30.12 2.85
N TRP C 171 -14.34 -29.20 1.95
CA TRP C 171 -13.46 -28.83 0.84
C TRP C 171 -12.05 -28.43 1.30
N LYS C 172 -11.95 -27.90 2.50
CA LYS C 172 -10.68 -27.42 3.04
C LYS C 172 -9.97 -28.52 3.81
N LEU C 173 -10.69 -29.19 4.71
CA LEU C 173 -10.10 -30.23 5.56
C LEU C 173 -9.66 -31.44 4.73
N GLY C 174 -10.52 -31.90 3.84
CA GLY C 174 -10.23 -33.03 2.95
C GLY C 174 -8.79 -33.08 2.46
N PRO C 175 -8.41 -32.12 1.59
CA PRO C 175 -7.05 -32.08 1.03
C PRO C 175 -5.95 -31.80 2.04
N ALA C 176 -6.21 -30.88 2.97
CA ALA C 176 -5.22 -30.50 3.97
C ALA C 176 -4.87 -31.66 4.89
N LEU C 177 -5.87 -32.44 5.29
CA LEU C 177 -5.65 -33.56 6.20
C LEU C 177 -5.10 -34.77 5.49
N ALA C 178 -5.63 -35.07 4.30
CA ALA C 178 -5.09 -36.14 3.47
C ALA C 178 -3.58 -36.00 3.31
N THR C 179 -3.09 -34.77 3.15
CA THR C 179 -1.66 -34.52 2.95
C THR C 179 -0.88 -34.28 4.25
N GLY C 180 -1.58 -34.38 5.37
CA GLY C 180 -0.95 -34.34 6.68
C GLY C 180 -0.57 -32.97 7.17
N ASN C 181 -1.32 -31.95 6.79
CA ASN C 181 -1.13 -30.61 7.35
C ASN C 181 -1.85 -30.48 8.69
N VAL C 182 -1.71 -29.34 9.33
CA VAL C 182 -2.51 -28.98 10.50
C VAL C 182 -3.24 -27.69 10.19
N VAL C 183 -4.39 -27.49 10.81
CA VAL C 183 -5.31 -26.44 10.42
C VAL C 183 -5.72 -25.53 11.57
N VAL C 184 -5.68 -24.22 11.31
CA VAL C 184 -6.42 -23.22 12.08
C VAL C 184 -7.51 -22.66 11.16
N MET C 185 -8.76 -23.07 11.39
CA MET C 185 -9.89 -22.70 10.53
C MET C 185 -10.72 -21.58 11.16
N LYS C 186 -11.09 -20.60 10.34
CA LYS C 186 -11.97 -19.51 10.75
C LYS C 186 -13.30 -19.71 10.06
N VAL C 187 -14.36 -19.85 10.85
CA VAL C 187 -15.69 -20.07 10.29
C VAL C 187 -16.47 -18.75 10.31
N ALA C 188 -17.53 -18.68 9.50
CA ALA C 188 -18.29 -17.45 9.32
C ALA C 188 -19.21 -17.15 10.51
N GLU C 189 -19.17 -15.91 10.98
CA GLU C 189 -20.02 -15.44 12.09
C GLU C 189 -21.51 -15.73 11.86
N GLN C 190 -21.95 -15.70 10.61
CA GLN C 190 -23.35 -15.96 10.28
C GLN C 190 -23.73 -17.45 10.39
N THR C 191 -22.73 -18.34 10.30
CA THR C 191 -22.96 -19.79 10.25
C THR C 191 -21.83 -20.62 10.90
N PRO C 192 -21.55 -20.41 12.20
CA PRO C 192 -20.43 -21.14 12.82
C PRO C 192 -20.78 -22.48 13.46
N LEU C 193 -22.07 -22.74 13.71
CA LEU C 193 -22.48 -23.84 14.58
C LEU C 193 -22.18 -25.24 14.06
N THR C 194 -22.45 -25.52 12.80
CA THR C 194 -22.21 -26.86 12.27
C THR C 194 -20.73 -27.22 12.26
N ALA C 195 -19.89 -26.26 11.88
CA ALA C 195 -18.43 -26.45 11.89
C ALA C 195 -17.89 -26.79 13.28
N LEU C 196 -18.46 -26.17 14.30
CA LEU C 196 -18.04 -26.43 15.68
C LEU C 196 -18.50 -27.83 16.12
N TYR C 197 -19.68 -28.26 15.68
CA TYR C 197 -20.13 -29.62 15.98
C TYR C 197 -19.23 -30.67 15.31
N VAL C 198 -18.83 -30.40 14.06
CA VAL C 198 -17.93 -31.31 13.35
C VAL C 198 -16.58 -31.43 14.08
N ALA C 199 -16.16 -30.37 14.74
CA ALA C 199 -14.96 -30.43 15.58
C ALA C 199 -15.10 -31.49 16.68
N ASN C 200 -16.29 -31.66 17.25
CA ASN C 200 -16.50 -32.76 18.22
C ASN C 200 -16.26 -34.10 17.56
N LEU C 201 -16.75 -34.26 16.34
CA LEU C 201 -16.58 -35.49 15.58
C LEU C 201 -15.11 -35.72 15.23
N ILE C 202 -14.39 -34.64 14.95
CA ILE C 202 -12.94 -34.72 14.69
C ILE C 202 -12.20 -35.32 15.88
N LYS C 203 -12.53 -34.87 17.09
CA LYS C 203 -11.96 -35.44 18.31
C LYS C 203 -12.34 -36.91 18.44
N GLU C 204 -13.63 -37.20 18.24
CA GLU C 204 -14.14 -38.57 18.34
C GLU C 204 -13.53 -39.49 17.29
N ALA C 205 -13.35 -38.99 16.07
CA ALA C 205 -12.76 -39.76 14.97
C ALA C 205 -11.37 -40.27 15.32
N GLY C 206 -10.63 -39.47 16.10
CA GLY C 206 -9.32 -39.86 16.60
C GLY C 206 -8.16 -38.98 16.16
N PHE C 207 -8.45 -37.85 15.53
CA PHE C 207 -7.38 -36.94 15.11
C PHE C 207 -6.64 -36.39 16.33
N PRO C 208 -5.30 -36.43 16.32
CA PRO C 208 -4.51 -35.92 17.45
C PRO C 208 -4.84 -34.46 17.80
N PRO C 209 -4.69 -34.08 19.08
CA PRO C 209 -4.96 -32.70 19.45
C PRO C 209 -4.02 -31.71 18.76
N GLY C 210 -4.59 -30.63 18.22
CA GLY C 210 -3.82 -29.59 17.56
C GLY C 210 -3.81 -29.68 16.05
N VAL C 211 -4.30 -30.79 15.51
CA VAL C 211 -4.34 -30.99 14.06
C VAL C 211 -5.44 -30.14 13.42
N VAL C 212 -6.59 -30.09 14.08
CA VAL C 212 -7.66 -29.20 13.65
C VAL C 212 -8.07 -28.29 14.80
N ASN C 213 -7.95 -26.98 14.55
CA ASN C 213 -8.36 -25.96 15.50
C ASN C 213 -9.31 -25.03 14.78
N ILE C 214 -10.40 -24.64 15.44
CA ILE C 214 -11.41 -23.78 14.85
C ILE C 214 -11.66 -22.56 15.72
N VAL C 215 -11.58 -21.37 15.10
CA VAL C 215 -11.78 -20.12 15.82
C VAL C 215 -12.95 -19.34 15.18
N PRO C 216 -14.15 -19.46 15.78
CA PRO C 216 -15.24 -18.61 15.30
C PRO C 216 -15.03 -17.16 15.75
N GLY C 217 -15.43 -16.21 14.91
CA GLY C 217 -15.26 -14.79 15.21
C GLY C 217 -15.49 -13.90 14.01
N PHE C 218 -15.02 -12.65 14.10
CA PHE C 218 -15.22 -11.66 13.05
C PHE C 218 -14.12 -11.71 11.98
N GLY C 219 -14.43 -11.21 10.78
CA GLY C 219 -13.49 -11.14 9.67
C GLY C 219 -12.27 -10.26 9.93
N PRO C 220 -12.47 -8.96 10.18
CA PRO C 220 -11.38 -7.99 10.43
C PRO C 220 -10.48 -8.25 11.65
N THR C 221 -10.93 -9.11 12.55
CA THR C 221 -10.15 -9.46 13.73
C THR C 221 -9.55 -10.87 13.60
N ALA C 222 -10.41 -11.88 13.64
CA ALA C 222 -9.95 -13.27 13.63
C ALA C 222 -9.42 -13.70 12.27
N GLY C 223 -10.06 -13.25 11.20
CA GLY C 223 -9.64 -13.56 9.84
C GLY C 223 -8.30 -12.95 9.53
N ALA C 224 -8.21 -11.63 9.69
CA ALA C 224 -6.96 -10.88 9.49
C ALA C 224 -5.80 -11.42 10.34
N ALA C 225 -6.12 -11.93 11.53
CA ALA C 225 -5.11 -12.46 12.44
C ALA C 225 -4.41 -13.68 11.86
N ILE C 226 -5.20 -14.57 11.27
CA ILE C 226 -4.66 -15.74 10.58
C ILE C 226 -3.80 -15.28 9.40
N ALA C 227 -4.41 -14.48 8.51
CA ALA C 227 -3.76 -14.01 7.28
C ALA C 227 -2.47 -13.23 7.51
N SER C 228 -2.37 -12.54 8.65
CA SER C 228 -1.15 -11.78 8.97
C SER C 228 -0.20 -12.52 9.92
N HIS C 229 -0.55 -13.74 10.33
CA HIS C 229 0.24 -14.46 11.34
C HIS C 229 1.61 -14.92 10.82
N GLU C 230 2.66 -14.67 11.61
CA GLU C 230 4.04 -14.94 11.21
C GLU C 230 4.44 -16.42 11.22
N ASP C 231 3.61 -17.26 11.83
CA ASP C 231 3.88 -18.70 11.89
C ASP C 231 2.83 -19.56 11.17
N VAL C 232 1.92 -18.92 10.45
CA VAL C 232 1.06 -19.63 9.51
C VAL C 232 1.79 -19.72 8.17
N ASP C 233 1.75 -20.90 7.55
CA ASP C 233 2.51 -21.18 6.33
C ASP C 233 1.71 -20.99 5.05
N LYS C 234 0.40 -21.15 5.16
CA LYS C 234 -0.48 -21.20 4.01
C LYS C 234 -1.89 -20.77 4.41
N VAL C 235 -2.50 -19.92 3.59
CA VAL C 235 -3.87 -19.50 3.80
C VAL C 235 -4.72 -19.86 2.58
N ALA C 236 -5.87 -20.48 2.83
CA ALA C 236 -6.89 -20.66 1.83
C ALA C 236 -8.08 -19.84 2.26
N PHE C 237 -8.53 -18.95 1.38
CA PHE C 237 -9.69 -18.10 1.65
C PHE C 237 -10.75 -18.30 0.57
N THR C 238 -11.99 -18.45 1.02
CA THR C 238 -13.14 -18.46 0.16
C THR C 238 -14.08 -17.34 0.63
N GLY C 239 -14.53 -16.50 -0.31
CA GLY C 239 -15.34 -15.34 0.01
C GLY C 239 -15.35 -14.30 -1.09
N SER C 240 -15.53 -13.04 -0.72
CA SER C 240 -15.60 -11.93 -1.69
C SER C 240 -14.23 -11.57 -2.27
N THR C 241 -14.23 -11.03 -3.48
CA THR C 241 -13.00 -10.60 -4.16
C THR C 241 -12.27 -9.49 -3.40
N GLU C 242 -13.02 -8.47 -2.97
CA GLU C 242 -12.46 -7.35 -2.20
C GLU C 242 -11.63 -7.84 -1.02
N ILE C 243 -12.18 -8.75 -0.24
CA ILE C 243 -11.47 -9.33 0.91
C ILE C 243 -10.38 -10.29 0.43
N GLY C 244 -10.60 -10.95 -0.70
CA GLY C 244 -9.54 -11.71 -1.37
C GLY C 244 -8.27 -10.88 -1.53
N ARG C 245 -8.45 -9.62 -1.93
CA ARG C 245 -7.33 -8.70 -2.13
C ARG C 245 -6.64 -8.36 -0.80
N VAL C 246 -7.44 -8.24 0.26
CA VAL C 246 -6.93 -7.98 1.61
C VAL C 246 -6.07 -9.16 2.10
N ILE C 247 -6.52 -10.37 1.81
CA ILE C 247 -5.79 -11.58 2.20
C ILE C 247 -4.42 -11.68 1.51
N GLN C 248 -4.37 -11.43 0.20
CA GLN C 248 -3.12 -11.54 -0.55
C GLN C 248 -2.13 -10.45 -0.11
N VAL C 249 -2.64 -9.26 0.21
CA VAL C 249 -1.82 -8.19 0.77
C VAL C 249 -1.28 -8.55 2.16
N ALA C 250 -2.12 -9.17 3.00
CA ALA C 250 -1.72 -9.56 4.36
C ALA C 250 -0.64 -10.65 4.33
N ALA C 251 -0.75 -11.58 3.39
CA ALA C 251 0.30 -12.59 3.18
C ALA C 251 1.62 -11.93 2.81
N GLY C 252 1.54 -10.99 1.87
CA GLY C 252 2.71 -10.28 1.37
C GLY C 252 3.42 -9.45 2.43
N SER C 253 2.63 -8.73 3.24
CA SER C 253 3.20 -7.84 4.25
C SER C 253 3.56 -8.53 5.58
N SER C 254 3.37 -9.85 5.67
CA SER C 254 3.82 -10.61 6.84
C SER C 254 4.97 -11.57 6.48
N ASN C 255 4.65 -12.86 6.32
CA ASN C 255 5.69 -13.88 6.17
C ASN C 255 5.67 -14.60 4.82
N LEU C 256 5.06 -13.99 3.80
CA LEU C 256 4.97 -14.60 2.47
C LEU C 256 4.34 -16.00 2.48
N LYS C 257 3.41 -16.23 3.42
CA LYS C 257 2.61 -17.46 3.42
C LYS C 257 1.98 -17.68 2.04
N ARG C 258 1.81 -18.95 1.65
CA ARG C 258 1.24 -19.28 0.35
C ARG C 258 -0.26 -19.02 0.39
N VAL C 259 -0.81 -18.52 -0.72
CA VAL C 259 -2.20 -18.09 -0.77
C VAL C 259 -2.96 -18.79 -1.89
N THR C 260 -4.16 -19.24 -1.57
CA THR C 260 -5.14 -19.68 -2.56
C THR C 260 -6.48 -19.02 -2.24
N LEU C 261 -7.20 -18.67 -3.29
CA LEU C 261 -8.39 -17.84 -3.16
C LEU C 261 -9.52 -18.41 -4.00
N GLU C 262 -10.70 -18.45 -3.40
CA GLU C 262 -11.91 -18.85 -4.09
C GLU C 262 -12.87 -17.67 -3.95
N LEU C 263 -13.02 -16.90 -5.01
CA LEU C 263 -13.68 -15.60 -4.91
C LEU C 263 -15.01 -15.60 -5.65
N GLY C 264 -15.56 -14.42 -5.91
CA GLY C 264 -16.88 -14.30 -6.51
C GLY C 264 -16.89 -14.49 -8.02
N GLY C 265 -18.05 -14.24 -8.61
CA GLY C 265 -18.24 -14.40 -10.05
C GLY C 265 -19.47 -13.69 -10.56
N LYS C 266 -19.54 -13.59 -11.88
CA LYS C 266 -20.74 -13.13 -12.58
C LYS C 266 -20.90 -14.04 -13.80
N SER C 267 -21.16 -15.31 -13.52
CA SER C 267 -21.02 -16.38 -14.51
C SER C 267 -22.09 -16.36 -15.60
N PRO C 268 -21.67 -16.51 -16.87
CA PRO C 268 -22.59 -16.54 -17.99
C PRO C 268 -23.13 -17.94 -18.30
N ASN C 269 -24.45 -18.03 -18.44
CA ASN C 269 -25.14 -19.26 -18.82
C ASN C 269 -25.67 -19.00 -20.23
N ILE C 270 -25.09 -19.68 -21.22
CA ILE C 270 -25.30 -19.37 -22.63
C ILE C 270 -26.22 -20.37 -23.32
N ILE C 271 -27.39 -19.91 -23.72
CA ILE C 271 -28.39 -20.75 -24.37
C ILE C 271 -28.38 -20.48 -25.87
N MET C 272 -27.80 -21.40 -26.62
CA MET C 272 -27.81 -21.33 -28.08
C MET C 272 -29.21 -21.67 -28.57
N SER C 273 -29.54 -21.26 -29.78
CA SER C 273 -30.87 -21.45 -30.33
C SER C 273 -31.24 -22.94 -30.53
N ASP C 274 -30.25 -23.81 -30.60
CA ASP C 274 -30.49 -25.24 -30.83
C ASP C 274 -30.47 -26.10 -29.55
N ALA C 275 -30.51 -25.45 -28.39
CA ALA C 275 -30.55 -26.16 -27.11
C ALA C 275 -31.92 -26.80 -26.86
N ASP C 276 -31.95 -27.80 -25.97
CA ASP C 276 -33.22 -28.35 -25.49
C ASP C 276 -33.86 -27.27 -24.60
N MET C 277 -35.05 -26.82 -24.98
CA MET C 277 -35.68 -25.66 -24.34
C MET C 277 -36.09 -25.93 -22.89
N ASP C 278 -36.84 -26.99 -22.67
CA ASP C 278 -37.35 -27.31 -21.34
C ASP C 278 -36.20 -27.58 -20.36
N TRP C 279 -35.21 -28.34 -20.82
CA TRP C 279 -34.01 -28.59 -20.04
C TRP C 279 -33.26 -27.29 -19.74
N ALA C 280 -33.04 -26.47 -20.76
CA ALA C 280 -32.33 -25.20 -20.60
C ALA C 280 -32.99 -24.28 -19.58
N VAL C 281 -34.32 -24.17 -19.64
CA VAL C 281 -35.08 -23.33 -18.71
C VAL C 281 -34.90 -23.80 -17.26
N GLU C 282 -35.11 -25.09 -17.02
CA GLU C 282 -35.01 -25.63 -15.67
C GLU C 282 -33.59 -25.52 -15.13
N GLN C 283 -32.60 -25.78 -15.98
CA GLN C 283 -31.19 -25.64 -15.59
C GLN C 283 -30.77 -24.18 -15.36
N ALA C 284 -31.34 -23.26 -16.13
CA ALA C 284 -31.09 -21.82 -15.94
C ALA C 284 -31.70 -21.32 -14.63
N HIS C 285 -32.92 -21.76 -14.33
CA HIS C 285 -33.57 -21.48 -13.07
C HIS C 285 -32.69 -21.99 -11.93
N PHE C 286 -32.37 -23.28 -12.00
CA PHE C 286 -31.46 -23.91 -11.06
C PHE C 286 -30.15 -23.14 -10.95
N ALA C 287 -29.55 -22.84 -12.10
CA ALA C 287 -28.27 -22.12 -12.17
C ALA C 287 -28.25 -20.83 -11.36
N LEU C 288 -29.39 -20.14 -11.30
CA LEU C 288 -29.44 -18.86 -10.60
C LEU C 288 -30.02 -18.94 -9.18
N PHE C 289 -31.16 -19.61 -9.03
CA PHE C 289 -31.90 -19.57 -7.75
C PHE C 289 -31.45 -20.56 -6.68
N PHE C 290 -30.59 -21.51 -7.02
CA PHE C 290 -30.07 -22.47 -6.04
C PHE C 290 -29.47 -21.76 -4.81
N ASN C 291 -29.73 -22.29 -3.62
CA ASN C 291 -29.21 -21.74 -2.37
C ASN C 291 -29.50 -20.22 -2.22
N GLN C 292 -30.72 -19.81 -2.56
CA GLN C 292 -31.16 -18.41 -2.48
C GLN C 292 -30.29 -17.46 -3.30
N GLY C 293 -29.70 -17.97 -4.38
CA GLY C 293 -28.79 -17.21 -5.22
C GLY C 293 -27.42 -16.98 -4.61
N GLN C 294 -27.14 -17.63 -3.49
CA GLN C 294 -25.92 -17.37 -2.73
C GLN C 294 -24.85 -18.37 -3.14
N CYS C 295 -24.56 -18.39 -4.44
CA CYS C 295 -23.52 -19.22 -5.02
C CYS C 295 -22.57 -18.32 -5.80
N CYS C 296 -21.28 -18.49 -5.56
CA CYS C 296 -20.26 -17.71 -6.27
C CYS C 296 -20.29 -17.97 -7.79
N CYS C 297 -20.66 -19.19 -8.18
CA CYS C 297 -20.72 -19.54 -9.60
C CYS C 297 -22.14 -19.48 -10.18
N ALA C 298 -23.06 -18.79 -9.51
CA ALA C 298 -24.44 -18.67 -10.00
C ALA C 298 -24.49 -18.12 -11.43
N GLY C 299 -25.37 -18.68 -12.26
CA GLY C 299 -25.56 -18.21 -13.63
C GLY C 299 -26.29 -16.88 -13.68
N SER C 300 -25.59 -15.81 -13.30
CA SER C 300 -26.18 -14.50 -13.08
C SER C 300 -26.26 -13.61 -14.33
N ARG C 301 -25.73 -14.10 -15.45
CA ARG C 301 -25.94 -13.50 -16.76
C ARG C 301 -26.41 -14.61 -17.69
N THR C 302 -27.71 -14.66 -17.97
CA THR C 302 -28.27 -15.71 -18.82
C THR C 302 -28.43 -15.21 -20.25
N PHE C 303 -27.47 -15.59 -21.10
CA PHE C 303 -27.46 -15.18 -22.50
C PHE C 303 -28.32 -16.12 -23.34
N VAL C 304 -29.35 -15.58 -23.98
CA VAL C 304 -30.27 -16.37 -24.80
C VAL C 304 -30.27 -15.86 -26.24
N GLN C 305 -30.02 -16.75 -27.19
CA GLN C 305 -29.99 -16.38 -28.60
C GLN C 305 -31.35 -15.83 -29.01
N GLU C 306 -31.35 -14.82 -29.86
CA GLU C 306 -32.56 -14.02 -30.12
C GLU C 306 -33.76 -14.80 -30.65
N ASP C 307 -33.51 -15.87 -31.40
CA ASP C 307 -34.61 -16.68 -31.96
C ASP C 307 -35.45 -17.40 -30.90
N ILE C 308 -34.89 -17.61 -29.71
CA ILE C 308 -35.62 -18.31 -28.64
C ILE C 308 -35.84 -17.45 -27.39
N TYR C 309 -35.52 -16.17 -27.48
CA TYR C 309 -35.53 -15.26 -26.33
C TYR C 309 -36.91 -15.14 -25.68
N ASP C 310 -37.93 -14.85 -26.48
CA ASP C 310 -39.27 -14.61 -25.95
C ASP C 310 -39.82 -15.84 -25.22
N GLU C 311 -39.70 -17.00 -25.85
CA GLU C 311 -40.17 -18.24 -25.22
C GLU C 311 -39.40 -18.55 -23.95
N PHE C 312 -38.08 -18.45 -24.02
CA PHE C 312 -37.22 -18.70 -22.86
C PHE C 312 -37.62 -17.79 -21.70
N VAL C 313 -37.81 -16.51 -22.00
CA VAL C 313 -38.17 -15.52 -20.97
C VAL C 313 -39.51 -15.85 -20.33
N GLU C 314 -40.54 -16.07 -21.14
CA GLU C 314 -41.86 -16.43 -20.61
C GLU C 314 -41.78 -17.65 -19.68
N ARG C 315 -41.09 -18.69 -20.12
CA ARG C 315 -40.93 -19.92 -19.32
C ARG C 315 -40.17 -19.69 -18.01
N SER C 316 -39.13 -18.85 -18.05
CA SER C 316 -38.30 -18.59 -16.88
C SER C 316 -39.09 -17.80 -15.84
N VAL C 317 -39.89 -16.85 -16.30
CA VAL C 317 -40.72 -16.04 -15.42
C VAL C 317 -41.83 -16.88 -14.81
N ALA C 318 -42.44 -17.74 -15.61
CA ALA C 318 -43.47 -18.67 -15.10
C ALA C 318 -42.91 -19.60 -14.04
N ARG C 319 -41.65 -20.02 -14.23
CA ARG C 319 -40.98 -20.89 -13.26
C ARG C 319 -40.63 -20.11 -11.99
N ALA C 320 -40.19 -18.86 -12.17
CA ALA C 320 -39.84 -17.99 -11.05
C ALA C 320 -41.06 -17.63 -10.19
N LYS C 321 -42.23 -17.52 -10.82
CA LYS C 321 -43.46 -17.16 -10.11
C LYS C 321 -43.96 -18.29 -9.21
N SER C 322 -43.86 -19.52 -9.72
CA SER C 322 -44.31 -20.70 -8.99
C SER C 322 -43.31 -21.20 -7.93
N ARG C 323 -42.12 -20.59 -7.86
CA ARG C 323 -41.11 -20.99 -6.88
C ARG C 323 -41.61 -20.68 -5.47
N VAL C 324 -41.65 -21.69 -4.61
CA VAL C 324 -42.21 -21.56 -3.27
C VAL C 324 -41.18 -21.02 -2.29
N VAL C 325 -41.44 -19.82 -1.78
CA VAL C 325 -40.60 -19.19 -0.78
C VAL C 325 -41.25 -19.30 0.58
N GLY C 326 -40.49 -19.75 1.58
CA GLY C 326 -40.99 -19.82 2.95
C GLY C 326 -40.08 -20.58 3.90
N ASN C 327 -40.66 -20.98 5.03
CA ASN C 327 -39.95 -21.70 6.09
C ASN C 327 -39.15 -22.90 5.55
N PRO C 328 -37.82 -22.89 5.73
CA PRO C 328 -36.97 -23.93 5.13
C PRO C 328 -37.18 -25.36 5.64
N PHE C 329 -37.87 -25.53 6.77
CA PHE C 329 -38.23 -26.88 7.26
C PHE C 329 -39.52 -27.42 6.65
N ASP C 330 -40.31 -26.56 6.02
CA ASP C 330 -41.49 -27.01 5.30
C ASP C 330 -41.02 -27.69 4.02
N SER C 331 -41.66 -28.80 3.67
CA SER C 331 -41.25 -29.62 2.52
C SER C 331 -41.59 -28.98 1.19
N LYS C 332 -42.62 -28.13 1.18
CA LYS C 332 -43.02 -27.42 -0.04
C LYS C 332 -42.09 -26.26 -0.39
N THR C 333 -41.29 -25.81 0.57
CA THR C 333 -40.37 -24.71 0.35
C THR C 333 -39.26 -25.09 -0.62
N GLU C 334 -39.08 -24.25 -1.64
CA GLU C 334 -37.96 -24.37 -2.55
C GLU C 334 -36.88 -23.32 -2.23
N GLN C 335 -37.29 -22.17 -1.70
CA GLN C 335 -36.38 -21.07 -1.41
C GLN C 335 -36.51 -20.57 0.02
N GLY C 336 -35.43 -20.66 0.79
CA GLY C 336 -35.36 -20.09 2.13
C GLY C 336 -35.08 -18.59 2.10
N PRO C 337 -34.74 -18.02 3.27
CA PRO C 337 -34.37 -16.63 3.39
C PRO C 337 -32.89 -16.39 3.12
N GLN C 338 -32.49 -15.13 3.00
CA GLN C 338 -31.08 -14.79 2.83
C GLN C 338 -30.39 -14.89 4.20
N VAL C 339 -29.05 -14.83 4.22
CA VAL C 339 -28.30 -15.24 5.41
C VAL C 339 -28.38 -14.25 6.57
N ASP C 340 -28.43 -12.96 6.27
CA ASP C 340 -28.54 -11.94 7.32
C ASP C 340 -29.15 -10.65 6.77
N GLU C 341 -29.27 -9.64 7.63
CA GLU C 341 -29.92 -8.38 7.26
C GLU C 341 -29.15 -7.60 6.21
N THR C 342 -27.83 -7.64 6.29
CA THR C 342 -26.97 -6.91 5.33
C THR C 342 -27.18 -7.39 3.89
N GLN C 343 -27.18 -8.72 3.69
CA GLN C 343 -27.43 -9.30 2.37
C GLN C 343 -28.86 -9.02 1.91
N PHE C 344 -29.80 -9.15 2.85
CA PHE C 344 -31.20 -8.79 2.63
C PHE C 344 -31.33 -7.38 2.03
N LYS C 345 -30.64 -6.42 2.63
CA LYS C 345 -30.64 -5.03 2.14
C LYS C 345 -29.90 -4.87 0.82
N LYS C 346 -28.70 -5.44 0.74
CA LYS C 346 -27.86 -5.30 -0.45
C LYS C 346 -28.60 -5.78 -1.70
N ILE C 347 -29.22 -6.95 -1.60
CA ILE C 347 -29.95 -7.55 -2.72
C ILE C 347 -31.12 -6.67 -3.17
N LEU C 348 -31.91 -6.20 -2.21
CA LEU C 348 -33.01 -5.29 -2.51
C LEU C 348 -32.52 -4.01 -3.19
N GLY C 349 -31.37 -3.50 -2.77
CA GLY C 349 -30.75 -2.34 -3.39
C GLY C 349 -30.35 -2.58 -4.84
N TYR C 350 -29.81 -3.76 -5.13
CA TYR C 350 -29.51 -4.14 -6.52
C TYR C 350 -30.78 -4.21 -7.35
N ILE C 351 -31.87 -4.71 -6.75
CA ILE C 351 -33.15 -4.76 -7.44
C ILE C 351 -33.63 -3.33 -7.77
N ASN C 352 -33.53 -2.42 -6.80
CA ASN C 352 -33.85 -1.00 -7.04
C ASN C 352 -33.11 -0.44 -8.26
N THR C 353 -31.81 -0.69 -8.32
CA THR C 353 -30.94 -0.19 -9.38
C THR C 353 -31.25 -0.80 -10.76
N GLY C 354 -31.74 -2.04 -10.77
CA GLY C 354 -32.15 -2.68 -12.01
C GLY C 354 -33.35 -1.99 -12.64
N LYS C 355 -34.32 -1.64 -11.82
CA LYS C 355 -35.51 -0.91 -12.29
C LYS C 355 -35.13 0.47 -12.80
N GLN C 356 -34.33 1.18 -12.00
CA GLN C 356 -33.87 2.52 -12.34
C GLN C 356 -33.19 2.55 -13.72
N GLU C 357 -32.21 1.67 -13.91
CA GLU C 357 -31.36 1.66 -15.11
C GLU C 357 -32.03 1.10 -16.37
N GLY C 358 -33.29 0.70 -16.28
CA GLY C 358 -34.08 0.38 -17.47
C GLY C 358 -34.17 -1.08 -17.87
N ALA C 359 -33.80 -1.99 -16.98
CA ALA C 359 -34.07 -3.42 -17.20
C ALA C 359 -35.53 -3.67 -16.83
N LYS C 360 -36.23 -4.45 -17.65
CA LYS C 360 -37.63 -4.76 -17.40
C LYS C 360 -37.79 -5.78 -16.27
N LEU C 361 -38.35 -5.33 -15.15
CA LEU C 361 -38.70 -6.21 -14.04
C LEU C 361 -39.92 -7.04 -14.44
N LEU C 362 -39.72 -8.34 -14.58
CA LEU C 362 -40.77 -9.24 -15.10
C LEU C 362 -41.57 -9.95 -14.02
N CYS C 363 -40.97 -10.16 -12.85
CA CYS C 363 -41.66 -10.74 -11.71
C CYS C 363 -40.91 -10.46 -10.41
N GLY C 364 -41.58 -10.63 -9.27
CA GLY C 364 -40.99 -10.38 -7.96
C GLY C 364 -40.68 -8.90 -7.76
N GLY C 365 -39.52 -8.61 -7.18
CA GLY C 365 -39.05 -7.24 -7.06
C GLY C 365 -38.89 -6.72 -5.64
N GLY C 366 -39.53 -7.39 -4.68
CA GLY C 366 -39.52 -6.91 -3.29
C GLY C 366 -39.40 -7.97 -2.21
N ILE C 367 -39.82 -7.59 -1.01
CA ILE C 367 -39.77 -8.45 0.16
C ILE C 367 -40.89 -9.48 0.08
N ALA C 368 -40.59 -10.71 0.48
CA ALA C 368 -41.50 -11.85 0.32
C ALA C 368 -42.26 -12.20 1.60
N ALA C 369 -41.87 -11.62 2.73
CA ALA C 369 -42.54 -11.89 4.01
C ALA C 369 -42.21 -10.82 5.05
N ASP C 370 -43.11 -10.66 6.02
CA ASP C 370 -42.91 -9.69 7.09
C ASP C 370 -42.06 -10.24 8.24
N ARG C 371 -41.62 -11.49 8.12
CA ARG C 371 -40.76 -12.13 9.10
C ARG C 371 -39.64 -12.88 8.37
N GLY C 372 -38.40 -12.69 8.82
CA GLY C 372 -37.24 -13.32 8.19
C GLY C 372 -36.85 -12.61 6.90
N TYR C 373 -35.70 -12.98 6.36
CA TYR C 373 -35.10 -12.25 5.23
C TYR C 373 -35.43 -12.91 3.91
N PHE C 374 -36.72 -13.04 3.64
CA PHE C 374 -37.22 -13.68 2.43
C PHE C 374 -37.43 -12.67 1.31
N ILE C 375 -36.83 -12.95 0.16
CA ILE C 375 -36.93 -12.09 -1.02
C ILE C 375 -37.62 -12.85 -2.15
N GLN C 376 -38.49 -12.15 -2.86
CA GLN C 376 -39.24 -12.74 -3.96
C GLN C 376 -38.31 -13.11 -5.09
N PRO C 377 -38.55 -14.28 -5.73
CA PRO C 377 -37.85 -14.63 -6.97
C PRO C 377 -38.03 -13.52 -7.99
N THR C 378 -36.92 -12.92 -8.42
CA THR C 378 -36.97 -11.74 -9.27
C THR C 378 -36.25 -11.98 -10.60
N VAL C 379 -36.90 -11.60 -11.70
CA VAL C 379 -36.33 -11.74 -13.04
C VAL C 379 -36.26 -10.38 -13.74
N PHE C 380 -35.11 -10.12 -14.37
CA PHE C 380 -34.90 -8.94 -15.22
C PHE C 380 -34.64 -9.36 -16.67
N GLY C 381 -35.49 -8.87 -17.57
CA GLY C 381 -35.35 -9.11 -19.00
C GLY C 381 -34.80 -7.88 -19.71
N ASP C 382 -34.30 -8.09 -20.94
CA ASP C 382 -33.69 -7.05 -21.77
C ASP C 382 -32.54 -6.35 -21.04
N VAL C 383 -31.71 -7.15 -20.38
CA VAL C 383 -30.58 -6.62 -19.62
C VAL C 383 -29.42 -6.35 -20.59
N GLN C 384 -28.73 -5.23 -20.41
CA GLN C 384 -27.58 -4.84 -21.23
C GLN C 384 -26.31 -4.88 -20.39
N ASP C 385 -25.17 -5.08 -21.05
CA ASP C 385 -23.90 -5.37 -20.36
C ASP C 385 -23.46 -4.28 -19.38
N GLY C 386 -23.72 -3.02 -19.72
CA GLY C 386 -23.31 -1.88 -18.88
C GLY C 386 -24.12 -1.68 -17.61
N MET C 387 -25.24 -2.39 -17.47
CA MET C 387 -26.11 -2.25 -16.31
C MET C 387 -25.44 -2.80 -15.05
N THR C 388 -25.68 -2.15 -13.92
CA THR C 388 -25.06 -2.55 -12.65
C THR C 388 -25.41 -4.00 -12.29
N ILE C 389 -26.65 -4.40 -12.55
CA ILE C 389 -27.08 -5.79 -12.28
C ILE C 389 -26.50 -6.80 -13.27
N ALA C 390 -25.90 -6.31 -14.35
CA ALA C 390 -25.18 -7.17 -15.31
C ALA C 390 -23.68 -7.28 -15.00
N LYS C 391 -23.17 -6.37 -14.18
CA LYS C 391 -21.74 -6.31 -13.87
C LYS C 391 -21.41 -6.89 -12.50
N GLU C 392 -22.20 -6.52 -11.48
CA GLU C 392 -21.85 -6.80 -10.10
C GLU C 392 -22.61 -8.00 -9.51
N GLU C 393 -21.91 -8.76 -8.67
CA GLU C 393 -22.45 -9.99 -8.07
C GLU C 393 -23.55 -9.69 -7.05
N ILE C 394 -24.77 -10.05 -7.40
CA ILE C 394 -25.94 -9.76 -6.57
C ILE C 394 -26.03 -10.72 -5.36
N PHE C 395 -25.74 -12.00 -5.60
CA PHE C 395 -25.74 -13.03 -4.56
C PHE C 395 -27.14 -13.20 -3.93
N GLY C 396 -28.15 -13.08 -4.78
CA GLY C 396 -29.53 -13.19 -4.36
C GLY C 396 -30.40 -13.74 -5.48
N PRO C 397 -31.70 -13.92 -5.21
CA PRO C 397 -32.61 -14.55 -6.15
C PRO C 397 -33.08 -13.56 -7.22
N VAL C 398 -32.12 -13.09 -8.01
CA VAL C 398 -32.37 -12.05 -9.01
C VAL C 398 -31.72 -12.44 -10.33
N MET C 399 -32.55 -12.78 -11.32
CA MET C 399 -32.11 -13.30 -12.61
C MET C 399 -31.91 -12.18 -13.62
N GLN C 400 -30.85 -12.29 -14.42
CA GLN C 400 -30.61 -11.37 -15.54
C GLN C 400 -30.68 -12.14 -16.84
N ILE C 401 -31.53 -11.69 -17.76
CA ILE C 401 -31.66 -12.33 -19.07
C ILE C 401 -31.27 -11.36 -20.18
N LEU C 402 -30.20 -11.71 -20.91
CA LEU C 402 -29.63 -10.88 -21.96
C LEU C 402 -29.81 -11.56 -23.30
N LYS C 403 -29.99 -10.75 -24.34
CA LYS C 403 -30.23 -11.25 -25.68
C LYS C 403 -28.98 -11.08 -26.53
N PHE C 404 -28.66 -12.09 -27.33
CA PHE C 404 -27.55 -12.01 -28.29
C PHE C 404 -27.95 -12.62 -29.62
N LYS C 405 -27.13 -12.38 -30.64
CA LYS C 405 -27.39 -12.87 -31.98
C LYS C 405 -26.43 -13.97 -32.39
N THR C 406 -25.13 -13.72 -32.27
CA THR C 406 -24.12 -14.64 -32.81
C THR C 406 -23.23 -15.29 -31.77
N ILE C 407 -22.53 -16.34 -32.19
CA ILE C 407 -21.64 -17.08 -31.31
C ILE C 407 -20.39 -16.26 -31.00
N GLU C 408 -19.94 -15.46 -31.97
CA GLU C 408 -18.77 -14.59 -31.79
C GLU C 408 -19.12 -13.50 -30.78
N GLU C 409 -20.33 -12.96 -30.90
CA GLU C 409 -20.84 -11.94 -29.98
C GLU C 409 -20.84 -12.41 -28.53
N VAL C 410 -21.46 -13.56 -28.29
CA VAL C 410 -21.68 -14.03 -26.93
C VAL C 410 -20.36 -14.41 -26.25
N VAL C 411 -19.41 -14.98 -26.99
CA VAL C 411 -18.09 -15.28 -26.44
C VAL C 411 -17.47 -14.02 -25.87
N GLY C 412 -17.39 -12.98 -26.70
CA GLY C 412 -16.80 -11.72 -26.31
C GLY C 412 -17.57 -11.04 -25.19
N ARG C 413 -18.90 -11.11 -25.25
CA ARG C 413 -19.73 -10.50 -24.21
C ARG C 413 -19.60 -11.29 -22.91
N ALA C 414 -19.60 -12.61 -23.01
CA ALA C 414 -19.39 -13.46 -21.85
C ALA C 414 -18.02 -13.22 -21.18
N ASN C 415 -16.98 -13.13 -22.00
CA ASN C 415 -15.60 -12.95 -21.52
C ASN C 415 -15.25 -11.55 -21.03
N ASN C 416 -16.04 -10.56 -21.42
CA ASN C 416 -15.79 -9.17 -21.03
C ASN C 416 -16.21 -8.95 -19.59
N SER C 417 -15.41 -9.50 -18.68
CA SER C 417 -15.69 -9.47 -17.26
C SER C 417 -14.38 -9.62 -16.50
N THR C 418 -14.33 -9.01 -15.33
CA THR C 418 -13.19 -9.16 -14.42
C THR C 418 -13.28 -10.49 -13.68
N TYR C 419 -14.43 -11.14 -13.78
CA TYR C 419 -14.67 -12.45 -13.19
C TYR C 419 -14.44 -13.56 -14.20
N GLY C 420 -14.29 -14.78 -13.68
CA GLY C 420 -14.12 -15.96 -14.53
C GLY C 420 -14.16 -17.25 -13.74
N LEU C 421 -15.19 -17.40 -12.90
CA LEU C 421 -15.29 -18.57 -12.03
C LEU C 421 -15.88 -19.76 -12.80
N ALA C 422 -17.04 -19.54 -13.41
CA ALA C 422 -17.69 -20.59 -14.21
C ALA C 422 -18.45 -20.05 -15.41
N ALA C 423 -18.83 -20.96 -16.29
CA ALA C 423 -19.70 -20.64 -17.41
C ALA C 423 -20.44 -21.88 -17.85
N ALA C 424 -21.49 -21.68 -18.64
CA ALA C 424 -22.25 -22.81 -19.17
C ALA C 424 -22.70 -22.60 -20.60
N VAL C 425 -22.74 -23.69 -21.35
CA VAL C 425 -23.13 -23.68 -22.75
C VAL C 425 -24.24 -24.70 -22.94
N PHE C 426 -25.38 -24.25 -23.46
CA PHE C 426 -26.48 -25.15 -23.77
C PHE C 426 -26.70 -25.21 -25.28
N THR C 427 -26.38 -26.37 -25.85
CA THR C 427 -26.47 -26.60 -27.30
C THR C 427 -26.46 -28.10 -27.59
N LYS C 428 -26.99 -28.50 -28.75
CA LYS C 428 -26.93 -29.89 -29.18
C LYS C 428 -25.81 -30.12 -30.19
N ASP C 429 -25.21 -29.04 -30.67
CA ASP C 429 -24.20 -29.10 -31.74
C ASP C 429 -22.78 -29.34 -31.19
N LEU C 430 -22.09 -30.32 -31.77
CA LEU C 430 -20.74 -30.72 -31.34
C LEU C 430 -19.73 -29.57 -31.43
N ASP C 431 -19.70 -28.88 -32.57
CA ASP C 431 -18.71 -27.82 -32.81
C ASP C 431 -18.96 -26.56 -31.98
N LYS C 432 -20.23 -26.19 -31.78
CA LYS C 432 -20.56 -25.04 -30.96
C LYS C 432 -20.14 -25.26 -29.50
N ALA C 433 -20.36 -26.48 -29.01
CA ALA C 433 -19.93 -26.84 -27.66
C ALA C 433 -18.41 -26.76 -27.54
N ASN C 434 -17.69 -27.35 -28.49
CA ASN C 434 -16.23 -27.37 -28.45
C ASN C 434 -15.63 -25.98 -28.62
N TYR C 435 -16.18 -25.22 -29.56
CA TYR C 435 -15.78 -23.82 -29.79
C TYR C 435 -15.96 -22.99 -28.52
N LEU C 436 -17.14 -23.12 -27.90
CA LEU C 436 -17.45 -22.32 -26.72
C LEU C 436 -16.69 -22.76 -25.47
N SER C 437 -16.53 -24.08 -25.28
CA SER C 437 -15.80 -24.58 -24.10
C SER C 437 -14.34 -24.14 -24.11
N GLN C 438 -13.76 -24.02 -25.29
CA GLN C 438 -12.38 -23.56 -25.45
C GLN C 438 -12.26 -22.05 -25.24
N ALA C 439 -13.19 -21.31 -25.82
CA ALA C 439 -13.09 -19.85 -25.89
C ALA C 439 -13.46 -19.15 -24.58
N LEU C 440 -14.32 -19.78 -23.79
CA LEU C 440 -14.80 -19.15 -22.55
C LEU C 440 -13.66 -19.11 -21.53
N GLN C 441 -13.46 -17.92 -20.96
CA GLN C 441 -12.43 -17.74 -19.94
C GLN C 441 -13.04 -17.98 -18.57
N ALA C 442 -13.09 -19.25 -18.18
CA ALA C 442 -13.70 -19.67 -16.93
C ALA C 442 -13.03 -20.93 -16.44
N GLY C 443 -12.96 -21.08 -15.11
CA GLY C 443 -12.38 -22.26 -14.49
C GLY C 443 -13.19 -23.53 -14.69
N THR C 444 -14.52 -23.38 -14.74
CA THR C 444 -15.40 -24.49 -15.10
C THR C 444 -16.39 -24.07 -16.17
N VAL C 445 -16.44 -24.85 -17.26
CA VAL C 445 -17.48 -24.67 -18.27
C VAL C 445 -18.37 -25.92 -18.28
N TRP C 446 -19.65 -25.72 -18.02
CA TRP C 446 -20.62 -26.80 -18.04
C TRP C 446 -21.30 -26.83 -19.40
N VAL C 447 -21.45 -28.02 -19.96
CA VAL C 447 -22.09 -28.19 -21.26
C VAL C 447 -23.40 -28.98 -21.07
N ASN C 448 -24.52 -28.32 -21.37
CA ASN C 448 -25.86 -28.89 -21.18
C ASN C 448 -26.14 -29.28 -19.72
N CYS C 449 -25.54 -28.55 -18.79
CA CYS C 449 -25.81 -28.74 -17.38
C CYS C 449 -25.30 -27.52 -16.61
N TYR C 450 -25.52 -27.52 -15.31
CA TYR C 450 -25.05 -26.42 -14.47
C TYR C 450 -24.89 -26.89 -13.05
N ASP C 451 -23.95 -26.30 -12.33
CA ASP C 451 -23.68 -26.64 -10.93
C ASP C 451 -23.42 -28.13 -10.73
N VAL C 452 -22.69 -28.73 -11.66
CA VAL C 452 -22.28 -30.12 -11.56
C VAL C 452 -20.90 -30.18 -10.91
N PHE C 453 -20.90 -30.51 -9.62
CA PHE C 453 -19.69 -30.56 -8.84
C PHE C 453 -19.33 -31.99 -8.51
N GLY C 454 -18.05 -32.31 -8.61
CA GLY C 454 -17.54 -33.61 -8.21
C GLY C 454 -16.24 -33.43 -7.47
N ALA C 455 -16.12 -34.13 -6.34
CA ALA C 455 -14.88 -34.21 -5.57
C ALA C 455 -13.65 -34.47 -6.45
N GLN C 456 -13.88 -35.12 -7.59
CA GLN C 456 -12.83 -35.56 -8.50
C GLN C 456 -12.39 -34.47 -9.47
N SER C 457 -13.29 -33.55 -9.79
CA SER C 457 -13.02 -32.49 -10.77
C SER C 457 -12.67 -31.17 -10.06
N PRO C 458 -11.58 -30.51 -10.51
CA PRO C 458 -11.15 -29.29 -9.84
C PRO C 458 -12.08 -28.10 -10.12
N PHE C 459 -12.12 -27.16 -9.19
CA PHE C 459 -12.98 -25.99 -9.30
C PHE C 459 -12.21 -24.75 -8.84
N GLY C 460 -12.33 -23.67 -9.59
CA GLY C 460 -11.63 -22.43 -9.25
C GLY C 460 -11.69 -21.37 -10.33
N GLY C 461 -11.19 -20.19 -10.01
CA GLY C 461 -11.38 -19.02 -10.85
C GLY C 461 -10.27 -18.72 -11.84
N TYR C 462 -10.69 -18.17 -12.98
CA TYR C 462 -9.81 -17.38 -13.83
C TYR C 462 -9.91 -15.95 -13.30
N LYS C 463 -8.96 -15.10 -13.74
CA LYS C 463 -9.02 -13.68 -13.46
C LYS C 463 -9.22 -13.41 -11.97
N MET C 464 -10.14 -12.52 -11.58
CA MET C 464 -10.30 -12.13 -10.18
C MET C 464 -11.36 -12.95 -9.43
N SER C 465 -11.73 -14.10 -10.02
CA SER C 465 -12.60 -15.05 -9.33
C SER C 465 -11.81 -15.99 -8.43
N GLY C 466 -10.49 -15.80 -8.37
CA GLY C 466 -9.63 -16.55 -7.47
C GLY C 466 -8.33 -17.00 -8.13
N SER C 467 -7.59 -17.83 -7.41
CA SER C 467 -6.37 -18.42 -7.95
C SER C 467 -6.16 -19.75 -7.25
N GLY C 468 -5.67 -20.73 -7.99
CA GLY C 468 -5.57 -22.09 -7.51
C GLY C 468 -6.87 -22.83 -7.70
N ARG C 469 -6.85 -24.13 -7.42
CA ARG C 469 -8.01 -24.98 -7.60
C ARG C 469 -8.26 -25.78 -6.34
N GLU C 470 -9.53 -26.10 -6.11
CA GLU C 470 -9.91 -27.02 -5.07
C GLU C 470 -10.58 -28.21 -5.73
N LEU C 471 -10.74 -29.31 -4.98
CA LEU C 471 -11.25 -30.58 -5.47
C LEU C 471 -10.28 -31.24 -6.46
N GLY C 472 -10.41 -32.56 -6.60
CA GLY C 472 -9.56 -33.33 -7.49
C GLY C 472 -8.14 -33.51 -6.98
N GLU C 473 -7.29 -34.13 -7.80
CA GLU C 473 -5.86 -34.18 -7.53
C GLU C 473 -5.30 -32.78 -7.35
N TYR C 474 -5.81 -31.82 -8.12
CA TYR C 474 -5.31 -30.45 -8.13
C TYR C 474 -5.41 -29.76 -6.78
N GLY C 475 -6.45 -30.10 -6.01
CA GLY C 475 -6.67 -29.53 -4.69
C GLY C 475 -5.64 -29.95 -3.65
N LEU C 476 -4.80 -30.93 -3.97
CA LEU C 476 -3.70 -31.31 -3.10
C LEU C 476 -2.46 -30.44 -3.32
N GLN C 477 -2.39 -29.74 -4.45
CA GLN C 477 -1.18 -29.01 -4.84
C GLN C 477 -0.84 -27.88 -3.87
N ALA C 478 -1.86 -27.10 -3.54
CA ALA C 478 -1.69 -25.99 -2.60
C ALA C 478 -1.30 -26.45 -1.19
N TYR C 479 -1.45 -27.73 -0.89
CA TYR C 479 -1.21 -28.26 0.46
C TYR C 479 0.06 -29.10 0.56
N THR C 480 0.88 -29.02 -0.49
CA THR C 480 2.13 -29.76 -0.59
C THR C 480 3.32 -28.80 -0.69
N GLU C 481 4.39 -29.08 0.05
CA GLU C 481 5.66 -28.38 -0.12
C GLU C 481 6.66 -29.37 -0.70
N VAL C 482 7.23 -29.05 -1.85
CA VAL C 482 8.07 -29.99 -2.58
C VAL C 482 9.52 -29.86 -2.13
N LYS C 483 10.13 -30.99 -1.80
CA LYS C 483 11.54 -31.01 -1.42
C LYS C 483 12.30 -31.88 -2.39
N THR C 484 13.40 -31.34 -2.91
CA THR C 484 14.32 -32.09 -3.73
C THR C 484 15.47 -32.60 -2.87
N VAL C 485 15.78 -33.88 -3.02
CA VAL C 485 16.96 -34.47 -2.42
C VAL C 485 17.83 -35.00 -3.56
N THR C 486 19.08 -34.55 -3.58
CA THR C 486 20.01 -34.92 -4.64
C THR C 486 21.31 -35.45 -4.02
N VAL C 487 21.59 -36.72 -4.30
CA VAL C 487 22.62 -37.48 -3.60
C VAL C 487 23.69 -37.99 -4.55
N LYS C 488 24.95 -37.67 -4.24
CA LYS C 488 26.09 -38.20 -4.96
C LYS C 488 26.11 -39.72 -4.86
N VAL C 489 26.24 -40.41 -5.99
CA VAL C 489 26.43 -41.86 -6.04
C VAL C 489 27.74 -42.21 -6.75
N PRO C 490 28.26 -43.44 -6.52
CA PRO C 490 29.44 -43.93 -7.20
C PRO C 490 29.38 -43.86 -8.73
N GLN C 491 28.32 -44.40 -9.32
CA GLN C 491 28.16 -44.41 -10.77
C GLN C 491 26.69 -44.50 -11.15
N LYS C 492 26.17 -43.45 -11.76
CA LYS C 492 24.79 -43.45 -12.24
C LYS C 492 24.65 -44.37 -13.45
N ASN C 493 23.65 -45.23 -13.42
CA ASN C 493 23.26 -46.04 -14.57
C ASN C 493 21.76 -45.95 -14.78
N SER C 494 21.33 -45.99 -16.04
CA SER C 494 19.92 -46.04 -16.38
C SER C 494 19.24 -47.19 -15.62
N ALA D 1 38.90 -27.25 -23.04
CA ALA D 1 38.55 -26.70 -24.38
C ALA D 1 37.67 -25.46 -24.24
N VAL D 2 38.31 -24.30 -24.14
CA VAL D 2 37.62 -23.02 -24.00
C VAL D 2 38.19 -22.02 -25.00
N PRO D 3 37.34 -21.46 -25.87
CA PRO D 3 37.84 -20.50 -26.86
C PRO D 3 38.29 -19.21 -26.20
N ALA D 4 39.30 -18.56 -26.78
CA ALA D 4 39.83 -17.31 -26.26
C ALA D 4 38.76 -16.22 -26.35
N PRO D 5 38.52 -15.50 -25.24
CA PRO D 5 37.45 -14.50 -25.24
C PRO D 5 37.83 -13.18 -25.90
N ASN D 6 36.84 -12.49 -26.46
CA ASN D 6 36.97 -11.08 -26.81
C ASN D 6 36.68 -10.28 -25.54
N GLN D 7 37.73 -9.68 -24.98
CA GLN D 7 37.64 -9.00 -23.68
C GLN D 7 36.93 -7.63 -23.73
N GLN D 8 36.80 -7.07 -24.92
CA GLN D 8 35.98 -5.88 -25.14
C GLN D 8 34.92 -6.19 -26.19
N PRO D 9 33.95 -7.05 -25.85
CA PRO D 9 32.97 -7.46 -26.84
C PRO D 9 32.06 -6.30 -27.24
N GLU D 10 31.66 -6.29 -28.51
CA GLU D 10 30.77 -5.25 -29.02
C GLU D 10 29.37 -5.47 -28.49
N VAL D 11 28.64 -4.37 -28.27
CA VAL D 11 27.23 -4.43 -27.89
C VAL D 11 26.37 -4.17 -29.12
N PHE D 12 25.44 -5.08 -29.40
CA PHE D 12 24.55 -4.94 -30.55
C PHE D 12 23.15 -4.50 -30.15
N CYS D 13 22.72 -4.88 -28.95
CA CYS D 13 21.36 -4.60 -28.50
C CYS D 13 21.40 -3.83 -27.18
N ASN D 14 20.77 -2.66 -27.14
CA ASN D 14 20.69 -1.86 -25.91
C ASN D 14 19.38 -1.07 -25.79
N GLN D 15 18.30 -1.62 -26.35
CA GLN D 15 17.02 -0.95 -26.40
C GLN D 15 15.94 -1.85 -25.80
N ILE D 16 14.71 -1.34 -25.79
CA ILE D 16 13.52 -2.08 -25.34
C ILE D 16 13.02 -2.98 -26.48
N PHE D 17 12.74 -4.23 -26.16
CA PHE D 17 12.34 -5.25 -27.14
C PHE D 17 10.85 -5.55 -27.05
N ILE D 18 10.08 -5.00 -27.99
CA ILE D 18 8.63 -5.20 -28.05
C ILE D 18 8.25 -5.57 -29.47
N ASN D 19 7.42 -6.61 -29.62
CA ASN D 19 6.99 -7.10 -30.92
C ASN D 19 8.13 -7.41 -31.89
N ASN D 20 9.17 -8.07 -31.37
CA ASN D 20 10.35 -8.44 -32.15
C ASN D 20 11.07 -7.25 -32.80
N GLU D 21 10.92 -6.06 -32.22
CA GLU D 21 11.55 -4.85 -32.73
C GLU D 21 12.22 -4.09 -31.58
N TRP D 22 13.23 -3.29 -31.91
CA TRP D 22 13.95 -2.49 -30.91
C TRP D 22 13.39 -1.08 -30.82
N HIS D 23 13.15 -0.62 -29.60
CA HIS D 23 12.56 0.71 -29.35
C HIS D 23 13.35 1.47 -28.30
N ASP D 24 13.44 2.79 -28.47
CA ASP D 24 13.87 3.65 -27.38
C ASP D 24 12.74 3.77 -26.38
N ALA D 25 13.07 4.18 -25.16
CA ALA D 25 12.04 4.49 -24.17
C ALA D 25 11.18 5.63 -24.71
N VAL D 26 9.90 5.65 -24.34
CA VAL D 26 9.00 6.73 -24.73
C VAL D 26 9.62 8.09 -24.38
N SER D 27 10.30 8.14 -23.25
CA SER D 27 10.99 9.34 -22.77
C SER D 27 12.37 9.55 -23.41
N ARG D 28 12.81 8.59 -24.22
CA ARG D 28 14.15 8.59 -24.82
C ARG D 28 15.28 8.50 -23.78
N LYS D 29 14.94 8.11 -22.55
CA LYS D 29 15.91 8.07 -21.45
C LYS D 29 16.77 6.81 -21.53
N THR D 30 18.05 6.96 -21.18
CA THR D 30 18.95 5.83 -21.11
C THR D 30 19.68 5.83 -19.78
N PHE D 31 20.25 4.69 -19.42
CA PHE D 31 21.06 4.57 -18.21
C PHE D 31 22.32 3.78 -18.52
N PRO D 32 23.42 4.13 -17.83
CA PRO D 32 24.68 3.43 -18.02
C PRO D 32 24.72 2.10 -17.28
N THR D 33 25.30 1.08 -17.91
CA THR D 33 25.61 -0.17 -17.21
C THR D 33 27.12 -0.29 -17.10
N VAL D 34 27.56 -0.74 -15.93
CA VAL D 34 28.97 -0.64 -15.54
C VAL D 34 29.66 -1.99 -15.62
N ASN D 35 30.97 -1.94 -15.88
CA ASN D 35 31.84 -3.10 -15.83
C ASN D 35 32.42 -3.18 -14.42
N PRO D 36 31.95 -4.15 -13.61
CA PRO D 36 32.39 -4.22 -12.20
C PRO D 36 33.87 -4.52 -11.98
N SER D 37 34.55 -5.08 -12.99
CA SER D 37 35.99 -5.28 -12.91
C SER D 37 36.79 -3.99 -12.98
N THR D 38 36.25 -2.98 -13.67
CA THR D 38 36.97 -1.72 -13.89
C THR D 38 36.27 -0.48 -13.30
N GLY D 39 34.97 -0.59 -13.03
CA GLY D 39 34.17 0.54 -12.59
C GLY D 39 33.89 1.53 -13.69
N GLU D 40 34.13 1.13 -14.94
CA GLU D 40 33.91 2.01 -16.09
C GLU D 40 32.61 1.66 -16.80
N VAL D 41 32.01 2.67 -17.43
CA VAL D 41 30.76 2.49 -18.17
C VAL D 41 31.04 1.65 -19.42
N ILE D 42 30.16 0.68 -19.69
CA ILE D 42 30.24 -0.12 -20.89
C ILE D 42 29.52 0.60 -22.01
N CYS D 43 28.23 0.86 -21.78
CA CYS D 43 27.39 1.57 -22.72
C CYS D 43 26.11 2.04 -22.04
N GLN D 44 25.30 2.80 -22.78
CA GLN D 44 24.00 3.23 -22.29
C GLN D 44 22.92 2.28 -22.79
N VAL D 45 21.88 2.11 -21.99
CA VAL D 45 20.78 1.20 -22.31
C VAL D 45 19.47 1.97 -22.13
N ALA D 46 18.49 1.73 -22.99
CA ALA D 46 17.21 2.41 -22.90
C ALA D 46 16.57 2.16 -21.53
N GLU D 47 16.07 3.22 -20.90
CA GLU D 47 15.45 3.11 -19.58
C GLU D 47 13.94 3.00 -19.67
N GLY D 48 13.43 1.78 -19.57
CA GLY D 48 11.99 1.52 -19.60
C GLY D 48 11.31 1.94 -18.32
N ASP D 49 10.07 2.42 -18.44
CA ASP D 49 9.26 2.84 -17.30
C ASP D 49 7.80 2.41 -17.52
N LYS D 50 6.88 2.93 -16.72
CA LYS D 50 5.47 2.55 -16.77
C LYS D 50 4.89 2.50 -18.17
N GLU D 51 5.12 3.55 -18.96
CA GLU D 51 4.55 3.62 -20.32
C GLU D 51 5.11 2.56 -21.26
N ASP D 52 6.39 2.24 -21.10
CA ASP D 52 7.03 1.19 -21.91
C ASP D 52 6.47 -0.19 -21.54
N VAL D 53 6.33 -0.44 -20.25
CA VAL D 53 5.75 -1.68 -19.75
C VAL D 53 4.34 -1.85 -20.36
N ASP D 54 3.55 -0.78 -20.30
CA ASP D 54 2.19 -0.81 -20.82
C ASP D 54 2.15 -1.20 -22.29
N LYS D 55 3.04 -0.60 -23.08
CA LYS D 55 3.19 -0.98 -24.49
C LYS D 55 3.54 -2.47 -24.63
N ALA D 56 4.45 -2.93 -23.77
CA ALA D 56 4.86 -4.34 -23.76
C ALA D 56 3.69 -5.28 -23.43
N VAL D 57 2.85 -4.89 -22.47
CA VAL D 57 1.73 -5.71 -22.03
C VAL D 57 0.63 -5.78 -23.10
N LYS D 58 0.44 -4.69 -23.84
CA LYS D 58 -0.50 -4.68 -24.95
C LYS D 58 -0.03 -5.59 -26.08
N ALA D 59 1.27 -5.53 -26.38
CA ALA D 59 1.85 -6.42 -27.40
C ALA D 59 1.73 -7.90 -26.97
N ALA D 60 2.03 -8.17 -25.70
CA ALA D 60 1.89 -9.53 -25.16
C ALA D 60 0.45 -10.01 -25.27
N ARG D 61 -0.49 -9.18 -24.80
CA ARG D 61 -1.90 -9.52 -24.82
C ARG D 61 -2.41 -9.78 -26.23
N ALA D 62 -1.97 -8.95 -27.19
CA ALA D 62 -2.35 -9.14 -28.59
C ALA D 62 -1.86 -10.48 -29.14
N ALA D 63 -0.62 -10.83 -28.80
CA ALA D 63 -0.05 -12.11 -29.23
C ALA D 63 -0.77 -13.32 -28.61
N PHE D 64 -1.45 -13.11 -27.47
CA PHE D 64 -2.16 -14.17 -26.75
C PHE D 64 -3.64 -14.30 -27.13
N GLN D 65 -4.12 -13.49 -28.07
CA GLN D 65 -5.53 -13.53 -28.47
C GLN D 65 -5.89 -14.85 -29.11
N LEU D 66 -7.10 -15.33 -28.83
CA LEU D 66 -7.63 -16.51 -29.52
C LEU D 66 -7.47 -16.30 -31.03
N GLY D 67 -6.96 -17.32 -31.71
CA GLY D 67 -6.78 -17.26 -33.16
C GLY D 67 -5.44 -16.69 -33.62
N SER D 68 -4.62 -16.22 -32.68
CA SER D 68 -3.29 -15.71 -33.03
C SER D 68 -2.36 -16.83 -33.49
N PRO D 69 -1.26 -16.51 -34.20
CA PRO D 69 -0.31 -17.55 -34.58
C PRO D 69 0.24 -18.33 -33.38
N TRP D 70 0.46 -17.65 -32.26
CA TRP D 70 1.02 -18.28 -31.07
C TRP D 70 0.01 -19.17 -30.31
N ARG D 71 -1.26 -18.76 -30.25
CA ARG D 71 -2.28 -19.60 -29.63
C ARG D 71 -2.62 -20.82 -30.48
N ARG D 72 -2.59 -20.65 -31.80
CA ARG D 72 -2.91 -21.71 -32.74
C ARG D 72 -1.74 -22.66 -33.00
N MET D 73 -0.53 -22.21 -32.73
CA MET D 73 0.67 -22.99 -32.98
C MET D 73 0.63 -24.35 -32.29
N ASP D 74 1.00 -25.40 -33.01
CA ASP D 74 1.05 -26.73 -32.43
C ASP D 74 1.97 -26.74 -31.21
N ALA D 75 1.57 -27.45 -30.18
CA ALA D 75 2.34 -27.56 -28.95
C ALA D 75 3.73 -28.09 -29.25
N SER D 76 3.81 -29.10 -30.12
CA SER D 76 5.09 -29.66 -30.55
C SER D 76 5.97 -28.62 -31.23
N HIS D 77 5.36 -27.65 -31.92
CA HIS D 77 6.13 -26.61 -32.61
C HIS D 77 6.74 -25.57 -31.66
N ARG D 78 6.04 -25.25 -30.57
CA ARG D 78 6.62 -24.46 -29.49
C ARG D 78 7.91 -25.16 -29.05
N GLY D 79 7.82 -26.48 -28.87
CA GLY D 79 8.99 -27.33 -28.60
C GLY D 79 10.12 -27.11 -29.58
N ARG D 80 9.80 -27.14 -30.89
CA ARG D 80 10.80 -26.89 -31.95
C ARG D 80 11.45 -25.49 -31.82
N LEU D 81 10.64 -24.49 -31.50
CA LEU D 81 11.15 -23.12 -31.38
C LEU D 81 12.13 -22.96 -30.23
N LEU D 82 11.83 -23.57 -29.09
CA LEU D 82 12.74 -23.57 -27.95
C LEU D 82 14.05 -24.27 -28.31
N ASN D 83 13.96 -25.39 -29.02
CA ASN D 83 15.16 -26.09 -29.50
C ASN D 83 15.99 -25.27 -30.48
N ARG D 84 15.33 -24.53 -31.37
CA ARG D 84 16.02 -23.59 -32.26
C ARG D 84 16.72 -22.48 -31.48
N LEU D 85 16.03 -21.90 -30.49
CA LEU D 85 16.63 -20.87 -29.66
C LEU D 85 17.91 -21.37 -29.00
N ALA D 86 17.83 -22.57 -28.41
CA ALA D 86 19.00 -23.20 -27.78
C ALA D 86 20.17 -23.35 -28.76
N ASP D 87 19.90 -23.81 -29.98
CA ASP D 87 20.96 -23.94 -30.98
C ASP D 87 21.59 -22.57 -31.30
N LEU D 88 20.77 -21.53 -31.39
CA LEU D 88 21.25 -20.17 -31.68
C LEU D 88 22.10 -19.63 -30.53
N ILE D 89 21.69 -19.89 -29.30
CA ILE D 89 22.49 -19.56 -28.12
C ILE D 89 23.82 -20.32 -28.13
N GLU D 90 23.77 -21.62 -28.46
CA GLU D 90 25.00 -22.40 -28.57
C GLU D 90 25.92 -21.86 -29.68
N ARG D 91 25.34 -21.49 -30.83
CA ARG D 91 26.08 -20.87 -31.93
C ARG D 91 26.86 -19.65 -31.45
N ASP D 92 26.21 -18.81 -30.64
CA ASP D 92 26.78 -17.54 -30.18
C ASP D 92 27.28 -17.62 -28.74
N ARG D 93 27.73 -18.80 -28.33
CA ARG D 93 28.09 -19.09 -26.95
C ARG D 93 29.28 -18.26 -26.48
N THR D 94 30.34 -18.21 -27.29
CA THR D 94 31.57 -17.52 -26.91
C THR D 94 31.29 -16.05 -26.64
N TYR D 95 30.59 -15.41 -27.57
CA TYR D 95 30.20 -14.01 -27.40
C TYR D 95 29.37 -13.80 -26.14
N LEU D 96 28.28 -14.57 -25.99
CA LEU D 96 27.38 -14.41 -24.83
C LEU D 96 28.11 -14.59 -23.50
N ALA D 97 28.99 -15.58 -23.43
CA ALA D 97 29.79 -15.81 -22.23
C ALA D 97 30.68 -14.61 -21.93
N ALA D 98 31.33 -14.08 -22.96
CA ALA D 98 32.19 -12.90 -22.79
C ALA D 98 31.39 -11.68 -22.32
N LEU D 99 30.24 -11.47 -22.94
CA LEU D 99 29.35 -10.35 -22.60
C LEU D 99 28.85 -10.50 -21.17
N GLU D 100 28.48 -11.72 -20.80
CA GLU D 100 28.04 -12.01 -19.44
C GLU D 100 29.10 -11.61 -18.43
N THR D 101 30.35 -11.96 -18.73
CA THR D 101 31.48 -11.64 -17.85
C THR D 101 31.73 -10.15 -17.76
N LEU D 102 31.66 -9.46 -18.89
CA LEU D 102 31.92 -8.03 -18.94
C LEU D 102 30.96 -7.24 -18.05
N ASP D 103 29.69 -7.62 -18.12
CA ASP D 103 28.60 -6.89 -17.44
C ASP D 103 28.42 -7.34 -15.99
N ASN D 104 28.57 -8.65 -15.74
CA ASN D 104 28.29 -9.24 -14.40
C ASN D 104 29.53 -9.34 -13.50
N GLY D 105 30.67 -9.68 -14.08
CA GLY D 105 31.92 -9.81 -13.32
C GLY D 105 32.44 -11.23 -13.17
N LYS D 106 31.61 -12.24 -13.38
CA LYS D 106 32.03 -13.63 -13.13
C LYS D 106 33.11 -14.11 -14.11
N PRO D 107 33.96 -15.05 -13.69
CA PRO D 107 34.99 -15.65 -14.54
C PRO D 107 34.47 -16.10 -15.91
N TYR D 108 35.19 -15.72 -16.96
CA TYR D 108 34.80 -16.11 -18.31
C TYR D 108 34.75 -17.63 -18.48
N VAL D 109 35.70 -18.33 -17.86
CA VAL D 109 35.73 -19.80 -17.93
C VAL D 109 34.41 -20.37 -17.40
N ILE D 110 33.88 -19.76 -16.34
CA ILE D 110 32.66 -20.24 -15.69
C ILE D 110 31.41 -19.91 -16.51
N SER D 111 31.31 -18.67 -16.98
CA SER D 111 30.23 -18.27 -17.88
C SER D 111 30.09 -19.23 -19.05
N TYR D 112 31.22 -19.55 -19.70
CA TYR D 112 31.22 -20.42 -20.88
C TYR D 112 30.86 -21.86 -20.57
N LEU D 113 31.51 -22.43 -19.54
CA LEU D 113 31.38 -23.85 -19.22
C LEU D 113 30.20 -24.18 -18.32
N VAL D 114 29.84 -23.25 -17.44
CA VAL D 114 28.75 -23.48 -16.48
C VAL D 114 27.46 -22.76 -16.89
N ASP D 115 27.44 -21.43 -16.89
CA ASP D 115 26.19 -20.68 -17.15
C ASP D 115 25.57 -21.04 -18.48
N LEU D 116 26.36 -20.96 -19.55
CA LEU D 116 25.86 -21.20 -20.90
C LEU D 116 25.43 -22.66 -21.08
N ASP D 117 26.21 -23.58 -20.54
CA ASP D 117 25.84 -25.00 -20.52
C ASP D 117 24.46 -25.19 -19.88
N MET D 118 24.26 -24.60 -18.69
CA MET D 118 23.01 -24.75 -17.97
C MET D 118 21.85 -24.07 -18.70
N VAL D 119 22.11 -22.95 -19.37
CA VAL D 119 21.11 -22.29 -20.21
C VAL D 119 20.65 -23.23 -21.32
N LEU D 120 21.61 -23.86 -22.00
CA LEU D 120 21.32 -24.79 -23.07
C LEU D 120 20.49 -25.99 -22.58
N LYS D 121 20.88 -26.54 -21.43
CA LYS D 121 20.19 -27.69 -20.85
C LYS D 121 18.78 -27.34 -20.38
N CYS D 122 18.61 -26.18 -19.76
CA CYS D 122 17.29 -25.73 -19.32
C CYS D 122 16.34 -25.60 -20.51
N LEU D 123 16.78 -24.90 -21.53
CA LEU D 123 15.93 -24.64 -22.69
C LEU D 123 15.60 -25.91 -23.48
N ARG D 124 16.57 -26.79 -23.63
CA ARG D 124 16.35 -28.07 -24.30
C ARG D 124 15.46 -29.01 -23.50
N TYR D 125 15.59 -28.95 -22.17
CA TYR D 125 14.72 -29.71 -21.29
C TYR D 125 13.27 -29.27 -21.48
N TYR D 126 13.01 -27.97 -21.38
CA TYR D 126 11.63 -27.49 -21.53
C TYR D 126 11.06 -27.60 -22.95
N ALA D 127 11.93 -27.56 -23.96
CA ALA D 127 11.49 -27.87 -25.33
C ALA D 127 10.73 -29.20 -25.35
N GLY D 128 11.26 -30.19 -24.63
CA GLY D 128 10.65 -31.51 -24.55
C GLY D 128 9.31 -31.57 -23.83
N TRP D 129 9.04 -30.58 -22.97
CA TRP D 129 7.79 -30.53 -22.21
C TRP D 129 6.60 -29.92 -22.95
N ALA D 130 6.86 -29.19 -24.03
CA ALA D 130 5.84 -28.38 -24.69
C ALA D 130 4.56 -29.14 -25.02
N ASP D 131 4.71 -30.39 -25.47
CA ASP D 131 3.57 -31.20 -25.88
C ASP D 131 3.30 -32.42 -24.99
N LYS D 132 3.71 -32.37 -23.73
CA LYS D 132 3.54 -33.53 -22.82
C LYS D 132 2.87 -33.24 -21.48
N TYR D 133 2.48 -31.98 -21.23
CA TYR D 133 1.84 -31.63 -19.94
C TYR D 133 0.32 -31.80 -20.04
N HIS D 134 -0.12 -33.03 -19.84
CA HIS D 134 -1.49 -33.44 -20.10
C HIS D 134 -2.46 -32.94 -19.05
N GLY D 135 -3.68 -32.60 -19.49
CA GLY D 135 -4.81 -32.48 -18.58
C GLY D 135 -5.31 -33.88 -18.27
N LYS D 136 -6.46 -33.97 -17.59
CA LYS D 136 -7.00 -35.24 -17.16
C LYS D 136 -8.41 -35.47 -17.69
N THR D 137 -8.76 -36.73 -17.90
CA THR D 137 -10.17 -37.13 -18.02
C THR D 137 -10.51 -37.78 -16.69
N ILE D 138 -11.69 -37.45 -16.17
CA ILE D 138 -12.00 -37.65 -14.75
C ILE D 138 -13.32 -38.42 -14.60
N PRO D 139 -13.30 -39.54 -13.87
CA PRO D 139 -14.51 -40.32 -13.64
C PRO D 139 -15.41 -39.71 -12.55
N ILE D 140 -16.06 -38.61 -12.90
CA ILE D 140 -16.99 -37.92 -11.99
C ILE D 140 -18.29 -38.73 -11.84
N ASP D 141 -18.96 -38.57 -10.70
CA ASP D 141 -20.29 -39.15 -10.46
C ASP D 141 -21.31 -38.67 -11.52
N GLY D 142 -22.31 -39.50 -11.80
CA GLY D 142 -23.43 -39.11 -12.66
C GLY D 142 -23.18 -39.28 -14.15
N ASP D 143 -24.19 -38.92 -14.95
CA ASP D 143 -24.13 -39.06 -16.41
C ASP D 143 -23.45 -37.84 -17.02
N PHE D 144 -22.14 -37.78 -16.80
CA PHE D 144 -21.31 -36.67 -17.24
C PHE D 144 -19.95 -37.19 -17.71
N PHE D 145 -19.37 -36.49 -18.67
CA PHE D 145 -17.97 -36.68 -19.04
C PHE D 145 -17.28 -35.41 -18.57
N SER D 146 -16.20 -35.57 -17.80
CA SER D 146 -15.50 -34.44 -17.24
C SER D 146 -14.01 -34.54 -17.51
N TYR D 147 -13.40 -33.40 -17.84
CA TYR D 147 -11.97 -33.32 -18.14
C TYR D 147 -11.40 -31.94 -17.86
N THR D 148 -10.08 -31.89 -17.75
CA THR D 148 -9.37 -30.63 -17.58
C THR D 148 -8.54 -30.29 -18.81
N ARG D 149 -8.52 -29.02 -19.18
CA ARG D 149 -7.58 -28.48 -20.13
C ARG D 149 -6.52 -27.77 -19.33
N HIS D 150 -5.27 -27.94 -19.73
CA HIS D 150 -4.19 -27.14 -19.19
C HIS D 150 -3.90 -26.01 -20.17
N GLU D 151 -4.50 -24.85 -19.92
CA GLU D 151 -4.29 -23.67 -20.76
C GLU D 151 -3.14 -22.86 -20.18
N PRO D 152 -2.58 -21.91 -20.96
CA PRO D 152 -1.54 -21.06 -20.41
C PRO D 152 -2.14 -20.02 -19.47
N VAL D 153 -1.39 -19.63 -18.45
CA VAL D 153 -1.88 -18.67 -17.46
C VAL D 153 -2.11 -17.30 -18.11
N GLY D 154 -1.28 -16.95 -19.10
CA GLY D 154 -1.54 -15.79 -19.95
C GLY D 154 -0.37 -14.85 -20.12
N VAL D 155 -0.58 -13.58 -19.82
CA VAL D 155 0.49 -12.59 -19.82
C VAL D 155 1.28 -12.71 -18.51
N CYS D 156 2.54 -13.11 -18.63
CA CYS D 156 3.38 -13.39 -17.47
C CYS D 156 4.47 -12.35 -17.33
N GLY D 157 4.46 -11.63 -16.22
CA GLY D 157 5.54 -10.74 -15.87
C GLY D 157 6.69 -11.52 -15.27
N GLN D 158 7.89 -11.29 -15.77
CA GLN D 158 9.05 -12.00 -15.26
C GLN D 158 10.16 -11.02 -14.94
N ILE D 159 10.56 -11.01 -13.68
CA ILE D 159 11.52 -10.05 -13.15
C ILE D 159 12.71 -10.85 -12.66
N ILE D 160 13.87 -10.67 -13.30
CA ILE D 160 15.02 -11.51 -12.97
C ILE D 160 16.21 -10.73 -12.44
N PRO D 161 17.03 -11.39 -11.61
CA PRO D 161 18.10 -10.72 -10.92
C PRO D 161 19.38 -10.67 -11.77
N TRP D 162 20.45 -10.17 -11.17
CA TRP D 162 21.70 -9.93 -11.87
C TRP D 162 22.78 -10.99 -11.64
N ASN D 163 22.60 -11.88 -10.67
CA ASN D 163 23.65 -12.84 -10.32
C ASN D 163 23.87 -13.95 -11.37
N PHE D 164 22.79 -14.39 -12.02
CA PHE D 164 22.88 -15.34 -13.14
C PHE D 164 21.96 -14.84 -14.25
N PRO D 165 22.36 -13.77 -14.96
CA PRO D 165 21.46 -13.09 -15.89
C PRO D 165 20.91 -13.98 -16.99
N LEU D 166 21.80 -14.69 -17.69
CA LEU D 166 21.38 -15.59 -18.77
C LEU D 166 20.59 -16.78 -18.24
N LEU D 167 21.14 -17.43 -17.23
CA LEU D 167 20.52 -18.62 -16.67
C LEU D 167 19.11 -18.33 -16.15
N MET D 168 18.97 -17.24 -15.39
CA MET D 168 17.68 -16.89 -14.80
C MET D 168 16.65 -16.58 -15.88
N GLN D 169 17.11 -15.98 -16.99
CA GLN D 169 16.24 -15.74 -18.15
C GLN D 169 15.73 -17.06 -18.72
N ALA D 170 16.63 -18.05 -18.82
CA ALA D 170 16.26 -19.38 -19.33
C ALA D 170 15.27 -20.11 -18.42
N TRP D 171 15.54 -20.09 -17.12
CA TRP D 171 14.66 -20.69 -16.11
C TRP D 171 13.23 -20.14 -16.15
N LYS D 172 13.08 -18.89 -16.60
CA LYS D 172 11.77 -18.25 -16.71
C LYS D 172 11.12 -18.52 -18.08
N LEU D 173 11.90 -18.31 -19.14
CA LEU D 173 11.40 -18.44 -20.49
C LEU D 173 11.00 -19.87 -20.84
N GLY D 174 11.84 -20.82 -20.44
CA GLY D 174 11.60 -22.23 -20.73
C GLY D 174 10.21 -22.71 -20.39
N PRO D 175 9.83 -22.68 -19.10
CA PRO D 175 8.52 -23.18 -18.71
C PRO D 175 7.38 -22.33 -19.23
N ALA D 176 7.60 -21.02 -19.39
CA ALA D 176 6.54 -20.12 -19.79
C ALA D 176 6.17 -20.37 -21.25
N LEU D 177 7.18 -20.44 -22.10
CA LEU D 177 6.97 -20.63 -23.53
C LEU D 177 6.59 -22.07 -23.87
N ALA D 178 7.10 -23.03 -23.11
CA ALA D 178 6.72 -24.44 -23.28
C ALA D 178 5.20 -24.63 -23.14
N THR D 179 4.61 -23.89 -22.21
CA THR D 179 3.18 -24.01 -21.90
C THR D 179 2.34 -22.97 -22.64
N GLY D 180 2.98 -22.22 -23.55
CA GLY D 180 2.27 -21.34 -24.47
C GLY D 180 1.86 -19.99 -23.91
N ASN D 181 2.55 -19.53 -22.86
CA ASN D 181 2.29 -18.20 -22.33
C ASN D 181 3.02 -17.14 -23.16
N VAL D 182 2.76 -15.89 -22.83
CA VAL D 182 3.50 -14.78 -23.40
C VAL D 182 4.15 -14.05 -22.22
N VAL D 183 5.23 -13.34 -22.51
CA VAL D 183 6.10 -12.81 -21.46
C VAL D 183 6.43 -11.34 -21.63
N VAL D 184 6.34 -10.60 -20.52
CA VAL D 184 6.93 -9.30 -20.40
C VAL D 184 7.98 -9.42 -19.31
N MET D 185 9.24 -9.31 -19.70
CA MET D 185 10.35 -9.58 -18.81
C MET D 185 11.09 -8.30 -18.48
N LYS D 186 11.43 -8.14 -17.20
CA LYS D 186 12.21 -7.01 -16.73
C LYS D 186 13.57 -7.57 -16.33
N VAL D 187 14.62 -7.10 -16.98
CA VAL D 187 15.96 -7.56 -16.65
C VAL D 187 16.62 -6.55 -15.72
N ALA D 188 17.61 -7.03 -14.98
CA ALA D 188 18.27 -6.23 -13.96
C ALA D 188 19.15 -5.13 -14.59
N GLU D 189 19.09 -3.94 -14.00
CA GLU D 189 19.83 -2.77 -14.51
C GLU D 189 21.34 -2.93 -14.47
N GLN D 190 21.82 -3.83 -13.60
CA GLN D 190 23.23 -4.12 -13.45
C GLN D 190 23.75 -5.00 -14.57
N THR D 191 22.86 -5.78 -15.18
CA THR D 191 23.25 -6.83 -16.13
C THR D 191 22.21 -7.04 -17.23
N PRO D 192 21.81 -5.96 -17.93
CA PRO D 192 20.75 -6.15 -18.92
C PRO D 192 21.21 -6.64 -20.30
N LEU D 193 22.50 -6.64 -20.57
CA LEU D 193 22.98 -6.77 -21.96
C LEU D 193 22.79 -8.15 -22.57
N THR D 194 23.09 -9.22 -21.81
CA THR D 194 23.01 -10.57 -22.38
C THR D 194 21.57 -10.97 -22.71
N ALA D 195 20.62 -10.50 -21.91
CA ALA D 195 19.21 -10.78 -22.12
C ALA D 195 18.68 -10.13 -23.40
N LEU D 196 19.17 -8.93 -23.69
CA LEU D 196 18.75 -8.21 -24.87
C LEU D 196 19.28 -8.87 -26.14
N TYR D 197 20.53 -9.34 -26.11
CA TYR D 197 21.04 -10.06 -27.27
C TYR D 197 20.21 -11.31 -27.53
N VAL D 198 19.87 -12.03 -26.46
CA VAL D 198 19.05 -13.24 -26.58
C VAL D 198 17.70 -12.93 -27.19
N ALA D 199 17.15 -11.75 -26.89
CA ALA D 199 15.93 -11.28 -27.56
C ALA D 199 16.08 -11.28 -29.09
N ASN D 200 17.24 -10.89 -29.59
CA ASN D 200 17.52 -10.91 -31.03
C ASN D 200 17.40 -12.36 -31.53
N LEU D 201 17.97 -13.29 -30.77
CA LEU D 201 17.95 -14.71 -31.10
C LEU D 201 16.52 -15.29 -31.04
N ILE D 202 15.72 -14.80 -30.09
CA ILE D 202 14.31 -15.18 -30.01
C ILE D 202 13.56 -14.79 -31.28
N LYS D 203 13.85 -13.60 -31.80
CA LYS D 203 13.29 -13.17 -33.08
C LYS D 203 13.79 -14.11 -34.18
N GLU D 204 15.09 -14.35 -34.20
CA GLU D 204 15.71 -15.18 -35.24
C GLU D 204 15.22 -16.63 -35.20
N ALA D 205 14.89 -17.13 -34.02
CA ALA D 205 14.34 -18.46 -33.85
C ALA D 205 12.97 -18.61 -34.51
N GLY D 206 12.22 -17.52 -34.60
CA GLY D 206 10.91 -17.51 -35.23
C GLY D 206 9.73 -17.43 -34.28
N PHE D 207 9.98 -17.05 -33.02
CA PHE D 207 8.89 -16.80 -32.08
C PHE D 207 8.07 -15.62 -32.60
N PRO D 208 6.74 -15.75 -32.65
CA PRO D 208 5.92 -14.63 -33.16
C PRO D 208 6.12 -13.32 -32.39
N PRO D 209 5.97 -12.16 -33.08
CA PRO D 209 6.07 -10.85 -32.41
C PRO D 209 5.19 -10.77 -31.17
N GLY D 210 5.77 -10.32 -30.07
CA GLY D 210 4.99 -10.07 -28.85
C GLY D 210 5.00 -11.20 -27.84
N VAL D 211 5.46 -12.39 -28.23
CA VAL D 211 5.52 -13.53 -27.33
C VAL D 211 6.55 -13.32 -26.21
N VAL D 212 7.73 -12.80 -26.56
CA VAL D 212 8.71 -12.38 -25.55
C VAL D 212 9.02 -10.91 -25.74
N ASN D 213 8.75 -10.11 -24.70
CA ASN D 213 9.10 -8.69 -24.69
C ASN D 213 10.00 -8.44 -23.50
N ILE D 214 11.02 -7.62 -23.69
CA ILE D 214 11.97 -7.32 -22.63
C ILE D 214 12.05 -5.82 -22.42
N VAL D 215 11.87 -5.41 -21.18
CA VAL D 215 11.98 -4.01 -20.78
C VAL D 215 13.12 -3.85 -19.78
N PRO D 216 14.28 -3.35 -20.23
CA PRO D 216 15.33 -3.01 -19.27
C PRO D 216 14.99 -1.73 -18.53
N GLY D 217 15.48 -1.61 -17.31
CA GLY D 217 15.18 -0.45 -16.45
C GLY D 217 15.33 -0.79 -14.97
N PHE D 218 14.72 0.02 -14.12
CA PHE D 218 14.88 -0.08 -12.66
C PHE D 218 13.67 -0.73 -11.98
N GLY D 219 13.90 -1.27 -10.79
CA GLY D 219 12.89 -2.03 -10.04
C GLY D 219 11.65 -1.25 -9.63
N PRO D 220 11.84 -0.09 -8.96
CA PRO D 220 10.71 0.71 -8.48
C PRO D 220 9.83 1.31 -9.59
N THR D 221 10.34 1.35 -10.83
CA THR D 221 9.60 1.92 -11.95
C THR D 221 9.08 0.82 -12.87
N ALA D 222 9.99 0.22 -13.65
CA ALA D 222 9.61 -0.84 -14.59
C ALA D 222 9.07 -2.07 -13.86
N GLY D 223 9.78 -2.51 -12.84
CA GLY D 223 9.42 -3.71 -12.10
C GLY D 223 8.05 -3.59 -11.43
N ALA D 224 7.85 -2.48 -10.74
CA ALA D 224 6.60 -2.21 -10.03
C ALA D 224 5.43 -2.08 -10.99
N ALA D 225 5.67 -1.49 -12.16
CA ALA D 225 4.65 -1.36 -13.18
C ALA D 225 4.16 -2.70 -13.70
N ILE D 226 5.04 -3.69 -13.76
CA ILE D 226 4.67 -5.06 -14.11
C ILE D 226 3.86 -5.72 -13.01
N ALA D 227 4.36 -5.64 -11.78
CA ALA D 227 3.69 -6.28 -10.65
C ALA D 227 2.31 -5.71 -10.39
N SER D 228 2.11 -4.42 -10.66
CA SER D 228 0.85 -3.73 -10.41
C SER D 228 -0.09 -3.70 -11.62
N HIS D 229 0.35 -4.23 -12.75
CA HIS D 229 -0.38 -4.08 -14.00
C HIS D 229 -1.69 -4.87 -14.00
N GLU D 230 -2.75 -4.22 -14.46
CA GLU D 230 -4.10 -4.79 -14.37
C GLU D 230 -4.38 -5.85 -15.42
N ASP D 231 -3.49 -5.99 -16.40
CA ASP D 231 -3.63 -6.99 -17.46
C ASP D 231 -2.48 -8.00 -17.47
N VAL D 232 -1.71 -8.06 -16.40
CA VAL D 232 -0.74 -9.12 -16.21
C VAL D 232 -1.42 -10.18 -15.33
N ASP D 233 -1.40 -11.42 -15.81
CA ASP D 233 -2.09 -12.53 -15.15
C ASP D 233 -1.24 -13.23 -14.12
N LYS D 234 0.08 -13.08 -14.24
CA LYS D 234 1.02 -13.82 -13.41
C LYS D 234 2.37 -13.11 -13.37
N VAL D 235 2.99 -13.11 -12.20
CA VAL D 235 4.34 -12.56 -12.05
C VAL D 235 5.22 -13.59 -11.37
N ALA D 236 6.34 -13.89 -12.00
CA ALA D 236 7.40 -14.67 -11.37
C ALA D 236 8.55 -13.71 -11.09
N PHE D 237 9.06 -13.77 -9.85
CA PHE D 237 10.09 -12.85 -9.40
C PHE D 237 11.21 -13.61 -8.71
N THR D 238 12.45 -13.24 -9.02
CA THR D 238 13.62 -13.76 -8.34
C THR D 238 14.46 -12.57 -7.88
N GLY D 239 14.76 -12.55 -6.59
CA GLY D 239 15.46 -11.43 -5.96
C GLY D 239 15.37 -11.56 -4.45
N SER D 240 15.35 -10.43 -3.75
CA SER D 240 15.43 -10.45 -2.30
C SER D 240 14.05 -10.69 -1.70
N THR D 241 14.05 -11.27 -0.51
CA THR D 241 12.82 -11.53 0.24
C THR D 241 12.04 -10.24 0.44
N GLU D 242 12.74 -9.16 0.77
CA GLU D 242 12.11 -7.86 0.99
C GLU D 242 11.30 -7.40 -0.22
N ILE D 243 11.90 -7.44 -1.41
CA ILE D 243 11.19 -7.01 -2.62
C ILE D 243 10.09 -8.02 -2.95
N GLY D 244 10.34 -9.30 -2.68
CA GLY D 244 9.33 -10.34 -2.82
C GLY D 244 8.03 -9.98 -2.10
N ARG D 245 8.16 -9.46 -0.88
CA ARG D 245 7.00 -8.93 -0.14
C ARG D 245 6.30 -7.83 -0.93
N VAL D 246 7.08 -6.91 -1.49
CA VAL D 246 6.51 -5.81 -2.28
C VAL D 246 5.72 -6.34 -3.48
N ILE D 247 6.20 -7.40 -4.11
CA ILE D 247 5.54 -7.96 -5.29
C ILE D 247 4.21 -8.62 -4.92
N GLN D 248 4.20 -9.40 -3.85
CA GLN D 248 2.98 -10.08 -3.40
C GLN D 248 1.91 -9.07 -3.01
N VAL D 249 2.32 -8.01 -2.31
CA VAL D 249 1.42 -6.90 -1.94
C VAL D 249 0.88 -6.19 -3.19
N ALA D 250 1.77 -5.90 -4.13
CA ALA D 250 1.35 -5.25 -5.38
C ALA D 250 0.33 -6.09 -6.12
N ALA D 251 0.55 -7.41 -6.12
CA ALA D 251 -0.31 -8.35 -6.84
C ALA D 251 -1.72 -8.43 -6.26
N GLY D 252 -1.81 -8.45 -4.93
CA GLY D 252 -3.09 -8.40 -4.24
C GLY D 252 -3.76 -7.05 -4.38
N SER D 253 -2.96 -5.99 -4.30
CA SER D 253 -3.45 -4.62 -4.42
C SER D 253 -4.00 -4.27 -5.80
N SER D 254 -3.64 -5.06 -6.83
CA SER D 254 -4.07 -4.77 -8.20
C SER D 254 -5.18 -5.71 -8.68
N ASN D 255 -4.79 -6.83 -9.30
CA ASN D 255 -5.75 -7.72 -9.95
C ASN D 255 -5.68 -9.18 -9.51
N LEU D 256 -5.08 -9.46 -8.36
CA LEU D 256 -4.93 -10.84 -7.86
C LEU D 256 -4.21 -11.76 -8.85
N LYS D 257 -3.30 -11.19 -9.64
CA LYS D 257 -2.44 -12.00 -10.51
C LYS D 257 -1.73 -13.06 -9.67
N ARG D 258 -1.37 -14.18 -10.32
CA ARG D 258 -0.72 -15.28 -9.62
C ARG D 258 0.75 -14.94 -9.38
N VAL D 259 1.29 -15.37 -8.24
CA VAL D 259 2.64 -15.02 -7.82
C VAL D 259 3.46 -16.25 -7.42
N THR D 260 4.63 -16.40 -8.04
CA THR D 260 5.68 -17.27 -7.50
C THR D 260 6.92 -16.44 -7.19
N LEU D 261 7.67 -16.83 -6.16
CA LEU D 261 8.81 -16.07 -5.68
C LEU D 261 10.01 -16.98 -5.44
N GLU D 262 11.16 -16.58 -5.95
CA GLU D 262 12.43 -17.26 -5.67
C GLU D 262 13.34 -16.24 -4.99
N LEU D 263 13.62 -16.47 -3.71
CA LEU D 263 14.21 -15.44 -2.86
C LEU D 263 15.54 -15.91 -2.25
N GLY D 264 15.99 -15.22 -1.20
CA GLY D 264 17.29 -15.47 -0.61
C GLY D 264 17.30 -16.67 0.33
N GLY D 265 18.44 -16.88 0.97
CA GLY D 265 18.57 -17.96 1.91
C GLY D 265 19.77 -17.80 2.81
N LYS D 266 19.81 -18.62 3.86
CA LYS D 266 20.97 -18.74 4.71
C LYS D 266 21.21 -20.24 4.93
N SER D 267 21.55 -20.91 3.84
CA SER D 267 21.54 -22.36 3.77
C SER D 267 22.63 -23.01 4.62
N PRO D 268 22.25 -24.00 5.44
CA PRO D 268 23.20 -24.75 6.24
C PRO D 268 23.87 -25.86 5.46
N ASN D 269 25.20 -25.92 5.55
CA ASN D 269 25.97 -27.00 4.97
C ASN D 269 26.56 -27.82 6.13
N ILE D 270 25.93 -28.97 6.42
CA ILE D 270 26.27 -29.75 7.62
C ILE D 270 27.31 -30.84 7.33
N ILE D 271 28.46 -30.73 8.00
CA ILE D 271 29.56 -31.67 7.86
C ILE D 271 29.60 -32.59 9.08
N MET D 272 29.24 -33.85 8.87
CA MET D 272 29.31 -34.85 9.95
C MET D 272 30.75 -35.37 10.08
N SER D 273 31.10 -35.86 11.26
CA SER D 273 32.48 -36.25 11.55
C SER D 273 32.99 -37.39 10.66
N ASP D 274 32.07 -38.22 10.16
CA ASP D 274 32.45 -39.35 9.30
C ASP D 274 32.50 -38.97 7.81
N ALA D 275 32.54 -37.68 7.53
CA ALA D 275 32.60 -37.21 6.15
C ALA D 275 34.00 -37.35 5.58
N ASP D 276 34.07 -37.43 4.25
CA ASP D 276 35.33 -37.36 3.53
C ASP D 276 35.84 -35.93 3.65
N MET D 277 36.88 -35.75 4.48
CA MET D 277 37.41 -34.42 4.82
C MET D 277 37.84 -33.61 3.60
N ASP D 278 38.65 -34.22 2.73
CA ASP D 278 39.13 -33.57 1.51
C ASP D 278 37.95 -33.09 0.65
N TRP D 279 37.02 -33.99 0.37
CA TRP D 279 35.82 -33.66 -0.42
C TRP D 279 34.97 -32.60 0.27
N ALA D 280 34.75 -32.76 1.58
CA ALA D 280 33.91 -31.84 2.36
C ALA D 280 34.47 -30.41 2.41
N VAL D 281 35.78 -30.28 2.52
CA VAL D 281 36.44 -28.98 2.53
C VAL D 281 36.31 -28.28 1.18
N GLU D 282 36.56 -29.01 0.08
CA GLU D 282 36.47 -28.41 -1.25
C GLU D 282 35.02 -28.03 -1.61
N GLN D 283 34.08 -28.88 -1.22
CA GLN D 283 32.67 -28.66 -1.51
C GLN D 283 32.05 -27.53 -0.69
N ALA D 284 32.47 -27.39 0.57
CA ALA D 284 32.01 -26.29 1.41
C ALA D 284 32.56 -24.95 0.91
N HIS D 285 33.80 -24.96 0.43
CA HIS D 285 34.42 -23.79 -0.16
C HIS D 285 33.64 -23.37 -1.41
N PHE D 286 33.42 -24.33 -2.31
CA PHE D 286 32.57 -24.14 -3.50
C PHE D 286 31.15 -23.70 -3.12
N ALA D 287 30.59 -24.32 -2.08
CA ALA D 287 29.23 -24.00 -1.63
C ALA D 287 29.08 -22.52 -1.26
N LEU D 288 30.14 -21.93 -0.71
CA LEU D 288 30.08 -20.55 -0.24
C LEU D 288 30.57 -19.57 -1.29
N PHE D 289 31.73 -19.83 -1.88
CA PHE D 289 32.40 -18.83 -2.71
C PHE D 289 31.97 -18.81 -4.18
N PHE D 290 31.19 -19.80 -4.62
CA PHE D 290 30.76 -19.84 -6.02
C PHE D 290 30.13 -18.52 -6.44
N ASN D 291 30.50 -18.07 -7.63
CA ASN D 291 29.96 -16.85 -8.20
C ASN D 291 30.09 -15.64 -7.27
N GLN D 292 31.28 -15.50 -6.65
CA GLN D 292 31.58 -14.39 -5.74
C GLN D 292 30.66 -14.37 -4.49
N GLY D 293 30.14 -15.54 -4.12
CA GLY D 293 29.17 -15.67 -3.04
C GLY D 293 27.79 -15.11 -3.36
N GLN D 294 27.52 -14.87 -4.63
CA GLN D 294 26.27 -14.22 -5.05
C GLN D 294 25.29 -15.28 -5.58
N CYS D 295 25.00 -16.23 -4.70
CA CYS D 295 24.07 -17.32 -4.99
C CYS D 295 23.08 -17.35 -3.84
N CYS D 296 21.79 -17.40 -4.18
CA CYS D 296 20.74 -17.43 -3.18
C CYS D 296 20.86 -18.63 -2.23
N CYS D 297 21.35 -19.76 -2.75
CA CYS D 297 21.49 -20.96 -1.92
C CYS D 297 22.93 -21.25 -1.52
N ALA D 298 23.72 -20.20 -1.33
CA ALA D 298 25.11 -20.37 -0.90
C ALA D 298 25.16 -20.98 0.49
N GLY D 299 26.05 -21.96 0.67
CA GLY D 299 26.23 -22.61 1.97
C GLY D 299 26.86 -21.65 2.95
N SER D 300 26.05 -20.70 3.41
CA SER D 300 26.53 -19.56 4.20
C SER D 300 26.57 -19.87 5.70
N ARG D 301 26.09 -21.04 6.07
CA ARG D 301 26.24 -21.55 7.43
C ARG D 301 26.84 -22.94 7.38
N THR D 302 28.15 -23.03 7.59
CA THR D 302 28.85 -24.30 7.58
C THR D 302 28.93 -24.86 8.99
N PHE D 303 28.13 -25.89 9.25
CA PHE D 303 28.11 -26.57 10.54
C PHE D 303 29.09 -27.74 10.47
N VAL D 304 30.11 -27.73 11.34
CA VAL D 304 31.12 -28.79 11.38
C VAL D 304 31.10 -29.45 12.75
N GLN D 305 31.00 -30.78 12.78
CA GLN D 305 30.96 -31.54 14.03
C GLN D 305 32.27 -31.32 14.81
N GLU D 306 32.17 -31.24 16.13
CA GLU D 306 33.27 -30.75 16.99
C GLU D 306 34.59 -31.52 16.83
N ASP D 307 34.51 -32.83 16.63
CA ASP D 307 35.71 -33.65 16.56
C ASP D 307 36.59 -33.31 15.35
N ILE D 308 35.98 -32.81 14.28
CA ILE D 308 36.71 -32.46 13.05
C ILE D 308 36.81 -30.95 12.80
N TYR D 309 36.27 -30.16 13.72
CA TYR D 309 36.16 -28.72 13.56
C TYR D 309 37.51 -28.06 13.29
N ASP D 310 38.49 -28.29 14.16
CA ASP D 310 39.78 -27.61 14.10
C ASP D 310 40.50 -27.86 12.78
N GLU D 311 40.51 -29.13 12.32
CA GLU D 311 41.14 -29.47 11.05
C GLU D 311 40.37 -28.86 9.87
N PHE D 312 39.04 -28.94 9.90
CA PHE D 312 38.22 -28.39 8.82
C PHE D 312 38.41 -26.88 8.68
N VAL D 313 38.46 -26.18 9.82
CA VAL D 313 38.67 -24.73 9.83
C VAL D 313 40.04 -24.40 9.26
N GLU D 314 41.06 -25.15 9.69
CA GLU D 314 42.42 -24.94 9.21
C GLU D 314 42.50 -25.11 7.70
N ARG D 315 41.91 -26.18 7.19
CA ARG D 315 41.90 -26.46 5.75
C ARG D 315 41.06 -25.44 4.98
N SER D 316 39.95 -25.01 5.57
CA SER D 316 39.05 -24.04 4.92
C SER D 316 39.72 -22.68 4.78
N VAL D 317 40.41 -22.24 5.83
CA VAL D 317 41.16 -20.98 5.79
C VAL D 317 42.27 -21.01 4.74
N ALA D 318 42.98 -22.13 4.65
CA ALA D 318 44.08 -22.25 3.67
C ALA D 318 43.53 -22.15 2.24
N ARG D 319 42.40 -22.80 2.00
CA ARG D 319 41.76 -22.78 0.69
C ARG D 319 41.25 -21.38 0.31
N ALA D 320 40.64 -20.70 1.27
CA ALA D 320 40.22 -19.31 1.09
C ALA D 320 41.38 -18.40 0.68
N LYS D 321 42.51 -18.54 1.36
CA LYS D 321 43.70 -17.72 1.06
C LYS D 321 44.30 -17.99 -0.32
N SER D 322 44.09 -19.19 -0.85
CA SER D 322 44.66 -19.56 -2.14
C SER D 322 43.75 -19.21 -3.30
N ARG D 323 42.51 -18.81 -3.02
CA ARG D 323 41.55 -18.47 -4.06
C ARG D 323 42.05 -17.24 -4.82
N VAL D 324 42.19 -17.36 -6.14
CA VAL D 324 42.75 -16.27 -6.94
C VAL D 324 41.67 -15.26 -7.33
N VAL D 325 41.84 -14.02 -6.83
CA VAL D 325 40.95 -12.92 -7.15
C VAL D 325 41.62 -12.03 -8.20
N GLY D 326 40.93 -11.77 -9.30
CA GLY D 326 41.50 -10.96 -10.37
C GLY D 326 40.59 -10.72 -11.56
N ASN D 327 41.21 -10.29 -12.65
CA ASN D 327 40.55 -10.12 -13.94
C ASN D 327 39.77 -11.39 -14.33
N PRO D 328 38.42 -11.28 -14.43
CA PRO D 328 37.63 -12.47 -14.72
C PRO D 328 37.91 -13.10 -16.08
N PHE D 329 38.46 -12.34 -17.03
CA PHE D 329 38.86 -12.88 -18.32
C PHE D 329 40.18 -13.65 -18.30
N ASP D 330 40.95 -13.53 -17.22
CA ASP D 330 42.20 -14.28 -17.06
C ASP D 330 41.92 -15.69 -16.55
N SER D 331 42.35 -16.69 -17.31
CA SER D 331 42.06 -18.11 -17.02
C SER D 331 42.40 -18.56 -15.60
N LYS D 332 43.37 -17.91 -14.98
CA LYS D 332 43.76 -18.19 -13.60
C LYS D 332 42.68 -17.76 -12.57
N THR D 333 41.83 -16.81 -12.94
CA THR D 333 40.88 -16.21 -12.00
C THR D 333 39.77 -17.17 -11.55
N GLU D 334 39.65 -17.33 -10.23
CA GLU D 334 38.56 -18.08 -9.62
C GLU D 334 37.42 -17.14 -9.21
N GLN D 335 37.77 -15.96 -8.68
CA GLN D 335 36.79 -15.02 -8.15
C GLN D 335 36.89 -13.64 -8.80
N GLY D 336 35.80 -13.19 -9.40
CA GLY D 336 35.72 -11.86 -9.98
C GLY D 336 35.30 -10.84 -8.93
N PRO D 337 34.90 -9.64 -9.37
CA PRO D 337 34.42 -8.62 -8.45
C PRO D 337 32.97 -8.86 -8.10
N GLN D 338 32.49 -8.18 -7.07
CA GLN D 338 31.07 -8.16 -6.79
C GLN D 338 30.40 -7.37 -7.91
N VAL D 339 29.08 -7.48 -8.03
CA VAL D 339 28.38 -6.98 -9.22
C VAL D 339 28.41 -5.47 -9.37
N ASP D 340 28.35 -4.75 -8.25
CA ASP D 340 28.28 -3.27 -8.27
C ASP D 340 28.68 -2.66 -6.92
N GLU D 341 28.66 -1.34 -6.83
CA GLU D 341 29.10 -0.62 -5.63
C GLU D 341 28.17 -0.81 -4.44
N THR D 342 26.87 -0.92 -4.72
CA THR D 342 25.89 -1.16 -3.66
C THR D 342 26.17 -2.46 -2.93
N GLN D 343 26.40 -3.54 -3.68
CA GLN D 343 26.74 -4.83 -3.06
C GLN D 343 28.12 -4.79 -2.41
N PHE D 344 29.08 -4.18 -3.09
CA PHE D 344 30.43 -3.95 -2.55
C PHE D 344 30.35 -3.38 -1.11
N LYS D 345 29.65 -2.27 -0.97
CA LYS D 345 29.52 -1.59 0.32
C LYS D 345 28.81 -2.45 1.36
N LYS D 346 27.72 -3.09 0.93
CA LYS D 346 26.90 -3.92 1.80
C LYS D 346 27.72 -5.06 2.41
N ILE D 347 28.55 -5.69 1.59
CA ILE D 347 29.38 -6.79 2.04
C ILE D 347 30.40 -6.31 3.07
N LEU D 348 31.02 -5.16 2.82
CA LEU D 348 31.94 -4.53 3.78
C LEU D 348 31.23 -4.15 5.08
N GLY D 349 29.97 -3.77 4.97
CA GLY D 349 29.12 -3.54 6.13
C GLY D 349 28.95 -4.80 6.95
N TYR D 350 28.69 -5.92 6.27
CA TYR D 350 28.47 -7.20 6.94
C TYR D 350 29.75 -7.72 7.59
N ILE D 351 30.87 -7.60 6.89
CA ILE D 351 32.17 -7.97 7.45
C ILE D 351 32.43 -7.19 8.74
N ASN D 352 32.18 -5.89 8.72
CA ASN D 352 32.37 -5.06 9.91
C ASN D 352 31.50 -5.55 11.06
N THR D 353 30.26 -5.90 10.73
CA THR D 353 29.30 -6.39 11.70
C THR D 353 29.79 -7.67 12.38
N GLY D 354 30.28 -8.61 11.59
CA GLY D 354 30.85 -9.86 12.11
C GLY D 354 31.93 -9.61 13.14
N LYS D 355 32.88 -8.72 12.81
CA LYS D 355 33.96 -8.36 13.71
C LYS D 355 33.44 -7.75 15.02
N GLN D 356 32.48 -6.84 14.90
CA GLN D 356 31.91 -6.15 16.06
C GLN D 356 31.12 -7.05 17.02
N GLU D 357 30.52 -8.13 16.49
CA GLU D 357 29.66 -9.00 17.30
C GLU D 357 30.36 -10.25 17.83
N GLY D 358 31.66 -10.34 17.64
CA GLY D 358 32.47 -11.37 18.29
C GLY D 358 32.82 -12.58 17.45
N ALA D 359 32.59 -12.52 16.14
CA ALA D 359 33.04 -13.58 15.25
C ALA D 359 34.54 -13.45 15.00
N LYS D 360 35.24 -14.57 14.95
CA LYS D 360 36.70 -14.58 14.83
C LYS D 360 37.13 -14.53 13.36
N LEU D 361 37.69 -13.41 12.94
CA LEU D 361 38.14 -13.24 11.56
C LEU D 361 39.45 -14.00 11.29
N LEU D 362 39.37 -15.04 10.46
CA LEU D 362 40.50 -15.93 10.21
C LEU D 362 41.34 -15.55 8.99
N CYS D 363 40.72 -14.94 7.99
CA CYS D 363 41.44 -14.45 6.81
C CYS D 363 40.61 -13.44 6.05
N GLY D 364 41.28 -12.60 5.27
CA GLY D 364 40.63 -11.63 4.41
C GLY D 364 39.92 -10.54 5.19
N GLY D 365 38.71 -10.21 4.75
CA GLY D 365 37.88 -9.22 5.44
C GLY D 365 38.05 -7.80 4.95
N GLY D 366 38.76 -7.61 3.83
CA GLY D 366 39.00 -6.27 3.30
C GLY D 366 38.81 -6.17 1.80
N ILE D 367 39.22 -5.03 1.25
CA ILE D 367 39.15 -4.75 -0.18
C ILE D 367 40.38 -5.37 -0.86
N ALA D 368 40.18 -5.98 -2.01
CA ALA D 368 41.24 -6.78 -2.66
C ALA D 368 41.92 -6.09 -3.83
N ALA D 369 41.48 -4.87 -4.16
CA ALA D 369 42.07 -4.11 -5.26
C ALA D 369 41.62 -2.64 -5.21
N ASP D 370 42.34 -1.78 -5.93
CA ASP D 370 42.00 -0.35 -5.97
C ASP D 370 40.98 -0.02 -7.07
N ARG D 371 40.73 -0.96 -7.97
CA ARG D 371 39.80 -0.79 -9.08
C ARG D 371 38.73 -1.88 -9.08
N GLY D 372 37.53 -1.53 -9.53
CA GLY D 372 36.42 -2.48 -9.57
C GLY D 372 35.84 -2.70 -8.19
N TYR D 373 35.21 -3.85 -7.98
CA TYR D 373 34.55 -4.13 -6.71
C TYR D 373 34.97 -5.50 -6.15
N PHE D 374 36.28 -5.66 -5.97
CA PHE D 374 36.84 -6.93 -5.51
C PHE D 374 36.95 -6.97 -3.99
N ILE D 375 36.44 -8.05 -3.40
CA ILE D 375 36.51 -8.27 -1.95
C ILE D 375 37.28 -9.55 -1.65
N GLN D 376 38.17 -9.49 -0.65
CA GLN D 376 38.98 -10.64 -0.23
C GLN D 376 38.10 -11.80 0.25
N PRO D 377 38.46 -13.04 -0.13
CA PRO D 377 37.80 -14.20 0.45
C PRO D 377 37.92 -14.15 1.97
N THR D 378 36.77 -14.14 2.64
CA THR D 378 36.72 -13.92 4.07
C THR D 378 36.13 -15.12 4.78
N VAL D 379 36.77 -15.53 5.88
CA VAL D 379 36.26 -16.62 6.71
C VAL D 379 36.13 -16.19 8.17
N PHE D 380 34.94 -16.40 8.72
CA PHE D 380 34.70 -16.21 10.14
C PHE D 380 34.58 -17.57 10.81
N GLY D 381 35.31 -17.78 11.90
CA GLY D 381 35.18 -18.98 12.73
C GLY D 381 34.45 -18.70 14.03
N ASP D 382 34.09 -19.78 14.73
CA ASP D 382 33.37 -19.72 16.01
C ASP D 382 32.12 -18.83 15.94
N VAL D 383 31.40 -18.96 14.84
CA VAL D 383 30.17 -18.21 14.62
C VAL D 383 29.05 -18.85 15.45
N GLN D 384 28.18 -18.02 16.01
CA GLN D 384 27.07 -18.48 16.84
C GLN D 384 25.75 -18.10 16.17
N ASP D 385 24.68 -18.83 16.50
CA ASP D 385 23.38 -18.69 15.81
C ASP D 385 22.78 -17.28 15.92
N GLY D 386 22.90 -16.68 17.10
CA GLY D 386 22.34 -15.35 17.36
C GLY D 386 23.08 -14.20 16.71
N MET D 387 24.19 -14.47 16.04
CA MET D 387 24.94 -13.43 15.33
C MET D 387 24.23 -13.04 14.03
N THR D 388 24.30 -11.76 13.69
CA THR D 388 23.69 -11.25 12.46
C THR D 388 24.27 -11.89 11.20
N ILE D 389 25.60 -12.08 11.16
CA ILE D 389 26.23 -12.73 9.99
C ILE D 389 25.84 -14.20 9.85
N ALA D 390 25.39 -14.81 10.95
CA ALA D 390 24.86 -16.18 10.90
C ALA D 390 23.38 -16.21 10.51
N LYS D 391 22.72 -15.06 10.55
CA LYS D 391 21.28 -14.97 10.30
C LYS D 391 20.93 -14.43 8.93
N GLU D 392 21.61 -13.36 8.52
CA GLU D 392 21.23 -12.61 7.32
C GLU D 392 22.10 -12.92 6.12
N GLU D 393 21.48 -12.88 4.94
CA GLU D 393 22.18 -13.17 3.69
C GLU D 393 23.18 -12.06 3.37
N ILE D 394 24.46 -12.44 3.26
CA ILE D 394 25.52 -11.48 2.96
C ILE D 394 25.69 -11.31 1.45
N PHE D 395 25.56 -12.41 0.72
CA PHE D 395 25.63 -12.39 -0.75
C PHE D 395 27.01 -11.91 -1.21
N GLY D 396 28.03 -12.29 -0.45
CA GLY D 396 29.43 -11.99 -0.78
C GLY D 396 30.32 -13.16 -0.38
N PRO D 397 31.64 -13.01 -0.58
CA PRO D 397 32.58 -14.11 -0.29
C PRO D 397 32.96 -14.13 1.18
N VAL D 398 31.98 -14.40 2.03
CA VAL D 398 32.16 -14.34 3.48
C VAL D 398 31.62 -15.63 4.05
N MET D 399 32.51 -16.42 4.65
CA MET D 399 32.19 -17.77 5.10
C MET D 399 31.97 -17.79 6.61
N GLN D 400 30.92 -18.48 7.03
CA GLN D 400 30.59 -18.66 8.44
C GLN D 400 30.74 -20.13 8.80
N ILE D 401 31.62 -20.43 9.77
CA ILE D 401 31.81 -21.81 10.23
C ILE D 401 31.36 -21.91 11.69
N LEU D 402 30.40 -22.80 11.93
CA LEU D 402 29.86 -23.02 13.28
C LEU D 402 30.21 -24.41 13.77
N LYS D 403 30.29 -24.57 15.08
CA LYS D 403 30.58 -25.86 15.71
C LYS D 403 29.31 -26.45 16.29
N PHE D 404 29.15 -27.77 16.15
CA PHE D 404 28.07 -28.50 16.80
C PHE D 404 28.57 -29.88 17.28
N LYS D 405 27.72 -30.56 18.04
CA LYS D 405 28.06 -31.85 18.65
C LYS D 405 27.17 -32.98 18.15
N THR D 406 25.85 -32.84 18.33
CA THR D 406 24.91 -33.94 18.04
C THR D 406 24.04 -33.68 16.81
N ILE D 407 23.63 -34.76 16.15
CA ILE D 407 22.78 -34.67 14.96
C ILE D 407 21.42 -34.03 15.28
N GLU D 408 20.92 -34.28 16.48
CA GLU D 408 19.64 -33.73 16.91
C GLU D 408 19.76 -32.22 17.11
N GLU D 409 20.89 -31.80 17.68
CA GLU D 409 21.21 -30.40 17.87
C GLU D 409 21.26 -29.64 16.53
N VAL D 410 21.97 -30.17 15.55
CA VAL D 410 22.22 -29.44 14.31
C VAL D 410 20.92 -29.27 13.50
N VAL D 411 20.02 -30.26 13.59
CA VAL D 411 18.71 -30.16 12.96
C VAL D 411 18.00 -28.87 13.41
N GLY D 412 17.81 -28.75 14.73
CA GLY D 412 17.17 -27.57 15.31
C GLY D 412 17.84 -26.26 14.94
N ARG D 413 19.16 -26.20 15.08
CA ARG D 413 19.92 -24.99 14.76
C ARG D 413 19.87 -24.66 13.25
N ALA D 414 19.88 -25.68 12.41
CA ALA D 414 19.76 -25.48 10.96
C ALA D 414 18.38 -24.97 10.57
N ASN D 415 17.36 -25.49 11.24
CA ASN D 415 15.98 -25.10 10.97
C ASN D 415 15.55 -23.81 11.68
N ASN D 416 16.37 -23.30 12.61
CA ASN D 416 16.04 -22.05 13.30
C ASN D 416 16.44 -20.85 12.41
N SER D 417 15.60 -20.60 11.40
CA SER D 417 15.84 -19.56 10.41
C SER D 417 14.53 -19.27 9.67
N THR D 418 14.33 -18.02 9.26
CA THR D 418 13.18 -17.68 8.41
C THR D 418 13.40 -18.08 6.94
N TYR D 419 14.60 -18.53 6.61
CA TYR D 419 14.89 -19.04 5.27
C TYR D 419 14.90 -20.57 5.24
N GLY D 420 14.76 -21.11 4.04
CA GLY D 420 14.79 -22.57 3.81
C GLY D 420 14.88 -22.88 2.32
N LEU D 421 15.84 -22.26 1.65
CA LEU D 421 16.02 -22.45 0.22
C LEU D 421 16.76 -23.77 -0.03
N ALA D 422 17.85 -23.99 0.71
CA ALA D 422 18.64 -25.19 0.55
C ALA D 422 19.35 -25.63 1.83
N ALA D 423 19.92 -26.82 1.74
CA ALA D 423 20.74 -27.39 2.80
C ALA D 423 21.58 -28.51 2.20
N ALA D 424 22.64 -28.89 2.91
CA ALA D 424 23.42 -30.04 2.50
C ALA D 424 23.88 -30.85 3.70
N VAL D 425 24.23 -32.11 3.42
CA VAL D 425 24.67 -33.05 4.44
C VAL D 425 25.85 -33.86 3.91
N PHE D 426 26.94 -33.85 4.65
CA PHE D 426 28.12 -34.62 4.28
C PHE D 426 28.35 -35.72 5.32
N THR D 427 28.24 -36.97 4.86
CA THR D 427 28.32 -38.16 5.71
C THR D 427 28.46 -39.42 4.84
N LYS D 428 29.08 -40.46 5.36
CA LYS D 428 29.17 -41.75 4.66
C LYS D 428 28.07 -42.70 5.10
N ASP D 429 27.31 -42.30 6.13
CA ASP D 429 26.34 -43.16 6.80
C ASP D 429 24.94 -42.99 6.23
N LEU D 430 24.35 -44.10 5.78
CA LEU D 430 23.02 -44.12 5.19
C LEU D 430 21.94 -43.53 6.10
N ASP D 431 21.94 -43.96 7.36
CA ASP D 431 20.92 -43.57 8.31
C ASP D 431 20.97 -42.08 8.68
N LYS D 432 22.17 -41.52 8.79
CA LYS D 432 22.32 -40.08 9.04
C LYS D 432 21.84 -39.25 7.85
N ALA D 433 22.15 -39.72 6.65
CA ALA D 433 21.77 -39.02 5.42
C ALA D 433 20.25 -38.94 5.29
N ASN D 434 19.57 -40.07 5.50
CA ASN D 434 18.11 -40.10 5.43
C ASN D 434 17.43 -39.32 6.56
N TYR D 435 18.01 -39.39 7.74
CA TYR D 435 17.45 -38.69 8.91
C TYR D 435 17.54 -37.18 8.71
N LEU D 436 18.69 -36.69 8.26
CA LEU D 436 18.87 -35.26 8.03
C LEU D 436 18.08 -34.77 6.80
N SER D 437 18.18 -35.48 5.68
CA SER D 437 17.47 -35.04 4.47
C SER D 437 15.98 -34.90 4.74
N GLN D 438 15.42 -35.79 5.55
CA GLN D 438 14.02 -35.68 5.98
C GLN D 438 13.80 -34.51 6.94
N ALA D 439 14.68 -34.36 7.92
CA ALA D 439 14.48 -33.40 9.01
C ALA D 439 14.73 -31.94 8.65
N LEU D 440 15.51 -31.70 7.59
CA LEU D 440 15.89 -30.35 7.18
C LEU D 440 14.76 -29.66 6.43
N GLN D 441 14.39 -28.47 6.89
CA GLN D 441 13.31 -27.70 6.30
C GLN D 441 13.83 -26.84 5.15
N ALA D 442 14.06 -27.48 4.00
CA ALA D 442 14.68 -26.83 2.84
C ALA D 442 14.14 -27.40 1.54
N GLY D 443 14.06 -26.56 0.51
CA GLY D 443 13.58 -26.98 -0.81
C GLY D 443 14.51 -27.92 -1.56
N THR D 444 15.81 -27.78 -1.35
CA THR D 444 16.77 -28.77 -1.85
C THR D 444 17.75 -29.18 -0.76
N VAL D 445 17.89 -30.49 -0.59
CA VAL D 445 18.90 -31.06 0.29
C VAL D 445 19.90 -31.87 -0.55
N TRP D 446 21.13 -31.40 -0.59
CA TRP D 446 22.20 -32.14 -1.24
C TRP D 446 22.92 -33.04 -0.22
N VAL D 447 23.22 -34.27 -0.62
CA VAL D 447 23.91 -35.22 0.22
C VAL D 447 25.25 -35.52 -0.44
N ASN D 448 26.34 -35.14 0.24
CA ASN D 448 27.69 -35.31 -0.27
C ASN D 448 28.01 -34.54 -1.54
N CYS D 449 27.26 -33.48 -1.77
CA CYS D 449 27.51 -32.55 -2.87
C CYS D 449 26.91 -31.20 -2.51
N TYR D 450 27.11 -30.21 -3.37
CA TYR D 450 26.47 -28.92 -3.19
C TYR D 450 26.29 -28.24 -4.55
N ASP D 451 25.24 -27.40 -4.65
CA ASP D 451 24.94 -26.68 -5.90
C ASP D 451 24.82 -27.60 -7.12
N VAL D 452 24.25 -28.78 -6.93
CA VAL D 452 23.98 -29.69 -8.04
C VAL D 452 22.58 -29.40 -8.58
N PHE D 453 22.54 -28.73 -9.72
CA PHE D 453 21.31 -28.36 -10.38
C PHE D 453 21.10 -29.20 -11.63
N GLY D 454 19.85 -29.60 -11.83
CA GLY D 454 19.45 -30.25 -13.06
C GLY D 454 18.14 -29.67 -13.50
N ALA D 455 17.99 -29.45 -14.81
CA ALA D 455 16.76 -28.95 -15.38
C ALA D 455 15.57 -29.84 -14.99
N GLN D 456 15.85 -31.09 -14.67
CA GLN D 456 14.83 -32.09 -14.35
C GLN D 456 14.34 -32.00 -12.90
N SER D 457 15.15 -31.44 -12.01
CA SER D 457 14.86 -31.46 -10.59
C SER D 457 14.47 -30.10 -10.03
N PRO D 458 13.28 -30.00 -9.42
CA PRO D 458 12.74 -28.69 -9.04
C PRO D 458 13.60 -27.96 -8.01
N PHE D 459 13.45 -26.63 -7.95
CA PHE D 459 14.18 -25.78 -7.03
C PHE D 459 13.32 -24.63 -6.52
N GLY D 460 13.40 -24.36 -5.23
CA GLY D 460 12.61 -23.30 -4.61
C GLY D 460 12.66 -23.32 -3.09
N GLY D 461 12.06 -22.30 -2.48
CA GLY D 461 12.20 -22.10 -1.04
C GLY D 461 11.08 -22.65 -0.18
N TYR D 462 11.44 -23.07 1.03
CA TYR D 462 10.51 -23.20 2.15
C TYR D 462 10.44 -21.84 2.83
N LYS D 463 9.38 -21.61 3.62
CA LYS D 463 9.25 -20.41 4.44
C LYS D 463 9.45 -19.14 3.59
N MET D 464 10.38 -18.27 3.97
CA MET D 464 10.52 -16.97 3.29
C MET D 464 11.62 -16.96 2.22
N SER D 465 12.05 -18.14 1.78
CA SER D 465 13.00 -18.28 0.67
C SER D 465 12.29 -18.31 -0.68
N GLY D 466 10.95 -18.28 -0.64
CA GLY D 466 10.14 -18.27 -1.83
C GLY D 466 8.90 -19.13 -1.69
N SER D 467 8.17 -19.23 -2.79
CA SER D 467 7.04 -20.14 -2.91
C SER D 467 6.93 -20.53 -4.37
N GLY D 468 6.45 -21.74 -4.62
CA GLY D 468 6.43 -22.32 -5.96
C GLY D 468 7.79 -22.90 -6.31
N ARG D 469 7.85 -23.67 -7.39
CA ARG D 469 9.09 -24.32 -7.79
C ARG D 469 9.40 -24.06 -9.26
N GLU D 470 10.69 -23.85 -9.57
CA GLU D 470 11.16 -23.77 -10.94
C GLU D 470 11.96 -25.05 -11.26
N LEU D 471 12.19 -25.30 -12.55
CA LEU D 471 12.78 -26.55 -13.05
C LEU D 471 11.88 -27.78 -12.85
N GLY D 472 12.20 -28.84 -13.60
CA GLY D 472 11.40 -30.06 -13.56
C GLY D 472 10.01 -29.88 -14.11
N GLU D 473 9.16 -30.89 -13.90
CA GLU D 473 7.75 -30.81 -14.25
C GLU D 473 7.06 -29.73 -13.41
N TYR D 474 7.54 -29.55 -12.20
CA TYR D 474 6.95 -28.61 -11.24
C TYR D 474 6.97 -27.17 -11.76
N GLY D 475 7.99 -26.84 -12.55
CA GLY D 475 8.13 -25.52 -13.17
C GLY D 475 6.99 -25.10 -14.08
N LEU D 476 6.19 -26.07 -14.53
CA LEU D 476 5.07 -25.83 -15.43
C LEU D 476 3.79 -25.44 -14.68
N GLN D 477 3.71 -25.83 -13.42
CA GLN D 477 2.49 -25.66 -12.64
C GLN D 477 2.04 -24.20 -12.55
N ALA D 478 2.99 -23.31 -12.29
CA ALA D 478 2.70 -21.89 -12.16
C ALA D 478 2.37 -21.22 -13.50
N TYR D 479 2.63 -21.91 -14.60
CA TYR D 479 2.37 -21.35 -15.93
C TYR D 479 1.13 -21.95 -16.59
N THR D 480 0.33 -22.63 -15.79
CA THR D 480 -0.86 -23.31 -16.26
C THR D 480 -2.08 -22.77 -15.52
N GLU D 481 -3.14 -22.48 -16.27
CA GLU D 481 -4.46 -22.23 -15.70
C GLU D 481 -5.32 -23.45 -16.03
N VAL D 482 -5.95 -24.03 -15.02
CA VAL D 482 -6.67 -25.28 -15.18
C VAL D 482 -8.15 -24.99 -15.45
N LYS D 483 -8.66 -25.50 -16.57
CA LYS D 483 -10.08 -25.39 -16.88
C LYS D 483 -10.74 -26.76 -16.85
N THR D 484 -11.78 -26.88 -16.04
CA THR D 484 -12.61 -28.09 -16.02
C THR D 484 -13.77 -27.91 -16.99
N VAL D 485 -13.97 -28.92 -17.84
CA VAL D 485 -15.12 -28.97 -18.72
C VAL D 485 -15.90 -30.23 -18.34
N THR D 486 -17.16 -30.03 -17.97
CA THR D 486 -18.02 -31.12 -17.55
C THR D 486 -19.23 -31.14 -18.46
N VAL D 487 -19.38 -32.24 -19.19
CA VAL D 487 -20.38 -32.37 -20.25
C VAL D 487 -21.43 -33.43 -19.92
N LYS D 488 -22.71 -33.07 -19.97
CA LYS D 488 -23.77 -34.05 -19.78
C LYS D 488 -23.78 -35.00 -20.98
N VAL D 489 -23.94 -36.29 -20.68
CA VAL D 489 -23.93 -37.33 -21.70
C VAL D 489 -25.15 -38.23 -21.51
N PRO D 490 -25.54 -38.97 -22.57
CA PRO D 490 -26.76 -39.79 -22.47
C PRO D 490 -26.69 -40.86 -21.39
N GLN D 491 -25.61 -41.63 -21.36
CA GLN D 491 -25.44 -42.68 -20.35
C GLN D 491 -23.97 -42.98 -20.07
N LYS D 492 -23.48 -42.52 -18.93
CA LYS D 492 -22.11 -42.75 -18.50
C LYS D 492 -21.85 -44.24 -18.24
N ASN D 493 -20.76 -44.75 -18.81
CA ASN D 493 -20.27 -46.09 -18.48
C ASN D 493 -18.77 -46.04 -18.22
N SER D 494 -18.26 -47.03 -17.48
CA SER D 494 -16.83 -47.12 -17.18
C SER D 494 -15.96 -47.33 -18.43
N ALA E 1 -23.97 56.72 -15.48
CA ALA E 1 -24.81 55.85 -14.59
C ALA E 1 -25.03 56.51 -13.23
N VAL E 2 -25.72 57.66 -13.22
CA VAL E 2 -25.97 58.43 -12.00
C VAL E 2 -27.38 59.02 -12.00
N PRO E 3 -28.16 58.77 -10.93
CA PRO E 3 -29.53 59.30 -10.88
C PRO E 3 -29.61 60.81 -10.70
N ALA E 4 -30.77 61.36 -11.03
CA ALA E 4 -31.01 62.81 -11.01
C ALA E 4 -30.72 63.44 -9.65
N PRO E 5 -29.96 64.55 -9.65
CA PRO E 5 -29.74 65.29 -8.40
C PRO E 5 -30.92 66.20 -8.07
N ASN E 6 -31.34 66.19 -6.81
CA ASN E 6 -32.25 67.21 -6.30
C ASN E 6 -31.39 68.39 -5.85
N GLN E 7 -31.49 69.50 -6.57
CA GLN E 7 -30.56 70.62 -6.38
C GLN E 7 -30.95 71.48 -5.17
N GLN E 8 -32.09 71.19 -4.58
CA GLN E 8 -32.52 71.82 -3.33
C GLN E 8 -33.14 70.76 -2.43
N PRO E 9 -32.30 69.85 -1.88
CA PRO E 9 -32.84 68.80 -1.02
C PRO E 9 -33.33 69.36 0.30
N GLU E 10 -34.38 68.75 0.85
CA GLU E 10 -35.00 69.21 2.07
C GLU E 10 -34.14 68.79 3.26
N VAL E 11 -33.96 69.69 4.22
CA VAL E 11 -33.18 69.37 5.42
C VAL E 11 -34.12 68.93 6.53
N PHE E 12 -33.89 67.72 7.04
CA PHE E 12 -34.75 67.11 8.05
C PHE E 12 -34.17 67.19 9.45
N CYS E 13 -32.85 67.13 9.56
CA CYS E 13 -32.17 67.07 10.85
C CYS E 13 -31.17 68.22 10.98
N ASN E 14 -31.28 68.98 12.06
CA ASN E 14 -30.40 70.13 12.29
C ASN E 14 -30.20 70.46 13.78
N GLN E 15 -30.21 69.42 14.61
CA GLN E 15 -30.12 69.58 16.05
C GLN E 15 -28.97 68.75 16.65
N ILE E 16 -28.87 68.81 17.96
CA ILE E 16 -27.93 67.98 18.70
C ILE E 16 -28.55 66.59 18.90
N PHE E 17 -27.79 65.56 18.57
CA PHE E 17 -28.24 64.17 18.63
C PHE E 17 -27.66 63.49 19.86
N ILE E 18 -28.49 63.32 20.89
CA ILE E 18 -28.06 62.63 22.11
C ILE E 18 -29.13 61.63 22.54
N ASN E 19 -28.70 60.40 22.88
CA ASN E 19 -29.59 59.31 23.25
C ASN E 19 -30.65 59.00 22.19
N ASN E 20 -30.23 58.99 20.93
CA ASN E 20 -31.14 58.76 19.79
C ASN E 20 -32.29 59.76 19.74
N GLU E 21 -32.08 60.94 20.31
CA GLU E 21 -33.09 62.00 20.35
C GLU E 21 -32.49 63.31 19.87
N TRP E 22 -33.35 64.22 19.44
CA TRP E 22 -32.94 65.53 18.93
C TRP E 22 -33.16 66.62 19.99
N HIS E 23 -32.09 67.31 20.34
CA HIS E 23 -32.15 68.37 21.35
C HIS E 23 -31.66 69.68 20.75
N ASP E 24 -32.31 70.79 21.10
CA ASP E 24 -31.74 72.11 20.88
C ASP E 24 -30.58 72.28 21.85
N ALA E 25 -29.70 73.23 21.59
CA ALA E 25 -28.64 73.56 22.52
C ALA E 25 -29.26 74.13 23.80
N VAL E 26 -28.59 73.93 24.93
CA VAL E 26 -29.05 74.43 26.22
C VAL E 26 -29.21 75.96 26.17
N SER E 27 -28.28 76.61 25.48
CA SER E 27 -28.33 78.06 25.26
C SER E 27 -29.48 78.49 24.35
N ARG E 28 -29.92 77.56 23.49
CA ARG E 28 -30.92 77.80 22.45
C ARG E 28 -30.36 78.55 21.24
N LYS E 29 -29.05 78.79 21.22
CA LYS E 29 -28.40 79.47 20.11
C LYS E 29 -28.34 78.58 18.88
N THR E 30 -28.30 79.20 17.70
CA THR E 30 -28.11 78.49 16.45
C THR E 30 -27.08 79.21 15.61
N PHE E 31 -26.53 78.49 14.62
CA PHE E 31 -25.60 79.08 13.66
C PHE E 31 -26.04 78.71 12.24
N PRO E 32 -25.81 79.61 11.27
CA PRO E 32 -26.14 79.32 9.87
C PRO E 32 -25.12 78.41 9.20
N THR E 33 -25.59 77.54 8.31
CA THR E 33 -24.70 76.84 7.40
C THR E 33 -24.96 77.30 5.97
N VAL E 34 -23.88 77.59 5.26
CA VAL E 34 -23.94 78.32 3.99
C VAL E 34 -23.76 77.37 2.81
N ASN E 35 -24.47 77.68 1.72
CA ASN E 35 -24.30 77.03 0.43
C ASN E 35 -23.14 77.73 -0.27
N PRO E 36 -21.99 77.06 -0.44
CA PRO E 36 -20.81 77.74 -0.98
C PRO E 36 -20.86 78.10 -2.47
N SER E 37 -21.79 77.51 -3.21
CA SER E 37 -22.02 77.86 -4.61
C SER E 37 -22.85 79.13 -4.79
N THR E 38 -23.69 79.47 -3.81
CA THR E 38 -24.55 80.66 -3.89
C THR E 38 -24.26 81.69 -2.81
N GLY E 39 -23.52 81.30 -1.77
CA GLY E 39 -23.28 82.18 -0.63
C GLY E 39 -24.48 82.31 0.30
N GLU E 40 -25.55 81.57 0.01
CA GLU E 40 -26.82 81.73 0.70
C GLU E 40 -26.95 80.71 1.84
N VAL E 41 -27.59 81.11 2.94
CA VAL E 41 -27.81 80.24 4.09
C VAL E 41 -28.81 79.13 3.76
N ILE E 42 -28.43 77.88 4.03
CA ILE E 42 -29.34 76.74 3.83
C ILE E 42 -30.31 76.64 5.01
N CYS E 43 -29.78 76.68 6.22
CA CYS E 43 -30.60 76.62 7.43
C CYS E 43 -29.81 76.96 8.69
N GLN E 44 -30.51 77.00 9.82
CA GLN E 44 -29.89 77.17 11.11
C GLN E 44 -29.63 75.79 11.72
N VAL E 45 -28.54 75.69 12.48
CA VAL E 45 -28.19 74.45 13.15
C VAL E 45 -27.93 74.73 14.63
N ALA E 46 -28.43 73.86 15.50
CA ALA E 46 -28.22 74.01 16.93
C ALA E 46 -26.73 74.21 17.21
N GLU E 47 -26.41 75.22 18.02
CA GLU E 47 -25.02 75.55 18.30
C GLU E 47 -24.59 74.90 19.61
N GLY E 48 -24.00 73.71 19.51
CA GLY E 48 -23.57 72.96 20.69
C GLY E 48 -22.39 73.63 21.37
N ASP E 49 -22.36 73.56 22.70
CA ASP E 49 -21.29 74.15 23.51
C ASP E 49 -20.92 73.17 24.64
N LYS E 50 -20.16 73.66 25.62
CA LYS E 50 -19.66 72.83 26.73
C LYS E 50 -20.76 72.02 27.43
N GLU E 51 -21.87 72.67 27.77
CA GLU E 51 -22.95 71.99 28.49
C GLU E 51 -23.65 70.92 27.67
N ASP E 52 -23.63 71.08 26.34
CA ASP E 52 -24.20 70.07 25.44
C ASP E 52 -23.26 68.88 25.32
N VAL E 53 -21.96 69.16 25.28
CA VAL E 53 -20.96 68.11 25.26
C VAL E 53 -21.05 67.28 26.54
N ASP E 54 -21.20 67.95 27.68
CA ASP E 54 -21.36 67.27 28.98
C ASP E 54 -22.57 66.34 29.00
N LYS E 55 -23.70 66.80 28.47
CA LYS E 55 -24.86 65.93 28.28
C LYS E 55 -24.51 64.70 27.44
N ALA E 56 -23.80 64.94 26.33
CA ALA E 56 -23.46 63.88 25.38
C ALA E 56 -22.53 62.84 26.01
N VAL E 57 -21.48 63.30 26.67
CA VAL E 57 -20.52 62.41 27.32
C VAL E 57 -21.16 61.54 28.41
N LYS E 58 -22.11 62.12 29.16
CA LYS E 58 -22.83 61.35 30.19
C LYS E 58 -23.70 60.26 29.58
N ALA E 59 -24.34 60.57 28.47
CA ALA E 59 -25.15 59.59 27.75
C ALA E 59 -24.26 58.45 27.24
N ALA E 60 -23.11 58.81 26.70
CA ALA E 60 -22.15 57.83 26.18
C ALA E 60 -21.65 56.92 27.31
N ARG E 61 -21.28 57.51 28.43
CA ARG E 61 -20.83 56.76 29.60
C ARG E 61 -21.90 55.78 30.10
N ALA E 62 -23.15 56.21 30.08
CA ALA E 62 -24.28 55.34 30.46
C ALA E 62 -24.39 54.16 29.48
N ALA E 63 -24.28 54.46 28.19
CA ALA E 63 -24.35 53.41 27.15
C ALA E 63 -23.20 52.41 27.25
N PHE E 64 -22.07 52.84 27.80
CA PHE E 64 -20.86 52.01 27.94
C PHE E 64 -20.78 51.23 29.25
N GLN E 65 -21.78 51.38 30.12
CA GLN E 65 -21.72 50.73 31.44
C GLN E 65 -21.71 49.21 31.32
N LEU E 66 -20.85 48.58 32.12
CA LEU E 66 -20.79 47.14 32.24
C LEU E 66 -22.22 46.60 32.47
N GLY E 67 -22.71 45.76 31.56
CA GLY E 67 -24.07 45.23 31.64
C GLY E 67 -25.08 45.88 30.70
N SER E 68 -24.70 47.00 30.08
CA SER E 68 -25.55 47.67 29.09
C SER E 68 -25.78 46.79 27.85
N PRO E 69 -26.85 47.08 27.08
CA PRO E 69 -27.12 46.37 25.82
C PRO E 69 -25.96 46.42 24.83
N TRP E 70 -25.32 47.58 24.71
CA TRP E 70 -24.21 47.76 23.79
C TRP E 70 -23.00 46.93 24.23
N ARG E 71 -22.70 46.91 25.53
CA ARG E 71 -21.57 46.14 26.05
C ARG E 71 -21.79 44.63 26.00
N ARG E 72 -23.04 44.20 26.20
CA ARG E 72 -23.40 42.77 26.19
C ARG E 72 -23.60 42.22 24.78
N MET E 73 -23.88 43.09 23.82
CA MET E 73 -24.11 42.68 22.42
C MET E 73 -22.96 41.84 21.86
N ASP E 74 -23.30 40.77 21.17
CA ASP E 74 -22.30 39.93 20.51
C ASP E 74 -21.51 40.77 19.50
N ALA E 75 -20.22 40.51 19.41
CA ALA E 75 -19.35 41.23 18.47
C ALA E 75 -19.86 41.10 17.03
N SER E 76 -20.36 39.92 16.68
CA SER E 76 -20.92 39.68 15.35
C SER E 76 -22.11 40.59 15.08
N HIS E 77 -22.90 40.86 16.11
CA HIS E 77 -24.11 41.67 15.95
C HIS E 77 -23.80 43.15 15.74
N ARG E 78 -22.68 43.62 16.30
CA ARG E 78 -22.18 44.96 15.99
C ARG E 78 -21.93 45.05 14.48
N GLY E 79 -21.28 44.03 13.92
CA GLY E 79 -21.04 43.94 12.49
C GLY E 79 -22.35 43.99 11.71
N ARG E 80 -23.35 43.27 12.21
CA ARG E 80 -24.69 43.30 11.60
C ARG E 80 -25.26 44.71 11.59
N LEU E 81 -25.10 45.44 12.70
CA LEU E 81 -25.61 46.82 12.80
C LEU E 81 -24.83 47.81 11.93
N LEU E 82 -23.53 47.60 11.77
CA LEU E 82 -22.74 48.41 10.84
C LEU E 82 -23.15 48.15 9.37
N ASN E 83 -23.50 46.90 9.08
CA ASN E 83 -23.99 46.55 7.73
C ASN E 83 -25.40 47.10 7.46
N ARG E 84 -26.24 47.12 8.50
CA ARG E 84 -27.57 47.70 8.39
C ARG E 84 -27.45 49.20 8.11
N LEU E 85 -26.54 49.87 8.82
CA LEU E 85 -26.28 51.28 8.59
C LEU E 85 -25.84 51.54 7.14
N ALA E 86 -24.98 50.68 6.61
CA ALA E 86 -24.51 50.80 5.23
C ALA E 86 -25.65 50.63 4.23
N ASP E 87 -26.53 49.66 4.49
CA ASP E 87 -27.71 49.45 3.65
C ASP E 87 -28.66 50.64 3.66
N LEU E 88 -28.81 51.27 4.83
CA LEU E 88 -29.65 52.48 4.95
C LEU E 88 -29.07 53.67 4.21
N ILE E 89 -27.75 53.84 4.29
CA ILE E 89 -27.06 54.92 3.58
C ILE E 89 -27.19 54.71 2.07
N GLU E 90 -27.10 53.46 1.63
CA GLU E 90 -27.27 53.13 0.22
C GLU E 90 -28.71 53.35 -0.26
N ARG E 91 -29.68 53.12 0.62
CA ARG E 91 -31.07 53.45 0.32
C ARG E 91 -31.22 54.94 0.04
N ASP E 92 -30.62 55.76 0.89
CA ASP E 92 -30.72 57.21 0.83
C ASP E 92 -29.49 57.84 0.17
N ARG E 93 -28.85 57.09 -0.73
CA ARG E 93 -27.60 57.50 -1.37
C ARG E 93 -27.76 58.78 -2.19
N THR E 94 -28.77 58.81 -3.04
CA THR E 94 -29.03 59.95 -3.91
C THR E 94 -29.28 61.23 -3.11
N TYR E 95 -30.15 61.14 -2.11
CA TYR E 95 -30.40 62.26 -1.21
C TYR E 95 -29.13 62.76 -0.51
N LEU E 96 -28.33 61.82 0.02
CA LEU E 96 -27.13 62.17 0.76
C LEU E 96 -26.04 62.80 -0.10
N ALA E 97 -25.88 62.30 -1.33
CA ALA E 97 -24.92 62.89 -2.27
C ALA E 97 -25.30 64.32 -2.65
N ALA E 98 -26.60 64.56 -2.80
CA ALA E 98 -27.10 65.90 -3.12
C ALA E 98 -26.90 66.87 -1.94
N LEU E 99 -27.24 66.43 -0.74
CA LEU E 99 -27.08 67.24 0.47
C LEU E 99 -25.60 67.53 0.75
N GLU E 100 -24.74 66.53 0.52
CA GLU E 100 -23.29 66.73 0.64
C GLU E 100 -22.82 67.85 -0.29
N THR E 101 -23.27 67.80 -1.55
CA THR E 101 -22.95 68.81 -2.55
C THR E 101 -23.50 70.19 -2.20
N LEU E 102 -24.72 70.24 -1.70
CA LEU E 102 -25.36 71.49 -1.30
C LEU E 102 -24.57 72.20 -0.19
N ASP E 103 -24.10 71.43 0.79
CA ASP E 103 -23.46 71.98 1.99
C ASP E 103 -21.94 72.12 1.81
N ASN E 104 -21.35 71.25 1.00
CA ASN E 104 -19.88 71.21 0.83
C ASN E 104 -19.40 71.88 -0.45
N GLY E 105 -20.12 71.67 -1.55
CA GLY E 105 -19.79 72.29 -2.84
C GLY E 105 -19.10 71.38 -3.84
N LYS E 106 -18.65 70.22 -3.39
CA LYS E 106 -18.05 69.24 -4.29
C LYS E 106 -19.07 68.79 -5.34
N PRO E 107 -18.61 68.51 -6.58
CA PRO E 107 -19.53 68.08 -7.65
C PRO E 107 -20.42 66.92 -7.23
N TYR E 108 -21.70 66.98 -7.61
CA TYR E 108 -22.65 65.93 -7.29
C TYR E 108 -22.21 64.56 -7.80
N VAL E 109 -21.61 64.52 -8.99
CA VAL E 109 -21.16 63.26 -9.58
C VAL E 109 -20.08 62.60 -8.72
N ILE E 110 -19.20 63.41 -8.13
CA ILE E 110 -18.15 62.92 -7.25
C ILE E 110 -18.74 62.48 -5.92
N SER E 111 -19.65 63.28 -5.36
CA SER E 111 -20.33 62.91 -4.11
C SER E 111 -20.96 61.53 -4.21
N TYR E 112 -21.60 61.26 -5.35
CA TYR E 112 -22.34 60.01 -5.53
C TYR E 112 -21.41 58.83 -5.83
N LEU E 113 -20.51 59.00 -6.79
CA LEU E 113 -19.67 57.89 -7.27
C LEU E 113 -18.43 57.66 -6.42
N VAL E 114 -17.88 58.71 -5.82
CA VAL E 114 -16.71 58.59 -4.97
C VAL E 114 -17.09 58.58 -3.47
N ASP E 115 -17.55 59.72 -2.95
CA ASP E 115 -17.71 59.87 -1.50
C ASP E 115 -18.64 58.84 -0.92
N LEU E 116 -19.84 58.72 -1.50
CA LEU E 116 -20.85 57.78 -1.01
C LEU E 116 -20.39 56.33 -1.14
N ASP E 117 -19.79 55.99 -2.29
CA ASP E 117 -19.25 54.65 -2.49
C ASP E 117 -18.24 54.31 -1.41
N MET E 118 -17.33 55.24 -1.13
CA MET E 118 -16.27 55.02 -0.14
C MET E 118 -16.83 54.90 1.28
N VAL E 119 -17.87 55.68 1.58
CA VAL E 119 -18.61 55.52 2.83
C VAL E 119 -19.15 54.10 3.01
N LEU E 120 -19.80 53.58 1.97
CA LEU E 120 -20.34 52.23 2.01
C LEU E 120 -19.22 51.19 2.23
N LYS E 121 -18.14 51.29 1.47
CA LYS E 121 -17.02 50.34 1.59
C LYS E 121 -16.32 50.39 2.95
N CYS E 122 -16.20 51.59 3.51
CA CYS E 122 -15.56 51.73 4.84
C CYS E 122 -16.40 51.06 5.92
N LEU E 123 -17.69 51.33 5.92
CA LEU E 123 -18.60 50.72 6.88
C LEU E 123 -18.74 49.22 6.70
N ARG E 124 -18.78 48.76 5.45
CA ARG E 124 -18.89 47.33 5.17
C ARG E 124 -17.60 46.59 5.48
N TYR E 125 -16.47 47.25 5.28
CA TYR E 125 -15.19 46.70 5.68
C TYR E 125 -15.15 46.51 7.19
N TYR E 126 -15.41 47.58 7.94
CA TYR E 126 -15.27 47.52 9.40
C TYR E 126 -16.29 46.63 10.09
N ALA E 127 -17.48 46.52 9.51
CA ALA E 127 -18.46 45.52 9.95
C ALA E 127 -17.79 44.14 10.05
N GLY E 128 -17.00 43.81 9.03
CA GLY E 128 -16.28 42.54 8.99
C GLY E 128 -15.21 42.37 10.06
N TRP E 129 -14.67 43.47 10.57
CA TRP E 129 -13.68 43.42 11.65
C TRP E 129 -14.32 43.24 13.03
N ALA E 130 -15.62 43.46 13.14
CA ALA E 130 -16.29 43.54 14.44
C ALA E 130 -16.00 42.34 15.34
N ASP E 131 -15.90 41.14 14.76
CA ASP E 131 -15.69 39.92 15.53
C ASP E 131 -14.41 39.16 15.16
N LYS E 132 -13.41 39.88 14.63
CA LYS E 132 -12.18 39.23 14.20
C LYS E 132 -10.90 39.86 14.74
N TYR E 133 -11.01 40.81 15.67
CA TYR E 133 -9.83 41.48 16.24
C TYR E 133 -9.42 40.81 17.56
N HIS E 134 -8.71 39.70 17.43
CA HIS E 134 -8.39 38.82 18.55
C HIS E 134 -7.34 39.39 19.50
N GLY E 135 -7.52 39.11 20.79
CA GLY E 135 -6.43 39.22 21.74
C GLY E 135 -5.53 38.01 21.62
N LYS E 136 -4.58 37.87 22.54
CA LYS E 136 -3.60 36.78 22.46
C LYS E 136 -3.64 35.89 23.69
N THR E 137 -3.28 34.63 23.49
CA THR E 137 -2.90 33.76 24.59
C THR E 137 -1.39 33.64 24.49
N ILE E 138 -0.71 33.81 25.61
CA ILE E 138 0.71 34.13 25.62
C ILE E 138 1.47 33.13 26.48
N PRO E 139 2.49 32.46 25.90
CA PRO E 139 3.28 31.46 26.61
C PRO E 139 4.33 32.08 27.56
N ILE E 140 3.82 32.63 28.65
CA ILE E 140 4.63 33.24 29.69
C ILE E 140 5.42 32.21 30.53
N ASP E 141 6.52 32.65 31.11
CA ASP E 141 7.30 31.87 32.06
C ASP E 141 6.49 31.46 33.30
N GLY E 142 6.83 30.31 33.88
CA GLY E 142 6.26 29.87 35.14
C GLY E 142 4.89 29.22 35.02
N ASP E 143 4.33 28.83 36.16
CA ASP E 143 3.04 28.13 36.21
C ASP E 143 1.88 29.13 36.12
N PHE E 144 1.68 29.66 34.91
CA PHE E 144 0.62 30.65 34.68
C PHE E 144 -0.03 30.47 33.32
N PHE E 145 -1.27 30.91 33.23
CA PHE E 145 -1.97 31.08 31.96
C PHE E 145 -2.18 32.57 31.76
N SER E 146 -1.61 33.10 30.69
CA SER E 146 -1.64 34.53 30.42
C SER E 146 -2.27 34.83 29.07
N TYR E 147 -3.17 35.80 29.04
CA TYR E 147 -3.84 36.17 27.81
C TYR E 147 -4.24 37.64 27.85
N THR E 148 -4.51 38.20 26.67
CA THR E 148 -5.00 39.55 26.59
C THR E 148 -6.44 39.62 26.09
N ARG E 149 -7.18 40.54 26.68
CA ARG E 149 -8.48 40.94 26.17
C ARG E 149 -8.29 42.23 25.40
N HIS E 150 -8.95 42.35 24.26
CA HIS E 150 -8.99 43.60 23.53
C HIS E 150 -10.33 44.26 23.79
N GLU E 151 -10.36 45.13 24.80
CA GLU E 151 -11.58 45.83 25.22
C GLU E 151 -11.70 47.17 24.50
N PRO E 152 -12.92 47.75 24.46
CA PRO E 152 -13.05 49.08 23.87
C PRO E 152 -12.32 50.11 24.72
N VAL E 153 -11.69 51.10 24.09
CA VAL E 153 -11.03 52.17 24.85
C VAL E 153 -12.05 52.98 25.66
N GLY E 154 -13.28 53.08 25.16
CA GLY E 154 -14.39 53.64 25.94
C GLY E 154 -15.11 54.78 25.23
N VAL E 155 -15.29 55.88 25.94
CA VAL E 155 -15.93 57.07 25.37
C VAL E 155 -14.95 57.74 24.42
N CYS E 156 -15.30 57.75 23.14
CA CYS E 156 -14.42 58.29 22.12
C CYS E 156 -14.96 59.62 21.60
N GLY E 157 -14.16 60.67 21.78
CA GLY E 157 -14.45 61.97 21.21
C GLY E 157 -13.86 62.04 19.82
N GLN E 158 -14.70 62.34 18.84
CA GLN E 158 -14.28 62.34 17.44
C GLN E 158 -14.60 63.69 16.83
N ILE E 159 -13.58 64.35 16.27
CA ILE E 159 -13.73 65.67 15.69
C ILE E 159 -13.32 65.63 14.22
N ILE E 160 -14.28 65.84 13.33
CA ILE E 160 -14.04 65.63 11.89
C ILE E 160 -14.13 66.92 11.08
N PRO E 161 -13.39 66.97 9.95
CA PRO E 161 -13.31 68.18 9.14
C PRO E 161 -14.46 68.33 8.15
N TRP E 162 -14.41 69.40 7.38
CA TRP E 162 -15.48 69.75 6.46
C TRP E 162 -15.24 69.28 5.03
N ASN E 163 -14.04 68.77 4.73
CA ASN E 163 -13.66 68.47 3.33
C ASN E 163 -14.32 67.22 2.75
N PHE E 164 -14.41 66.16 3.54
CA PHE E 164 -15.19 64.97 3.20
C PHE E 164 -16.14 64.61 4.36
N PRO E 165 -17.21 65.40 4.56
CA PRO E 165 -18.04 65.29 5.77
C PRO E 165 -18.52 63.86 6.06
N LEU E 166 -19.16 63.23 5.09
CA LEU E 166 -19.69 61.88 5.27
C LEU E 166 -18.61 60.83 5.41
N LEU E 167 -17.55 60.95 4.62
CA LEU E 167 -16.47 59.94 4.60
C LEU E 167 -15.71 59.93 5.92
N MET E 168 -15.41 61.12 6.44
CA MET E 168 -14.69 61.23 7.71
C MET E 168 -15.54 60.74 8.89
N GLN E 169 -16.86 60.84 8.76
CA GLN E 169 -17.77 60.24 9.74
C GLN E 169 -17.68 58.70 9.70
N ALA E 170 -17.61 58.14 8.50
CA ALA E 170 -17.47 56.70 8.33
C ALA E 170 -16.12 56.20 8.81
N TRP E 171 -15.06 56.93 8.48
CA TRP E 171 -13.71 56.57 8.88
C TRP E 171 -13.57 56.47 10.38
N LYS E 172 -14.32 57.32 11.10
CA LYS E 172 -14.27 57.36 12.56
C LYS E 172 -15.25 56.37 13.20
N LEU E 173 -16.47 56.30 12.69
CA LEU E 173 -17.51 55.42 13.26
C LEU E 173 -17.28 53.92 13.02
N GLY E 174 -16.80 53.57 11.83
CA GLY E 174 -16.51 52.17 11.49
C GLY E 174 -15.66 51.45 12.53
N PRO E 175 -14.40 51.89 12.70
CA PRO E 175 -13.50 51.26 13.66
C PRO E 175 -13.97 51.40 15.11
N ALA E 176 -14.51 52.57 15.47
CA ALA E 176 -14.98 52.80 16.84
C ALA E 176 -16.12 51.86 17.23
N LEU E 177 -17.11 51.75 16.37
CA LEU E 177 -18.27 50.90 16.65
C LEU E 177 -17.96 49.42 16.47
N ALA E 178 -17.04 49.09 15.56
CA ALA E 178 -16.61 47.70 15.38
C ALA E 178 -16.04 47.11 16.67
N THR E 179 -15.23 47.90 17.37
CA THR E 179 -14.59 47.48 18.62
C THR E 179 -15.41 47.79 19.87
N GLY E 180 -16.66 48.20 19.70
CA GLY E 180 -17.59 48.34 20.81
C GLY E 180 -17.40 49.57 21.68
N ASN E 181 -16.83 50.63 21.10
CA ASN E 181 -16.78 51.93 21.77
C ASN E 181 -18.10 52.69 21.63
N VAL E 182 -18.19 53.80 22.34
CA VAL E 182 -19.29 54.75 22.22
C VAL E 182 -18.66 56.09 21.81
N VAL E 183 -19.39 56.90 21.03
CA VAL E 183 -18.79 58.14 20.52
C VAL E 183 -19.59 59.40 20.82
N VAL E 184 -18.84 60.48 21.05
CA VAL E 184 -19.38 61.83 21.05
C VAL E 184 -18.68 62.51 19.89
N MET E 185 -19.42 62.76 18.82
CA MET E 185 -18.83 63.27 17.58
C MET E 185 -19.10 64.76 17.37
N LYS E 186 -18.03 65.53 17.17
CA LYS E 186 -18.15 66.93 16.80
C LYS E 186 -17.93 67.10 15.29
N VAL E 187 -18.97 67.56 14.61
CA VAL E 187 -18.94 67.78 13.17
C VAL E 187 -18.60 69.23 12.83
N ALA E 188 -18.08 69.45 11.63
CA ALA E 188 -17.67 70.77 11.19
C ALA E 188 -18.88 71.70 11.02
N GLU E 189 -18.72 72.94 11.47
CA GLU E 189 -19.77 73.96 11.37
C GLU E 189 -20.11 74.27 9.91
N GLN E 190 -19.11 74.09 9.04
CA GLN E 190 -19.26 74.37 7.61
C GLN E 190 -20.07 73.30 6.90
N THR E 191 -20.10 72.08 7.46
CA THR E 191 -20.79 70.96 6.83
C THR E 191 -21.39 69.98 7.85
N PRO E 192 -22.37 70.43 8.66
CA PRO E 192 -22.91 69.57 9.70
C PRO E 192 -24.04 68.64 9.25
N LEU E 193 -24.68 68.96 8.14
CA LEU E 193 -26.03 68.44 7.84
C LEU E 193 -26.10 66.95 7.47
N THR E 194 -25.22 66.49 6.57
CA THR E 194 -25.26 65.09 6.15
C THR E 194 -24.98 64.16 7.32
N ALA E 195 -24.02 64.54 8.16
CA ALA E 195 -23.71 63.78 9.35
C ALA E 195 -24.89 63.64 10.33
N LEU E 196 -25.72 64.69 10.41
CA LEU E 196 -26.87 64.65 11.30
C LEU E 196 -28.01 63.79 10.75
N TYR E 197 -28.16 63.77 9.42
CA TYR E 197 -29.13 62.87 8.81
C TYR E 197 -28.70 61.41 8.98
N VAL E 198 -27.40 61.15 8.95
CA VAL E 198 -26.88 59.81 9.22
C VAL E 198 -27.22 59.39 10.68
N ALA E 199 -27.25 60.35 11.60
CA ALA E 199 -27.65 60.05 12.98
C ALA E 199 -29.07 59.49 13.05
N ASN E 200 -29.95 59.93 12.14
CA ASN E 200 -31.27 59.32 12.02
C ASN E 200 -31.19 57.89 11.50
N LEU E 201 -30.25 57.65 10.60
CA LEU E 201 -30.00 56.30 10.10
C LEU E 201 -29.39 55.40 11.17
N ILE E 202 -28.49 55.95 11.98
CA ILE E 202 -27.94 55.20 13.11
C ILE E 202 -29.06 54.74 14.05
N LYS E 203 -30.00 55.64 14.36
CA LYS E 203 -31.15 55.30 15.18
C LYS E 203 -32.00 54.22 14.51
N GLU E 204 -32.23 54.38 13.21
CA GLU E 204 -33.01 53.43 12.43
C GLU E 204 -32.34 52.06 12.33
N ALA E 205 -31.01 52.04 12.30
CA ALA E 205 -30.27 50.78 12.17
C ALA E 205 -30.43 49.90 13.40
N GLY E 206 -30.75 50.51 14.54
CA GLY E 206 -30.98 49.79 15.78
C GLY E 206 -29.89 49.95 16.82
N PHE E 207 -29.00 50.91 16.63
CA PHE E 207 -27.93 51.14 17.63
C PHE E 207 -28.55 51.65 18.94
N PRO E 208 -28.17 51.04 20.08
CA PRO E 208 -28.71 51.46 21.37
C PRO E 208 -28.49 52.95 21.66
N PRO E 209 -29.45 53.59 22.35
CA PRO E 209 -29.33 55.02 22.59
C PRO E 209 -28.04 55.38 23.34
N GLY E 210 -27.38 56.45 22.88
CA GLY E 210 -26.16 56.94 23.53
C GLY E 210 -24.86 56.32 23.02
N VAL E 211 -24.96 55.39 22.08
CA VAL E 211 -23.78 54.78 21.46
C VAL E 211 -23.11 55.80 20.53
N VAL E 212 -23.91 56.50 19.74
CA VAL E 212 -23.42 57.61 18.92
C VAL E 212 -24.16 58.89 19.25
N ASN E 213 -23.41 59.87 19.75
CA ASN E 213 -23.92 61.21 20.02
C ASN E 213 -23.20 62.20 19.11
N ILE E 214 -23.94 63.16 18.56
CA ILE E 214 -23.38 64.17 17.66
C ILE E 214 -23.70 65.58 18.13
N VAL E 215 -22.66 66.39 18.30
CA VAL E 215 -22.82 67.78 18.72
C VAL E 215 -22.27 68.71 17.64
N PRO E 216 -23.17 69.31 16.83
CA PRO E 216 -22.71 70.38 15.95
C PRO E 216 -22.36 71.63 16.75
N GLY E 217 -21.48 72.45 16.19
CA GLY E 217 -21.02 73.66 16.86
C GLY E 217 -19.63 74.05 16.40
N PHE E 218 -19.00 74.93 17.15
CA PHE E 218 -17.72 75.50 16.76
C PHE E 218 -16.53 74.75 17.36
N GLY E 219 -15.34 74.99 16.80
CA GLY E 219 -14.11 74.36 17.24
C GLY E 219 -13.66 74.72 18.65
N PRO E 220 -13.55 76.03 18.95
CA PRO E 220 -13.02 76.42 20.26
C PRO E 220 -14.02 76.26 21.42
N THR E 221 -15.29 76.02 21.11
CA THR E 221 -16.31 75.78 22.13
C THR E 221 -16.57 74.28 22.30
N ALA E 222 -17.20 73.66 21.31
CA ALA E 222 -17.55 72.25 21.38
C ALA E 222 -16.31 71.36 21.26
N GLY E 223 -15.41 71.71 20.34
CA GLY E 223 -14.20 70.90 20.09
C GLY E 223 -13.34 70.79 21.33
N ALA E 224 -12.97 71.95 21.87
CA ALA E 224 -12.16 72.02 23.10
C ALA E 224 -12.88 71.41 24.30
N ALA E 225 -14.22 71.47 24.31
CA ALA E 225 -15.03 70.82 25.36
C ALA E 225 -14.84 69.31 25.36
N ILE E 226 -14.73 68.72 24.17
CA ILE E 226 -14.48 67.29 24.05
C ILE E 226 -13.02 67.01 24.42
N ALA E 227 -12.11 67.76 23.83
CA ALA E 227 -10.67 67.56 24.01
C ALA E 227 -10.22 67.62 25.47
N SER E 228 -10.85 68.50 26.25
CA SER E 228 -10.47 68.69 27.66
C SER E 228 -11.34 67.93 28.66
N HIS E 229 -12.31 67.16 28.18
CA HIS E 229 -13.29 66.53 29.07
C HIS E 229 -12.63 65.48 29.97
N GLU E 230 -13.04 65.44 31.23
CA GLU E 230 -12.41 64.57 32.24
C GLU E 230 -12.91 63.12 32.18
N ASP E 231 -13.96 62.88 31.42
CA ASP E 231 -14.55 61.55 31.29
C ASP E 231 -14.56 61.03 29.85
N VAL E 232 -13.81 61.68 28.95
CA VAL E 232 -13.61 61.17 27.58
C VAL E 232 -12.29 60.39 27.56
N ASP E 233 -12.35 59.13 27.15
CA ASP E 233 -11.20 58.23 27.24
C ASP E 233 -10.24 58.38 26.06
N LYS E 234 -10.77 58.80 24.92
CA LYS E 234 -9.99 58.86 23.69
C LYS E 234 -10.49 59.99 22.81
N VAL E 235 -9.55 60.74 22.24
CA VAL E 235 -9.91 61.74 21.24
C VAL E 235 -9.18 61.47 19.93
N ALA E 236 -9.94 61.57 18.84
CA ALA E 236 -9.41 61.43 17.49
C ALA E 236 -9.76 62.70 16.73
N PHE E 237 -8.75 63.44 16.29
CA PHE E 237 -8.94 64.71 15.60
C PHE E 237 -8.37 64.66 14.20
N THR E 238 -9.15 65.15 13.24
CA THR E 238 -8.70 65.32 11.88
C THR E 238 -8.91 66.78 11.52
N GLY E 239 -7.82 67.45 11.16
CA GLY E 239 -7.87 68.86 10.78
C GLY E 239 -6.49 69.47 10.68
N SER E 240 -6.40 70.77 10.92
CA SER E 240 -5.13 71.48 10.78
C SER E 240 -4.11 71.04 11.83
N THR E 241 -2.84 71.18 11.48
CA THR E 241 -1.75 70.81 12.36
C THR E 241 -1.71 71.70 13.60
N GLU E 242 -1.98 73.00 13.43
CA GLU E 242 -1.99 73.95 14.56
C GLU E 242 -2.97 73.53 15.64
N ILE E 243 -4.18 73.15 15.25
CA ILE E 243 -5.21 72.73 16.20
C ILE E 243 -4.89 71.36 16.79
N GLY E 244 -4.29 70.49 15.98
CA GLY E 244 -3.79 69.19 16.46
C GLY E 244 -2.86 69.30 17.65
N ARG E 245 -2.10 70.40 17.68
CA ARG E 245 -1.24 70.73 18.82
C ARG E 245 -2.08 71.08 20.04
N VAL E 246 -3.10 71.92 19.84
CA VAL E 246 -4.00 72.32 20.92
C VAL E 246 -4.74 71.11 21.49
N ILE E 247 -5.12 70.17 20.62
CA ILE E 247 -5.79 68.94 21.06
C ILE E 247 -4.87 68.12 21.96
N GLN E 248 -3.61 68.01 21.58
CA GLN E 248 -2.65 67.22 22.34
C GLN E 248 -2.39 67.83 23.72
N VAL E 249 -2.27 69.15 23.79
CA VAL E 249 -2.09 69.87 25.07
C VAL E 249 -3.33 69.73 25.97
N ALA E 250 -4.52 69.78 25.38
CA ALA E 250 -5.78 69.62 26.13
C ALA E 250 -5.90 68.23 26.78
N ALA E 251 -5.42 67.21 26.08
CA ALA E 251 -5.42 65.84 26.59
C ALA E 251 -4.48 65.69 27.77
N GLY E 252 -3.26 66.20 27.61
CA GLY E 252 -2.26 66.17 28.67
C GLY E 252 -2.68 66.99 29.89
N SER E 253 -3.33 68.13 29.64
CA SER E 253 -3.77 69.03 30.70
C SER E 253 -5.01 68.52 31.47
N SER E 254 -5.77 67.61 30.86
CA SER E 254 -7.01 67.09 31.48
C SER E 254 -6.79 65.69 32.10
N ASN E 255 -7.16 64.63 31.38
CA ASN E 255 -7.16 63.29 31.99
C ASN E 255 -6.20 62.29 31.33
N LEU E 256 -5.26 62.78 30.54
CA LEU E 256 -4.36 61.92 29.75
C LEU E 256 -5.11 60.96 28.84
N LYS E 257 -6.19 61.47 28.24
CA LYS E 257 -6.94 60.70 27.25
C LYS E 257 -6.01 60.32 26.10
N ARG E 258 -6.36 59.22 25.42
CA ARG E 258 -5.56 58.75 24.31
C ARG E 258 -5.89 59.60 23.09
N VAL E 259 -4.86 59.95 22.32
CA VAL E 259 -5.02 60.85 21.18
C VAL E 259 -4.46 60.24 19.90
N THR E 260 -5.24 60.30 18.81
CA THR E 260 -4.71 60.14 17.46
C THR E 260 -5.04 61.39 16.66
N LEU E 261 -4.22 61.68 15.66
CA LEU E 261 -4.32 62.92 14.88
C LEU E 261 -4.06 62.62 13.41
N GLU E 262 -4.93 63.14 12.54
CA GLU E 262 -4.72 63.14 11.09
C GLU E 262 -4.66 64.61 10.67
N LEU E 263 -3.46 65.10 10.40
CA LEU E 263 -3.25 66.53 10.21
C LEU E 263 -2.91 66.91 8.77
N GLY E 264 -2.26 68.06 8.56
CA GLY E 264 -2.02 68.58 7.23
C GLY E 264 -0.92 67.87 6.47
N GLY E 265 -0.69 68.33 5.25
CA GLY E 265 0.34 67.78 4.40
C GLY E 265 0.76 68.74 3.31
N LYS E 266 1.93 68.46 2.74
CA LYS E 266 2.44 69.15 1.57
C LYS E 266 3.15 68.07 0.76
N SER E 267 2.34 67.14 0.26
CA SER E 267 2.82 65.86 -0.26
C SER E 267 3.56 65.99 -1.59
N PRO E 268 4.79 65.46 -1.65
CA PRO E 268 5.56 65.51 -2.89
C PRO E 268 5.15 64.44 -3.92
N ASN E 269 4.95 64.88 -5.16
CA ASN E 269 4.60 63.98 -6.26
C ASN E 269 5.74 63.96 -7.28
N ILE E 270 6.53 62.90 -7.24
CA ILE E 270 7.82 62.84 -7.96
C ILE E 270 7.68 62.14 -9.31
N ILE E 271 7.95 62.88 -10.38
CA ILE E 271 7.82 62.39 -11.73
C ILE E 271 9.21 62.17 -12.36
N MET E 272 9.59 60.90 -12.50
CA MET E 272 10.89 60.57 -13.07
C MET E 272 10.84 60.70 -14.58
N SER E 273 12.01 60.87 -15.19
CA SER E 273 12.12 61.11 -16.65
C SER E 273 11.60 59.94 -17.50
N ASP E 274 11.59 58.74 -16.93
CA ASP E 274 11.13 57.56 -17.64
C ASP E 274 9.64 57.28 -17.44
N ALA E 275 8.92 58.22 -16.85
CA ALA E 275 7.49 58.02 -16.58
C ALA E 275 6.66 58.04 -17.85
N ASP E 276 5.52 57.39 -17.79
CA ASP E 276 4.48 57.51 -18.81
C ASP E 276 3.95 58.95 -18.72
N MET E 277 4.27 59.78 -19.69
CA MET E 277 3.97 61.22 -19.61
C MET E 277 2.48 61.47 -19.46
N ASP E 278 1.68 60.92 -20.38
CA ASP E 278 0.23 61.14 -20.38
C ASP E 278 -0.43 60.73 -19.07
N TRP E 279 -0.05 59.56 -18.55
CA TRP E 279 -0.58 59.08 -17.28
C TRP E 279 -0.15 59.97 -16.11
N ALA E 280 1.14 60.30 -16.07
CA ALA E 280 1.70 61.16 -15.02
C ALA E 280 1.04 62.54 -14.97
N VAL E 281 0.84 63.13 -16.15
CA VAL E 281 0.22 64.44 -16.25
C VAL E 281 -1.22 64.43 -15.70
N GLU E 282 -2.02 63.47 -16.16
CA GLU E 282 -3.41 63.37 -15.68
C GLU E 282 -3.45 63.07 -14.18
N GLN E 283 -2.56 62.18 -13.71
CA GLN E 283 -2.54 61.80 -12.30
C GLN E 283 -2.08 62.93 -11.38
N ALA E 284 -1.09 63.71 -11.84
CA ALA E 284 -0.61 64.86 -11.08
C ALA E 284 -1.68 65.97 -11.01
N HIS E 285 -2.44 66.10 -12.08
CA HIS E 285 -3.59 66.97 -12.12
C HIS E 285 -4.65 66.52 -11.11
N PHE E 286 -4.99 65.24 -11.16
CA PHE E 286 -5.91 64.61 -10.20
C PHE E 286 -5.38 64.76 -8.78
N ALA E 287 -4.11 64.43 -8.58
CA ALA E 287 -3.44 64.52 -7.27
C ALA E 287 -3.63 65.86 -6.56
N LEU E 288 -3.57 66.95 -7.32
CA LEU E 288 -3.67 68.28 -6.73
C LEU E 288 -5.10 68.83 -6.71
N PHE E 289 -5.77 68.80 -7.86
CA PHE E 289 -7.05 69.50 -8.00
C PHE E 289 -8.26 68.77 -7.41
N PHE E 290 -8.12 67.50 -7.05
CA PHE E 290 -9.28 66.74 -6.53
C PHE E 290 -9.93 67.46 -5.33
N ASN E 291 -11.26 67.41 -5.28
CA ASN E 291 -12.03 68.02 -4.21
C ASN E 291 -11.72 69.51 -4.00
N GLN E 292 -11.63 70.24 -5.11
CA GLN E 292 -11.29 71.66 -5.10
C GLN E 292 -9.97 71.94 -4.39
N GLY E 293 -9.04 70.99 -4.50
CA GLY E 293 -7.76 71.06 -3.80
C GLY E 293 -7.85 70.90 -2.29
N GLN E 294 -8.99 70.48 -1.77
CA GLN E 294 -9.20 70.40 -0.33
C GLN E 294 -9.01 68.97 0.16
N CYS E 295 -7.77 68.51 0.05
CA CYS E 295 -7.34 67.20 0.50
C CYS E 295 -6.05 67.36 1.29
N CYS E 296 -5.97 66.69 2.44
CA CYS E 296 -4.78 66.76 3.26
C CYS E 296 -3.55 66.19 2.55
N CYS E 297 -3.76 65.18 1.71
CA CYS E 297 -2.66 64.50 1.00
C CYS E 297 -2.53 64.94 -0.46
N ALA E 298 -3.05 66.13 -0.80
CA ALA E 298 -2.94 66.65 -2.16
C ALA E 298 -1.48 66.68 -2.63
N GLY E 299 -1.26 66.28 -3.88
CA GLY E 299 0.06 66.34 -4.50
C GLY E 299 0.39 67.78 -4.84
N SER E 300 0.76 68.53 -3.79
CA SER E 300 0.95 69.97 -3.88
C SER E 300 2.42 70.37 -4.04
N ARG E 301 3.29 69.39 -4.21
CA ARG E 301 4.68 69.64 -4.62
C ARG E 301 5.05 68.67 -5.74
N THR E 302 4.86 69.10 -6.97
CA THR E 302 5.10 68.25 -8.12
C THR E 302 6.54 68.42 -8.59
N PHE E 303 7.41 67.52 -8.13
CA PHE E 303 8.80 67.49 -8.57
C PHE E 303 8.87 66.78 -9.91
N VAL E 304 9.42 67.46 -10.92
CA VAL E 304 9.47 66.90 -12.27
C VAL E 304 10.89 66.94 -12.78
N GLN E 305 11.36 65.80 -13.31
CA GLN E 305 12.74 65.66 -13.72
C GLN E 305 13.00 66.61 -14.90
N GLU E 306 14.19 67.19 -14.92
CA GLU E 306 14.53 68.27 -15.85
C GLU E 306 14.35 67.93 -17.33
N ASP E 307 14.68 66.71 -17.73
CA ASP E 307 14.58 66.31 -19.14
C ASP E 307 13.14 66.33 -19.67
N ILE E 308 12.16 66.19 -18.77
CA ILE E 308 10.75 66.21 -19.17
C ILE E 308 9.96 67.40 -18.62
N TYR E 309 10.65 68.32 -17.94
CA TYR E 309 10.00 69.43 -17.23
C TYR E 309 9.14 70.32 -18.15
N ASP E 310 9.72 70.80 -19.24
CA ASP E 310 9.01 71.73 -20.12
C ASP E 310 7.73 71.14 -20.70
N GLU E 311 7.80 69.89 -21.16
CA GLU E 311 6.65 69.21 -21.75
C GLU E 311 5.58 68.90 -20.69
N PHE E 312 6.02 68.49 -19.51
CA PHE E 312 5.10 68.22 -18.40
C PHE E 312 4.34 69.49 -18.04
N VAL E 313 5.09 70.59 -17.92
CA VAL E 313 4.52 71.89 -17.56
C VAL E 313 3.47 72.37 -18.56
N GLU E 314 3.76 72.23 -19.85
CA GLU E 314 2.81 72.65 -20.89
C GLU E 314 1.53 71.82 -20.84
N ARG E 315 1.66 70.50 -20.75
CA ARG E 315 0.51 69.61 -20.69
C ARG E 315 -0.34 69.87 -19.44
N SER E 316 0.32 70.09 -18.32
CA SER E 316 -0.37 70.37 -17.05
C SER E 316 -1.18 71.66 -17.16
N VAL E 317 -0.56 72.69 -17.70
CA VAL E 317 -1.22 73.99 -17.88
C VAL E 317 -2.43 73.86 -18.80
N ALA E 318 -2.27 73.13 -19.91
CA ALA E 318 -3.37 72.85 -20.82
C ALA E 318 -4.51 72.13 -20.09
N ARG E 319 -4.16 71.15 -19.26
CA ARG E 319 -5.16 70.39 -18.52
C ARG E 319 -5.90 71.29 -17.52
N ALA E 320 -5.15 72.12 -16.80
CA ALA E 320 -5.73 73.06 -15.84
C ALA E 320 -6.76 74.00 -16.48
N LYS E 321 -6.40 74.58 -17.62
CA LYS E 321 -7.29 75.53 -18.31
C LYS E 321 -8.58 74.87 -18.80
N SER E 322 -8.52 73.60 -19.15
CA SER E 322 -9.68 72.88 -19.64
C SER E 322 -10.61 72.42 -18.52
N ARG E 323 -10.11 72.42 -17.28
CA ARG E 323 -10.89 71.97 -16.12
C ARG E 323 -12.12 72.85 -15.91
N VAL E 324 -13.30 72.27 -16.06
CA VAL E 324 -14.55 73.04 -16.03
C VAL E 324 -14.93 73.39 -14.59
N VAL E 325 -15.16 74.68 -14.33
CA VAL E 325 -15.55 75.18 -13.03
C VAL E 325 -16.97 75.73 -13.11
N GLY E 326 -17.86 75.27 -12.25
CA GLY E 326 -19.24 75.75 -12.26
C GLY E 326 -20.15 75.06 -11.27
N ASN E 327 -21.45 75.22 -11.47
CA ASN E 327 -22.48 74.64 -10.59
C ASN E 327 -22.19 73.16 -10.35
N PRO E 328 -21.95 72.78 -9.08
CA PRO E 328 -21.59 71.38 -8.80
C PRO E 328 -22.69 70.35 -9.13
N PHE E 329 -23.94 70.79 -9.28
CA PHE E 329 -25.02 69.89 -9.68
C PHE E 329 -25.09 69.64 -11.18
N ASP E 330 -24.32 70.38 -11.97
CA ASP E 330 -24.26 70.18 -13.42
C ASP E 330 -23.25 69.07 -13.71
N SER E 331 -23.64 68.13 -14.57
CA SER E 331 -22.83 66.94 -14.85
C SER E 331 -21.44 67.26 -15.39
N LYS E 332 -21.31 68.36 -16.12
CA LYS E 332 -20.07 68.73 -16.80
C LYS E 332 -19.05 69.42 -15.87
N THR E 333 -19.49 69.84 -14.68
CA THR E 333 -18.62 70.50 -13.72
C THR E 333 -17.58 69.54 -13.14
N GLU E 334 -16.30 69.93 -13.23
CA GLU E 334 -15.21 69.16 -12.65
C GLU E 334 -14.81 69.71 -11.28
N GLN E 335 -15.05 70.99 -11.05
CA GLN E 335 -14.61 71.67 -9.84
C GLN E 335 -15.66 72.65 -9.32
N GLY E 336 -16.13 72.42 -8.10
CA GLY E 336 -17.08 73.31 -7.47
C GLY E 336 -16.40 74.44 -6.74
N PRO E 337 -17.11 75.09 -5.80
CA PRO E 337 -16.51 76.18 -5.03
C PRO E 337 -15.68 75.67 -3.86
N GLN E 338 -14.93 76.56 -3.23
CA GLN E 338 -14.26 76.28 -1.95
C GLN E 338 -15.33 76.36 -0.84
N VAL E 339 -15.03 75.83 0.35
CA VAL E 339 -16.08 75.50 1.32
C VAL E 339 -16.76 76.70 1.94
N ASP E 340 -15.99 77.76 2.19
CA ASP E 340 -16.55 78.97 2.78
C ASP E 340 -15.68 80.18 2.47
N GLU E 341 -16.13 81.35 2.92
CA GLU E 341 -15.43 82.61 2.68
C GLU E 341 -14.01 82.60 3.25
N THR E 342 -13.84 82.08 4.47
CA THR E 342 -12.53 82.05 5.11
C THR E 342 -11.50 81.35 4.24
N GLN E 343 -11.83 80.15 3.76
CA GLN E 343 -10.95 79.40 2.88
C GLN E 343 -10.75 80.13 1.55
N PHE E 344 -11.85 80.64 1.01
CA PHE E 344 -11.83 81.43 -0.22
C PHE E 344 -10.77 82.52 -0.17
N LYS E 345 -10.79 83.29 0.91
CA LYS E 345 -9.84 84.41 1.10
C LYS E 345 -8.43 83.91 1.37
N LYS E 346 -8.33 82.84 2.17
CA LYS E 346 -7.04 82.24 2.50
C LYS E 346 -6.30 81.79 1.24
N ILE E 347 -7.02 81.16 0.30
CA ILE E 347 -6.40 80.65 -0.92
C ILE E 347 -5.97 81.80 -1.84
N LEU E 348 -6.80 82.83 -1.96
CA LEU E 348 -6.43 84.01 -2.75
C LEU E 348 -5.18 84.67 -2.16
N GLY E 349 -5.08 84.65 -0.83
CA GLY E 349 -3.92 85.18 -0.12
C GLY E 349 -2.67 84.37 -0.36
N TYR E 350 -2.83 83.06 -0.53
CA TYR E 350 -1.71 82.20 -0.88
C TYR E 350 -1.27 82.44 -2.33
N ILE E 351 -2.23 82.62 -3.22
CA ILE E 351 -1.92 82.93 -4.64
C ILE E 351 -1.13 84.23 -4.75
N ASN E 352 -1.53 85.23 -3.97
CA ASN E 352 -0.84 86.51 -3.92
C ASN E 352 0.59 86.33 -3.42
N THR E 353 0.75 85.57 -2.34
CA THR E 353 2.08 85.25 -1.81
C THR E 353 2.94 84.52 -2.86
N GLY E 354 2.31 83.65 -3.65
CA GLY E 354 3.01 82.93 -4.72
C GLY E 354 3.54 83.87 -5.79
N LYS E 355 2.69 84.80 -6.23
CA LYS E 355 3.13 85.83 -7.19
C LYS E 355 4.20 86.74 -6.58
N GLN E 356 4.00 87.12 -5.32
CA GLN E 356 4.92 88.03 -4.62
C GLN E 356 6.35 87.50 -4.51
N GLU E 357 6.48 86.20 -4.23
CA GLU E 357 7.80 85.60 -4.03
C GLU E 357 8.42 85.09 -5.32
N GLY E 358 7.74 85.30 -6.45
CA GLY E 358 8.33 85.06 -7.77
C GLY E 358 8.15 83.67 -8.35
N ALA E 359 7.09 82.96 -7.94
CA ALA E 359 6.72 81.73 -8.62
C ALA E 359 6.00 82.10 -9.91
N LYS E 360 6.22 81.31 -10.96
CA LYS E 360 5.72 81.66 -12.29
C LYS E 360 4.27 81.25 -12.48
N LEU E 361 3.36 82.23 -12.50
CA LEU E 361 1.95 81.96 -12.71
C LEU E 361 1.75 81.65 -14.19
N LEU E 362 1.33 80.41 -14.47
CA LEU E 362 1.17 79.92 -15.84
C LEU E 362 -0.28 79.91 -16.29
N CYS E 363 -1.20 79.76 -15.34
CA CYS E 363 -2.63 79.95 -15.59
C CYS E 363 -3.39 80.21 -14.30
N GLY E 364 -4.58 80.78 -14.45
CA GLY E 364 -5.43 81.10 -13.30
C GLY E 364 -4.90 82.22 -12.44
N GLY E 365 -5.09 82.06 -11.12
CA GLY E 365 -4.62 83.03 -10.15
C GLY E 365 -5.67 84.03 -9.69
N GLY E 366 -6.93 83.79 -10.04
CA GLY E 366 -8.01 84.71 -9.68
C GLY E 366 -9.35 84.04 -9.44
N ILE E 367 -10.36 84.87 -9.23
CA ILE E 367 -11.73 84.44 -8.99
C ILE E 367 -12.31 83.83 -10.26
N ALA E 368 -13.17 82.82 -10.12
CA ALA E 368 -13.71 82.11 -11.29
C ALA E 368 -15.18 82.43 -11.60
N ALA E 369 -15.87 83.09 -10.67
CA ALA E 369 -17.30 83.42 -10.85
C ALA E 369 -17.70 84.65 -10.05
N ASP E 370 -18.82 85.25 -10.44
CA ASP E 370 -19.38 86.42 -9.76
C ASP E 370 -20.07 86.02 -8.44
N ARG E 371 -20.61 84.81 -8.43
CA ARG E 371 -21.41 84.29 -7.33
C ARG E 371 -20.72 83.06 -6.79
N GLY E 372 -20.70 82.90 -5.46
CA GLY E 372 -20.10 81.75 -4.80
C GLY E 372 -18.61 81.92 -4.54
N TYR E 373 -17.98 80.86 -4.02
CA TYR E 373 -16.55 80.90 -3.66
C TYR E 373 -15.72 80.06 -4.62
N PHE E 374 -15.83 80.39 -5.92
CA PHE E 374 -15.12 79.67 -6.99
C PHE E 374 -13.77 80.32 -7.31
N ILE E 375 -12.73 79.50 -7.43
CA ILE E 375 -11.38 79.97 -7.74
C ILE E 375 -10.84 79.22 -8.95
N GLN E 376 -10.16 79.94 -9.84
CA GLN E 376 -9.61 79.34 -11.06
C GLN E 376 -8.55 78.29 -10.75
N PRO E 377 -8.58 77.16 -11.48
CA PRO E 377 -7.44 76.25 -11.46
C PRO E 377 -6.16 77.05 -11.71
N THR E 378 -5.21 76.94 -10.78
CA THR E 378 -4.04 77.81 -10.79
C THR E 378 -2.77 76.97 -10.78
N VAL E 379 -1.77 77.39 -11.53
CA VAL E 379 -0.53 76.63 -11.67
C VAL E 379 0.68 77.54 -11.61
N PHE E 380 1.57 77.24 -10.66
CA PHE E 380 2.84 77.93 -10.54
C PHE E 380 3.95 77.02 -11.02
N GLY E 381 4.74 77.52 -11.97
CA GLY E 381 5.94 76.86 -12.44
C GLY E 381 7.17 77.45 -11.79
N ASP E 382 8.30 76.77 -11.93
CA ASP E 382 9.59 77.20 -11.37
C ASP E 382 9.53 77.49 -9.87
N VAL E 383 8.77 76.68 -9.13
CA VAL E 383 8.65 76.87 -7.69
C VAL E 383 9.95 76.45 -6.99
N GLN E 384 10.33 77.20 -5.96
CA GLN E 384 11.55 76.91 -5.21
C GLN E 384 11.19 76.48 -3.78
N ASP E 385 12.04 75.65 -3.19
CA ASP E 385 11.76 75.01 -1.90
C ASP E 385 11.51 76.04 -0.78
N GLY E 386 12.20 77.17 -0.86
CA GLY E 386 12.09 78.22 0.16
C GLY E 386 10.83 79.05 0.09
N MET E 387 10.06 78.92 -0.99
CA MET E 387 8.85 79.70 -1.18
C MET E 387 7.71 79.23 -0.28
N THR E 388 6.95 80.18 0.26
CA THR E 388 5.80 79.90 1.11
C THR E 388 4.86 78.87 0.48
N ILE E 389 4.64 78.98 -0.81
CA ILE E 389 3.71 78.08 -1.51
C ILE E 389 4.29 76.68 -1.72
N ALA E 390 5.60 76.53 -1.50
CA ALA E 390 6.24 75.23 -1.47
C ALA E 390 6.24 74.62 -0.07
N LYS E 391 5.97 75.43 0.95
CA LYS E 391 6.09 74.98 2.34
C LYS E 391 4.74 74.80 3.04
N GLU E 392 3.85 75.78 2.88
CA GLU E 392 2.58 75.77 3.62
C GLU E 392 1.47 75.10 2.83
N GLU E 393 0.55 74.46 3.55
CA GLU E 393 -0.61 73.81 2.95
C GLU E 393 -1.61 74.85 2.50
N ILE E 394 -1.90 74.87 1.21
CA ILE E 394 -2.78 75.86 0.60
C ILE E 394 -4.25 75.42 0.68
N PHE E 395 -4.50 74.15 0.43
CA PHE E 395 -5.84 73.55 0.54
C PHE E 395 -6.81 74.15 -0.50
N GLY E 396 -6.27 74.48 -1.67
CA GLY E 396 -7.03 75.05 -2.78
C GLY E 396 -6.48 74.55 -4.11
N PRO E 397 -7.09 74.97 -5.22
CA PRO E 397 -6.68 74.49 -6.55
C PRO E 397 -5.47 75.25 -7.08
N VAL E 398 -4.36 75.11 -6.37
CA VAL E 398 -3.13 75.85 -6.64
C VAL E 398 -1.97 74.84 -6.72
N MET E 399 -1.48 74.62 -7.95
CA MET E 399 -0.45 73.61 -8.24
C MET E 399 0.95 74.22 -8.19
N GLN E 400 1.91 73.47 -7.62
CA GLN E 400 3.32 73.85 -7.63
C GLN E 400 4.12 72.81 -8.42
N ILE E 401 4.81 73.25 -9.47
CA ILE E 401 5.66 72.38 -10.28
C ILE E 401 7.13 72.77 -10.08
N LEU E 402 7.94 71.82 -9.61
CA LEU E 402 9.33 72.05 -9.25
C LEU E 402 10.30 71.22 -10.12
N LYS E 403 11.50 71.75 -10.32
CA LYS E 403 12.48 71.11 -11.18
C LYS E 403 13.55 70.42 -10.34
N PHE E 404 13.97 69.24 -10.78
CA PHE E 404 15.07 68.53 -10.15
C PHE E 404 15.84 67.71 -11.17
N LYS E 405 17.05 67.30 -10.80
CA LYS E 405 17.92 66.54 -11.67
C LYS E 405 18.06 65.09 -11.22
N THR E 406 18.62 64.86 -10.04
CA THR E 406 18.96 63.51 -9.58
C THR E 406 17.96 62.91 -8.61
N ILE E 407 18.03 61.59 -8.44
CA ILE E 407 17.17 60.88 -7.50
C ILE E 407 17.60 61.19 -6.05
N GLU E 408 18.92 61.31 -5.83
CA GLU E 408 19.49 61.68 -4.53
C GLU E 408 19.03 63.05 -4.07
N GLU E 409 19.04 64.01 -5.00
CA GLU E 409 18.56 65.36 -4.74
C GLU E 409 17.10 65.40 -4.29
N VAL E 410 16.24 64.71 -5.02
CA VAL E 410 14.80 64.84 -4.84
C VAL E 410 14.30 64.18 -3.54
N VAL E 411 14.98 63.13 -3.11
CA VAL E 411 14.72 62.49 -1.81
C VAL E 411 14.89 63.51 -0.69
N GLY E 412 16.04 64.17 -0.67
CA GLY E 412 16.36 65.19 0.33
C GLY E 412 15.38 66.36 0.28
N ARG E 413 15.06 66.82 -0.92
CA ARG E 413 14.10 67.92 -1.08
C ARG E 413 12.67 67.50 -0.72
N ALA E 414 12.28 66.29 -1.12
CA ALA E 414 10.94 65.78 -0.78
C ALA E 414 10.77 65.66 0.73
N ASN E 415 11.76 65.07 1.38
CA ASN E 415 11.73 64.84 2.83
C ASN E 415 11.99 66.07 3.69
N ASN E 416 12.55 67.15 3.11
CA ASN E 416 12.81 68.37 3.87
C ASN E 416 11.52 69.15 4.15
N SER E 417 10.74 68.65 5.10
CA SER E 417 9.43 69.21 5.41
C SER E 417 8.97 68.70 6.76
N THR E 418 8.22 69.52 7.49
CA THR E 418 7.67 69.09 8.77
C THR E 418 6.44 68.17 8.56
N TYR E 419 5.92 68.12 7.33
CA TYR E 419 4.82 67.21 6.98
C TYR E 419 5.35 65.91 6.36
N GLY E 420 4.51 64.88 6.38
CA GLY E 420 4.83 63.61 5.74
C GLY E 420 3.63 62.67 5.71
N LEU E 421 2.51 63.19 5.21
CA LEU E 421 1.28 62.42 5.11
C LEU E 421 1.37 61.43 3.95
N ALA E 422 1.70 61.94 2.77
CA ALA E 422 1.77 61.12 1.59
C ALA E 422 2.85 61.62 0.63
N ALA E 423 3.16 60.77 -0.34
CA ALA E 423 4.09 61.07 -1.41
C ALA E 423 3.79 60.11 -2.54
N ALA E 424 4.34 60.38 -3.73
CA ALA E 424 4.15 59.50 -4.88
C ALA E 424 5.33 59.55 -5.84
N VAL E 425 5.53 58.46 -6.57
CA VAL E 425 6.64 58.32 -7.50
C VAL E 425 6.12 57.76 -8.80
N PHE E 426 6.37 58.47 -9.90
CA PHE E 426 6.00 57.99 -11.22
C PHE E 426 7.25 57.59 -12.01
N THR E 427 7.34 56.29 -12.28
CA THR E 427 8.48 55.73 -13.03
C THR E 427 8.13 54.32 -13.52
N LYS E 428 8.77 53.89 -14.61
CA LYS E 428 8.63 52.53 -15.12
C LYS E 428 9.69 51.58 -14.55
N ASP E 429 10.72 52.15 -13.92
CA ASP E 429 11.89 51.38 -13.50
C ASP E 429 11.74 50.81 -12.10
N LEU E 430 11.98 49.51 -11.98
CA LEU E 430 11.80 48.75 -10.74
C LEU E 430 12.65 49.29 -9.60
N ASP E 431 13.94 49.47 -9.86
CA ASP E 431 14.87 49.94 -8.83
C ASP E 431 14.57 51.36 -8.34
N LYS E 432 14.33 52.29 -9.27
CA LYS E 432 13.91 53.64 -8.90
C LYS E 432 12.66 53.62 -8.01
N ALA E 433 11.69 52.79 -8.38
CA ALA E 433 10.42 52.67 -7.65
C ALA E 433 10.63 52.19 -6.21
N ASN E 434 11.45 51.16 -6.05
CA ASN E 434 11.74 50.61 -4.73
C ASN E 434 12.61 51.50 -3.86
N TYR E 435 13.61 52.13 -4.47
CA TYR E 435 14.53 53.04 -3.77
C TYR E 435 13.80 54.27 -3.18
N LEU E 436 12.93 54.88 -3.98
CA LEU E 436 12.20 56.06 -3.55
C LEU E 436 11.08 55.72 -2.56
N SER E 437 10.30 54.67 -2.83
CA SER E 437 9.26 54.23 -1.91
C SER E 437 9.82 53.96 -0.49
N GLN E 438 11.02 53.39 -0.43
CA GLN E 438 11.72 53.20 0.84
C GLN E 438 12.21 54.51 1.46
N ALA E 439 12.76 55.39 0.64
CA ALA E 439 13.46 56.58 1.13
C ALA E 439 12.54 57.73 1.55
N LEU E 440 11.34 57.79 0.98
CA LEU E 440 10.41 58.88 1.28
C LEU E 440 9.79 58.73 2.67
N GLN E 441 9.81 59.83 3.43
CA GLN E 441 9.30 59.85 4.79
C GLN E 441 7.83 60.25 4.74
N ALA E 442 6.97 59.29 4.39
CA ALA E 442 5.52 59.54 4.27
C ALA E 442 4.70 58.30 4.62
N GLY E 443 3.52 58.53 5.20
CA GLY E 443 2.64 57.45 5.65
C GLY E 443 2.05 56.63 4.53
N THR E 444 1.84 57.26 3.37
CA THR E 444 1.48 56.53 2.16
C THR E 444 2.37 56.94 1.00
N VAL E 445 2.90 55.95 0.27
CA VAL E 445 3.60 56.21 -0.98
C VAL E 445 2.89 55.49 -2.12
N TRP E 446 2.34 56.26 -3.06
CA TRP E 446 1.71 55.72 -4.25
C TRP E 446 2.75 55.62 -5.36
N VAL E 447 2.68 54.55 -6.15
CA VAL E 447 3.63 54.32 -7.25
C VAL E 447 2.87 54.18 -8.56
N ASN E 448 3.09 55.15 -9.45
CA ASN E 448 2.36 55.29 -10.71
C ASN E 448 0.84 55.40 -10.50
N CYS E 449 0.48 56.07 -9.41
CA CYS E 449 -0.90 56.40 -9.11
C CYS E 449 -0.90 57.47 -8.01
N TYR E 450 -2.10 57.95 -7.66
CA TYR E 450 -2.25 58.91 -6.59
C TYR E 450 -3.67 58.82 -6.03
N ASP E 451 -3.81 59.15 -4.75
CA ASP E 451 -5.10 59.13 -4.04
C ASP E 451 -5.84 57.80 -4.20
N VAL E 452 -5.09 56.71 -4.16
CA VAL E 452 -5.68 55.39 -4.14
C VAL E 452 -5.96 55.05 -2.68
N PHE E 453 -7.23 55.15 -2.30
CA PHE E 453 -7.65 54.83 -0.96
C PHE E 453 -8.47 53.55 -0.98
N GLY E 454 -8.26 52.73 0.04
CA GLY E 454 -9.01 51.50 0.23
C GLY E 454 -9.22 51.30 1.72
N ALA E 455 -10.38 50.76 2.08
CA ALA E 455 -10.67 50.46 3.48
C ALA E 455 -9.63 49.52 4.10
N GLN E 456 -8.87 48.81 3.26
CA GLN E 456 -7.96 47.76 3.72
C GLN E 456 -6.58 48.32 4.10
N SER E 457 -6.16 49.40 3.45
CA SER E 457 -4.79 49.90 3.63
C SER E 457 -4.77 51.13 4.55
N PRO E 458 -3.87 51.13 5.56
CA PRO E 458 -3.84 52.22 6.52
C PRO E 458 -3.36 53.55 5.92
N PHE E 459 -3.72 54.63 6.59
CA PHE E 459 -3.41 55.99 6.14
C PHE E 459 -3.20 56.90 7.35
N GLY E 460 -2.18 57.75 7.27
CA GLY E 460 -1.83 58.66 8.36
C GLY E 460 -0.45 59.24 8.18
N GLY E 461 -0.09 60.21 9.02
CA GLY E 461 1.11 60.99 8.79
C GLY E 461 2.36 60.53 9.52
N TYR E 462 3.50 60.86 8.92
CA TYR E 462 4.77 60.96 9.62
C TYR E 462 4.88 62.38 10.18
N LYS E 463 5.87 62.61 11.02
CA LYS E 463 6.22 63.95 11.50
C LYS E 463 4.97 64.67 12.05
N MET E 464 4.69 65.89 11.57
CA MET E 464 3.57 66.69 12.08
C MET E 464 2.31 66.58 11.22
N SER E 465 2.26 65.57 10.36
CA SER E 465 1.04 65.27 9.62
C SER E 465 0.12 64.37 10.46
N GLY E 466 0.57 64.02 11.66
CA GLY E 466 -0.26 63.36 12.66
C GLY E 466 0.41 62.19 13.33
N SER E 467 -0.41 61.36 13.97
CA SER E 467 0.05 60.16 14.65
C SER E 467 -1.09 59.18 14.72
N GLY E 468 -0.77 57.89 14.61
CA GLY E 468 -1.76 56.85 14.48
C GLY E 468 -2.10 56.66 13.02
N ARG E 469 -2.91 55.65 12.73
CA ARG E 469 -3.34 55.36 11.37
C ARG E 469 -4.82 55.05 11.37
N GLU E 470 -5.49 55.42 10.28
CA GLU E 470 -6.88 55.03 10.05
C GLU E 470 -6.98 54.11 8.85
N LEU E 471 -8.08 53.35 8.79
CA LEU E 471 -8.31 52.30 7.80
C LEU E 471 -7.44 51.07 8.08
N GLY E 472 -7.90 49.93 7.57
CA GLY E 472 -7.21 48.67 7.76
C GLY E 472 -7.36 48.10 9.15
N GLU E 473 -6.58 47.07 9.45
CA GLU E 473 -6.49 46.52 10.78
C GLU E 473 -5.92 47.56 11.77
N TYR E 474 -4.96 48.37 11.28
CA TYR E 474 -4.28 49.38 12.08
C TYR E 474 -5.27 50.41 12.65
N GLY E 475 -6.32 50.71 11.89
CA GLY E 475 -7.38 51.61 12.35
C GLY E 475 -8.14 51.17 13.59
N LEU E 476 -7.95 49.93 14.02
CA LEU E 476 -8.56 49.40 15.24
C LEU E 476 -7.70 49.57 16.49
N GLN E 477 -6.38 49.72 16.30
CA GLN E 477 -5.44 49.75 17.43
C GLN E 477 -5.78 50.81 18.47
N ALA E 478 -5.99 52.04 18.00
CA ALA E 478 -6.25 53.17 18.90
C ALA E 478 -7.63 53.13 19.57
N TYR E 479 -8.48 52.21 19.11
CA TYR E 479 -9.83 52.04 19.69
C TYR E 479 -9.90 50.87 20.65
N THR E 480 -8.75 50.30 20.95
CA THR E 480 -8.62 49.13 21.80
C THR E 480 -7.82 49.51 23.03
N GLU E 481 -8.26 49.02 24.18
CA GLU E 481 -7.46 49.03 25.40
C GLU E 481 -7.06 47.59 25.68
N VAL E 482 -5.77 47.36 25.91
CA VAL E 482 -5.27 46.01 26.12
C VAL E 482 -5.21 45.66 27.60
N LYS E 483 -5.93 44.60 27.98
CA LYS E 483 -5.85 44.07 29.33
C LYS E 483 -5.16 42.71 29.30
N THR E 484 -4.13 42.57 30.12
CA THR E 484 -3.49 41.29 30.36
C THR E 484 -4.13 40.65 31.59
N VAL E 485 -4.55 39.38 31.45
CA VAL E 485 -5.02 38.59 32.57
C VAL E 485 -4.05 37.42 32.72
N THR E 486 -3.48 37.28 33.91
CA THR E 486 -2.48 36.23 34.18
C THR E 486 -2.96 35.38 35.37
N VAL E 487 -3.24 34.11 35.10
CA VAL E 487 -3.85 33.21 36.07
C VAL E 487 -2.87 32.13 36.54
N LYS E 488 -2.74 31.99 37.86
CA LYS E 488 -1.97 30.89 38.45
C LYS E 488 -2.64 29.55 38.08
N VAL E 489 -1.85 28.61 37.58
CA VAL E 489 -2.33 27.28 37.22
C VAL E 489 -1.54 26.20 37.97
N PRO E 490 -2.14 25.02 38.20
CA PRO E 490 -1.45 23.94 38.91
C PRO E 490 -0.07 23.62 38.35
N GLN E 491 0.03 23.37 37.04
CA GLN E 491 1.31 23.11 36.40
C GLN E 491 1.27 23.41 34.90
N LYS E 492 2.03 24.41 34.48
CA LYS E 492 2.06 24.83 33.08
C LYS E 492 2.69 23.75 32.22
N ASN E 493 2.04 23.43 31.10
CA ASN E 493 2.59 22.57 30.08
C ASN E 493 2.40 23.21 28.70
N SER E 494 3.38 23.01 27.83
CA SER E 494 3.32 23.51 26.45
C SER E 494 2.11 22.93 25.73
N ALA F 1 21.12 29.72 44.81
CA ALA F 1 22.62 29.72 44.74
C ALA F 1 23.12 31.06 44.21
N VAL F 2 23.44 31.96 45.13
CA VAL F 2 23.86 33.32 44.79
C VAL F 2 25.35 33.51 45.08
N PRO F 3 26.11 34.02 44.09
CA PRO F 3 27.53 34.30 44.34
C PRO F 3 27.70 35.39 45.39
N ALA F 4 28.68 35.21 46.28
CA ALA F 4 28.95 36.19 47.34
C ALA F 4 29.14 37.58 46.74
N PRO F 5 28.46 38.60 47.31
CA PRO F 5 28.49 39.94 46.75
C PRO F 5 29.78 40.70 47.05
N ASN F 6 30.26 41.44 46.05
CA ASN F 6 31.23 42.48 46.29
C ASN F 6 30.47 43.70 46.83
N GLN F 7 30.63 43.97 48.12
CA GLN F 7 29.84 44.98 48.82
C GLN F 7 30.36 46.42 48.64
N GLN F 8 31.50 46.57 47.98
CA GLN F 8 32.03 47.91 47.66
C GLN F 8 32.50 47.95 46.22
N PRO F 9 31.55 47.79 45.27
CA PRO F 9 31.93 47.66 43.87
C PRO F 9 32.45 48.96 43.29
N GLU F 10 33.45 48.84 42.42
CA GLU F 10 33.99 49.98 41.69
C GLU F 10 32.95 50.59 40.75
N VAL F 11 33.19 51.84 40.37
CA VAL F 11 32.37 52.54 39.39
C VAL F 11 33.30 52.99 38.27
N PHE F 12 33.07 52.50 37.06
CA PHE F 12 33.91 52.81 35.90
C PHE F 12 33.30 53.87 34.99
N CYS F 13 32.01 54.13 35.15
CA CYS F 13 31.27 55.01 34.25
C CYS F 13 30.44 56.04 35.01
N ASN F 14 30.67 57.32 34.74
CA ASN F 14 29.96 58.40 35.43
C ASN F 14 29.74 59.67 34.58
N GLN F 15 29.78 59.52 33.26
CA GLN F 15 29.75 60.64 32.33
C GLN F 15 28.60 60.50 31.34
N ILE F 16 28.45 61.47 30.44
CA ILE F 16 27.45 61.40 29.38
C ILE F 16 27.97 60.47 28.28
N PHE F 17 27.10 59.60 27.78
CA PHE F 17 27.46 58.63 26.75
C PHE F 17 26.86 59.05 25.42
N ILE F 18 27.71 59.46 24.48
CA ILE F 18 27.28 59.90 23.16
C ILE F 18 28.27 59.42 22.10
N ASN F 19 27.76 58.85 21.00
CA ASN F 19 28.60 58.31 19.94
C ASN F 19 29.65 57.34 20.48
N ASN F 20 29.22 56.45 21.37
CA ASN F 20 30.11 55.50 22.03
C ASN F 20 31.35 56.13 22.68
N GLU F 21 31.21 57.37 23.16
CA GLU F 21 32.29 58.05 23.85
C GLU F 21 31.75 58.69 25.11
N TRP F 22 32.63 58.90 26.07
CA TRP F 22 32.27 59.46 27.37
C TRP F 22 32.53 60.96 27.38
N HIS F 23 31.52 61.74 27.75
CA HIS F 23 31.59 63.20 27.69
C HIS F 23 31.28 63.82 29.05
N ASP F 24 32.07 64.83 29.43
CA ASP F 24 31.69 65.73 30.51
C ASP F 24 30.50 66.57 30.04
N ALA F 25 29.76 67.13 30.99
CA ALA F 25 28.72 68.09 30.66
C ALA F 25 29.38 69.31 30.04
N VAL F 26 28.69 69.96 29.10
CA VAL F 26 29.20 71.19 28.49
C VAL F 26 29.50 72.20 29.58
N SER F 27 28.59 72.31 30.55
CA SER F 27 28.77 73.20 31.70
C SER F 27 29.87 72.72 32.66
N ARG F 28 30.36 71.50 32.46
CA ARG F 28 31.33 70.84 33.36
C ARG F 28 30.76 70.57 34.77
N LYS F 29 29.45 70.75 34.94
CA LYS F 29 28.79 70.49 36.22
C LYS F 29 28.66 69.00 36.48
N THR F 30 28.66 68.62 37.76
CA THR F 30 28.38 67.26 38.18
C THR F 30 27.47 67.28 39.40
N PHE F 31 26.78 66.16 39.63
CA PHE F 31 25.93 66.01 40.81
C PHE F 31 26.30 64.71 41.52
N PRO F 32 26.17 64.68 42.86
CA PRO F 32 26.51 63.47 43.61
C PRO F 32 25.38 62.44 43.58
N THR F 33 25.73 61.16 43.52
CA THR F 33 24.76 60.10 43.73
C THR F 33 25.09 59.37 45.04
N VAL F 34 24.05 59.01 45.77
CA VAL F 34 24.16 58.63 47.18
C VAL F 34 23.76 57.18 47.41
N ASN F 35 24.48 56.52 48.31
CA ASN F 35 24.15 55.18 48.81
C ASN F 35 23.05 55.31 49.88
N PRO F 36 21.80 54.91 49.55
CA PRO F 36 20.71 55.17 50.50
C PRO F 36 20.71 54.35 51.80
N SER F 37 21.57 53.34 51.90
CA SER F 37 21.79 52.60 53.16
C SER F 37 22.66 53.38 54.16
N THR F 38 23.66 54.11 53.66
CA THR F 38 24.57 54.86 54.53
C THR F 38 24.33 56.37 54.51
N GLY F 39 23.80 56.87 53.39
CA GLY F 39 23.65 58.31 53.18
C GLY F 39 24.91 58.95 52.61
N GLU F 40 25.88 58.12 52.26
CA GLU F 40 27.17 58.60 51.77
C GLU F 40 27.23 58.63 50.25
N VAL F 41 28.01 59.57 49.72
CA VAL F 41 28.15 59.75 48.29
C VAL F 41 28.96 58.59 47.70
N ILE F 42 28.48 58.05 46.58
CA ILE F 42 29.22 57.01 45.87
C ILE F 42 30.27 57.69 45.00
N CYS F 43 29.80 58.55 44.09
CA CYS F 43 30.68 59.33 43.22
C CYS F 43 29.93 60.54 42.65
N GLN F 44 30.61 61.33 41.82
CA GLN F 44 29.99 62.40 41.07
C GLN F 44 29.64 61.91 39.67
N VAL F 45 28.57 62.47 39.11
CA VAL F 45 28.13 62.13 37.76
C VAL F 45 27.92 63.40 36.95
N ALA F 46 28.29 63.36 35.67
CA ALA F 46 28.12 64.51 34.77
C ALA F 46 26.67 64.96 34.70
N GLU F 47 26.44 66.24 34.95
CA GLU F 47 25.08 66.79 34.98
C GLU F 47 24.69 67.32 33.59
N GLY F 48 24.01 66.47 32.83
CA GLY F 48 23.52 66.85 31.51
C GLY F 48 22.39 67.87 31.56
N ASP F 49 22.38 68.77 30.59
CA ASP F 49 21.34 69.79 30.42
C ASP F 49 20.95 69.81 28.94
N LYS F 50 20.19 70.81 28.53
CA LYS F 50 19.71 70.96 27.15
C LYS F 50 20.82 70.85 26.10
N GLU F 51 21.93 71.53 26.33
CA GLU F 51 23.05 71.53 25.37
C GLU F 51 23.65 70.13 25.19
N ASP F 52 23.58 69.31 26.24
CA ASP F 52 24.07 67.93 26.19
C ASP F 52 23.05 67.05 25.50
N VAL F 53 21.77 67.29 25.78
CA VAL F 53 20.69 66.59 25.10
C VAL F 53 20.74 66.87 23.61
N ASP F 54 21.04 68.12 23.24
CA ASP F 54 21.14 68.50 21.83
C ASP F 54 22.24 67.74 21.08
N LYS F 55 23.42 67.62 21.69
CA LYS F 55 24.51 66.83 21.12
C LYS F 55 24.10 65.36 20.96
N ALA F 56 23.34 64.85 21.92
CA ALA F 56 22.85 63.47 21.89
C ALA F 56 21.84 63.27 20.76
N VAL F 57 20.92 64.21 20.63
CA VAL F 57 19.87 64.10 19.61
C VAL F 57 20.46 64.20 18.20
N LYS F 58 21.43 65.09 18.03
CA LYS F 58 22.19 65.20 16.79
C LYS F 58 22.88 63.87 16.46
N ALA F 59 23.55 63.30 17.47
CA ALA F 59 24.24 62.02 17.31
C ALA F 59 23.26 60.90 16.93
N ALA F 60 22.12 60.86 17.61
CA ALA F 60 21.06 59.90 17.29
C ALA F 60 20.59 60.08 15.86
N ARG F 61 20.36 61.33 15.47
CA ARG F 61 19.88 61.65 14.13
C ARG F 61 20.87 61.24 13.04
N ALA F 62 22.16 61.46 13.30
CA ALA F 62 23.19 61.08 12.34
C ALA F 62 23.25 59.55 12.17
N ALA F 63 23.09 58.83 13.28
CA ALA F 63 23.10 57.36 13.25
C ALA F 63 21.87 56.79 12.54
N PHE F 64 20.77 57.53 12.57
CA PHE F 64 19.50 57.10 11.96
C PHE F 64 19.40 57.47 10.46
N GLN F 65 20.40 58.18 9.94
CA GLN F 65 20.34 58.62 8.54
C GLN F 65 20.30 57.45 7.57
N LEU F 66 19.55 57.62 6.49
CA LEU F 66 19.43 56.62 5.45
C LEU F 66 20.82 56.21 4.94
N GLY F 67 21.07 54.91 4.86
CA GLY F 67 22.36 54.39 4.43
C GLY F 67 23.42 54.30 5.52
N SER F 68 23.07 54.67 6.76
CA SER F 68 23.96 54.50 7.90
C SER F 68 24.13 53.01 8.20
N PRO F 69 25.22 52.64 8.91
CA PRO F 69 25.39 51.25 9.29
C PRO F 69 24.17 50.69 10.05
N TRP F 70 23.63 51.46 10.99
CA TRP F 70 22.50 51.01 11.80
C TRP F 70 21.23 50.81 10.96
N ARG F 71 20.97 51.73 10.03
CA ARG F 71 19.81 51.61 9.16
C ARG F 71 19.93 50.48 8.16
N ARG F 72 21.14 50.25 7.64
CA ARG F 72 21.38 49.17 6.66
C ARG F 72 21.51 47.80 7.29
N MET F 73 21.74 47.76 8.60
CA MET F 73 21.96 46.51 9.32
C MET F 73 20.82 45.53 9.14
N ASP F 74 21.15 44.25 8.93
CA ASP F 74 20.16 43.20 8.83
C ASP F 74 19.36 43.16 10.13
N ALA F 75 18.04 43.05 10.03
CA ALA F 75 17.18 42.95 11.20
C ALA F 75 17.66 41.84 12.12
N SER F 76 17.92 40.67 11.51
CA SER F 76 18.48 39.53 12.23
C SER F 76 19.73 39.89 13.02
N HIS F 77 20.55 40.80 12.50
CA HIS F 77 21.77 41.21 13.18
C HIS F 77 21.53 42.18 14.35
N ARG F 78 20.47 42.97 14.30
CA ARG F 78 20.08 43.78 15.47
C ARG F 78 19.79 42.81 16.63
N GLY F 79 19.06 41.74 16.31
CA GLY F 79 18.85 40.63 17.23
C GLY F 79 20.13 40.06 17.80
N ARG F 80 21.11 39.77 16.93
CA ARG F 80 22.40 39.25 17.38
C ARG F 80 23.02 40.18 18.40
N LEU F 81 23.02 41.48 18.09
CA LEU F 81 23.57 42.48 18.99
C LEU F 81 22.86 42.51 20.35
N LEU F 82 21.53 42.41 20.36
CA LEU F 82 20.78 42.39 21.64
C LEU F 82 21.09 41.15 22.48
N ASN F 83 21.31 40.01 21.83
CA ASN F 83 21.76 38.80 22.52
C ASN F 83 23.19 38.92 23.02
N ARG F 84 24.05 39.58 22.25
CA ARG F 84 25.42 39.86 22.69
C ARG F 84 25.38 40.76 23.93
N LEU F 85 24.53 41.79 23.90
CA LEU F 85 24.36 42.67 25.05
C LEU F 85 23.94 41.88 26.30
N ALA F 86 22.96 41.01 26.16
CA ALA F 86 22.50 40.17 27.27
C ALA F 86 23.62 39.27 27.79
N ASP F 87 24.40 38.69 26.88
CA ASP F 87 25.54 37.83 27.26
C ASP F 87 26.59 38.60 28.05
N LEU F 88 26.83 39.85 27.68
CA LEU F 88 27.74 40.71 28.42
C LEU F 88 27.20 41.09 29.79
N ILE F 89 25.90 41.37 29.88
CA ILE F 89 25.29 41.70 31.18
C ILE F 89 25.30 40.48 32.11
N GLU F 90 25.12 39.29 31.53
CA GLU F 90 25.18 38.07 32.31
C GLU F 90 26.62 37.77 32.74
N ARG F 91 27.58 37.99 31.84
CA ARG F 91 28.98 37.88 32.21
C ARG F 91 29.28 38.77 33.42
N ASP F 92 28.70 39.97 33.46
CA ASP F 92 28.94 40.93 34.54
C ASP F 92 27.77 41.03 35.53
N ARG F 93 27.07 39.93 35.73
CA ARG F 93 25.82 39.91 36.50
C ARG F 93 26.02 40.21 37.99
N THR F 94 27.04 39.60 38.58
CA THR F 94 27.38 39.78 39.98
C THR F 94 27.76 41.23 40.27
N TYR F 95 28.60 41.80 39.40
CA TYR F 95 29.02 43.19 39.48
C TYR F 95 27.84 44.16 39.38
N LEU F 96 27.01 43.98 38.36
CA LEU F 96 25.85 44.87 38.14
C LEU F 96 24.80 44.76 39.25
N ALA F 97 24.60 43.56 39.77
CA ALA F 97 23.65 43.37 40.88
C ALA F 97 24.08 44.16 42.14
N ALA F 98 25.39 44.16 42.41
CA ALA F 98 25.94 44.87 43.57
C ALA F 98 25.83 46.39 43.39
N LEU F 99 26.23 46.87 42.23
CA LEU F 99 26.15 48.30 41.92
C LEU F 99 24.71 48.81 41.97
N GLU F 100 23.77 48.01 41.45
CA GLU F 100 22.34 48.32 41.55
C GLU F 100 21.92 48.45 43.02
N THR F 101 22.29 47.46 43.83
CA THR F 101 22.02 47.48 45.28
C THR F 101 22.62 48.70 45.95
N LEU F 102 23.90 48.95 45.69
CA LEU F 102 24.63 50.08 46.28
C LEU F 102 23.95 51.43 45.97
N ASP F 103 23.48 51.59 44.74
CA ASP F 103 22.93 52.86 44.25
C ASP F 103 21.43 52.99 44.55
N ASN F 104 20.70 51.88 44.46
CA ASN F 104 19.24 51.88 44.66
C ASN F 104 18.84 51.55 46.10
N GLY F 105 19.46 50.51 46.66
CA GLY F 105 19.19 50.11 48.05
C GLY F 105 18.48 48.78 48.19
N LYS F 106 17.99 48.21 47.09
CA LYS F 106 17.30 46.91 47.16
C LYS F 106 18.28 45.79 47.49
N PRO F 107 17.80 44.73 48.17
CA PRO F 107 18.64 43.59 48.57
C PRO F 107 19.42 43.00 47.40
N TYR F 108 20.72 42.76 47.61
CA TYR F 108 21.57 42.23 46.56
C TYR F 108 21.03 40.92 46.00
N VAL F 109 20.57 40.03 46.89
CA VAL F 109 19.93 38.77 46.48
C VAL F 109 18.82 39.01 45.47
N ILE F 110 18.00 40.03 45.70
CA ILE F 110 16.90 40.36 44.79
C ILE F 110 17.44 41.00 43.51
N SER F 111 18.47 41.83 43.63
CA SER F 111 19.12 42.41 42.45
C SER F 111 19.65 41.32 41.51
N TYR F 112 20.19 40.26 42.10
CA TYR F 112 20.81 39.19 41.32
C TYR F 112 19.77 38.23 40.73
N LEU F 113 18.87 37.75 41.58
CA LEU F 113 17.92 36.70 41.17
C LEU F 113 16.69 37.24 40.45
N VAL F 114 16.25 38.45 40.79
CA VAL F 114 15.06 39.04 40.16
C VAL F 114 15.43 40.07 39.07
N ASP F 115 15.88 41.26 39.49
CA ASP F 115 16.07 42.37 38.55
C ASP F 115 16.94 42.00 37.35
N LEU F 116 18.10 41.40 37.60
CA LEU F 116 19.00 41.09 36.49
C LEU F 116 18.50 39.93 35.64
N ASP F 117 17.86 38.94 36.28
CA ASP F 117 17.20 37.86 35.55
C ASP F 117 16.18 38.42 34.55
N MET F 118 15.36 39.36 35.00
CA MET F 118 14.33 39.97 34.16
C MET F 118 14.92 40.89 33.08
N VAL F 119 16.08 41.47 33.35
CA VAL F 119 16.81 42.24 32.34
C VAL F 119 17.22 41.30 31.20
N LEU F 120 17.89 40.22 31.57
CA LEU F 120 18.32 39.20 30.60
C LEU F 120 17.14 38.65 29.79
N LYS F 121 16.04 38.33 30.47
CA LYS F 121 14.85 37.81 29.78
C LYS F 121 14.23 38.83 28.84
N CYS F 122 14.15 40.10 29.25
CA CYS F 122 13.55 41.12 28.40
C CYS F 122 14.38 41.38 27.14
N LEU F 123 15.69 41.52 27.30
CA LEU F 123 16.57 41.76 26.17
C LEU F 123 16.58 40.58 25.22
N ARG F 124 16.71 39.37 25.76
CA ARG F 124 16.69 38.15 24.94
C ARG F 124 15.35 37.91 24.26
N TYR F 125 14.25 38.30 24.90
CA TYR F 125 12.93 38.25 24.27
C TYR F 125 12.91 39.15 23.05
N TYR F 126 13.22 40.43 23.27
CA TYR F 126 13.15 41.43 22.19
C TYR F 126 14.17 41.22 21.08
N ALA F 127 15.32 40.65 21.39
CA ALA F 127 16.23 40.15 20.36
C ALA F 127 15.47 39.33 19.34
N GLY F 128 14.59 38.46 19.82
CA GLY F 128 13.80 37.57 18.96
C GLY F 128 12.81 38.28 18.04
N TRP F 129 12.35 39.46 18.42
CA TRP F 129 11.37 40.20 17.62
C TRP F 129 11.97 40.95 16.44
N ALA F 130 13.26 41.28 16.54
CA ALA F 130 13.93 42.13 15.56
C ALA F 130 13.56 41.84 14.11
N ASP F 131 13.52 40.57 13.74
CA ASP F 131 13.25 40.17 12.35
C ASP F 131 11.93 39.45 12.18
N LYS F 132 10.96 39.75 13.05
CA LYS F 132 9.68 39.03 13.07
C LYS F 132 8.44 39.90 13.16
N TYR F 133 8.59 41.22 13.18
CA TYR F 133 7.45 42.12 13.28
C TYR F 133 6.97 42.54 11.88
N HIS F 134 6.32 41.61 11.20
CA HIS F 134 6.01 41.74 9.78
C HIS F 134 5.04 42.87 9.49
N GLY F 135 5.19 43.50 8.32
CA GLY F 135 4.13 44.33 7.77
C GLY F 135 3.14 43.42 7.04
N LYS F 136 2.26 44.02 6.24
CA LYS F 136 1.19 43.26 5.59
C LYS F 136 1.19 43.48 4.08
N THR F 137 0.74 42.45 3.35
CA THR F 137 0.35 42.61 1.96
C THR F 137 -1.17 42.56 1.95
N ILE F 138 -1.78 43.50 1.22
CA ILE F 138 -3.17 43.89 1.44
C ILE F 138 -3.98 43.81 0.15
N PRO F 139 -5.05 42.99 0.13
CA PRO F 139 -5.88 42.80 -1.06
C PRO F 139 -6.86 43.96 -1.32
N ILE F 140 -6.31 45.13 -1.60
CA ILE F 140 -7.07 46.35 -1.86
C ILE F 140 -7.89 46.26 -3.15
N ASP F 141 -8.97 47.05 -3.24
CA ASP F 141 -9.75 47.18 -4.46
C ASP F 141 -8.89 47.74 -5.59
N GLY F 142 -9.21 47.34 -6.84
CA GLY F 142 -8.56 47.89 -8.02
C GLY F 142 -7.31 47.15 -8.45
N ASP F 143 -6.70 47.67 -9.52
CA ASP F 143 -5.50 47.05 -10.10
C ASP F 143 -4.24 47.59 -9.42
N PHE F 144 -4.11 47.26 -8.13
CA PHE F 144 -3.03 47.77 -7.30
C PHE F 144 -2.45 46.66 -6.44
N PHE F 145 -1.19 46.83 -6.07
CA PHE F 145 -0.53 45.99 -5.09
C PHE F 145 -0.20 46.90 -3.91
N SER F 146 -0.79 46.60 -2.77
CA SER F 146 -0.65 47.43 -1.58
C SER F 146 -0.10 46.64 -0.40
N TYR F 147 0.95 47.17 0.20
CA TYR F 147 1.55 46.56 1.38
C TYR F 147 1.98 47.61 2.39
N THR F 148 2.32 47.18 3.59
CA THR F 148 2.87 48.06 4.60
C THR F 148 4.30 47.68 4.95
N ARG F 149 5.15 48.68 5.09
CA ARG F 149 6.46 48.55 5.75
C ARG F 149 6.30 49.00 7.19
N HIS F 150 6.82 48.21 8.12
CA HIS F 150 6.95 48.63 9.50
C HIS F 150 8.34 49.21 9.69
N GLU F 151 8.42 50.55 9.68
CA GLU F 151 9.69 51.27 9.79
C GLU F 151 9.87 51.73 11.24
N PRO F 152 11.10 52.10 11.63
CA PRO F 152 11.31 52.64 12.97
C PRO F 152 10.71 54.05 13.09
N VAL F 153 10.21 54.39 14.27
CA VAL F 153 9.63 55.70 14.49
C VAL F 153 10.70 56.80 14.39
N GLY F 154 11.91 56.50 14.87
CA GLY F 154 13.07 57.38 14.66
C GLY F 154 13.90 57.61 15.91
N VAL F 155 14.21 58.88 16.19
CA VAL F 155 14.91 59.27 17.41
C VAL F 155 13.96 59.18 18.59
N CYS F 156 14.27 58.31 19.54
CA CYS F 156 13.41 58.02 20.68
C CYS F 156 13.99 58.54 22.00
N GLY F 157 13.30 59.50 22.60
CA GLY F 157 13.63 59.98 23.93
C GLY F 157 12.98 59.09 24.98
N GLN F 158 13.79 58.53 25.86
CA GLN F 158 13.29 57.60 26.87
C GLN F 158 13.69 58.04 28.27
N ILE F 159 12.69 58.29 29.12
CA ILE F 159 12.93 58.81 30.46
C ILE F 159 12.51 57.72 31.45
N ILE F 160 13.48 57.24 32.23
CA ILE F 160 13.24 56.12 33.15
C ILE F 160 13.46 56.47 34.62
N PRO F 161 12.69 55.83 35.52
CA PRO F 161 12.71 56.12 36.95
C PRO F 161 13.84 55.43 37.72
N TRP F 162 13.82 55.58 39.03
CA TRP F 162 14.86 55.06 39.92
C TRP F 162 14.52 53.74 40.60
N ASN F 163 13.27 53.30 40.52
CA ASN F 163 12.83 52.14 41.31
C ASN F 163 13.29 50.79 40.75
N PHE F 164 13.41 50.69 39.42
CA PHE F 164 14.03 49.52 38.77
C PHE F 164 14.94 50.01 37.64
N PRO F 165 16.11 50.58 37.99
CA PRO F 165 16.96 51.25 36.99
C PRO F 165 17.33 50.38 35.78
N LEU F 166 17.89 49.21 36.05
CA LEU F 166 18.35 48.31 34.97
C LEU F 166 17.18 47.74 34.19
N LEU F 167 16.16 47.26 34.90
CA LEU F 167 15.00 46.67 34.23
C LEU F 167 14.22 47.68 33.41
N MET F 168 14.13 48.92 33.88
CA MET F 168 13.45 49.98 33.13
C MET F 168 14.28 50.40 31.91
N GLN F 169 15.60 50.37 32.04
CA GLN F 169 16.47 50.58 30.88
C GLN F 169 16.22 49.50 29.84
N ALA F 170 16.13 48.25 30.29
CA ALA F 170 15.90 47.11 29.39
C ALA F 170 14.54 47.16 28.71
N TRP F 171 13.50 47.49 29.46
CA TRP F 171 12.13 47.59 28.91
C TRP F 171 12.02 48.61 27.79
N LYS F 172 12.89 49.61 27.80
CA LYS F 172 12.86 50.67 26.79
C LYS F 172 13.76 50.34 25.61
N LEU F 173 15.00 49.96 25.89
CA LEU F 173 15.98 49.64 24.83
C LEU F 173 15.56 48.43 23.99
N GLY F 174 15.00 47.43 24.65
CA GLY F 174 14.64 46.17 23.97
C GLY F 174 13.79 46.36 22.73
N PRO F 175 12.58 46.91 22.89
CA PRO F 175 11.68 47.08 21.75
C PRO F 175 12.16 48.13 20.76
N ALA F 176 12.75 49.21 21.27
CA ALA F 176 13.29 50.30 20.43
C ALA F 176 14.40 49.82 19.51
N LEU F 177 15.39 49.14 20.08
CA LEU F 177 16.53 48.63 19.32
C LEU F 177 16.14 47.46 18.41
N ALA F 178 15.21 46.62 18.85
CA ALA F 178 14.72 45.53 18.02
C ALA F 178 14.05 46.05 16.75
N THR F 179 13.36 47.19 16.83
CA THR F 179 12.72 47.80 15.67
C THR F 179 13.62 48.82 14.91
N GLY F 180 14.89 48.90 15.27
CA GLY F 180 15.85 49.74 14.55
C GLY F 180 15.83 51.23 14.84
N ASN F 181 15.25 51.62 15.97
CA ASN F 181 15.27 53.01 16.40
C ASN F 181 16.63 53.37 17.01
N VAL F 182 16.82 54.66 17.28
CA VAL F 182 17.98 55.15 18.02
C VAL F 182 17.46 55.90 19.24
N VAL F 183 18.26 55.96 20.31
CA VAL F 183 17.76 56.37 21.61
C VAL F 183 18.58 57.49 22.25
N VAL F 184 17.87 58.42 22.88
CA VAL F 184 18.47 59.37 23.82
C VAL F 184 17.78 59.15 25.16
N MET F 185 18.48 58.48 26.07
CA MET F 185 17.88 58.04 27.34
C MET F 185 18.26 58.96 28.48
N LYS F 186 17.26 59.38 29.24
CA LYS F 186 17.50 60.13 30.46
C LYS F 186 17.28 59.21 31.65
N VAL F 187 18.34 59.02 32.43
CA VAL F 187 18.28 58.14 33.60
C VAL F 187 18.02 58.98 34.84
N ALA F 188 17.55 58.33 35.91
CA ALA F 188 17.21 59.03 37.14
C ALA F 188 18.48 59.48 37.88
N GLU F 189 18.40 60.65 38.53
CA GLU F 189 19.56 61.20 39.26
C GLU F 189 19.91 60.36 40.50
N GLN F 190 18.93 59.63 41.02
CA GLN F 190 19.12 58.77 42.18
C GLN F 190 19.89 57.49 41.84
N THR F 191 19.80 57.06 40.58
CA THR F 191 20.30 55.74 40.17
C THR F 191 20.85 55.72 38.74
N PRO F 192 21.86 56.57 38.44
CA PRO F 192 22.40 56.63 37.09
C PRO F 192 23.49 55.59 36.77
N LEU F 193 24.09 55.00 37.81
CA LEU F 193 25.35 54.28 37.63
C LEU F 193 25.25 52.99 36.83
N THR F 194 24.24 52.17 37.12
CA THR F 194 24.10 50.90 36.42
C THR F 194 23.82 51.09 34.92
N ALA F 195 22.97 52.06 34.59
CA ALA F 195 22.63 52.36 33.20
C ALA F 195 23.83 52.83 32.39
N LEU F 196 24.68 53.65 33.00
CA LEU F 196 25.90 54.11 32.36
C LEU F 196 26.88 52.95 32.14
N TYR F 197 26.91 52.00 33.05
CA TYR F 197 27.74 50.82 32.86
C TYR F 197 27.22 49.96 31.70
N VAL F 198 25.90 49.83 31.58
CA VAL F 198 25.29 49.10 30.45
C VAL F 198 25.67 49.73 29.11
N ALA F 199 25.72 51.05 29.06
CA ALA F 199 26.18 51.75 27.86
C ALA F 199 27.60 51.34 27.47
N ASN F 200 28.46 51.15 28.46
CA ASN F 200 29.81 50.64 28.21
C ASN F 200 29.74 49.28 27.49
N LEU F 201 28.82 48.43 27.95
CA LEU F 201 28.64 47.11 27.35
C LEU F 201 27.98 47.18 25.97
N ILE F 202 27.10 48.16 25.78
CA ILE F 202 26.47 48.42 24.48
C ILE F 202 27.53 48.69 23.42
N LYS F 203 28.54 49.47 23.80
CA LYS F 203 29.68 49.72 22.92
C LYS F 203 30.44 48.42 22.67
N GLU F 204 30.74 47.69 23.75
CA GLU F 204 31.46 46.42 23.69
C GLU F 204 30.68 45.39 22.86
N ALA F 205 29.35 45.47 22.88
CA ALA F 205 28.50 44.58 22.10
C ALA F 205 28.59 44.82 20.59
N GLY F 206 28.98 46.04 20.20
CA GLY F 206 29.18 46.39 18.80
C GLY F 206 28.12 47.28 18.18
N PHE F 207 27.22 47.84 18.99
CA PHE F 207 26.24 48.79 18.48
C PHE F 207 26.93 50.01 17.89
N PRO F 208 26.55 50.41 16.67
CA PRO F 208 27.17 51.61 16.10
C PRO F 208 27.01 52.84 17.01
N PRO F 209 27.96 53.79 16.92
CA PRO F 209 27.91 55.00 17.73
C PRO F 209 26.70 55.88 17.43
N GLY F 210 26.08 56.41 18.47
CA GLY F 210 24.91 57.27 18.34
C GLY F 210 23.58 56.54 18.41
N VAL F 211 23.61 55.20 18.36
CA VAL F 211 22.38 54.39 18.37
C VAL F 211 21.74 54.40 19.75
N VAL F 212 22.56 54.35 20.80
CA VAL F 212 22.09 54.56 22.16
C VAL F 212 22.92 55.65 22.82
N ASN F 213 22.26 56.72 23.23
CA ASN F 213 22.90 57.83 23.91
C ASN F 213 22.26 58.01 25.26
N ILE F 214 23.05 58.20 26.30
CA ILE F 214 22.50 58.38 27.65
C ILE F 214 22.98 59.71 28.26
N VAL F 215 22.01 60.51 28.70
CA VAL F 215 22.29 61.79 29.33
C VAL F 215 21.74 61.76 30.76
N PRO F 216 22.64 61.49 31.75
CA PRO F 216 22.22 61.66 33.14
C PRO F 216 22.08 63.14 33.50
N GLY F 217 21.18 63.43 34.43
CA GLY F 217 20.86 64.81 34.79
C GLY F 217 19.52 64.90 35.50
N PHE F 218 19.00 66.11 35.65
CA PHE F 218 17.75 66.33 36.40
C PHE F 218 16.53 66.36 35.49
N GLY F 219 15.35 66.21 36.10
CA GLY F 219 14.09 66.16 35.35
C GLY F 219 13.78 67.45 34.60
N PRO F 220 13.50 68.53 35.35
CA PRO F 220 13.19 69.85 34.75
C PRO F 220 14.22 70.38 33.73
N THR F 221 15.45 69.87 33.78
CA THR F 221 16.47 70.26 32.81
C THR F 221 16.53 69.29 31.63
N ALA F 222 17.23 68.18 31.79
CA ALA F 222 17.44 67.21 30.72
C ALA F 222 16.15 66.51 30.33
N GLY F 223 15.35 66.13 31.32
CA GLY F 223 14.09 65.44 31.05
C GLY F 223 13.21 66.25 30.11
N ALA F 224 12.93 67.49 30.50
CA ALA F 224 12.13 68.41 29.71
C ALA F 224 12.76 68.75 28.36
N ALA F 225 14.09 68.88 28.33
CA ALA F 225 14.80 69.13 27.07
C ALA F 225 14.53 68.03 26.05
N ILE F 226 14.47 66.78 26.52
CA ILE F 226 14.11 65.66 25.66
C ILE F 226 12.64 65.78 25.22
N ALA F 227 11.77 66.05 26.18
CA ALA F 227 10.32 66.10 25.93
C ALA F 227 9.90 67.20 24.95
N SER F 228 10.64 68.30 24.92
CA SER F 228 10.30 69.45 24.08
C SER F 228 11.16 69.58 22.82
N HIS F 229 12.08 68.64 22.62
CA HIS F 229 13.02 68.73 21.49
C HIS F 229 12.29 68.59 20.17
N GLU F 230 12.68 69.42 19.20
CA GLU F 230 11.99 69.55 17.91
C GLU F 230 12.37 68.45 16.91
N ASP F 231 13.38 67.67 17.24
CA ASP F 231 13.88 66.60 16.38
C ASP F 231 13.81 65.24 17.06
N VAL F 232 13.09 65.15 18.17
CA VAL F 232 12.79 63.87 18.80
C VAL F 232 11.43 63.42 18.27
N ASP F 233 11.38 62.19 17.76
CA ASP F 233 10.19 61.66 17.09
C ASP F 233 9.22 61.03 18.05
N LYS F 234 9.74 60.51 19.15
CA LYS F 234 8.97 59.71 20.08
C LYS F 234 9.52 59.86 21.48
N VAL F 235 8.62 59.98 22.47
CA VAL F 235 9.02 60.00 23.87
C VAL F 235 8.27 58.93 24.67
N ALA F 236 9.03 58.16 25.44
CA ALA F 236 8.47 57.15 26.33
C ALA F 236 8.86 57.51 27.75
N PHE F 237 7.87 57.68 28.62
CA PHE F 237 8.12 58.15 29.98
C PHE F 237 7.55 57.18 31.00
N THR F 238 8.37 56.79 31.95
CA THR F 238 7.92 56.03 33.11
C THR F 238 8.23 56.83 34.38
N GLY F 239 7.18 57.18 35.11
CA GLY F 239 7.31 57.98 36.33
C GLY F 239 5.94 58.33 36.88
N SER F 240 5.84 59.46 37.58
CA SER F 240 4.59 59.83 38.25
C SER F 240 3.58 60.43 37.28
N THR F 241 2.29 60.31 37.64
CA THR F 241 1.20 60.81 36.81
C THR F 241 1.30 62.31 36.53
N GLU F 242 1.76 63.07 37.52
CA GLU F 242 1.86 64.52 37.42
C GLU F 242 2.81 64.92 36.28
N ILE F 243 4.02 64.38 36.29
CA ILE F 243 5.01 64.68 35.25
C ILE F 243 4.57 64.10 33.91
N GLY F 244 3.75 63.04 33.95
CA GLY F 244 3.14 62.47 32.75
C GLY F 244 2.33 63.49 31.97
N ARG F 245 1.57 64.31 32.69
CA ARG F 245 0.82 65.43 32.09
C ARG F 245 1.79 66.37 31.36
N VAL F 246 2.80 66.82 32.09
CA VAL F 246 3.80 67.74 31.55
C VAL F 246 4.44 67.18 30.27
N ILE F 247 4.76 65.89 30.26
CA ILE F 247 5.36 65.27 29.08
C ILE F 247 4.41 65.38 27.89
N GLN F 248 3.14 65.05 28.08
CA GLN F 248 2.17 65.04 26.99
C GLN F 248 1.90 66.44 26.44
N VAL F 249 1.84 67.43 27.33
CA VAL F 249 1.67 68.83 26.92
C VAL F 249 2.90 69.34 26.17
N ALA F 250 4.10 69.03 26.67
CA ALA F 250 5.35 69.44 26.03
C ALA F 250 5.51 68.84 24.64
N ALA F 251 5.03 67.61 24.45
CA ALA F 251 4.99 66.97 23.14
C ALA F 251 4.02 67.71 22.21
N GLY F 252 2.82 67.99 22.70
CA GLY F 252 1.84 68.75 21.95
C GLY F 252 2.28 70.17 21.63
N SER F 253 3.07 70.77 22.52
CA SER F 253 3.54 72.15 22.34
C SER F 253 4.68 72.22 21.32
N SER F 254 5.49 71.17 21.26
CA SER F 254 6.64 71.14 20.36
C SER F 254 6.26 70.62 18.97
N ASN F 255 6.62 69.37 18.67
CA ASN F 255 6.58 68.83 17.30
C ASN F 255 5.63 67.64 17.13
N LEU F 256 4.73 67.47 18.09
CA LEU F 256 3.75 66.37 18.07
C LEU F 256 4.37 64.99 18.05
N LYS F 257 5.56 64.87 18.65
CA LYS F 257 6.17 63.57 18.91
C LYS F 257 5.14 62.60 19.52
N ARG F 258 5.31 61.32 19.22
CA ARG F 258 4.39 60.29 19.69
C ARG F 258 4.71 60.00 21.14
N VAL F 259 3.69 59.68 21.92
CA VAL F 259 3.79 59.61 23.38
C VAL F 259 3.24 58.30 23.91
N THR F 260 4.00 57.65 24.78
CA THR F 260 3.49 56.57 25.63
C THR F 260 3.96 56.82 27.07
N LEU F 261 3.14 56.43 28.04
CA LEU F 261 3.38 56.73 29.44
C LEU F 261 3.13 55.50 30.31
N GLU F 262 4.03 55.25 31.25
CA GLU F 262 3.86 54.25 32.31
C GLU F 262 3.86 54.98 33.66
N LEU F 263 2.67 55.17 34.23
CA LEU F 263 2.51 56.07 35.37
C LEU F 263 2.12 55.33 36.66
N GLY F 264 1.73 56.08 37.68
CA GLY F 264 1.48 55.52 39.00
C GLY F 264 0.17 54.75 39.07
N GLY F 265 -0.09 54.23 40.26
CA GLY F 265 -1.27 53.40 40.51
C GLY F 265 -1.65 53.38 41.98
N LYS F 266 -2.83 52.84 42.25
CA LYS F 266 -3.29 52.55 43.61
C LYS F 266 -4.09 51.25 43.49
N SER F 267 -3.35 50.18 43.22
CA SER F 267 -3.92 48.93 42.73
C SER F 267 -4.61 48.10 43.80
N PRO F 268 -5.84 47.64 43.51
CA PRO F 268 -6.60 46.79 44.43
C PRO F 268 -6.22 45.31 44.36
N ASN F 269 -6.03 44.70 45.52
CA ASN F 269 -5.75 43.28 45.68
C ASN F 269 -6.94 42.67 46.42
N ILE F 270 -7.84 42.02 45.67
CA ILE F 270 -9.13 41.57 46.21
C ILE F 270 -9.13 40.10 46.66
N ILE F 271 -9.27 39.90 47.97
CA ILE F 271 -9.22 38.57 48.59
C ILE F 271 -10.64 38.11 48.92
N MET F 272 -11.16 37.17 48.13
CA MET F 272 -12.51 36.64 48.36
C MET F 272 -12.49 35.64 49.51
N SER F 273 -13.66 35.37 50.08
CA SER F 273 -13.76 34.48 51.24
C SER F 273 -13.42 33.01 50.96
N ASP F 274 -13.32 32.61 49.69
CA ASP F 274 -12.94 31.24 49.34
C ASP F 274 -11.48 31.07 48.90
N ALA F 275 -10.67 32.11 49.06
CA ALA F 275 -9.26 32.07 48.66
C ALA F 275 -8.45 31.12 49.53
N ASP F 276 -7.27 30.70 49.05
CA ASP F 276 -6.34 29.97 49.90
C ASP F 276 -5.69 30.98 50.83
N MET F 277 -5.94 30.83 52.13
CA MET F 277 -5.53 31.81 53.13
C MET F 277 -4.01 32.01 53.14
N ASP F 278 -3.27 30.93 53.39
CA ASP F 278 -1.81 30.98 53.47
C ASP F 278 -1.16 31.62 52.23
N TRP F 279 -1.72 31.33 51.06
CA TRP F 279 -1.21 31.85 49.79
C TRP F 279 -1.61 33.31 49.62
N ALA F 280 -2.88 33.61 49.88
CA ALA F 280 -3.37 34.99 49.79
C ALA F 280 -2.61 35.93 50.71
N VAL F 281 -2.27 35.48 51.91
CA VAL F 281 -1.52 36.30 52.87
C VAL F 281 -0.13 36.62 52.34
N GLU F 282 0.63 35.58 51.98
CA GLU F 282 2.00 35.75 51.53
C GLU F 282 2.09 36.58 50.25
N GLN F 283 1.17 36.34 49.32
CA GLN F 283 1.12 37.12 48.07
C GLN F 283 0.70 38.57 48.31
N ALA F 284 -0.25 38.78 49.22
CA ALA F 284 -0.66 40.14 49.60
C ALA F 284 0.49 40.92 50.26
N HIS F 285 1.27 40.23 51.07
CA HIS F 285 2.48 40.80 51.66
C HIS F 285 3.43 41.20 50.54
N PHE F 286 3.72 40.26 49.64
CA PHE F 286 4.63 40.52 48.52
C PHE F 286 4.10 41.62 47.59
N ALA F 287 2.80 41.60 47.31
CA ALA F 287 2.15 42.59 46.46
C ALA F 287 2.36 44.03 46.90
N LEU F 288 2.45 44.23 48.22
CA LEU F 288 2.62 45.57 48.77
C LEU F 288 4.08 45.91 49.06
N PHE F 289 4.79 44.97 49.69
CA PHE F 289 6.13 45.25 50.24
C PHE F 289 7.31 45.07 49.28
N PHE F 290 7.11 44.41 48.14
CA PHE F 290 8.21 44.22 47.19
C PHE F 290 8.93 45.53 46.85
N ASN F 291 10.24 45.45 46.72
CA ASN F 291 11.09 46.59 46.36
C ASN F 291 10.84 47.82 47.23
N GLN F 292 10.75 47.60 48.54
CA GLN F 292 10.53 48.66 49.52
C GLN F 292 9.24 49.45 49.27
N GLY F 293 8.25 48.77 48.67
CA GLY F 293 6.99 49.39 48.33
C GLY F 293 7.11 50.40 47.20
N GLN F 294 8.25 50.40 46.53
CA GLN F 294 8.52 51.36 45.47
C GLN F 294 8.22 50.74 44.12
N CYS F 295 6.95 50.36 43.96
CA CYS F 295 6.44 49.78 42.72
C CYS F 295 5.14 50.48 42.35
N CYS F 296 5.03 50.90 41.09
CA CYS F 296 3.83 51.56 40.59
C CYS F 296 2.58 50.68 40.68
N CYS F 297 2.75 49.37 40.58
CA CYS F 297 1.64 48.42 40.59
C CYS F 297 1.49 47.72 41.94
N ALA F 298 1.90 48.40 43.01
CA ALA F 298 1.76 47.88 44.36
C ALA F 298 0.30 47.60 44.69
N GLY F 299 0.04 46.42 45.26
CA GLY F 299 -1.28 46.08 45.80
C GLY F 299 -1.57 46.84 47.09
N SER F 300 -1.85 48.13 46.93
CA SER F 300 -1.91 49.09 48.04
C SER F 300 -3.34 49.36 48.52
N ARG F 301 -4.31 48.66 47.95
CA ARG F 301 -5.64 48.58 48.53
C ARG F 301 -5.96 47.10 48.62
N THR F 302 -5.79 46.54 49.82
CA THR F 302 -6.02 45.12 50.02
C THR F 302 -7.44 44.97 50.55
N PHE F 303 -8.33 44.60 49.63
CA PHE F 303 -9.74 44.37 49.97
C PHE F 303 -9.88 42.93 50.43
N VAL F 304 -10.40 42.75 51.65
CA VAL F 304 -10.58 41.41 52.22
C VAL F 304 -12.06 41.19 52.53
N GLN F 305 -12.57 40.03 52.17
CA GLN F 305 -13.99 39.70 52.38
C GLN F 305 -14.21 39.57 53.88
N GLU F 306 -15.30 40.19 54.38
CA GLU F 306 -15.51 40.33 55.84
C GLU F 306 -15.39 39.04 56.65
N ASP F 307 -15.77 37.91 56.05
CA ASP F 307 -15.79 36.63 56.77
C ASP F 307 -14.39 36.09 57.10
N ILE F 308 -13.38 36.57 56.37
CA ILE F 308 -12.00 36.13 56.60
C ILE F 308 -11.08 37.26 57.06
N TYR F 309 -11.66 38.43 57.32
CA TYR F 309 -10.90 39.64 57.63
C TYR F 309 -9.97 39.46 58.82
N ASP F 310 -10.54 39.05 59.95
CA ASP F 310 -9.78 38.94 61.21
C ASP F 310 -8.58 38.01 61.06
N GLU F 311 -8.80 36.83 60.48
CA GLU F 311 -7.72 35.88 60.25
C GLU F 311 -6.67 36.45 59.30
N PHE F 312 -7.13 37.10 58.23
CA PHE F 312 -6.21 37.64 57.23
C PHE F 312 -5.30 38.69 57.86
N VAL F 313 -5.90 39.57 58.65
CA VAL F 313 -5.17 40.66 59.31
C VAL F 313 -4.14 40.11 60.29
N GLU F 314 -4.55 39.24 61.20
CA GLU F 314 -3.64 38.69 62.22
C GLU F 314 -2.44 37.98 61.59
N ARG F 315 -2.68 37.27 60.47
CA ARG F 315 -1.60 36.65 59.70
C ARG F 315 -0.72 37.68 58.97
N SER F 316 -1.33 38.74 58.46
CA SER F 316 -0.60 39.76 57.70
C SER F 316 0.37 40.52 58.60
N VAL F 317 -0.11 40.90 59.79
CA VAL F 317 0.69 41.65 60.76
C VAL F 317 1.88 40.81 61.24
N ALA F 318 1.66 39.51 61.42
CA ALA F 318 2.72 38.59 61.82
C ALA F 318 3.80 38.50 60.75
N ARG F 319 3.38 38.41 59.49
CA ARG F 319 4.32 38.40 58.37
C ARG F 319 5.07 39.73 58.29
N ALA F 320 4.35 40.85 58.44
CA ALA F 320 4.94 42.19 58.35
C ALA F 320 5.97 42.45 59.45
N LYS F 321 5.62 42.07 60.68
CA LYS F 321 6.55 42.20 61.81
C LYS F 321 7.76 41.28 61.68
N SER F 322 7.63 40.20 60.91
CA SER F 322 8.72 39.28 60.70
C SER F 322 9.61 39.63 59.50
N ARG F 323 9.26 40.69 58.77
CA ARG F 323 10.05 41.15 57.63
C ARG F 323 11.37 41.78 58.09
N VAL F 324 12.49 41.22 57.63
CA VAL F 324 13.81 41.67 58.05
C VAL F 324 14.24 42.92 57.29
N VAL F 325 14.43 44.02 58.03
CA VAL F 325 14.95 45.27 57.45
C VAL F 325 16.42 45.43 57.86
N GLY F 326 17.28 45.80 56.92
CA GLY F 326 18.69 46.04 57.23
C GLY F 326 19.59 46.26 56.03
N ASN F 327 20.88 46.03 56.23
CA ASN F 327 21.87 46.15 55.17
C ASN F 327 21.46 45.26 53.99
N PRO F 328 21.25 45.85 52.80
CA PRO F 328 20.79 45.05 51.66
C PRO F 328 21.82 44.04 51.14
N PHE F 329 23.08 44.15 51.57
CA PHE F 329 24.09 43.16 51.22
C PHE F 329 24.08 41.93 52.14
N ASP F 330 23.31 41.96 53.23
CA ASP F 330 23.13 40.77 54.06
C ASP F 330 22.04 39.88 53.44
N SER F 331 22.35 38.60 53.25
CA SER F 331 21.44 37.69 52.56
C SER F 331 20.14 37.43 53.33
N LYS F 332 20.11 37.77 54.62
CA LYS F 332 18.89 37.67 55.42
C LYS F 332 17.93 38.85 55.21
N THR F 333 18.41 39.93 54.59
CA THR F 333 17.60 41.14 54.43
C THR F 333 16.52 41.02 53.36
N GLU F 334 15.28 41.34 53.73
CA GLU F 334 14.15 41.35 52.79
C GLU F 334 13.84 42.77 52.30
N GLN F 335 14.11 43.76 53.16
CA GLN F 335 13.83 45.15 52.84
C GLN F 335 15.06 46.01 53.10
N GLY F 336 15.49 46.72 52.06
CA GLY F 336 16.54 47.73 52.20
C GLY F 336 15.94 49.07 52.56
N PRO F 337 16.71 50.16 52.34
CA PRO F 337 16.15 51.50 52.55
C PRO F 337 15.30 51.98 51.38
N GLN F 338 14.61 53.10 51.61
CA GLN F 338 13.97 53.85 50.54
C GLN F 338 15.08 54.58 49.76
N VAL F 339 14.75 55.08 48.57
CA VAL F 339 15.77 55.50 47.62
C VAL F 339 16.51 56.78 48.01
N ASP F 340 15.80 57.71 48.66
CA ASP F 340 16.41 58.97 49.07
C ASP F 340 15.64 59.65 50.21
N GLU F 341 16.18 60.75 50.68
CA GLU F 341 15.65 61.48 51.83
C GLU F 341 14.25 62.05 51.57
N THR F 342 14.00 62.43 50.32
CA THR F 342 12.71 63.02 49.93
C THR F 342 11.58 61.99 49.99
N GLN F 343 11.85 60.77 49.54
CA GLN F 343 10.87 59.67 49.61
C GLN F 343 10.65 59.26 51.05
N PHE F 344 11.77 59.02 51.74
CA PHE F 344 11.80 58.79 53.18
C PHE F 344 10.81 59.71 53.90
N LYS F 345 11.00 61.02 53.75
CA LYS F 345 10.15 62.00 54.44
C LYS F 345 8.70 61.93 53.97
N LYS F 346 8.51 61.82 52.66
CA LYS F 346 7.16 61.72 52.08
C LYS F 346 6.39 60.52 52.65
N ILE F 347 7.04 59.37 52.76
CA ILE F 347 6.38 58.15 53.23
C ILE F 347 5.96 58.30 54.70
N LEU F 348 6.86 58.84 55.51
CA LEU F 348 6.57 59.15 56.92
C LEU F 348 5.40 60.11 57.03
N GLY F 349 5.36 61.11 56.15
CA GLY F 349 4.23 62.04 56.05
C GLY F 349 2.91 61.31 55.85
N TYR F 350 2.87 60.37 54.90
CA TYR F 350 1.68 59.58 54.64
C TYR F 350 1.25 58.70 55.82
N ILE F 351 2.21 58.16 56.54
CA ILE F 351 1.92 57.37 57.75
C ILE F 351 1.20 58.24 58.78
N ASN F 352 1.73 59.45 59.02
CA ASN F 352 1.10 60.41 59.95
C ASN F 352 -0.34 60.73 59.58
N THR F 353 -0.59 60.95 58.29
CA THR F 353 -1.94 61.20 57.80
C THR F 353 -2.83 60.00 58.09
N GLY F 354 -2.30 58.80 57.88
CA GLY F 354 -3.04 57.57 58.17
C GLY F 354 -3.56 57.51 59.60
N LYS F 355 -2.70 57.86 60.56
CA LYS F 355 -3.10 57.94 61.96
C LYS F 355 -4.17 59.00 62.18
N GLN F 356 -3.94 60.20 61.64
CA GLN F 356 -4.84 61.34 61.83
C GLN F 356 -6.24 61.10 61.24
N GLU F 357 -6.29 60.41 60.10
CA GLU F 357 -7.55 60.14 59.40
C GLU F 357 -8.41 59.10 60.13
N GLY F 358 -7.80 58.34 61.04
CA GLY F 358 -8.52 57.36 61.86
C GLY F 358 -8.27 55.90 61.49
N ALA F 359 -7.32 55.65 60.60
CA ALA F 359 -6.93 54.28 60.29
C ALA F 359 -6.21 53.67 61.48
N LYS F 360 -6.43 52.38 61.71
CA LYS F 360 -5.87 51.69 62.87
C LYS F 360 -4.48 51.14 62.53
N LEU F 361 -3.45 51.71 63.16
CA LEU F 361 -2.08 51.25 62.97
C LEU F 361 -1.90 49.91 63.68
N LEU F 362 -1.54 48.88 62.92
CA LEU F 362 -1.40 47.51 63.43
C LEU F 362 0.04 47.12 63.74
N CYS F 363 0.99 47.68 62.98
CA CYS F 363 2.40 47.52 63.28
C CYS F 363 3.23 48.57 62.53
N GLY F 364 4.52 48.66 62.85
CA GLY F 364 5.41 49.66 62.25
C GLY F 364 5.03 51.08 62.62
N GLY F 365 5.19 52.01 61.68
CA GLY F 365 4.73 53.39 61.85
C GLY F 365 5.82 54.45 61.96
N GLY F 366 7.05 54.02 62.16
CA GLY F 366 8.16 54.95 62.37
C GLY F 366 9.43 54.54 61.66
N ILE F 367 10.52 55.20 62.02
CA ILE F 367 11.82 54.99 61.42
C ILE F 367 12.45 53.69 61.94
N ALA F 368 13.03 52.91 61.03
CA ALA F 368 13.57 51.58 61.38
C ALA F 368 15.03 51.62 61.84
N ALA F 369 15.75 52.69 61.48
CA ALA F 369 17.17 52.81 61.87
C ALA F 369 17.64 54.26 61.86
N ASP F 370 18.73 54.52 62.57
CA ASP F 370 19.31 55.86 62.64
C ASP F 370 20.09 56.18 61.36
N ARG F 371 20.94 55.26 60.94
CA ARG F 371 21.72 55.42 59.71
C ARG F 371 20.89 54.94 58.52
N GLY F 372 20.80 55.76 57.48
CA GLY F 372 20.10 55.39 56.24
C GLY F 372 18.62 55.71 56.24
N TYR F 373 17.96 55.46 55.11
CA TYR F 373 16.54 55.80 54.94
C TYR F 373 15.65 54.55 55.11
N PHE F 374 15.73 53.92 56.27
CA PHE F 374 14.98 52.70 56.56
C PHE F 374 13.68 53.02 57.28
N ILE F 375 12.59 52.46 56.78
CA ILE F 375 11.26 52.64 57.38
C ILE F 375 10.67 51.28 57.75
N GLN F 376 10.01 51.22 58.91
CA GLN F 376 9.43 49.98 59.41
C GLN F 376 8.24 49.53 58.55
N PRO F 377 8.11 48.22 58.30
CA PRO F 377 6.92 47.73 57.59
C PRO F 377 5.64 48.07 58.36
N THR F 378 4.75 48.80 57.71
CA THR F 378 3.58 49.39 58.37
C THR F 378 2.28 48.83 57.81
N VAL F 379 1.36 48.47 58.69
CA VAL F 379 0.06 47.95 58.27
C VAL F 379 -1.08 48.76 58.90
N PHE F 380 -2.00 49.22 58.05
CA PHE F 380 -3.21 49.90 58.50
C PHE F 380 -4.43 49.03 58.26
N GLY F 381 -5.20 48.80 59.31
CA GLY F 381 -6.47 48.10 59.23
C GLY F 381 -7.66 49.04 59.24
N ASP F 382 -8.84 48.49 58.92
CA ASP F 382 -10.10 49.24 58.87
C ASP F 382 -10.05 50.50 58.03
N VAL F 383 -9.27 50.46 56.96
CA VAL F 383 -9.09 51.61 56.09
C VAL F 383 -10.35 51.83 55.26
N GLN F 384 -10.71 53.10 55.09
CA GLN F 384 -11.91 53.49 54.37
C GLN F 384 -11.53 54.19 53.06
N ASP F 385 -12.42 54.10 52.07
CA ASP F 385 -12.14 54.61 50.71
C ASP F 385 -11.82 56.11 50.69
N GLY F 386 -12.41 56.86 51.61
CA GLY F 386 -12.22 58.30 51.67
C GLY F 386 -10.90 58.78 52.25
N MET F 387 -10.08 57.84 52.74
CA MET F 387 -8.82 58.21 53.39
C MET F 387 -7.71 58.51 52.37
N THR F 388 -6.83 59.44 52.75
CA THR F 388 -5.71 59.84 51.91
C THR F 388 -4.80 58.64 51.58
N ILE F 389 -4.56 57.77 52.57
CA ILE F 389 -3.75 56.57 52.34
C ILE F 389 -4.43 55.51 51.46
N ALA F 390 -5.74 55.62 51.29
CA ALA F 390 -6.50 54.73 50.39
C ALA F 390 -6.57 55.29 48.95
N LYS F 391 -6.28 56.58 48.78
CA LYS F 391 -6.41 57.25 47.49
C LYS F 391 -5.08 57.53 46.80
N GLU F 392 -4.09 57.99 47.56
CA GLU F 392 -2.83 58.46 46.98
C GLU F 392 -1.72 57.41 47.04
N GLU F 393 -0.88 57.42 46.01
CA GLU F 393 0.28 56.51 45.93
C GLU F 393 1.30 56.90 47.01
N ILE F 394 1.59 55.96 47.91
CA ILE F 394 2.54 56.20 49.00
C ILE F 394 3.95 55.82 48.58
N PHE F 395 4.07 54.77 47.79
CA PHE F 395 5.34 54.32 47.24
C PHE F 395 6.33 53.96 48.36
N GLY F 396 5.80 53.28 49.38
CA GLY F 396 6.59 52.83 50.52
C GLY F 396 6.02 51.57 51.13
N PRO F 397 6.66 51.05 52.19
CA PRO F 397 6.21 49.83 52.83
C PRO F 397 5.08 50.09 53.80
N VAL F 398 3.99 50.65 53.27
CA VAL F 398 2.79 50.95 54.03
C VAL F 398 1.62 50.24 53.38
N MET F 399 0.95 49.39 54.14
CA MET F 399 -0.12 48.52 53.64
C MET F 399 -1.51 48.97 54.12
N GLN F 400 -2.48 48.96 53.20
CA GLN F 400 -3.86 49.32 53.53
C GLN F 400 -4.78 48.11 53.40
N ILE F 401 -5.50 47.81 54.48
CA ILE F 401 -6.41 46.68 54.49
C ILE F 401 -7.84 47.19 54.68
N LEU F 402 -8.70 46.86 53.73
CA LEU F 402 -10.09 47.29 53.70
C LEU F 402 -11.00 46.07 53.72
N LYS F 403 -12.21 46.27 54.22
CA LYS F 403 -13.20 45.19 54.34
C LYS F 403 -14.35 45.44 53.37
N PHE F 404 -14.83 44.38 52.71
CA PHE F 404 -16.03 44.45 51.87
C PHE F 404 -16.90 43.21 52.07
N LYS F 405 -18.17 43.29 51.65
CA LYS F 405 -19.09 42.15 51.78
C LYS F 405 -19.33 41.42 50.45
N THR F 406 -19.71 42.13 49.41
CA THR F 406 -20.14 41.47 48.16
C THR F 406 -19.22 41.76 46.98
N ILE F 407 -19.21 40.84 46.03
CA ILE F 407 -18.38 40.95 44.82
C ILE F 407 -18.78 42.16 43.98
N GLU F 408 -20.08 42.48 43.95
CA GLU F 408 -20.56 43.67 43.24
C GLU F 408 -20.02 44.93 43.90
N GLU F 409 -20.05 44.97 45.22
CA GLU F 409 -19.52 46.09 46.00
C GLU F 409 -18.04 46.31 45.69
N VAL F 410 -17.26 45.24 45.74
CA VAL F 410 -15.80 45.38 45.63
C VAL F 410 -15.36 45.87 44.24
N VAL F 411 -16.08 45.46 43.19
CA VAL F 411 -15.82 45.97 41.84
C VAL F 411 -16.02 47.49 41.76
N GLY F 412 -17.15 47.97 42.28
CA GLY F 412 -17.43 49.41 42.30
C GLY F 412 -16.30 50.16 42.97
N ARG F 413 -15.94 49.71 44.17
CA ARG F 413 -14.93 50.38 45.00
C ARG F 413 -13.52 50.27 44.42
N ALA F 414 -13.17 49.10 43.89
CA ALA F 414 -11.89 48.91 43.23
C ALA F 414 -11.74 49.85 42.03
N ASN F 415 -12.79 49.93 41.21
CA ASN F 415 -12.80 50.78 40.01
C ASN F 415 -13.02 52.27 40.27
N ASN F 416 -13.37 52.62 41.50
CA ASN F 416 -13.55 54.03 41.86
C ASN F 416 -12.19 54.67 42.15
N SER F 417 -11.42 54.86 41.07
CA SER F 417 -10.06 55.37 41.13
C SER F 417 -9.75 56.00 39.78
N THR F 418 -8.90 57.02 39.78
CA THR F 418 -8.40 57.60 38.53
C THR F 418 -7.20 56.80 38.01
N TYR F 419 -6.76 55.82 38.79
CA TYR F 419 -5.70 54.90 38.37
C TYR F 419 -6.30 53.60 37.83
N GLY F 420 -5.47 52.82 37.15
CA GLY F 420 -5.88 51.52 36.62
C GLY F 420 -4.72 50.76 36.01
N LEU F 421 -3.62 50.67 36.77
CA LEU F 421 -2.41 50.04 36.28
C LEU F 421 -2.53 48.52 36.40
N ALA F 422 -2.91 48.07 37.59
CA ALA F 422 -3.06 46.65 37.87
C ALA F 422 -4.15 46.37 38.90
N ALA F 423 -4.46 45.09 39.06
CA ALA F 423 -5.40 44.61 40.07
C ALA F 423 -5.17 43.12 40.27
N ALA F 424 -5.67 42.57 41.37
CA ALA F 424 -5.60 41.13 41.55
C ALA F 424 -6.88 40.54 42.18
N VAL F 425 -7.05 39.24 41.98
CA VAL F 425 -8.21 38.51 42.46
C VAL F 425 -7.74 37.19 43.05
N PHE F 426 -8.11 36.95 44.31
CA PHE F 426 -7.81 35.68 44.96
C PHE F 426 -9.11 34.96 45.30
N THR F 427 -9.32 33.83 44.62
CA THR F 427 -10.52 33.02 44.74
C THR F 427 -10.24 31.66 44.08
N LYS F 428 -10.96 30.63 44.51
CA LYS F 428 -10.89 29.31 43.88
C LYS F 428 -12.01 29.11 42.88
N ASP F 429 -12.98 30.02 42.89
CA ASP F 429 -14.18 29.89 42.07
C ASP F 429 -13.97 30.43 40.65
N LEU F 430 -14.15 29.56 39.67
CA LEU F 430 -14.00 29.92 38.25
C LEU F 430 -14.82 31.15 37.85
N ASP F 431 -16.12 31.14 38.17
CA ASP F 431 -17.03 32.22 37.77
C ASP F 431 -16.70 33.58 38.38
N LYS F 432 -16.31 33.58 39.65
CA LYS F 432 -15.89 34.81 40.31
C LYS F 432 -14.60 35.32 39.68
N ALA F 433 -13.70 34.39 39.33
CA ALA F 433 -12.43 34.76 38.71
C ALA F 433 -12.64 35.42 37.35
N ASN F 434 -13.57 34.88 36.55
CA ASN F 434 -13.86 35.46 35.25
C ASN F 434 -14.67 36.75 35.33
N TYR F 435 -15.64 36.80 36.24
CA TYR F 435 -16.43 38.00 36.49
C TYR F 435 -15.53 39.19 36.86
N LEU F 436 -14.62 38.97 37.82
CA LEU F 436 -13.76 40.05 38.29
C LEU F 436 -12.72 40.47 37.25
N SER F 437 -12.04 39.50 36.63
CA SER F 437 -10.99 39.83 35.65
C SER F 437 -11.54 40.63 34.47
N GLN F 438 -12.78 40.34 34.08
CA GLN F 438 -13.49 41.13 33.07
C GLN F 438 -13.86 42.53 33.58
N ALA F 439 -14.39 42.60 34.80
CA ALA F 439 -15.00 43.84 35.32
C ALA F 439 -14.00 44.88 35.84
N LEU F 440 -12.83 44.45 36.30
CA LEU F 440 -11.85 45.39 36.83
C LEU F 440 -11.22 46.21 35.69
N GLN F 441 -11.21 47.53 35.87
CA GLN F 441 -10.65 48.45 34.88
C GLN F 441 -9.16 48.64 35.16
N ALA F 442 -8.36 47.65 34.79
CA ALA F 442 -6.92 47.73 34.95
C ALA F 442 -6.22 47.03 33.80
N GLY F 443 -4.99 47.47 33.55
CA GLY F 443 -4.20 46.97 32.42
C GLY F 443 -3.77 45.54 32.60
N THR F 444 -3.49 45.15 33.84
CA THR F 444 -3.19 43.76 34.19
C THR F 444 -4.03 43.32 35.37
N VAL F 445 -4.64 42.14 35.25
CA VAL F 445 -5.32 41.51 36.37
C VAL F 445 -4.67 40.17 36.65
N TRP F 446 -4.09 40.06 37.84
CA TRP F 446 -3.54 38.78 38.30
C TRP F 446 -4.61 38.01 39.07
N VAL F 447 -4.71 36.72 38.80
CA VAL F 447 -5.66 35.85 39.49
C VAL F 447 -4.86 34.82 40.27
N ASN F 448 -5.05 34.81 41.59
CA ASN F 448 -4.34 33.93 42.51
C ASN F 448 -2.81 34.09 42.46
N CYS F 449 -2.37 35.30 42.14
CA CYS F 449 -0.95 35.63 42.10
C CYS F 449 -0.80 37.15 42.10
N TYR F 450 0.43 37.63 42.10
CA TYR F 450 0.68 39.07 42.02
C TYR F 450 2.11 39.33 41.54
N ASP F 451 2.32 40.48 40.88
CA ASP F 451 3.62 40.88 40.36
C ASP F 451 4.23 39.79 39.47
N VAL F 452 3.38 39.13 38.70
CA VAL F 452 3.84 38.14 37.71
C VAL F 452 4.04 38.86 36.39
N PHE F 453 5.26 39.31 36.17
CA PHE F 453 5.65 39.96 34.94
C PHE F 453 6.28 38.95 33.99
N GLY F 454 6.05 39.15 32.70
CA GLY F 454 6.67 38.33 31.67
C GLY F 454 6.96 39.20 30.47
N ALA F 455 8.14 39.02 29.89
CA ALA F 455 8.52 39.76 28.68
C ALA F 455 7.56 39.49 27.50
N GLN F 456 6.80 38.41 27.60
CA GLN F 456 5.87 37.99 26.56
C GLN F 456 4.52 38.70 26.68
N SER F 457 4.19 39.15 27.88
CA SER F 457 2.85 39.68 28.17
C SER F 457 2.88 41.17 28.45
N PRO F 458 2.00 41.94 27.78
CA PRO F 458 2.08 43.39 27.87
C PRO F 458 1.69 43.94 29.25
N PHE F 459 2.26 45.10 29.59
CA PHE F 459 1.98 45.78 30.86
C PHE F 459 1.82 47.26 30.59
N GLY F 460 0.79 47.85 31.20
CA GLY F 460 0.54 49.29 31.08
C GLY F 460 -0.78 49.65 31.74
N GLY F 461 -1.05 50.94 31.88
CA GLY F 461 -2.19 51.40 32.66
C GLY F 461 -3.44 51.77 31.87
N TYR F 462 -4.59 51.58 32.52
CA TYR F 462 -5.84 52.22 32.11
C TYR F 462 -5.88 53.60 32.73
N LYS F 463 -6.81 54.43 32.29
CA LYS F 463 -7.07 55.74 32.89
C LYS F 463 -5.78 56.58 33.00
N MET F 464 -5.47 57.14 34.17
CA MET F 464 -4.31 58.03 34.32
C MET F 464 -3.06 57.31 34.83
N SER F 465 -3.09 55.97 34.79
CA SER F 465 -1.90 55.18 35.08
C SER F 465 -0.99 55.02 33.85
N GLY F 466 -1.37 55.63 32.73
CA GLY F 466 -0.52 55.64 31.53
C GLY F 466 -1.28 55.44 30.24
N SER F 467 -0.55 55.39 29.14
CA SER F 467 -1.10 55.08 27.82
C SER F 467 -0.10 54.27 27.01
N GLY F 468 -0.62 53.32 26.23
CA GLY F 468 0.22 52.39 25.49
C GLY F 468 0.69 51.26 26.38
N ARG F 469 1.42 50.32 25.78
CA ARG F 469 1.83 49.12 26.48
C ARG F 469 3.29 48.79 26.24
N GLU F 470 3.93 48.26 27.26
CA GLU F 470 5.29 47.73 27.15
C GLU F 470 5.26 46.23 27.36
N LEU F 471 6.31 45.58 26.90
CA LEU F 471 6.43 44.12 26.86
C LEU F 471 5.53 43.48 25.80
N GLY F 472 5.88 42.25 25.41
CA GLY F 472 5.14 41.52 24.41
C GLY F 472 5.29 42.10 23.00
N GLU F 473 4.45 41.64 22.09
CA GLU F 473 4.37 42.20 20.75
C GLU F 473 3.86 43.64 20.81
N TYR F 474 3.04 43.92 21.81
CA TYR F 474 2.42 45.22 21.96
C TYR F 474 3.46 46.32 22.19
N GLY F 475 4.56 45.96 22.88
CA GLY F 475 5.65 46.90 23.13
C GLY F 475 6.35 47.44 21.90
N LEU F 476 6.20 46.77 20.76
CA LEU F 476 6.80 47.21 19.50
C LEU F 476 5.98 48.29 18.79
N GLN F 477 4.68 48.34 19.09
CA GLN F 477 3.74 49.20 18.35
C GLN F 477 4.12 50.68 18.39
N ALA F 478 4.50 51.15 19.57
CA ALA F 478 4.86 52.56 19.77
C ALA F 478 6.23 52.92 19.18
N TYR F 479 6.98 51.92 18.75
CA TYR F 479 8.31 52.14 18.15
C TYR F 479 8.32 51.90 16.64
N THR F 480 7.13 51.66 16.10
CA THR F 480 6.93 51.34 14.71
C THR F 480 6.15 52.49 14.06
N GLU F 481 6.61 52.92 12.89
CA GLU F 481 5.89 53.89 12.05
C GLU F 481 5.44 53.18 10.78
N VAL F 482 4.14 53.20 10.53
CA VAL F 482 3.53 52.43 9.46
C VAL F 482 3.57 53.21 8.13
N LYS F 483 4.09 52.57 7.09
CA LYS F 483 4.09 53.13 5.75
C LYS F 483 3.30 52.22 4.81
N THR F 484 2.32 52.79 4.14
CA THR F 484 1.58 52.06 3.11
C THR F 484 2.16 52.38 1.75
N VAL F 485 2.54 51.34 1.00
CA VAL F 485 2.97 51.54 -0.38
C VAL F 485 1.91 50.90 -1.28
N THR F 486 1.40 51.67 -2.23
CA THR F 486 0.34 51.20 -3.14
C THR F 486 0.75 51.41 -4.59
N VAL F 487 0.97 50.29 -5.29
CA VAL F 487 1.59 50.27 -6.61
C VAL F 487 0.55 49.91 -7.67
N LYS F 488 0.51 50.67 -8.75
CA LYS F 488 -0.31 50.32 -9.90
C LYS F 488 0.31 49.08 -10.57
N VAL F 489 -0.53 48.09 -10.87
CA VAL F 489 -0.09 46.92 -11.61
C VAL F 489 -0.96 46.75 -12.86
N PRO F 490 -0.45 46.02 -13.88
CA PRO F 490 -1.23 45.82 -15.11
C PRO F 490 -2.60 45.17 -14.89
N GLN F 491 -2.67 44.09 -14.11
CA GLN F 491 -3.95 43.40 -13.86
C GLN F 491 -3.92 42.62 -12.55
N LYS F 492 -4.66 43.10 -11.56
CA LYS F 492 -4.73 42.45 -10.24
C LYS F 492 -5.47 41.12 -10.31
N ASN F 493 -4.82 40.07 -9.79
CA ASN F 493 -5.46 38.79 -9.58
C ASN F 493 -5.31 38.38 -8.12
N SER F 494 -6.30 37.66 -7.60
CA SER F 494 -6.26 37.11 -6.25
C SER F 494 -5.08 36.14 -6.11
N ALA G 1 -38.89 34.54 16.44
CA ALA G 1 -40.06 33.61 16.36
C ALA G 1 -39.92 32.62 15.21
N VAL G 2 -40.57 31.47 15.33
CA VAL G 2 -40.48 30.41 14.32
C VAL G 2 -41.73 30.40 13.44
N PRO G 3 -41.57 30.69 12.13
CA PRO G 3 -42.68 30.62 11.18
C PRO G 3 -43.21 29.20 11.03
N ALA G 4 -44.51 29.06 10.80
CA ALA G 4 -45.14 27.75 10.67
C ALA G 4 -44.66 27.03 9.41
N PRO G 5 -44.24 25.77 9.55
CA PRO G 5 -43.62 25.05 8.45
C PRO G 5 -44.58 24.64 7.36
N ASN G 6 -44.15 24.78 6.11
CA ASN G 6 -44.73 24.02 5.03
C ASN G 6 -44.21 22.60 5.20
N GLN G 7 -45.06 21.71 5.69
CA GLN G 7 -44.64 20.34 6.07
C GLN G 7 -44.46 19.41 4.87
N GLN G 8 -44.93 19.83 3.70
CA GLN G 8 -44.68 19.12 2.45
C GLN G 8 -44.00 20.07 1.46
N PRO G 9 -42.73 20.44 1.72
CA PRO G 9 -42.05 21.37 0.83
C PRO G 9 -41.79 20.75 -0.55
N GLU G 10 -42.02 21.54 -1.59
CA GLU G 10 -41.74 21.12 -2.96
C GLU G 10 -40.24 21.12 -3.24
N VAL G 11 -39.82 20.25 -4.16
CA VAL G 11 -38.42 20.19 -4.60
C VAL G 11 -38.29 20.77 -6.01
N PHE G 12 -37.44 21.80 -6.14
CA PHE G 12 -37.20 22.48 -7.42
C PHE G 12 -35.86 22.10 -8.05
N CYS G 13 -34.92 21.62 -7.22
CA CYS G 13 -33.56 21.36 -7.66
C CYS G 13 -33.17 19.91 -7.35
N ASN G 14 -32.71 19.20 -8.37
CA ASN G 14 -32.41 17.77 -8.24
C ASN G 14 -31.40 17.24 -9.25
N GLN G 15 -30.57 18.12 -9.79
CA GLN G 15 -29.61 17.73 -10.83
C GLN G 15 -28.18 18.13 -10.45
N ILE G 16 -27.24 17.85 -11.35
CA ILE G 16 -25.85 18.26 -11.18
C ILE G 16 -25.72 19.74 -11.57
N PHE G 17 -25.00 20.51 -10.74
CA PHE G 17 -24.88 21.95 -10.91
C PHE G 17 -23.47 22.34 -11.37
N ILE G 18 -23.36 22.69 -12.66
CA ILE G 18 -22.06 23.06 -13.25
C ILE G 18 -22.24 24.28 -14.13
N ASN G 19 -21.33 25.25 -13.98
CA ASN G 19 -21.36 26.51 -14.71
C ASN G 19 -22.68 27.26 -14.56
N ASN G 20 -23.23 27.22 -13.34
CA ASN G 20 -24.51 27.85 -13.03
C ASN G 20 -25.68 27.32 -13.88
N GLU G 21 -25.54 26.08 -14.36
CA GLU G 21 -26.59 25.42 -15.14
C GLU G 21 -26.80 24.02 -14.57
N TRP G 22 -28.03 23.53 -14.73
CA TRP G 22 -28.41 22.21 -14.24
C TRP G 22 -28.18 21.14 -15.30
N HIS G 23 -27.51 20.05 -14.91
CA HIS G 23 -27.19 18.95 -15.82
C HIS G 23 -27.69 17.62 -15.26
N ASP G 24 -28.25 16.79 -16.13
CA ASP G 24 -28.42 15.37 -15.79
C ASP G 24 -27.04 14.75 -15.77
N ALA G 25 -26.93 13.57 -15.18
CA ALA G 25 -25.68 12.83 -15.23
C ALA G 25 -25.39 12.42 -16.67
N VAL G 26 -24.12 12.13 -16.97
CA VAL G 26 -23.74 11.72 -18.33
C VAL G 26 -24.26 10.30 -18.64
N SER G 27 -24.53 9.51 -17.60
CA SER G 27 -25.10 8.18 -17.75
C SER G 27 -26.64 8.19 -17.71
N ARG G 28 -27.23 9.34 -17.39
CA ARG G 28 -28.68 9.51 -17.27
C ARG G 28 -29.28 8.87 -16.02
N LYS G 29 -28.44 8.28 -15.17
CA LYS G 29 -28.93 7.62 -13.97
C LYS G 29 -29.37 8.63 -12.92
N THR G 30 -30.24 8.18 -12.03
CA THR G 30 -30.65 8.98 -10.88
C THR G 30 -30.64 8.09 -9.64
N PHE G 31 -30.89 8.67 -8.47
CA PHE G 31 -31.02 7.89 -7.24
C PHE G 31 -32.07 8.49 -6.31
N PRO G 32 -32.79 7.62 -5.58
CA PRO G 32 -33.83 8.09 -4.66
C PRO G 32 -33.24 8.64 -3.38
N THR G 33 -33.74 9.79 -2.93
CA THR G 33 -33.45 10.27 -1.57
C THR G 33 -34.74 10.19 -0.75
N VAL G 34 -34.62 9.60 0.44
CA VAL G 34 -35.78 9.17 1.24
C VAL G 34 -36.09 10.10 2.41
N ASN G 35 -37.37 10.20 2.75
CA ASN G 35 -37.83 10.91 3.94
C ASN G 35 -37.70 9.93 5.12
N PRO G 36 -36.77 10.19 6.06
CA PRO G 36 -36.56 9.22 7.13
C PRO G 36 -37.70 9.09 8.15
N SER G 37 -38.57 10.09 8.23
CA SER G 37 -39.72 10.05 9.14
C SER G 37 -40.82 9.14 8.65
N THR G 38 -40.85 8.90 7.34
CA THR G 38 -41.88 8.05 6.71
C THR G 38 -41.30 6.84 5.97
N GLY G 39 -40.02 6.88 5.63
CA GLY G 39 -39.42 5.87 4.77
C GLY G 39 -39.78 5.99 3.30
N GLU G 40 -40.54 7.02 2.93
CA GLU G 40 -41.04 7.18 1.56
C GLU G 40 -40.03 7.95 0.72
N VAL G 41 -40.03 7.68 -0.58
CA VAL G 41 -39.17 8.43 -1.51
C VAL G 41 -39.72 9.86 -1.67
N ILE G 42 -38.82 10.83 -1.57
CA ILE G 42 -39.16 12.23 -1.81
C ILE G 42 -39.10 12.50 -3.32
N CYS G 43 -37.96 12.22 -3.93
CA CYS G 43 -37.78 12.40 -5.37
C CYS G 43 -36.48 11.73 -5.82
N GLN G 44 -36.26 11.73 -7.13
CA GLN G 44 -35.01 11.24 -7.70
C GLN G 44 -34.02 12.39 -7.81
N VAL G 45 -32.74 12.06 -7.76
CA VAL G 45 -31.64 13.01 -7.88
C VAL G 45 -30.63 12.47 -8.88
N ALA G 46 -30.10 13.34 -9.76
CA ALA G 46 -29.10 12.92 -10.75
C ALA G 46 -27.91 12.29 -10.05
N GLU G 47 -27.46 11.15 -10.57
CA GLU G 47 -26.37 10.40 -9.95
C GLU G 47 -25.05 10.70 -10.65
N GLY G 48 -24.27 11.61 -10.07
CA GLY G 48 -22.97 11.96 -10.61
C GLY G 48 -21.95 10.86 -10.43
N ASP G 49 -21.11 10.65 -11.44
CA ASP G 49 -20.01 9.69 -11.39
C ASP G 49 -18.74 10.40 -11.87
N LYS G 50 -17.71 9.62 -12.17
CA LYS G 50 -16.39 10.12 -12.59
C LYS G 50 -16.46 11.17 -13.71
N GLU G 51 -17.25 10.91 -14.73
CA GLU G 51 -17.35 11.80 -15.89
C GLU G 51 -17.95 13.15 -15.51
N ASP G 52 -18.88 13.14 -14.56
CA ASP G 52 -19.57 14.35 -14.14
C ASP G 52 -18.67 15.22 -13.27
N VAL G 53 -17.85 14.57 -12.44
CA VAL G 53 -16.80 15.26 -11.67
C VAL G 53 -15.74 15.85 -12.61
N ASP G 54 -15.34 15.08 -13.63
CA ASP G 54 -14.42 15.58 -14.65
C ASP G 54 -14.94 16.85 -15.30
N LYS G 55 -16.21 16.84 -15.71
CA LYS G 55 -16.87 18.03 -16.24
C LYS G 55 -16.85 19.19 -15.24
N ALA G 56 -17.16 18.90 -13.98
CA ALA G 56 -17.20 19.95 -12.95
C ALA G 56 -15.82 20.53 -12.68
N VAL G 57 -14.79 19.69 -12.69
CA VAL G 57 -13.41 20.13 -12.42
C VAL G 57 -12.92 21.05 -13.54
N LYS G 58 -13.21 20.66 -14.79
CA LYS G 58 -12.91 21.51 -15.94
C LYS G 58 -13.58 22.88 -15.83
N ALA G 59 -14.85 22.89 -15.43
CA ALA G 59 -15.56 24.16 -15.19
C ALA G 59 -14.85 25.03 -14.14
N ALA G 60 -14.38 24.41 -13.07
CA ALA G 60 -13.69 25.09 -11.97
C ALA G 60 -12.33 25.65 -12.37
N ARG G 61 -11.52 24.83 -13.04
CA ARG G 61 -10.22 25.26 -13.58
C ARG G 61 -10.38 26.47 -14.48
N ALA G 62 -11.39 26.42 -15.34
CA ALA G 62 -11.69 27.53 -16.25
C ALA G 62 -12.07 28.81 -15.51
N ALA G 63 -12.88 28.69 -14.47
CA ALA G 63 -13.27 29.86 -13.67
C ALA G 63 -12.10 30.42 -12.88
N PHE G 64 -11.08 29.58 -12.64
CA PHE G 64 -9.88 29.96 -11.87
C PHE G 64 -8.76 30.54 -12.73
N GLN G 65 -8.92 30.55 -14.05
CA GLN G 65 -7.86 31.03 -14.93
C GLN G 65 -7.51 32.50 -14.68
N LEU G 66 -6.21 32.78 -14.70
CA LEU G 66 -5.71 34.12 -14.48
C LEU G 66 -6.40 35.09 -15.43
N GLY G 67 -7.00 36.13 -14.86
CA GLY G 67 -7.75 37.11 -15.64
C GLY G 67 -9.24 36.87 -15.75
N SER G 68 -9.73 35.75 -15.22
CA SER G 68 -11.17 35.47 -15.23
C SER G 68 -11.93 36.48 -14.34
N PRO G 69 -13.27 36.54 -14.47
CA PRO G 69 -14.02 37.41 -13.56
C PRO G 69 -13.77 37.13 -12.07
N TRP G 70 -13.69 35.85 -11.69
CA TRP G 70 -13.50 35.47 -10.28
C TRP G 70 -12.11 35.87 -9.78
N ARG G 71 -11.07 35.60 -10.59
CA ARG G 71 -9.70 35.94 -10.22
C ARG G 71 -9.46 37.46 -10.16
N ARG G 72 -10.16 38.22 -10.99
CA ARG G 72 -10.00 39.68 -11.05
C ARG G 72 -10.87 40.42 -10.04
N MET G 73 -11.90 39.74 -9.55
CA MET G 73 -12.84 40.35 -8.61
C MET G 73 -12.12 40.95 -7.39
N ASP G 74 -12.58 42.10 -6.94
CA ASP G 74 -12.06 42.68 -5.71
C ASP G 74 -12.38 41.75 -4.55
N ALA G 75 -11.41 41.56 -3.67
CA ALA G 75 -11.60 40.76 -2.48
C ALA G 75 -12.80 41.25 -1.67
N SER G 76 -12.96 42.57 -1.58
CA SER G 76 -14.12 43.15 -0.90
C SER G 76 -15.43 42.65 -1.53
N HIS G 77 -15.44 42.48 -2.85
CA HIS G 77 -16.64 42.08 -3.58
C HIS G 77 -17.00 40.61 -3.40
N ARG G 78 -16.00 39.76 -3.20
CA ARG G 78 -16.24 38.38 -2.80
C ARG G 78 -16.99 38.36 -1.46
N GLY G 79 -16.63 39.28 -0.58
CA GLY G 79 -17.35 39.47 0.68
C GLY G 79 -18.78 39.92 0.44
N ARG G 80 -18.96 40.82 -0.54
CA ARG G 80 -20.30 41.31 -0.89
C ARG G 80 -21.16 40.17 -1.40
N LEU G 81 -20.58 39.29 -2.22
CA LEU G 81 -21.31 38.15 -2.77
C LEU G 81 -21.72 37.15 -1.69
N LEU G 82 -20.85 36.92 -0.72
CA LEU G 82 -21.13 35.98 0.37
C LEU G 82 -22.28 36.51 1.26
N ASN G 83 -22.30 37.82 1.46
CA ASN G 83 -23.38 38.49 2.20
C ASN G 83 -24.71 38.45 1.47
N ARG G 84 -24.65 38.60 0.15
CA ARG G 84 -25.83 38.48 -0.71
C ARG G 84 -26.40 37.07 -0.62
N LEU G 85 -25.52 36.07 -0.67
CA LEU G 85 -25.93 34.68 -0.55
C LEU G 85 -26.63 34.43 0.78
N ALA G 86 -26.04 34.94 1.87
CA ALA G 86 -26.65 34.86 3.19
C ALA G 86 -28.01 35.54 3.21
N ASP G 87 -28.09 36.73 2.63
CA ASP G 87 -29.37 37.44 2.54
C ASP G 87 -30.43 36.62 1.80
N LEU G 88 -30.03 35.93 0.73
CA LEU G 88 -30.96 35.10 -0.03
C LEU G 88 -31.41 33.86 0.76
N ILE G 89 -30.47 33.26 1.49
CA ILE G 89 -30.78 32.14 2.38
C ILE G 89 -31.73 32.59 3.49
N GLU G 90 -31.51 33.79 4.03
CA GLU G 90 -32.40 34.35 5.04
C GLU G 90 -33.81 34.56 4.46
N ARG G 91 -33.90 35.06 3.24
CA ARG G 91 -35.18 35.20 2.53
C ARG G 91 -35.88 33.84 2.45
N ASP G 92 -35.14 32.80 2.08
CA ASP G 92 -35.71 31.46 1.92
C ASP G 92 -35.51 30.54 3.14
N ARG G 93 -35.46 31.14 4.33
CA ARG G 93 -35.15 30.41 5.58
C ARG G 93 -36.22 29.38 5.94
N THR G 94 -37.48 29.78 5.86
CA THR G 94 -38.58 28.91 6.23
C THR G 94 -38.62 27.68 5.32
N TYR G 95 -38.52 27.92 4.01
CA TYR G 95 -38.48 26.83 3.03
C TYR G 95 -37.29 25.88 3.23
N LEU G 96 -36.10 26.45 3.42
CA LEU G 96 -34.89 25.65 3.61
C LEU G 96 -34.89 24.87 4.91
N ALA G 97 -35.38 25.48 5.99
CA ALA G 97 -35.52 24.78 7.28
C ALA G 97 -36.44 23.57 7.15
N ALA G 98 -37.54 23.73 6.41
CA ALA G 98 -38.51 22.67 6.21
C ALA G 98 -37.99 21.56 5.29
N LEU G 99 -37.34 21.95 4.20
CA LEU G 99 -36.74 20.98 3.27
C LEU G 99 -35.63 20.16 3.93
N GLU G 100 -34.85 20.80 4.80
CA GLU G 100 -33.81 20.12 5.57
C GLU G 100 -34.40 19.04 6.47
N THR G 101 -35.46 19.39 7.19
CA THR G 101 -36.18 18.46 8.05
C THR G 101 -36.76 17.29 7.26
N LEU G 102 -37.31 17.58 6.09
CA LEU G 102 -37.87 16.56 5.21
C LEU G 102 -36.82 15.52 4.83
N ASP G 103 -35.68 16.00 4.38
CA ASP G 103 -34.63 15.15 3.82
C ASP G 103 -33.75 14.51 4.90
N ASN G 104 -33.50 15.25 5.99
CA ASN G 104 -32.57 14.80 7.03
C ASN G 104 -33.28 14.18 8.23
N GLY G 105 -34.37 14.79 8.67
CA GLY G 105 -35.19 14.25 9.75
C GLY G 105 -35.15 15.02 11.04
N LYS G 106 -34.19 15.94 11.19
CA LYS G 106 -34.10 16.74 12.41
C LYS G 106 -35.35 17.60 12.58
N PRO G 107 -35.74 17.91 13.83
CA PRO G 107 -36.93 18.73 14.08
C PRO G 107 -36.90 20.10 13.41
N TYR G 108 -38.03 20.48 12.79
CA TYR G 108 -38.15 21.75 12.08
C TYR G 108 -37.70 22.96 12.91
N VAL G 109 -38.11 23.01 14.17
CA VAL G 109 -37.76 24.11 15.06
C VAL G 109 -36.23 24.23 15.20
N ILE G 110 -35.57 23.09 15.26
CA ILE G 110 -34.12 23.03 15.33
C ILE G 110 -33.49 23.43 13.98
N SER G 111 -34.07 22.94 12.88
CA SER G 111 -33.62 23.35 11.54
C SER G 111 -33.65 24.88 11.40
N TYR G 112 -34.76 25.46 11.83
CA TYR G 112 -34.98 26.89 11.67
C TYR G 112 -34.14 27.75 12.62
N LEU G 113 -34.18 27.45 13.92
CA LEU G 113 -33.53 28.30 14.94
C LEU G 113 -32.02 28.04 15.10
N VAL G 114 -31.60 26.81 14.83
CA VAL G 114 -30.20 26.42 14.96
C VAL G 114 -29.50 26.30 13.60
N ASP G 115 -29.83 25.28 12.81
CA ASP G 115 -29.11 25.00 11.56
C ASP G 115 -29.02 26.22 10.64
N LEU G 116 -30.16 26.82 10.33
CA LEU G 116 -30.20 27.98 9.44
C LEU G 116 -29.49 29.20 10.04
N ASP G 117 -29.73 29.45 11.33
CA ASP G 117 -29.10 30.58 12.01
C ASP G 117 -27.58 30.47 11.97
N MET G 118 -27.07 29.24 12.08
CA MET G 118 -25.63 28.97 12.07
C MET G 118 -25.05 29.11 10.66
N VAL G 119 -25.84 28.74 9.65
CA VAL G 119 -25.44 28.92 8.25
C VAL G 119 -25.24 30.41 7.97
N LEU G 120 -26.26 31.20 8.28
CA LEU G 120 -26.21 32.64 8.08
C LEU G 120 -25.02 33.25 8.79
N LYS G 121 -24.76 32.82 10.03
CA LYS G 121 -23.67 33.36 10.82
C LYS G 121 -22.29 32.98 10.26
N CYS G 122 -22.17 31.75 9.78
CA CYS G 122 -20.93 31.29 9.17
C CYS G 122 -20.62 32.03 7.86
N LEU G 123 -21.63 32.19 7.00
CA LEU G 123 -21.41 32.87 5.72
C LEU G 123 -21.12 34.35 5.89
N ARG G 124 -21.79 34.99 6.83
CA ARG G 124 -21.55 36.41 7.12
C ARG G 124 -20.21 36.62 7.78
N TYR G 125 -19.80 35.71 8.66
CA TYR G 125 -18.49 35.76 9.27
C TYR G 125 -17.39 35.70 8.22
N TYR G 126 -17.48 34.75 7.30
CA TYR G 126 -16.46 34.61 6.25
C TYR G 126 -16.52 35.71 5.20
N ALA G 127 -17.71 36.28 4.96
CA ALA G 127 -17.80 37.46 4.09
C ALA G 127 -16.85 38.54 4.60
N GLY G 128 -16.73 38.66 5.93
CA GLY G 128 -15.86 39.64 6.55
C GLY G 128 -14.37 39.39 6.33
N TRP G 129 -13.98 38.13 6.30
CA TRP G 129 -12.57 37.76 6.09
C TRP G 129 -12.09 37.99 4.66
N ALA G 130 -13.02 38.12 3.71
CA ALA G 130 -12.68 38.14 2.30
C ALA G 130 -11.49 39.05 1.96
N ASP G 131 -11.45 40.23 2.58
CA ASP G 131 -10.42 41.24 2.28
C ASP G 131 -9.49 41.54 3.47
N LYS G 132 -9.34 40.58 4.37
CA LYS G 132 -8.60 40.81 5.61
C LYS G 132 -7.56 39.74 5.98
N TYR G 133 -7.33 38.76 5.11
CA TYR G 133 -6.36 37.71 5.40
C TYR G 133 -5.01 38.06 4.75
N HIS G 134 -4.29 38.94 5.42
CA HIS G 134 -3.10 39.57 4.84
C HIS G 134 -1.92 38.62 4.66
N GLY G 135 -1.15 38.82 3.60
CA GLY G 135 0.20 38.26 3.54
C GLY G 135 1.12 39.16 4.35
N LYS G 136 2.42 38.97 4.22
CA LYS G 136 3.39 39.65 5.09
C LYS G 136 4.51 40.31 4.29
N THR G 137 5.06 41.39 4.83
CA THR G 137 6.31 41.97 4.35
C THR G 137 7.36 41.59 5.38
N ILE G 138 8.52 41.15 4.91
CA ILE G 138 9.46 40.37 5.71
C ILE G 138 10.87 40.98 5.69
N PRO G 139 11.44 41.30 6.88
CA PRO G 139 12.76 41.93 6.93
C PRO G 139 13.90 40.93 6.76
N ILE G 140 14.06 40.42 5.54
CA ILE G 140 15.09 39.44 5.22
C ILE G 140 16.49 40.07 5.24
N ASP G 141 17.53 39.25 5.37
CA ASP G 141 18.92 39.73 5.29
C ASP G 141 19.25 40.18 3.87
N GLY G 142 20.21 41.10 3.77
CA GLY G 142 20.74 41.54 2.49
C GLY G 142 19.93 42.66 1.87
N ASP G 143 20.34 43.06 0.66
CA ASP G 143 19.64 44.09 -0.09
C ASP G 143 18.47 43.51 -0.88
N PHE G 144 17.43 43.13 -0.15
CA PHE G 144 16.25 42.52 -0.75
C PHE G 144 14.97 43.01 -0.10
N PHE G 145 13.90 43.00 -0.89
CA PHE G 145 12.56 43.24 -0.39
C PHE G 145 11.83 41.92 -0.59
N SER G 146 11.32 41.35 0.51
CA SER G 146 10.68 40.05 0.50
C SER G 146 9.29 40.14 1.09
N TYR G 147 8.32 39.54 0.42
CA TYR G 147 6.96 39.49 0.92
C TYR G 147 6.26 38.22 0.48
N THR G 148 5.10 37.98 1.07
CA THR G 148 4.27 36.85 0.71
C THR G 148 2.91 37.26 0.15
N ARG G 149 2.46 36.51 -0.84
CA ARG G 149 1.09 36.59 -1.33
C ARG G 149 0.36 35.36 -0.78
N HIS G 150 -0.85 35.59 -0.27
CA HIS G 150 -1.75 34.54 0.14
C HIS G 150 -2.71 34.29 -1.02
N GLU G 151 -2.29 33.40 -1.92
CA GLU G 151 -3.09 33.09 -3.11
C GLU G 151 -4.14 32.03 -2.77
N PRO G 152 -5.17 31.89 -3.61
CA PRO G 152 -6.09 30.77 -3.40
C PRO G 152 -5.39 29.46 -3.76
N VAL G 153 -5.69 28.39 -3.00
CA VAL G 153 -5.05 27.11 -3.24
C VAL G 153 -5.46 26.56 -4.60
N GLY G 154 -6.69 26.87 -5.04
CA GLY G 154 -7.12 26.60 -6.40
C GLY G 154 -8.45 25.86 -6.48
N VAL G 155 -8.46 24.73 -7.19
CA VAL G 155 -9.65 23.91 -7.33
C VAL G 155 -9.77 23.03 -6.09
N CYS G 156 -10.82 23.29 -5.31
CA CYS G 156 -11.03 22.61 -4.04
C CYS G 156 -12.15 21.58 -4.12
N GLY G 157 -11.79 20.32 -3.93
CA GLY G 157 -12.77 19.26 -3.78
C GLY G 157 -13.30 19.25 -2.35
N GLN G 158 -14.63 19.30 -2.22
CA GLN G 158 -15.25 19.34 -0.89
C GLN G 158 -16.31 18.25 -0.77
N ILE G 159 -16.10 17.34 0.18
CA ILE G 159 -17.02 16.24 0.40
C ILE G 159 -17.63 16.40 1.79
N ILE G 160 -18.95 16.48 1.85
CA ILE G 160 -19.65 16.79 3.09
C ILE G 160 -20.66 15.69 3.47
N PRO G 161 -20.95 15.54 4.77
CA PRO G 161 -21.79 14.47 5.30
C PRO G 161 -23.28 14.80 5.31
N TRP G 162 -24.08 13.92 5.90
CA TRP G 162 -25.53 14.08 5.91
C TRP G 162 -26.11 14.63 7.22
N ASN G 163 -25.29 14.71 8.27
CA ASN G 163 -25.81 15.05 9.59
C ASN G 163 -26.20 16.52 9.75
N PHE G 164 -25.39 17.41 9.14
CA PHE G 164 -25.72 18.83 9.07
C PHE G 164 -25.51 19.29 7.64
N PRO G 165 -26.44 18.91 6.73
CA PRO G 165 -26.24 19.15 5.29
C PRO G 165 -26.02 20.62 4.93
N LEU G 166 -26.92 21.50 5.37
CA LEU G 166 -26.77 22.94 5.08
C LEU G 166 -25.55 23.57 5.77
N LEU G 167 -25.32 23.20 7.01
CA LEU G 167 -24.28 23.84 7.80
C LEU G 167 -22.88 23.42 7.35
N MET G 168 -22.72 22.16 6.96
CA MET G 168 -21.42 21.70 6.47
C MET G 168 -21.10 22.35 5.12
N GLN G 169 -22.13 22.55 4.28
CA GLN G 169 -21.94 23.26 3.03
C GLN G 169 -21.35 24.65 3.27
N ALA G 170 -21.93 25.36 4.24
CA ALA G 170 -21.51 26.72 4.58
C ALA G 170 -20.12 26.77 5.22
N TRP G 171 -19.85 25.85 6.14
CA TRP G 171 -18.53 25.71 6.74
C TRP G 171 -17.44 25.54 5.67
N LYS G 172 -17.79 24.90 4.56
CA LYS G 172 -16.86 24.66 3.45
C LYS G 172 -16.85 25.79 2.42
N LEU G 173 -18.02 26.29 2.04
CA LEU G 173 -18.09 27.34 1.02
C LEU G 173 -17.55 28.67 1.54
N GLY G 174 -17.87 29.00 2.80
CA GLY G 174 -17.44 30.25 3.42
C GLY G 174 -15.95 30.58 3.28
N PRO G 175 -15.09 29.78 3.92
CA PRO G 175 -13.64 30.04 3.84
C PRO G 175 -13.10 29.90 2.42
N ALA G 176 -13.56 28.90 1.67
CA ALA G 176 -13.08 28.67 0.31
C ALA G 176 -13.36 29.86 -0.61
N LEU G 177 -14.60 30.34 -0.60
CA LEU G 177 -14.99 31.45 -1.47
C LEU G 177 -14.42 32.78 -1.01
N ALA G 178 -14.33 32.97 0.30
CA ALA G 178 -13.77 34.20 0.84
C ALA G 178 -12.29 34.38 0.45
N THR G 179 -11.57 33.29 0.24
CA THR G 179 -10.17 33.37 -0.18
C THR G 179 -9.97 33.12 -1.68
N GLY G 180 -11.03 33.26 -2.47
CA GLY G 180 -10.93 33.27 -3.93
C GLY G 180 -10.72 31.92 -4.61
N ASN G 181 -11.10 30.84 -3.92
CA ASN G 181 -11.00 29.50 -4.49
C ASN G 181 -12.22 29.15 -5.34
N VAL G 182 -12.09 28.10 -6.13
CA VAL G 182 -13.22 27.51 -6.83
C VAL G 182 -13.49 26.14 -6.24
N VAL G 183 -14.75 25.70 -6.33
CA VAL G 183 -15.19 24.52 -5.60
C VAL G 183 -15.88 23.47 -6.48
N VAL G 184 -15.51 22.22 -6.26
CA VAL G 184 -16.30 21.08 -6.72
C VAL G 184 -16.74 20.34 -5.46
N MET G 185 -18.04 20.38 -5.20
CA MET G 185 -18.60 19.86 -3.96
C MET G 185 -19.39 18.59 -4.21
N LYS G 186 -19.17 17.59 -3.35
CA LYS G 186 -19.93 16.35 -3.36
C LYS G 186 -20.75 16.32 -2.08
N VAL G 187 -22.07 16.30 -2.25
CA VAL G 187 -23.00 16.31 -1.11
C VAL G 187 -23.46 14.89 -0.84
N ALA G 188 -24.07 14.67 0.31
CA ALA G 188 -24.44 13.31 0.74
C ALA G 188 -25.68 12.81 0.00
N GLU G 189 -25.69 11.53 -0.34
CA GLU G 189 -26.81 10.91 -1.05
C GLU G 189 -28.06 10.87 -0.18
N GLN G 190 -27.87 10.79 1.13
CA GLN G 190 -28.97 10.78 2.09
C GLN G 190 -29.65 12.14 2.15
N THR G 191 -28.88 13.21 1.97
CA THR G 191 -29.39 14.57 2.11
C THR G 191 -28.81 15.54 1.07
N PRO G 192 -29.15 15.36 -0.22
CA PRO G 192 -28.59 16.26 -1.21
C PRO G 192 -29.43 17.51 -1.48
N LEU G 193 -30.70 17.50 -1.10
CA LEU G 193 -31.68 18.47 -1.63
C LEU G 193 -31.42 19.92 -1.24
N THR G 194 -31.12 20.19 0.03
CA THR G 194 -30.95 21.57 0.48
C THR G 194 -29.73 22.23 -0.16
N ALA G 195 -28.64 21.48 -0.30
CA ALA G 195 -27.39 21.99 -0.89
C ALA G 195 -27.56 22.37 -2.36
N LEU G 196 -28.43 21.64 -3.06
CA LEU G 196 -28.73 21.91 -4.46
C LEU G 196 -29.62 23.14 -4.62
N TYR G 197 -30.57 23.34 -3.70
CA TYR G 197 -31.35 24.58 -3.71
C TYR G 197 -30.47 25.81 -3.43
N VAL G 198 -29.48 25.66 -2.55
CA VAL G 198 -28.53 26.74 -2.27
C VAL G 198 -27.69 27.10 -3.50
N ALA G 199 -27.38 26.12 -4.34
CA ALA G 199 -26.69 26.37 -5.61
C ALA G 199 -27.49 27.35 -6.47
N ASN G 200 -28.80 27.14 -6.54
CA ASN G 200 -29.72 28.07 -7.19
C ASN G 200 -29.51 29.50 -6.70
N LEU G 201 -29.30 29.65 -5.39
CA LEU G 201 -29.09 30.95 -4.78
C LEU G 201 -27.67 31.47 -5.04
N ILE G 202 -26.71 30.55 -5.22
CA ILE G 202 -25.34 30.94 -5.59
C ILE G 202 -25.38 31.61 -6.96
N LYS G 203 -26.17 31.06 -7.87
CA LYS G 203 -26.41 31.67 -9.17
C LYS G 203 -27.08 33.04 -9.04
N GLU G 204 -28.12 33.11 -8.20
CA GLU G 204 -28.90 34.34 -8.01
C GLU G 204 -28.11 35.45 -7.29
N ALA G 205 -27.14 35.06 -6.45
CA ALA G 205 -26.30 36.04 -5.75
C ALA G 205 -25.34 36.75 -6.70
N GLY G 206 -24.98 36.08 -7.80
CA GLY G 206 -24.13 36.67 -8.83
C GLY G 206 -22.76 36.01 -8.96
N PHE G 207 -22.54 34.90 -8.28
CA PHE G 207 -21.26 34.20 -8.38
C PHE G 207 -21.01 33.79 -9.83
N PRO G 208 -19.79 34.01 -10.34
CA PRO G 208 -19.56 33.64 -11.73
C PRO G 208 -19.67 32.13 -12.01
N PRO G 209 -19.98 31.76 -13.26
CA PRO G 209 -20.06 30.35 -13.65
C PRO G 209 -18.77 29.58 -13.35
N GLY G 210 -18.90 28.40 -12.78
CA GLY G 210 -17.75 27.54 -12.49
C GLY G 210 -17.07 27.77 -11.15
N VAL G 211 -17.51 28.79 -10.41
CA VAL G 211 -16.93 29.08 -9.11
C VAL G 211 -17.42 28.07 -8.07
N VAL G 212 -18.70 27.71 -8.13
CA VAL G 212 -19.24 26.65 -7.28
C VAL G 212 -19.97 25.62 -8.14
N ASN G 213 -19.49 24.38 -8.07
CA ASN G 213 -20.09 23.24 -8.78
C ASN G 213 -20.48 22.14 -7.78
N ILE G 214 -21.68 21.59 -7.93
CA ILE G 214 -22.15 20.54 -7.03
C ILE G 214 -22.52 19.26 -7.80
N VAL G 215 -21.92 18.15 -7.36
CA VAL G 215 -22.14 16.84 -7.96
C VAL G 215 -22.72 15.90 -6.90
N PRO G 216 -24.06 15.72 -6.88
CA PRO G 216 -24.62 14.65 -6.05
C PRO G 216 -24.20 13.27 -6.57
N GLY G 217 -24.27 12.27 -5.71
CA GLY G 217 -23.93 10.90 -6.08
C GLY G 217 -23.34 10.13 -4.91
N PHE G 218 -22.74 9.00 -5.21
CA PHE G 218 -22.23 8.09 -4.17
C PHE G 218 -20.76 8.35 -3.87
N GLY G 219 -20.29 7.77 -2.76
CA GLY G 219 -18.92 7.97 -2.28
C GLY G 219 -17.86 7.26 -3.11
N PRO G 220 -17.98 5.93 -3.28
CA PRO G 220 -16.97 5.20 -4.03
C PRO G 220 -16.86 5.58 -5.52
N THR G 221 -17.85 6.31 -6.03
CA THR G 221 -17.80 6.81 -7.40
C THR G 221 -17.44 8.29 -7.43
N ALA G 222 -18.41 9.17 -7.15
CA ALA G 222 -18.16 10.62 -7.24
C ALA G 222 -17.12 11.10 -6.22
N GLY G 223 -17.21 10.63 -4.98
CA GLY G 223 -16.31 11.04 -3.90
C GLY G 223 -14.86 10.66 -4.16
N ALA G 224 -14.65 9.42 -4.57
CA ALA G 224 -13.32 8.94 -4.93
C ALA G 224 -12.80 9.63 -6.18
N ALA G 225 -13.70 9.89 -7.13
CA ALA G 225 -13.35 10.62 -8.34
C ALA G 225 -12.75 11.98 -8.02
N ILE G 226 -13.29 12.66 -7.01
CA ILE G 226 -12.75 13.94 -6.54
C ILE G 226 -11.39 13.73 -5.87
N ALA G 227 -11.31 12.74 -4.99
CA ALA G 227 -10.14 12.54 -4.13
C ALA G 227 -8.85 12.21 -4.87
N SER G 228 -8.97 11.52 -6.00
CA SER G 228 -7.79 11.13 -6.79
C SER G 228 -7.69 11.83 -8.14
N HIS G 229 -8.45 12.92 -8.32
CA HIS G 229 -8.41 13.67 -9.57
C HIS G 229 -7.06 14.39 -9.70
N GLU G 230 -6.53 14.41 -10.91
CA GLU G 230 -5.16 14.86 -11.18
C GLU G 230 -5.01 16.39 -11.12
N ASP G 231 -6.12 17.10 -11.21
CA ASP G 231 -6.16 18.55 -11.33
C ASP G 231 -7.03 19.22 -10.26
N VAL G 232 -7.33 18.48 -9.20
CA VAL G 232 -7.92 19.03 -7.99
C VAL G 232 -6.77 19.32 -7.03
N ASP G 233 -6.71 20.55 -6.55
CA ASP G 233 -5.55 21.06 -5.82
C ASP G 233 -5.61 20.77 -4.33
N LYS G 234 -6.83 20.70 -3.80
CA LYS G 234 -7.05 20.60 -2.37
C LYS G 234 -8.33 19.80 -2.16
N VAL G 235 -8.33 18.92 -1.17
CA VAL G 235 -9.56 18.18 -0.82
C VAL G 235 -9.87 18.31 0.67
N ALA G 236 -11.12 18.68 0.96
CA ALA G 236 -11.65 18.78 2.31
C ALA G 236 -12.73 17.73 2.47
N PHE G 237 -12.60 16.88 3.48
CA PHE G 237 -13.54 15.79 3.71
C PHE G 237 -14.02 15.81 5.15
N THR G 238 -15.33 15.70 5.33
CA THR G 238 -15.92 15.46 6.64
C THR G 238 -16.69 14.15 6.52
N GLY G 239 -16.45 13.24 7.46
CA GLY G 239 -17.11 11.92 7.46
C GLY G 239 -16.43 10.97 8.42
N SER G 240 -16.45 9.68 8.09
CA SER G 240 -15.90 8.67 8.99
C SER G 240 -14.37 8.62 8.91
N THR G 241 -13.75 8.18 10.00
CA THR G 241 -12.30 8.03 10.05
C THR G 241 -11.83 7.04 8.99
N GLU G 242 -12.55 5.94 8.87
CA GLU G 242 -12.31 4.90 7.85
C GLU G 242 -12.17 5.47 6.43
N ILE G 243 -13.06 6.38 6.05
CA ILE G 243 -13.00 6.99 4.71
C ILE G 243 -11.94 8.08 4.64
N GLY G 244 -11.75 8.82 5.74
CA GLY G 244 -10.67 9.80 5.85
C GLY G 244 -9.31 9.22 5.43
N ARG G 245 -9.08 7.97 5.80
CA ARG G 245 -7.85 7.25 5.44
C ARG G 245 -7.77 7.05 3.93
N VAL G 246 -8.89 6.66 3.32
CA VAL G 246 -8.93 6.41 1.89
C VAL G 246 -8.66 7.69 1.09
N ILE G 247 -9.21 8.80 1.58
CA ILE G 247 -9.01 10.11 0.95
C ILE G 247 -7.51 10.46 0.96
N GLN G 248 -6.86 10.24 2.10
CA GLN G 248 -5.45 10.61 2.27
C GLN G 248 -4.53 9.74 1.41
N VAL G 249 -4.90 8.46 1.24
CA VAL G 249 -4.13 7.58 0.36
C VAL G 249 -4.35 7.96 -1.11
N ALA G 250 -5.60 8.27 -1.48
CA ALA G 250 -5.94 8.66 -2.84
C ALA G 250 -5.25 9.97 -3.23
N ALA G 251 -5.10 10.87 -2.26
CA ALA G 251 -4.38 12.12 -2.46
C ALA G 251 -2.93 11.85 -2.83
N GLY G 252 -2.26 11.03 -2.03
CA GLY G 252 -0.87 10.66 -2.27
C GLY G 252 -0.66 9.82 -3.51
N SER G 253 -1.67 9.03 -3.88
CA SER G 253 -1.61 8.16 -5.05
C SER G 253 -1.75 8.96 -6.35
N SER G 254 -2.37 10.13 -6.26
CA SER G 254 -2.55 11.00 -7.43
C SER G 254 -1.56 12.17 -7.44
N ASN G 255 -2.02 13.39 -7.13
CA ASN G 255 -1.23 14.60 -7.41
C ASN G 255 -0.73 15.35 -6.18
N LEU G 256 -0.69 14.68 -5.03
CA LEU G 256 -0.28 15.30 -3.77
C LEU G 256 -1.12 16.52 -3.39
N LYS G 257 -2.40 16.46 -3.73
CA LYS G 257 -3.35 17.51 -3.33
C LYS G 257 -3.37 17.65 -1.81
N ARG G 258 -3.62 18.86 -1.36
CA ARG G 258 -3.57 19.20 0.06
C ARG G 258 -4.83 18.64 0.73
N VAL G 259 -4.67 18.08 1.91
CA VAL G 259 -5.75 17.39 2.60
C VAL G 259 -6.06 18.02 3.95
N THR G 260 -7.35 18.20 4.24
CA THR G 260 -7.84 18.42 5.60
C THR G 260 -9.05 17.52 5.83
N LEU G 261 -9.17 17.01 7.06
CA LEU G 261 -10.17 16.01 7.42
C LEU G 261 -10.87 16.40 8.73
N GLU G 262 -12.20 16.23 8.76
CA GLU G 262 -12.97 16.35 9.99
C GLU G 262 -13.71 15.02 10.17
N LEU G 263 -13.21 14.19 11.08
CA LEU G 263 -13.65 12.81 11.16
C LEU G 263 -14.47 12.56 12.43
N GLY G 264 -14.53 11.31 12.87
CA GLY G 264 -15.39 10.91 13.97
C GLY G 264 -14.84 11.22 15.34
N GLY G 265 -15.66 10.94 16.35
CA GLY G 265 -15.27 11.15 17.73
C GLY G 265 -15.88 10.15 18.68
N LYS G 266 -15.38 10.19 19.91
CA LYS G 266 -15.97 9.49 21.03
C LYS G 266 -15.71 10.40 22.22
N SER G 267 -16.35 11.56 22.19
CA SER G 267 -15.97 12.67 23.04
C SER G 267 -16.41 12.49 24.49
N PRO G 268 -15.48 12.70 25.44
CA PRO G 268 -15.79 12.59 26.85
C PRO G 268 -16.42 13.88 27.41
N ASN G 269 -17.43 13.71 28.25
CA ASN G 269 -18.12 14.81 28.91
C ASN G 269 -18.02 14.57 30.42
N ILE G 270 -17.14 15.33 31.08
CA ILE G 270 -16.69 15.01 32.43
C ILE G 270 -17.38 15.86 33.50
N ILE G 271 -18.15 15.20 34.37
CA ILE G 271 -18.88 15.90 35.43
C ILE G 271 -18.20 15.71 36.77
N MET G 272 -17.55 16.75 37.26
CA MET G 272 -16.89 16.70 38.57
C MET G 272 -17.97 16.83 39.66
N SER G 273 -17.60 16.45 40.89
CA SER G 273 -18.57 16.38 41.98
C SER G 273 -19.12 17.75 42.39
N ASP G 274 -18.37 18.82 42.10
CA ASP G 274 -18.80 20.19 42.40
C ASP G 274 -19.50 20.88 41.22
N ALA G 275 -19.88 20.11 40.20
CA ALA G 275 -20.62 20.68 39.07
C ALA G 275 -21.99 21.14 39.54
N ASP G 276 -22.56 22.10 38.82
CA ASP G 276 -23.96 22.46 39.03
C ASP G 276 -24.82 21.36 38.42
N MET G 277 -25.58 20.67 39.27
CA MET G 277 -26.23 19.41 38.91
C MET G 277 -27.29 19.55 37.81
N ASP G 278 -28.27 20.41 38.04
CA ASP G 278 -29.36 20.61 37.05
C ASP G 278 -28.81 21.00 35.67
N TRP G 279 -27.82 21.88 35.67
CA TRP G 279 -27.21 22.39 34.44
C TRP G 279 -26.42 21.30 33.73
N ALA G 280 -25.54 20.64 34.49
CA ALA G 280 -24.73 19.55 33.95
C ALA G 280 -25.59 18.43 33.36
N VAL G 281 -26.68 18.09 34.04
CA VAL G 281 -27.61 17.05 33.56
C VAL G 281 -28.23 17.46 32.23
N GLU G 282 -28.78 18.67 32.19
CA GLU G 282 -29.43 19.21 31.00
C GLU G 282 -28.44 19.32 29.83
N GLN G 283 -27.23 19.78 30.12
CA GLN G 283 -26.19 19.90 29.10
C GLN G 283 -25.67 18.54 28.62
N ALA G 284 -25.52 17.59 29.54
CA ALA G 284 -25.11 16.23 29.15
C ALA G 284 -26.16 15.54 28.30
N HIS G 285 -27.42 15.87 28.53
CA HIS G 285 -28.51 15.34 27.72
C HIS G 285 -28.44 15.92 26.31
N PHE G 286 -28.29 17.24 26.24
CA PHE G 286 -28.07 17.93 24.97
C PHE G 286 -26.83 17.37 24.27
N ALA G 287 -25.74 17.22 25.03
CA ALA G 287 -24.45 16.79 24.50
C ALA G 287 -24.56 15.48 23.72
N LEU G 288 -25.36 14.54 24.22
CA LEU G 288 -25.49 13.24 23.59
C LEU G 288 -26.66 13.19 22.59
N PHE G 289 -27.83 13.67 22.99
CA PHE G 289 -29.06 13.45 22.20
C PHE G 289 -29.35 14.45 21.09
N PHE G 290 -28.57 15.53 21.01
CA PHE G 290 -28.78 16.56 19.99
C PHE G 290 -28.64 15.97 18.59
N ASN G 291 -29.53 16.38 17.68
CA ASN G 291 -29.50 15.93 16.29
C ASN G 291 -29.58 14.40 16.18
N GLN G 292 -30.44 13.81 17.00
CA GLN G 292 -30.64 12.36 17.04
C GLN G 292 -29.32 11.62 17.32
N GLY G 293 -28.42 12.29 18.05
CA GLY G 293 -27.10 11.75 18.34
C GLY G 293 -26.17 11.64 17.15
N GLN G 294 -26.47 12.36 16.07
CA GLN G 294 -25.68 12.27 14.83
C GLN G 294 -24.70 13.43 14.75
N CYS G 295 -23.85 13.53 15.78
CA CYS G 295 -22.85 14.57 15.89
C CYS G 295 -21.50 13.90 16.10
N CYS G 296 -20.51 14.31 15.32
CA CYS G 296 -19.17 13.76 15.47
C CYS G 296 -18.58 14.05 16.86
N CYS G 297 -18.97 15.17 17.47
CA CYS G 297 -18.47 15.56 18.79
C CYS G 297 -19.48 15.34 19.91
N ALA G 298 -20.42 14.40 19.72
CA ALA G 298 -21.39 14.05 20.74
C ALA G 298 -20.68 13.58 22.01
N GLY G 299 -21.23 13.95 23.16
CA GLY G 299 -20.69 13.55 24.46
C GLY G 299 -21.13 12.12 24.73
N SER G 300 -20.48 11.19 24.04
CA SER G 300 -20.87 9.80 24.05
C SER G 300 -20.17 9.00 25.14
N ARG G 301 -19.26 9.65 25.86
CA ARG G 301 -18.72 9.09 27.10
C ARG G 301 -18.94 10.09 28.24
N THR G 302 -20.00 9.89 29.00
CA THR G 302 -20.30 10.81 30.11
C THR G 302 -19.66 10.31 31.40
N PHE G 303 -18.54 10.93 31.76
CA PHE G 303 -17.83 10.57 32.99
C PHE G 303 -18.42 11.35 34.16
N VAL G 304 -18.84 10.64 35.21
CA VAL G 304 -19.47 11.27 36.37
C VAL G 304 -18.77 10.83 37.65
N GLN G 305 -18.44 11.79 38.52
CA GLN G 305 -17.69 11.51 39.74
C GLN G 305 -18.59 10.73 40.69
N GLU G 306 -18.00 9.73 41.37
CA GLU G 306 -18.79 8.72 42.10
C GLU G 306 -19.71 9.26 43.19
N ASP G 307 -19.33 10.35 43.85
CA ASP G 307 -20.18 10.96 44.89
C ASP G 307 -21.53 11.47 44.34
N ILE G 308 -21.57 11.85 43.07
CA ILE G 308 -22.80 12.37 42.45
C ILE G 308 -23.37 11.43 41.37
N TYR G 309 -22.72 10.28 41.19
CA TYR G 309 -23.05 9.35 40.10
C TYR G 309 -24.50 8.89 40.13
N ASP G 310 -24.94 8.39 41.28
CA ASP G 310 -26.29 7.87 41.43
C ASP G 310 -27.33 8.95 41.16
N GLU G 311 -27.15 10.13 41.75
CA GLU G 311 -28.07 11.24 41.51
C GLU G 311 -28.08 11.62 40.03
N PHE G 312 -26.89 11.76 39.45
CA PHE G 312 -26.78 12.18 38.05
C PHE G 312 -27.49 11.21 37.11
N VAL G 313 -27.35 9.91 37.37
CA VAL G 313 -27.92 8.87 36.53
C VAL G 313 -29.46 8.87 36.61
N GLU G 314 -29.99 9.09 37.81
CA GLU G 314 -31.44 9.10 38.01
C GLU G 314 -32.11 10.27 37.26
N ARG G 315 -31.50 11.45 37.37
CA ARG G 315 -31.94 12.62 36.61
C ARG G 315 -31.76 12.45 35.09
N SER G 316 -30.65 11.84 34.71
CA SER G 316 -30.36 11.61 33.29
C SER G 316 -31.36 10.64 32.66
N VAL G 317 -31.74 9.60 33.41
CA VAL G 317 -32.75 8.65 32.95
C VAL G 317 -34.11 9.33 32.89
N ALA G 318 -34.44 10.07 33.94
CA ALA G 318 -35.67 10.87 34.00
C ALA G 318 -35.83 11.79 32.78
N ARG G 319 -34.76 12.50 32.42
CA ARG G 319 -34.80 13.40 31.26
C ARG G 319 -34.91 12.63 29.93
N ALA G 320 -34.18 11.53 29.82
CA ALA G 320 -34.21 10.70 28.61
C ALA G 320 -35.61 10.13 28.35
N LYS G 321 -36.33 9.78 29.41
CA LYS G 321 -37.66 9.20 29.28
C LYS G 321 -38.72 10.23 28.88
N SER G 322 -38.50 11.50 29.23
CA SER G 322 -39.42 12.57 28.86
C SER G 322 -39.16 13.12 27.45
N ARG G 323 -38.04 12.71 26.84
CA ARG G 323 -37.70 13.19 25.50
C ARG G 323 -38.69 12.67 24.47
N VAL G 324 -39.49 13.58 23.89
CA VAL G 324 -40.52 13.22 22.93
C VAL G 324 -39.91 12.88 21.57
N VAL G 325 -40.26 11.70 21.05
CA VAL G 325 -39.80 11.21 19.78
C VAL G 325 -40.99 11.10 18.85
N GLY G 326 -40.91 11.72 17.68
CA GLY G 326 -42.02 11.70 16.74
C GLY G 326 -41.78 12.53 15.51
N ASN G 327 -42.88 12.95 14.88
CA ASN G 327 -42.80 13.69 13.64
C ASN G 327 -42.01 14.99 13.83
N PRO G 328 -40.96 15.20 13.03
CA PRO G 328 -40.10 16.35 13.23
C PRO G 328 -40.75 17.72 12.94
N PHE G 329 -41.88 17.72 12.24
CA PHE G 329 -42.65 18.96 12.01
C PHE G 329 -43.60 19.30 13.16
N ASP G 330 -43.75 18.39 14.12
CA ASP G 330 -44.52 18.69 15.33
C ASP G 330 -43.58 19.38 16.33
N SER G 331 -44.00 20.54 16.86
CA SER G 331 -43.12 21.36 17.71
C SER G 331 -42.82 20.73 19.09
N LYS G 332 -43.63 19.79 19.54
CA LYS G 332 -43.31 19.07 20.79
C LYS G 332 -42.19 18.04 20.62
N THR G 333 -41.95 17.62 19.37
CA THR G 333 -40.89 16.65 19.06
C THR G 333 -39.50 17.23 19.35
N GLU G 334 -38.75 16.54 20.20
CA GLU G 334 -37.35 16.91 20.46
C GLU G 334 -36.39 16.02 19.66
N GLN G 335 -36.85 14.84 19.25
CA GLN G 335 -36.01 13.86 18.55
C GLN G 335 -36.75 13.29 17.36
N GLY G 336 -36.20 13.49 16.16
CA GLY G 336 -36.73 12.91 14.94
C GLY G 336 -36.14 11.53 14.67
N PRO G 337 -36.27 11.05 13.42
CA PRO G 337 -35.73 9.73 13.07
C PRO G 337 -34.23 9.77 12.85
N GLN G 338 -33.58 8.62 12.82
CA GLN G 338 -32.21 8.55 12.32
C GLN G 338 -32.29 8.77 10.80
N VAL G 339 -31.15 8.91 10.13
CA VAL G 339 -31.12 9.45 8.77
C VAL G 339 -31.56 8.43 7.71
N ASP G 340 -31.17 7.18 7.89
CA ASP G 340 -31.52 6.11 6.95
C ASP G 340 -31.53 4.75 7.64
N GLU G 341 -31.75 3.69 6.87
CA GLU G 341 -31.93 2.35 7.41
C GLU G 341 -30.62 1.75 7.90
N THR G 342 -29.52 2.05 7.23
CA THR G 342 -28.20 1.57 7.64
C THR G 342 -27.88 2.00 9.08
N GLN G 343 -28.04 3.29 9.34
CA GLN G 343 -27.77 3.83 10.68
C GLN G 343 -28.77 3.27 11.68
N PHE G 344 -30.04 3.21 11.28
CA PHE G 344 -31.09 2.58 12.06
C PHE G 344 -30.63 1.20 12.58
N LYS G 345 -30.16 0.36 11.67
CA LYS G 345 -29.72 -1.00 12.05
C LYS G 345 -28.43 -1.02 12.87
N LYS G 346 -27.48 -0.16 12.53
CA LYS G 346 -26.21 -0.12 13.25
C LYS G 346 -26.41 0.26 14.72
N ILE G 347 -27.21 1.30 14.95
CA ILE G 347 -27.47 1.75 16.31
C ILE G 347 -28.06 0.60 17.12
N LEU G 348 -29.13 0.00 16.61
CA LEU G 348 -29.80 -1.10 17.29
C LEU G 348 -28.85 -2.26 17.56
N GLY G 349 -27.99 -2.56 16.58
CA GLY G 349 -26.95 -3.57 16.74
C GLY G 349 -25.99 -3.22 17.86
N TYR G 350 -25.60 -1.95 17.92
CA TYR G 350 -24.78 -1.47 19.03
C TYR G 350 -25.52 -1.59 20.37
N ILE G 351 -26.80 -1.25 20.39
CA ILE G 351 -27.60 -1.36 21.62
C ILE G 351 -27.55 -2.80 22.16
N ASN G 352 -27.69 -3.77 21.26
CA ASN G 352 -27.64 -5.18 21.64
C ASN G 352 -26.28 -5.58 22.21
N THR G 353 -25.21 -4.99 21.68
CA THR G 353 -23.87 -5.22 22.20
C THR G 353 -23.71 -4.70 23.63
N GLY G 354 -24.22 -3.51 23.89
CA GLY G 354 -24.21 -2.95 25.26
C GLY G 354 -24.86 -3.91 26.25
N LYS G 355 -26.06 -4.37 25.91
CA LYS G 355 -26.79 -5.35 26.73
C LYS G 355 -25.99 -6.63 26.94
N GLN G 356 -25.49 -7.20 25.85
CA GLN G 356 -24.77 -8.48 25.92
C GLN G 356 -23.47 -8.37 26.72
N GLU G 357 -22.76 -7.25 26.61
CA GLU G 357 -21.48 -7.10 27.32
C GLU G 357 -21.62 -6.60 28.76
N GLY G 358 -22.86 -6.56 29.26
CA GLY G 358 -23.11 -6.37 30.69
C GLY G 358 -23.31 -4.94 31.16
N ALA G 359 -23.44 -4.00 30.23
CA ALA G 359 -23.82 -2.63 30.57
C ALA G 359 -25.28 -2.63 30.99
N LYS G 360 -25.60 -1.91 32.08
CA LYS G 360 -26.97 -1.88 32.57
C LYS G 360 -27.84 -0.96 31.72
N LEU G 361 -28.77 -1.55 30.97
CA LEU G 361 -29.74 -0.78 30.18
C LEU G 361 -30.80 -0.18 31.09
N LEU G 362 -30.80 1.15 31.20
CA LEU G 362 -31.63 1.86 32.18
C LEU G 362 -32.96 2.34 31.61
N CYS G 363 -32.97 2.71 30.33
CA CYS G 363 -34.20 3.07 29.64
C CYS G 363 -33.97 3.01 28.13
N GLY G 364 -35.07 2.91 27.38
CA GLY G 364 -35.01 2.83 25.92
C GLY G 364 -34.48 1.50 25.43
N GLY G 365 -33.78 1.51 24.30
CA GLY G 365 -33.12 0.32 23.77
C GLY G 365 -33.85 -0.36 22.64
N GLY G 366 -35.02 0.16 22.26
CA GLY G 366 -35.82 -0.43 21.20
C GLY G 366 -36.26 0.57 20.14
N ILE G 367 -37.05 0.08 19.19
CA ILE G 367 -37.58 0.92 18.13
C ILE G 367 -38.77 1.73 18.67
N ALA G 368 -38.82 3.02 18.33
CA ALA G 368 -39.82 3.93 18.90
C ALA G 368 -41.09 4.06 18.05
N ALA G 369 -41.03 3.59 16.80
CA ALA G 369 -42.19 3.58 15.92
C ALA G 369 -42.03 2.54 14.81
N ASP G 370 -43.15 2.02 14.33
CA ASP G 370 -43.13 0.99 13.28
C ASP G 370 -42.79 1.56 11.90
N ARG G 371 -43.08 2.86 11.72
CA ARG G 371 -42.80 3.55 10.46
C ARG G 371 -41.77 4.65 10.70
N GLY G 372 -40.83 4.81 9.77
CA GLY G 372 -39.72 5.73 9.93
C GLY G 372 -38.60 5.10 10.74
N TYR G 373 -37.45 5.76 10.80
CA TYR G 373 -36.26 5.19 11.44
C TYR G 373 -36.07 5.74 12.85
N PHE G 374 -37.09 5.59 13.68
CA PHE G 374 -37.08 6.16 15.03
C PHE G 374 -36.56 5.17 16.06
N ILE G 375 -35.68 5.65 16.94
CA ILE G 375 -35.11 4.86 18.03
C ILE G 375 -35.37 5.54 19.36
N GLN G 376 -35.66 4.75 20.39
CA GLN G 376 -35.93 5.24 21.73
C GLN G 376 -34.66 5.83 22.36
N PRO G 377 -34.77 7.00 23.01
CA PRO G 377 -33.63 7.54 23.77
C PRO G 377 -33.16 6.51 24.77
N THR G 378 -31.88 6.17 24.71
CA THR G 378 -31.33 5.00 25.38
C THR G 378 -30.17 5.40 26.30
N VAL G 379 -30.22 4.92 27.55
CA VAL G 379 -29.19 5.23 28.54
C VAL G 379 -28.60 3.94 29.12
N PHE G 380 -27.27 3.86 29.09
CA PHE G 380 -26.54 2.75 29.70
C PHE G 380 -25.75 3.25 30.90
N GLY G 381 -25.98 2.63 32.06
CA GLY G 381 -25.21 2.90 33.26
C GLY G 381 -24.09 1.89 33.49
N ASP G 382 -23.17 2.25 34.40
CA ASP G 382 -22.05 1.38 34.79
C ASP G 382 -21.25 0.88 33.59
N VAL G 383 -20.99 1.79 32.65
CA VAL G 383 -20.27 1.46 31.43
C VAL G 383 -18.78 1.46 31.73
N GLN G 384 -18.04 0.53 31.12
CA GLN G 384 -16.60 0.38 31.34
C GLN G 384 -15.84 0.63 30.05
N ASP G 385 -14.58 1.04 30.16
CA ASP G 385 -13.80 1.53 29.00
C ASP G 385 -13.55 0.44 27.94
N GLY G 386 -13.52 -0.82 28.36
CA GLY G 386 -13.29 -1.93 27.45
C GLY G 386 -14.52 -2.40 26.69
N MET G 387 -15.68 -1.82 26.99
CA MET G 387 -16.92 -2.19 26.29
C MET G 387 -16.98 -1.56 24.90
N THR G 388 -17.64 -2.24 23.97
CA THR G 388 -17.80 -1.75 22.60
C THR G 388 -18.57 -0.42 22.52
N ILE G 389 -19.60 -0.26 23.35
CA ILE G 389 -20.34 1.01 23.40
C ILE G 389 -19.54 2.17 23.99
N ALA G 390 -18.41 1.87 24.63
CA ALA G 390 -17.53 2.89 25.18
C ALA G 390 -16.39 3.26 24.24
N LYS G 391 -16.08 2.39 23.28
CA LYS G 391 -14.96 2.63 22.35
C LYS G 391 -15.40 3.09 20.96
N GLU G 392 -16.53 2.59 20.46
CA GLU G 392 -16.92 2.80 19.07
C GLU G 392 -18.05 3.83 18.86
N GLU G 393 -17.86 4.68 17.84
CA GLU G 393 -18.83 5.73 17.51
C GLU G 393 -20.17 5.11 17.12
N ILE G 394 -21.19 5.33 17.94
CA ILE G 394 -22.53 4.76 17.68
C ILE G 394 -23.33 5.67 16.75
N PHE G 395 -23.23 6.97 16.99
CA PHE G 395 -23.86 7.98 16.16
C PHE G 395 -25.40 7.92 16.26
N GLY G 396 -25.89 7.60 17.45
CA GLY G 396 -27.34 7.53 17.73
C GLY G 396 -27.69 8.00 19.14
N PRO G 397 -28.97 7.89 19.53
CA PRO G 397 -29.43 8.35 20.84
C PRO G 397 -29.14 7.30 21.93
N VAL G 398 -27.86 6.97 22.08
CA VAL G 398 -27.40 5.97 23.04
C VAL G 398 -26.38 6.62 23.96
N MET G 399 -26.76 6.80 25.21
CA MET G 399 -25.91 7.47 26.19
C MET G 399 -25.10 6.48 27.05
N GLN G 400 -23.82 6.75 27.21
CA GLN G 400 -22.95 5.95 28.10
C GLN G 400 -22.60 6.77 29.33
N ILE G 401 -22.89 6.23 30.51
CA ILE G 401 -22.52 6.92 31.75
C ILE G 401 -21.48 6.09 32.49
N LEU G 402 -20.32 6.70 32.73
CA LEU G 402 -19.18 6.03 33.34
C LEU G 402 -18.80 6.68 34.67
N LYS G 403 -18.48 5.85 35.65
CA LYS G 403 -18.13 6.29 36.99
C LYS G 403 -16.62 6.46 37.12
N PHE G 404 -16.20 7.56 37.74
CA PHE G 404 -14.78 7.78 38.07
C PHE G 404 -14.64 8.38 39.46
N LYS G 405 -13.41 8.37 39.99
CA LYS G 405 -13.14 8.84 41.33
C LYS G 405 -12.33 10.14 41.34
N THR G 406 -11.24 10.18 40.58
CA THR G 406 -10.28 11.29 40.65
C THR G 406 -10.09 12.02 39.33
N ILE G 407 -9.59 13.25 39.44
CA ILE G 407 -9.35 14.08 38.28
C ILE G 407 -8.22 13.52 37.40
N GLU G 408 -7.22 12.89 38.03
CA GLU G 408 -6.13 12.23 37.31
C GLU G 408 -6.64 11.03 36.51
N GLU G 409 -7.49 10.25 37.16
CA GLU G 409 -8.14 9.11 36.52
C GLU G 409 -8.89 9.52 35.27
N VAL G 410 -9.75 10.50 35.39
CA VAL G 410 -10.66 10.85 34.31
C VAL G 410 -9.92 11.43 33.11
N VAL G 411 -8.87 12.22 33.38
CA VAL G 411 -7.97 12.72 32.34
C VAL G 411 -7.37 11.58 31.55
N GLY G 412 -6.84 10.59 32.27
CA GLY G 412 -6.20 9.44 31.66
C GLY G 412 -7.20 8.62 30.88
N ARG G 413 -8.35 8.35 31.48
CA ARG G 413 -9.36 7.55 30.82
C ARG G 413 -9.92 8.27 29.61
N ALA G 414 -10.14 9.58 29.73
CA ALA G 414 -10.66 10.38 28.61
C ALA G 414 -9.69 10.40 27.44
N ASN G 415 -8.40 10.56 27.73
CA ASN G 415 -7.34 10.60 26.73
C ASN G 415 -6.98 9.25 26.13
N ASN G 416 -7.36 8.16 26.80
CA ASN G 416 -7.11 6.80 26.30
C ASN G 416 -8.07 6.45 25.17
N SER G 417 -7.82 7.06 24.01
CA SER G 417 -8.70 6.95 22.85
C SER G 417 -7.93 7.28 21.59
N THR G 418 -8.32 6.67 20.48
CA THR G 418 -7.77 7.02 19.18
C THR G 418 -8.41 8.31 18.64
N TYR G 419 -9.48 8.78 19.29
CA TYR G 419 -10.15 10.02 18.90
C TYR G 419 -9.71 11.20 19.78
N GLY G 420 -10.09 12.41 19.36
CA GLY G 420 -9.83 13.61 20.12
C GLY G 420 -10.44 14.83 19.44
N LEU G 421 -11.71 14.74 19.11
CA LEU G 421 -12.42 15.82 18.44
C LEU G 421 -12.81 16.89 19.47
N ALA G 422 -13.41 16.45 20.57
CA ALA G 422 -13.92 17.37 21.57
C ALA G 422 -13.97 16.73 22.95
N ALA G 423 -14.10 17.58 23.95
CA ALA G 423 -14.28 17.15 25.32
C ALA G 423 -14.97 18.27 26.09
N ALA G 424 -15.48 17.94 27.27
CA ALA G 424 -16.10 18.95 28.12
C ALA G 424 -15.92 18.62 29.58
N VAL G 425 -15.91 19.68 30.38
CA VAL G 425 -15.70 19.59 31.81
C VAL G 425 -16.75 20.46 32.50
N PHE G 426 -17.39 19.92 33.53
CA PHE G 426 -18.32 20.67 34.38
C PHE G 426 -17.83 20.69 35.83
N THR G 427 -17.50 21.89 36.32
CA THR G 427 -16.93 22.10 37.64
C THR G 427 -17.00 23.58 38.00
N LYS G 428 -17.06 23.88 39.29
CA LYS G 428 -17.03 25.27 39.76
C LYS G 428 -15.62 25.75 40.06
N ASP G 429 -14.67 24.81 40.13
CA ASP G 429 -13.33 25.11 40.61
C ASP G 429 -12.43 25.61 39.48
N LEU G 430 -11.80 26.76 39.70
CA LEU G 430 -10.91 27.37 38.72
C LEU G 430 -9.74 26.46 38.34
N ASP G 431 -9.07 25.89 39.33
CA ASP G 431 -7.89 25.05 39.07
C ASP G 431 -8.23 23.75 38.34
N LYS G 432 -9.33 23.10 38.73
CA LYS G 432 -9.77 21.89 38.04
C LYS G 432 -10.04 22.16 36.55
N ALA G 433 -10.73 23.27 36.27
CA ALA G 433 -11.07 23.65 34.90
C ALA G 433 -9.82 23.85 34.04
N ASN G 434 -8.83 24.56 34.59
CA ASN G 434 -7.58 24.79 33.89
C ASN G 434 -6.71 23.53 33.78
N TYR G 435 -6.69 22.73 34.84
CA TYR G 435 -5.97 21.44 34.81
C TYR G 435 -6.51 20.55 33.68
N LEU G 436 -7.83 20.40 33.64
CA LEU G 436 -8.46 19.54 32.64
C LEU G 436 -8.40 20.09 31.22
N SER G 437 -8.71 21.37 31.05
CA SER G 437 -8.67 21.98 29.72
C SER G 437 -7.26 21.98 29.11
N GLN G 438 -6.22 22.02 29.95
CA GLN G 438 -4.86 21.85 29.46
C GLN G 438 -4.58 20.39 29.11
N ALA G 439 -5.01 19.47 29.97
CA ALA G 439 -4.60 18.07 29.86
C ALA G 439 -5.39 17.26 28.84
N LEU G 440 -6.62 17.69 28.51
CA LEU G 440 -7.45 16.90 27.60
C LEU G 440 -6.99 17.01 26.13
N GLN G 441 -6.74 15.86 25.50
CA GLN G 441 -6.24 15.80 24.14
C GLN G 441 -7.41 15.85 23.16
N ALA G 442 -7.97 17.05 22.99
CA ALA G 442 -9.11 17.25 22.12
C ALA G 442 -9.02 18.62 21.46
N GLY G 443 -9.68 18.75 20.30
CA GLY G 443 -9.63 19.97 19.50
C GLY G 443 -10.41 21.11 20.11
N THR G 444 -11.48 20.76 20.83
CA THR G 444 -12.28 21.73 21.56
C THR G 444 -12.52 21.18 22.96
N VAL G 445 -12.36 22.03 23.97
CA VAL G 445 -12.73 21.70 25.35
C VAL G 445 -13.72 22.74 25.84
N TRP G 446 -14.99 22.34 25.98
CA TRP G 446 -16.00 23.18 26.57
C TRP G 446 -15.95 23.11 28.09
N VAL G 447 -16.18 24.23 28.74
CA VAL G 447 -16.17 24.28 30.20
C VAL G 447 -17.52 24.83 30.68
N ASN G 448 -18.24 24.02 31.45
CA ASN G 448 -19.62 24.28 31.88
C ASN G 448 -20.61 24.52 30.76
N CYS G 449 -20.35 23.90 29.62
CA CYS G 449 -21.24 23.97 28.47
C CYS G 449 -20.90 22.84 27.51
N TYR G 450 -21.67 22.71 26.44
CA TYR G 450 -21.40 21.70 25.43
C TYR G 450 -21.96 22.16 24.09
N ASP G 451 -21.32 21.74 23.01
CA ASP G 451 -21.78 22.04 21.66
C ASP G 451 -21.97 23.53 21.42
N VAL G 452 -21.04 24.32 21.94
CA VAL G 452 -21.08 25.76 21.75
C VAL G 452 -20.14 26.08 20.60
N PHE G 453 -20.72 26.22 19.43
CA PHE G 453 -20.00 26.55 18.21
C PHE G 453 -20.17 28.01 17.90
N GLY G 454 -19.09 28.64 17.47
CA GLY G 454 -19.13 29.99 16.92
C GLY G 454 -18.30 30.03 15.66
N ALA G 455 -18.76 30.80 14.68
CA ALA G 455 -18.04 31.00 13.43
C ALA G 455 -16.61 31.50 13.67
N GLN G 456 -16.39 32.11 14.84
CA GLN G 456 -15.15 32.76 15.18
C GLN G 456 -14.08 31.83 15.76
N SER G 457 -14.51 30.72 16.37
CA SER G 457 -13.57 29.82 17.05
C SER G 457 -13.36 28.53 16.26
N PRO G 458 -12.09 28.10 16.09
CA PRO G 458 -11.81 26.93 15.25
C PRO G 458 -12.28 25.60 15.84
N PHE G 459 -12.55 24.63 14.98
CA PHE G 459 -13.03 23.31 15.39
C PHE G 459 -12.33 22.27 14.53
N GLY G 460 -11.93 21.16 15.15
CA GLY G 460 -11.25 20.08 14.43
C GLY G 460 -10.66 19.04 15.35
N GLY G 461 -10.02 18.04 14.74
CA GLY G 461 -9.62 16.84 15.46
C GLY G 461 -8.18 16.77 15.93
N TYR G 462 -7.98 16.13 17.07
CA TYR G 462 -6.69 15.57 17.47
C TYR G 462 -6.68 14.11 17.04
N LYS G 463 -5.50 13.52 17.00
CA LYS G 463 -5.36 12.09 16.66
C LYS G 463 -6.12 11.73 15.38
N MET G 464 -6.97 10.70 15.44
CA MET G 464 -7.68 10.23 14.26
C MET G 464 -9.10 10.79 14.14
N SER G 465 -9.34 11.93 14.81
CA SER G 465 -10.58 12.68 14.62
C SER G 465 -10.46 13.67 13.46
N GLY G 466 -9.24 13.83 12.93
CA GLY G 466 -9.01 14.66 11.76
C GLY G 466 -7.69 15.40 11.75
N SER G 467 -7.56 16.35 10.84
CA SER G 467 -6.41 17.24 10.76
C SER G 467 -6.84 18.51 10.04
N GLY G 468 -6.19 19.62 10.39
CA GLY G 468 -6.64 20.94 9.97
C GLY G 468 -7.78 21.40 10.87
N ARG G 469 -8.14 22.66 10.74
CA ARG G 469 -9.20 23.24 11.54
C ARG G 469 -10.14 24.01 10.64
N GLU G 470 -11.41 23.98 11.00
CA GLU G 470 -12.42 24.73 10.28
C GLU G 470 -12.96 25.81 11.21
N LEU G 471 -13.58 26.83 10.62
CA LEU G 471 -14.07 28.02 11.34
C LEU G 471 -12.91 28.91 11.82
N GLY G 472 -13.25 30.16 12.13
CA GLY G 472 -12.28 31.15 12.59
C GLY G 472 -11.29 31.56 11.52
N GLU G 473 -10.23 32.24 11.96
CA GLU G 473 -9.12 32.61 11.08
C GLU G 473 -8.42 31.35 10.56
N TYR G 474 -8.37 30.33 11.42
CA TYR G 474 -7.69 29.07 11.10
C TYR G 474 -8.29 28.37 9.89
N GLY G 475 -9.60 28.52 9.70
CA GLY G 475 -10.32 27.91 8.58
C GLY G 475 -9.85 28.40 7.21
N LEU G 476 -9.15 29.52 7.17
CA LEU G 476 -8.60 30.07 5.92
C LEU G 476 -7.26 29.44 5.53
N GLN G 477 -6.57 28.82 6.49
CA GLN G 477 -5.21 28.36 6.27
C GLN G 477 -5.14 27.34 5.15
N ALA G 478 -6.03 26.34 5.20
CA ALA G 478 -6.04 25.25 4.22
C ALA G 478 -6.45 25.67 2.80
N TYR G 479 -6.97 26.90 2.66
CA TYR G 479 -7.44 27.39 1.37
C TYR G 479 -6.53 28.47 0.78
N THR G 480 -5.33 28.58 1.35
CA THR G 480 -4.35 29.56 0.94
C THR G 480 -3.08 28.84 0.49
N GLU G 481 -2.55 29.22 -0.67
CA GLU G 481 -1.21 28.81 -1.09
C GLU G 481 -0.27 30.03 -1.00
N VAL G 482 0.81 29.86 -0.25
CA VAL G 482 1.69 30.96 0.12
C VAL G 482 2.82 31.11 -0.90
N LYS G 483 2.90 32.30 -1.51
CA LYS G 483 3.96 32.62 -2.46
C LYS G 483 4.87 33.67 -1.85
N THR G 484 6.16 33.35 -1.79
CA THR G 484 7.20 34.29 -1.41
C THR G 484 7.73 34.99 -2.67
N VAL G 485 7.70 36.31 -2.67
CA VAL G 485 8.35 37.07 -3.72
C VAL G 485 9.52 37.82 -3.08
N THR G 486 10.71 37.63 -3.62
CA THR G 486 11.93 38.19 -3.03
C THR G 486 12.66 38.96 -4.12
N VAL G 487 12.78 40.27 -3.89
CA VAL G 487 13.15 41.21 -4.93
C VAL G 487 14.45 41.92 -4.54
N LYS G 488 15.45 41.81 -5.40
CA LYS G 488 16.67 42.57 -5.22
C LYS G 488 16.36 44.07 -5.33
N VAL G 489 16.92 44.84 -4.39
CA VAL G 489 16.74 46.29 -4.35
C VAL G 489 18.09 46.98 -4.20
N PRO G 490 18.20 48.25 -4.60
CA PRO G 490 19.50 48.94 -4.60
C PRO G 490 20.18 48.98 -3.23
N GLN G 491 19.45 49.38 -2.19
CA GLN G 491 20.00 49.44 -0.84
C GLN G 491 18.93 49.28 0.23
N LYS G 492 18.96 48.17 0.96
CA LYS G 492 17.98 47.90 2.01
C LYS G 492 18.24 48.76 3.25
N ASN G 493 17.20 49.42 3.72
CA ASN G 493 17.23 50.11 5.00
C ASN G 493 16.03 49.68 5.82
N SER G 494 16.13 49.81 7.13
CA SER G 494 15.01 49.51 8.02
C SER G 494 13.86 50.50 7.81
N ALA H 1 36.63 35.72 5.58
CA ALA H 1 37.91 34.99 5.78
C ALA H 1 37.64 33.59 6.32
N VAL H 2 38.03 32.57 5.55
CA VAL H 2 37.79 31.18 5.92
C VAL H 2 39.06 30.55 6.49
N PRO H 3 38.96 29.89 7.66
CA PRO H 3 40.10 29.14 8.21
C PRO H 3 40.54 27.96 7.34
N ALA H 4 41.84 27.66 7.34
CA ALA H 4 42.35 26.53 6.58
C ALA H 4 41.69 25.24 7.07
N PRO H 5 41.29 24.36 6.14
CA PRO H 5 40.58 23.14 6.55
C PRO H 5 41.49 21.99 6.94
N ASN H 6 41.11 21.26 7.99
CA ASN H 6 41.61 19.91 8.20
C ASN H 6 40.97 19.02 7.15
N GLN H 7 41.77 18.53 6.20
CA GLN H 7 41.26 17.79 5.06
C GLN H 7 40.95 16.33 5.36
N GLN H 8 41.48 15.83 6.49
CA GLN H 8 41.18 14.49 6.98
C GLN H 8 40.61 14.58 8.40
N PRO H 9 39.40 15.16 8.53
CA PRO H 9 38.84 15.39 9.86
C PRO H 9 38.42 14.09 10.52
N GLU H 10 38.58 14.02 11.83
CA GLU H 10 38.29 12.80 12.57
C GLU H 10 36.79 12.66 12.76
N VAL H 11 36.30 11.43 12.63
CA VAL H 11 34.90 11.11 12.90
C VAL H 11 34.76 10.67 14.36
N PHE H 12 33.89 11.35 15.10
CA PHE H 12 33.62 11.03 16.51
C PHE H 12 32.27 10.36 16.74
N CYS H 13 31.29 10.64 15.88
CA CYS H 13 29.92 10.15 16.08
C CYS H 13 29.47 9.33 14.90
N ASN H 14 29.18 8.05 15.13
CA ASN H 14 28.78 7.15 14.05
C ASN H 14 27.74 6.10 14.47
N GLN H 15 26.94 6.44 15.47
CA GLN H 15 25.97 5.54 16.07
C GLN H 15 24.56 6.13 16.00
N ILE H 16 23.59 5.39 16.53
CA ILE H 16 22.21 5.84 16.65
C ILE H 16 22.05 6.64 17.96
N PHE H 17 21.37 7.77 17.88
CA PHE H 17 21.24 8.71 19.01
C PHE H 17 19.84 8.62 19.59
N ILE H 18 19.76 8.05 20.80
CA ILE H 18 18.48 7.93 21.51
C ILE H 18 18.70 8.30 22.97
N ASN H 19 17.80 9.11 23.53
CA ASN H 19 17.89 9.58 24.90
C ASN H 19 19.26 10.15 25.27
N ASN H 20 19.81 10.97 24.38
CA ASN H 20 21.13 11.57 24.57
C ASN H 20 22.24 10.53 24.78
N GLU H 21 22.03 9.32 24.28
CA GLU H 21 23.03 8.26 24.36
C GLU H 21 23.29 7.70 22.97
N TRP H 22 24.51 7.22 22.75
CA TRP H 22 24.88 6.59 21.49
C TRP H 22 24.64 5.10 21.58
N HIS H 23 24.00 4.55 20.56
CA HIS H 23 23.60 3.14 20.54
C HIS H 23 24.01 2.49 19.24
N ASP H 24 24.44 1.23 19.33
CA ASP H 24 24.55 0.39 18.14
C ASP H 24 23.14 0.02 17.70
N ALA H 25 22.99 -0.33 16.43
CA ALA H 25 21.72 -0.90 15.97
C ALA H 25 21.47 -2.19 16.74
N VAL H 26 20.20 -2.56 16.90
CA VAL H 26 19.84 -3.81 17.60
C VAL H 26 20.53 -4.98 16.90
N SER H 27 20.49 -4.95 15.57
CA SER H 27 21.13 -5.96 14.73
C SER H 27 22.66 -5.91 14.78
N ARG H 28 23.20 -4.78 15.25
CA ARG H 28 24.65 -4.52 15.28
C ARG H 28 25.24 -4.28 13.89
N LYS H 29 24.37 -4.10 12.90
CA LYS H 29 24.82 -3.86 11.53
C LYS H 29 25.34 -2.43 11.34
N THR H 30 26.33 -2.29 10.47
CA THR H 30 26.85 -1.00 10.08
C THR H 30 26.89 -0.90 8.57
N PHE H 31 26.88 0.33 8.07
CA PHE H 31 27.06 0.59 6.64
C PHE H 31 28.20 1.59 6.43
N PRO H 32 28.93 1.45 5.33
CA PRO H 32 30.00 2.40 5.05
C PRO H 32 29.47 3.66 4.37
N THR H 33 30.01 4.81 4.74
CA THR H 33 29.74 6.05 4.03
C THR H 33 31.00 6.44 3.25
N VAL H 34 30.79 6.91 2.02
CA VAL H 34 31.87 7.10 1.04
C VAL H 34 32.18 8.58 0.81
N ASN H 35 33.47 8.89 0.70
CA ASN H 35 33.94 10.22 0.32
C ASN H 35 33.78 10.31 -1.20
N PRO H 36 32.87 11.20 -1.68
CA PRO H 36 32.59 11.23 -3.12
C PRO H 36 33.71 11.83 -3.99
N SER H 37 34.58 12.61 -3.39
CA SER H 37 35.81 13.10 -4.04
C SER H 37 36.82 12.00 -4.35
N THR H 38 36.90 10.98 -3.51
CA THR H 38 37.87 9.87 -3.70
C THR H 38 37.25 8.51 -4.00
N GLY H 39 35.97 8.34 -3.72
CA GLY H 39 35.32 7.03 -3.83
C GLY H 39 35.70 6.07 -2.71
N GLU H 40 36.40 6.56 -1.70
CA GLU H 40 36.89 5.73 -0.60
C GLU H 40 35.96 5.82 0.60
N VAL H 41 35.94 4.76 1.40
CA VAL H 41 35.11 4.71 2.60
C VAL H 41 35.71 5.59 3.69
N ILE H 42 34.88 6.48 4.24
CA ILE H 42 35.28 7.32 5.35
C ILE H 42 35.25 6.50 6.63
N CYS H 43 34.10 5.90 6.93
CA CYS H 43 33.95 5.03 8.08
C CYS H 43 32.63 4.27 7.98
N GLN H 44 32.37 3.42 8.98
CA GLN H 44 31.12 2.67 9.05
C GLN H 44 30.17 3.37 10.02
N VAL H 45 28.87 3.20 9.80
CA VAL H 45 27.84 3.89 10.58
C VAL H 45 26.75 2.90 10.98
N ALA H 46 26.20 3.07 12.18
CA ALA H 46 25.15 2.20 12.67
C ALA H 46 23.96 2.24 11.71
N GLU H 47 23.54 1.07 11.24
CA GLU H 47 22.43 0.95 10.33
C GLU H 47 21.15 0.72 11.11
N GLY H 48 20.45 1.80 11.41
CA GLY H 48 19.18 1.72 12.12
C GLY H 48 18.08 1.16 11.24
N ASP H 49 17.23 0.34 11.83
CA ASP H 49 16.10 -0.27 11.13
C ASP H 49 14.82 -0.07 11.96
N LYS H 50 13.75 -0.78 11.61
CA LYS H 50 12.43 -0.65 12.24
C LYS H 50 12.47 -0.69 13.77
N GLU H 51 13.23 -1.64 14.31
CA GLU H 51 13.30 -1.81 15.77
C GLU H 51 14.00 -0.64 16.46
N ASP H 52 14.95 -0.01 15.77
CA ASP H 52 15.66 1.15 16.31
C ASP H 52 14.76 2.38 16.26
N VAL H 53 14.02 2.53 15.17
CA VAL H 53 13.00 3.57 15.05
C VAL H 53 11.97 3.42 16.17
N ASP H 54 11.56 2.18 16.45
CA ASP H 54 10.62 1.92 17.53
C ASP H 54 11.17 2.40 18.88
N LYS H 55 12.44 2.10 19.16
CA LYS H 55 13.08 2.59 20.39
C LYS H 55 13.09 4.12 20.44
N ALA H 56 13.40 4.75 19.32
CA ALA H 56 13.48 6.21 19.23
C ALA H 56 12.13 6.87 19.47
N VAL H 57 11.09 6.28 18.89
CA VAL H 57 9.72 6.81 19.02
C VAL H 57 9.23 6.73 20.47
N LYS H 58 9.52 5.62 21.15
CA LYS H 58 9.13 5.47 22.56
C LYS H 58 9.87 6.45 23.46
N ALA H 59 11.13 6.75 23.14
CA ALA H 59 11.90 7.76 23.87
C ALA H 59 11.33 9.16 23.68
N ALA H 60 10.92 9.48 22.45
CA ALA H 60 10.27 10.76 22.17
C ALA H 60 8.91 10.88 22.86
N ARG H 61 8.12 9.81 22.81
CA ARG H 61 6.79 9.82 23.45
C ARG H 61 6.93 10.03 24.95
N ALA H 62 7.87 9.32 25.57
CA ALA H 62 8.13 9.49 27.00
C ALA H 62 8.57 10.91 27.33
N ALA H 63 9.39 11.51 26.46
CA ALA H 63 9.87 12.89 26.70
C ALA H 63 8.78 13.93 26.47
N PHE H 64 7.75 13.59 25.69
CA PHE H 64 6.63 14.49 25.42
C PHE H 64 5.49 14.35 26.44
N GLN H 65 5.61 13.38 27.35
CA GLN H 65 4.58 13.15 28.36
C GLN H 65 4.30 14.37 29.21
N LEU H 66 3.02 14.58 29.50
CA LEU H 66 2.60 15.70 30.34
C LEU H 66 3.40 15.68 31.65
N GLY H 67 3.88 16.84 32.06
CA GLY H 67 4.72 16.96 33.25
C GLY H 67 6.18 16.60 33.07
N SER H 68 6.60 16.30 31.83
CA SER H 68 8.01 15.99 31.56
C SER H 68 8.83 17.27 31.63
N PRO H 69 10.15 17.14 31.79
CA PRO H 69 10.97 18.35 31.81
C PRO H 69 10.80 19.20 30.54
N TRP H 70 10.69 18.55 29.39
CA TRP H 70 10.50 19.23 28.12
C TRP H 70 9.13 19.92 28.00
N ARG H 71 8.09 19.32 28.58
CA ARG H 71 6.74 19.90 28.51
C ARG H 71 6.56 21.07 29.46
N ARG H 72 7.18 20.98 30.64
CA ARG H 72 7.07 22.01 31.67
C ARG H 72 8.00 23.19 31.43
N MET H 73 9.08 22.96 30.69
CA MET H 73 10.08 23.98 30.41
C MET H 73 9.44 25.24 29.84
N ASP H 74 9.90 26.40 30.30
CA ASP H 74 9.41 27.69 29.80
C ASP H 74 9.65 27.78 28.31
N ALA H 75 8.72 28.43 27.61
CA ALA H 75 8.85 28.66 26.18
C ALA H 75 10.13 29.43 25.85
N SER H 76 10.45 30.40 26.70
CA SER H 76 11.65 31.21 26.54
C SER H 76 12.94 30.40 26.68
N HIS H 77 12.90 29.36 27.52
CA HIS H 77 14.06 28.51 27.75
C HIS H 77 14.33 27.60 26.55
N ARG H 78 13.27 27.16 25.88
CA ARG H 78 13.39 26.44 24.62
C ARG H 78 14.19 27.29 23.62
N GLY H 79 13.89 28.59 23.59
CA GLY H 79 14.67 29.54 22.80
C GLY H 79 16.13 29.61 23.23
N ARG H 80 16.37 29.67 24.54
CA ARG H 80 17.73 29.69 25.08
C ARG H 80 18.54 28.47 24.65
N LEU H 81 17.90 27.30 24.63
CA LEU H 81 18.57 26.06 24.23
C LEU H 81 18.90 26.06 22.74
N LEU H 82 18.04 26.65 21.92
CA LEU H 82 18.29 26.76 20.48
C LEU H 82 19.44 27.74 20.19
N ASN H 83 19.44 28.88 20.88
CA ASN H 83 20.59 29.80 20.78
C ASN H 83 21.91 29.15 21.22
N ARG H 84 21.83 28.34 22.27
CA ARG H 84 23.00 27.63 22.78
C ARG H 84 23.50 26.60 21.77
N LEU H 85 22.59 25.80 21.21
CA LEU H 85 22.95 24.87 20.12
C LEU H 85 23.63 25.59 18.96
N ALA H 86 23.10 26.75 18.58
CA ALA H 86 23.71 27.55 17.52
C ALA H 86 25.12 28.01 17.89
N ASP H 87 25.32 28.42 19.13
CA ASP H 87 26.64 28.83 19.60
C ASP H 87 27.63 27.66 19.54
N LEU H 88 27.15 26.46 19.87
CA LEU H 88 27.99 25.28 19.83
C LEU H 88 28.36 24.91 18.38
N ILE H 89 27.39 25.00 17.47
CA ILE H 89 27.65 24.77 16.05
C ILE H 89 28.67 25.78 15.50
N GLU H 90 28.51 27.06 15.84
CA GLU H 90 29.44 28.10 15.38
C GLU H 90 30.84 27.85 15.95
N ARG H 91 30.91 27.45 17.21
CA ARG H 91 32.17 27.05 17.84
C ARG H 91 32.89 25.98 16.99
N ASP H 92 32.13 25.01 16.49
CA ASP H 92 32.70 23.89 15.72
C ASP H 92 32.48 24.05 14.22
N ARG H 93 32.41 25.31 13.76
CA ARG H 93 32.13 25.62 12.38
C ARG H 93 33.21 25.10 11.41
N THR H 94 34.47 25.31 11.77
CA THR H 94 35.58 24.90 10.93
C THR H 94 35.59 23.39 10.78
N TYR H 95 35.42 22.68 11.90
CA TYR H 95 35.29 21.24 11.88
C TYR H 95 34.06 20.77 11.09
N LEU H 96 32.89 21.34 11.39
CA LEU H 96 31.64 20.90 10.76
C LEU H 96 31.62 21.15 9.25
N ALA H 97 32.24 22.23 8.79
CA ALA H 97 32.32 22.51 7.36
C ALA H 97 33.15 21.47 6.62
N ALA H 98 34.32 21.14 7.19
CA ALA H 98 35.21 20.12 6.59
C ALA H 98 34.51 18.76 6.49
N LEU H 99 33.94 18.31 7.60
CA LEU H 99 33.23 17.02 7.62
C LEU H 99 32.07 17.03 6.62
N GLU H 100 31.43 18.17 6.42
CA GLU H 100 30.37 18.31 5.43
C GLU H 100 30.94 18.08 4.04
N THR H 101 32.09 18.69 3.77
CA THR H 101 32.73 18.54 2.47
C THR H 101 33.21 17.10 2.23
N LEU H 102 33.80 16.49 3.25
CA LEU H 102 34.29 15.11 3.16
C LEU H 102 33.20 14.13 2.77
N ASP H 103 32.04 14.28 3.40
CA ASP H 103 30.92 13.34 3.25
C ASP H 103 30.02 13.71 2.07
N ASN H 104 29.82 15.01 1.84
CA ASN H 104 28.91 15.46 0.80
C ASN H 104 29.59 15.71 -0.54
N GLY H 105 30.76 16.34 -0.50
CA GLY H 105 31.51 16.66 -1.73
C GLY H 105 31.53 18.14 -2.10
N LYS H 106 30.64 18.93 -1.51
CA LYS H 106 30.59 20.37 -1.82
C LYS H 106 31.87 21.09 -1.38
N PRO H 107 32.25 22.16 -2.10
CA PRO H 107 33.48 22.91 -1.78
C PRO H 107 33.48 23.43 -0.35
N TYR H 108 34.59 23.19 0.35
CA TYR H 108 34.74 23.62 1.75
C TYR H 108 34.39 25.10 1.95
N VAL H 109 34.84 25.96 1.03
CA VAL H 109 34.56 27.40 1.09
C VAL H 109 33.06 27.65 1.19
N ILE H 110 32.29 26.92 0.39
CA ILE H 110 30.83 27.03 0.39
C ILE H 110 30.23 26.44 1.68
N SER H 111 30.70 25.27 2.09
CA SER H 111 30.29 24.67 3.36
C SER H 111 30.47 25.64 4.52
N TYR H 112 31.62 26.30 4.58
CA TYR H 112 31.94 27.21 5.67
C TYR H 112 31.16 28.52 5.57
N LEU H 113 31.17 29.15 4.40
CA LEU H 113 30.60 30.49 4.25
C LEU H 113 29.08 30.49 4.01
N VAL H 114 28.56 29.43 3.40
CA VAL H 114 27.14 29.36 3.06
C VAL H 114 26.38 28.42 4.00
N ASP H 115 26.56 27.11 3.84
CA ASP H 115 25.83 26.10 4.64
C ASP H 115 25.85 26.39 6.13
N LEU H 116 27.05 26.50 6.71
CA LEU H 116 27.19 26.70 8.16
C LEU H 116 26.62 28.04 8.59
N ASP H 117 26.76 29.06 7.76
CA ASP H 117 26.19 30.36 8.06
C ASP H 117 24.67 30.29 8.16
N MET H 118 24.03 29.66 7.15
CA MET H 118 22.57 29.56 7.09
C MET H 118 22.00 28.66 8.19
N VAL H 119 22.75 27.62 8.55
CA VAL H 119 22.42 26.78 9.71
C VAL H 119 22.27 27.65 10.95
N LEU H 120 23.29 28.46 11.21
CA LEU H 120 23.32 29.31 12.39
C LEU H 120 22.16 30.29 12.37
N LYS H 121 21.92 30.90 11.22
CA LYS H 121 20.84 31.86 11.06
C LYS H 121 19.46 31.21 11.25
N CYS H 122 19.27 29.99 10.75
CA CYS H 122 17.99 29.29 10.88
C CYS H 122 17.64 29.04 12.35
N LEU H 123 18.60 28.51 13.10
CA LEU H 123 18.39 28.14 14.50
C LEU H 123 18.20 29.38 15.39
N ARG H 124 18.99 30.41 15.15
CA ARG H 124 18.85 31.67 15.88
C ARG H 124 17.55 32.39 15.55
N TYR H 125 17.10 32.25 14.31
CA TYR H 125 15.79 32.76 13.94
C TYR H 125 14.68 32.06 14.73
N TYR H 126 14.69 30.73 14.75
CA TYR H 126 13.60 30.00 15.40
C TYR H 126 13.64 30.06 16.93
N ALA H 127 14.84 30.21 17.49
CA ALA H 127 15.00 30.43 18.93
C ALA H 127 14.15 31.63 19.38
N GLY H 128 14.05 32.63 18.50
CA GLY H 128 13.24 33.81 18.77
C GLY H 128 11.74 33.57 18.70
N TRP H 129 11.32 32.56 17.93
CA TRP H 129 9.89 32.24 17.81
C TRP H 129 9.35 31.43 19.01
N ALA H 130 10.25 30.84 19.80
CA ALA H 130 9.84 29.91 20.84
C ALA H 130 8.67 30.40 21.69
N ASP H 131 8.72 31.66 22.12
CA ASP H 131 7.76 32.21 23.06
C ASP H 131 6.94 33.33 22.43
N LYS H 132 6.74 33.26 21.12
CA LYS H 132 6.07 34.35 20.39
C LYS H 132 4.92 33.92 19.47
N TYR H 133 4.69 32.60 19.36
CA TYR H 133 3.64 32.09 18.48
C TYR H 133 2.35 31.95 19.27
N HIS H 134 1.70 33.09 19.48
CA HIS H 134 0.57 33.22 20.39
C HIS H 134 -0.68 32.58 19.80
N GLY H 135 -1.52 32.01 20.67
CA GLY H 135 -2.88 31.67 20.31
C GLY H 135 -3.72 32.93 20.39
N LYS H 136 -5.04 32.77 20.39
CA LYS H 136 -5.95 33.91 20.30
C LYS H 136 -7.04 33.90 21.39
N THR H 137 -7.52 35.07 21.77
CA THR H 137 -8.77 35.20 22.52
C THR H 137 -9.79 35.75 21.53
N ILE H 138 -10.95 35.09 21.47
CA ILE H 138 -11.87 35.17 20.35
C ILE H 138 -13.25 35.66 20.81
N PRO H 139 -13.77 36.75 20.21
CA PRO H 139 -15.04 37.33 20.66
C PRO H 139 -16.26 36.56 20.14
N ILE H 140 -16.45 35.36 20.67
CA ILE H 140 -17.53 34.46 20.27
C ILE H 140 -18.90 35.00 20.73
N ASP H 141 -19.97 34.59 20.03
CA ASP H 141 -21.35 34.92 20.44
C ASP H 141 -21.71 34.31 21.81
N GLY H 142 -22.60 34.98 22.53
CA GLY H 142 -23.18 34.44 23.77
C GLY H 142 -22.33 34.71 24.99
N ASP H 143 -22.76 34.17 26.13
CA ASP H 143 -22.03 34.36 27.38
C ASP H 143 -20.92 33.33 27.55
N PHE H 144 -19.88 33.51 26.75
CA PHE H 144 -18.73 32.60 26.74
C PHE H 144 -17.42 33.37 26.58
N PHE H 145 -16.37 32.80 27.15
CA PHE H 145 -15.00 33.20 26.89
C PHE H 145 -14.38 32.06 26.09
N SER H 146 -13.98 32.36 24.86
CA SER H 146 -13.36 31.39 23.98
C SER H 146 -11.93 31.84 23.65
N TYR H 147 -11.01 30.88 23.61
CA TYR H 147 -9.61 31.13 23.26
C TYR H 147 -8.96 29.89 22.66
N THR H 148 -7.82 30.06 22.00
CA THR H 148 -7.08 28.92 21.48
C THR H 148 -5.72 28.75 22.12
N ARG H 149 -5.34 27.49 22.33
CA ARG H 149 -4.01 27.10 22.76
C ARG H 149 -3.27 26.54 21.55
N HIS H 150 -2.07 27.06 21.31
CA HIS H 150 -1.22 26.57 20.24
C HIS H 150 -0.27 25.53 20.82
N GLU H 151 -0.73 24.29 20.85
CA GLU H 151 0.02 23.19 21.45
C GLU H 151 0.99 22.57 20.44
N PRO H 152 1.98 21.80 20.94
CA PRO H 152 2.87 21.09 20.03
C PRO H 152 2.14 19.91 19.41
N VAL H 153 2.46 19.60 18.15
CA VAL H 153 1.81 18.48 17.46
C VAL H 153 2.17 17.14 18.09
N GLY H 154 3.38 17.01 18.62
CA GLY H 154 3.79 15.82 19.36
C GLY H 154 5.10 15.22 18.85
N VAL H 155 5.07 13.91 18.59
CA VAL H 155 6.24 13.20 18.07
C VAL H 155 6.33 13.41 16.56
N CYS H 156 7.41 14.08 16.13
CA CYS H 156 7.57 14.48 14.76
C CYS H 156 8.65 13.64 14.09
N GLY H 157 8.25 12.87 13.09
CA GLY H 157 9.18 12.13 12.25
C GLY H 157 9.70 13.03 11.16
N GLN H 158 11.02 13.19 11.10
CA GLN H 158 11.66 14.10 10.15
C GLN H 158 12.69 13.35 9.30
N ILE H 159 12.56 13.43 7.98
CA ILE H 159 13.40 12.68 7.06
C ILE H 159 14.10 13.65 6.11
N ILE H 160 15.43 13.70 6.18
CA ILE H 160 16.17 14.72 5.43
C ILE H 160 17.13 14.17 4.37
N PRO H 161 17.29 14.90 3.27
CA PRO H 161 18.08 14.47 2.13
C PRO H 161 19.58 14.73 2.29
N TRP H 162 20.35 14.40 1.27
CA TRP H 162 21.80 14.45 1.33
C TRP H 162 22.41 15.71 0.72
N ASN H 163 21.59 16.53 0.05
CA ASN H 163 22.13 17.66 -0.72
C ASN H 163 22.60 18.85 0.15
N PHE H 164 21.90 19.10 1.25
CA PHE H 164 22.33 20.11 2.25
C PHE H 164 22.16 19.52 3.64
N PRO H 165 23.08 18.63 4.05
CA PRO H 165 22.87 17.81 5.26
C PRO H 165 22.63 18.58 6.56
N LEU H 166 23.52 19.50 6.90
CA LEU H 166 23.41 20.26 8.15
C LEU H 166 22.25 21.23 8.12
N LEU H 167 22.13 21.95 7.01
CA LEU H 167 21.12 22.97 6.87
C LEU H 167 19.69 22.40 6.91
N MET H 168 19.48 21.24 6.30
CA MET H 168 18.15 20.62 6.28
C MET H 168 17.78 20.05 7.65
N GLN H 169 18.78 19.62 8.41
CA GLN H 169 18.59 19.27 9.81
C GLN H 169 18.06 20.49 10.58
N ALA H 170 18.68 21.65 10.34
CA ALA H 170 18.33 22.89 11.04
C ALA H 170 16.91 23.37 10.69
N TRP H 171 16.61 23.35 9.40
CA TRP H 171 15.27 23.68 8.89
C TRP H 171 14.16 22.85 9.56
N LYS H 172 14.47 21.61 9.90
CA LYS H 172 13.52 20.71 10.57
C LYS H 172 13.50 20.94 12.08
N LEU H 173 14.68 20.99 12.71
CA LEU H 173 14.77 21.06 14.17
C LEU H 173 14.31 22.39 14.74
N GLY H 174 14.72 23.49 14.11
CA GLY H 174 14.36 24.84 14.56
C GLY H 174 12.88 25.05 14.85
N PRO H 175 12.02 24.87 13.83
CA PRO H 175 10.60 25.10 14.07
C PRO H 175 9.97 24.05 15.01
N ALA H 176 10.37 22.79 14.86
CA ALA H 176 9.90 21.71 15.72
C ALA H 176 10.21 21.96 17.20
N LEU H 177 11.46 22.32 17.49
CA LEU H 177 11.90 22.50 18.88
C LEU H 177 11.43 23.83 19.49
N ALA H 178 11.29 24.86 18.65
CA ALA H 178 10.78 26.15 19.12
C ALA H 178 9.34 26.03 19.61
N THR H 179 8.58 25.12 19.03
CA THR H 179 7.17 24.92 19.40
C THR H 179 6.97 23.78 20.40
N GLY H 180 8.05 23.22 20.92
CA GLY H 180 7.97 22.22 22.00
C GLY H 180 7.69 20.79 21.56
N ASN H 181 7.92 20.49 20.29
CA ASN H 181 7.75 19.11 19.80
C ASN H 181 8.95 18.24 20.19
N VAL H 182 8.83 16.94 19.89
CA VAL H 182 9.96 16.01 20.03
C VAL H 182 10.20 15.36 18.67
N VAL H 183 11.42 14.89 18.44
CA VAL H 183 11.84 14.54 17.10
C VAL H 183 12.48 13.16 17.01
N VAL H 184 12.13 12.42 15.96
CA VAL H 184 12.85 11.23 15.56
C VAL H 184 13.29 11.51 14.14
N MET H 185 14.59 11.74 13.96
CA MET H 185 15.12 12.18 12.68
C MET H 185 15.83 11.05 11.97
N LYS H 186 15.58 10.95 10.66
CA LYS H 186 16.24 9.97 9.81
C LYS H 186 17.12 10.77 8.86
N VAL H 187 18.43 10.60 9.00
CA VAL H 187 19.39 11.30 8.16
C VAL H 187 19.76 10.44 6.95
N ALA H 188 20.24 11.07 5.88
CA ALA H 188 20.54 10.36 4.64
C ALA H 188 21.75 9.45 4.79
N GLU H 189 21.66 8.24 4.23
CA GLU H 189 22.75 7.27 4.32
C GLU H 189 24.04 7.77 3.65
N GLN H 190 23.87 8.63 2.65
CA GLN H 190 25.00 9.21 1.93
C GLN H 190 25.74 10.22 2.80
N THR H 191 25.02 10.92 3.67
CA THR H 191 25.58 12.04 4.44
C THR H 191 25.07 12.08 5.88
N PRO H 192 25.35 11.02 6.67
CA PRO H 192 24.86 10.98 8.04
C PRO H 192 25.78 11.65 9.07
N LEU H 193 27.07 11.78 8.76
CA LEU H 193 28.07 12.13 9.78
C LEU H 193 27.87 13.48 10.46
N THR H 194 27.72 14.56 9.70
CA THR H 194 27.61 15.89 10.30
C THR H 194 26.40 16.03 11.23
N ALA H 195 25.28 15.42 10.87
CA ALA H 195 24.08 15.44 11.70
C ALA H 195 24.29 14.74 13.03
N LEU H 196 25.05 13.65 13.01
CA LEU H 196 25.32 12.88 14.22
C LEU H 196 26.22 13.66 15.17
N TYR H 197 27.22 14.35 14.63
CA TYR H 197 28.03 15.25 15.46
C TYR H 197 27.16 16.34 16.12
N VAL H 198 26.15 16.84 15.40
CA VAL H 198 25.26 17.89 15.96
C VAL H 198 24.40 17.35 17.12
N ALA H 199 24.04 16.08 17.07
CA ALA H 199 23.31 15.43 18.16
C ALA H 199 24.13 15.51 19.45
N ASN H 200 25.44 15.30 19.31
CA ASN H 200 26.37 15.50 20.42
C ASN H 200 26.27 16.91 20.99
N LEU H 201 26.14 17.91 20.11
CA LEU H 201 25.96 19.30 20.52
C LEU H 201 24.56 19.57 21.10
N ILE H 202 23.55 18.83 20.63
CA ILE H 202 22.21 18.91 21.23
C ILE H 202 22.28 18.48 22.70
N LYS H 203 22.95 17.36 22.96
CA LYS H 203 23.19 16.94 24.35
C LYS H 203 24.01 17.97 25.13
N GLU H 204 25.13 18.42 24.56
CA GLU H 204 25.96 19.44 25.21
C GLU H 204 25.15 20.71 25.55
N ALA H 205 24.25 21.09 24.64
CA ALA H 205 23.41 22.28 24.81
C ALA H 205 22.47 22.20 26.02
N GLY H 206 22.07 20.98 26.40
CA GLY H 206 21.22 20.77 27.57
C GLY H 206 19.79 20.37 27.25
N PHE H 207 19.53 19.96 26.00
CA PHE H 207 18.19 19.45 25.63
C PHE H 207 17.89 18.15 26.41
N PRO H 208 16.69 18.02 27.00
CA PRO H 208 16.41 16.79 27.75
C PRO H 208 16.48 15.52 26.89
N PRO H 209 16.71 14.35 27.54
CA PRO H 209 16.81 13.10 26.77
C PRO H 209 15.52 12.72 26.04
N GLY H 210 15.64 12.35 24.77
CA GLY H 210 14.50 11.90 23.98
C GLY H 210 13.81 13.01 23.21
N VAL H 211 14.25 14.25 23.39
CA VAL H 211 13.68 15.39 22.69
C VAL H 211 14.11 15.37 21.23
N VAL H 212 15.38 15.08 20.98
CA VAL H 212 15.85 14.78 19.62
C VAL H 212 16.55 13.43 19.59
N ASN H 213 16.08 12.57 18.70
CA ASN H 213 16.69 11.28 18.45
C ASN H 213 16.99 11.18 16.97
N ILE H 214 18.11 10.56 16.62
CA ILE H 214 18.56 10.48 15.22
C ILE H 214 18.95 9.05 14.88
N VAL H 215 18.27 8.50 13.89
CA VAL H 215 18.49 7.14 13.43
C VAL H 215 19.09 7.19 12.03
N PRO H 216 20.40 6.99 11.91
CA PRO H 216 20.96 6.83 10.56
C PRO H 216 20.54 5.49 9.96
N GLY H 217 20.26 5.49 8.66
CA GLY H 217 19.88 4.28 7.94
C GLY H 217 19.38 4.58 6.53
N PHE H 218 18.68 3.61 5.95
CA PHE H 218 18.20 3.71 4.57
C PHE H 218 16.72 4.03 4.52
N GLY H 219 16.25 4.45 3.35
CA GLY H 219 14.86 4.89 3.16
C GLY H 219 13.82 3.79 3.33
N PRO H 220 13.89 2.73 2.51
CA PRO H 220 12.95 1.60 2.58
C PRO H 220 12.81 0.93 3.94
N THR H 221 13.79 1.13 4.83
CA THR H 221 13.78 0.51 6.15
C THR H 221 13.43 1.51 7.25
N ALA H 222 14.40 2.34 7.63
CA ALA H 222 14.20 3.29 8.72
C ALA H 222 13.20 4.38 8.35
N GLY H 223 13.31 4.89 7.11
CA GLY H 223 12.41 5.93 6.63
C GLY H 223 10.96 5.49 6.62
N ALA H 224 10.71 4.33 6.03
CA ALA H 224 9.36 3.77 5.96
C ALA H 224 8.80 3.47 7.35
N ALA H 225 9.68 3.08 8.27
CA ALA H 225 9.28 2.74 9.64
C ALA H 225 8.74 3.96 10.39
N ILE H 226 9.35 5.12 10.17
CA ILE H 226 8.86 6.35 10.76
C ILE H 226 7.54 6.77 10.13
N ALA H 227 7.49 6.75 8.80
CA ALA H 227 6.31 7.20 8.07
C ALA H 227 5.07 6.37 8.35
N SER H 228 5.26 5.09 8.68
CA SER H 228 4.14 4.17 8.93
C SER H 228 3.92 3.88 10.41
N HIS H 229 4.65 4.57 11.29
CA HIS H 229 4.60 4.29 12.72
C HIS H 229 3.31 4.77 13.38
N GLU H 230 2.70 3.93 14.21
CA GLU H 230 1.37 4.20 14.77
C GLU H 230 1.35 5.23 15.90
N ASP H 231 2.53 5.66 16.37
CA ASP H 231 2.61 6.64 17.44
C ASP H 231 3.40 7.92 17.08
N VAL H 232 3.77 8.05 15.81
CA VAL H 232 4.32 9.30 15.29
C VAL H 232 3.13 10.19 14.90
N ASP H 233 3.10 11.42 15.43
CA ASP H 233 1.98 12.33 15.20
C ASP H 233 2.08 13.11 13.89
N LYS H 234 3.31 13.35 13.45
CA LYS H 234 3.57 14.21 12.30
C LYS H 234 4.82 13.77 11.56
N VAL H 235 4.78 13.83 10.22
CA VAL H 235 5.96 13.50 9.42
C VAL H 235 6.32 14.65 8.47
N ALA H 236 7.62 14.98 8.44
CA ALA H 236 8.16 16.02 7.57
C ALA H 236 9.23 15.38 6.69
N PHE H 237 9.00 15.40 5.37
CA PHE H 237 9.90 14.76 4.42
C PHE H 237 10.42 15.77 3.40
N THR H 238 11.73 15.72 3.16
CA THR H 238 12.35 16.45 2.07
C THR H 238 13.10 15.44 1.21
N GLY H 239 12.82 15.47 -0.09
CA GLY H 239 13.41 14.51 -1.04
C GLY H 239 12.64 14.51 -2.35
N SER H 240 12.64 13.39 -3.04
CA SER H 240 12.01 13.29 -4.37
C SER H 240 10.49 13.22 -4.29
N THR H 241 9.84 13.69 -5.36
CA THR H 241 8.38 13.65 -5.46
C THR H 241 7.86 12.20 -5.39
N GLU H 242 8.65 11.29 -5.98
CA GLU H 242 8.36 9.87 -5.96
C GLU H 242 8.11 9.36 -4.53
N ILE H 243 9.06 9.65 -3.63
CA ILE H 243 8.96 9.19 -2.24
C ILE H 243 7.89 9.99 -1.49
N GLY H 244 7.74 11.26 -1.86
CA GLY H 244 6.69 12.11 -1.27
C GLY H 244 5.35 11.41 -1.33
N ARG H 245 5.00 10.92 -2.51
CA ARG H 245 3.78 10.14 -2.72
C ARG H 245 3.68 8.94 -1.78
N VAL H 246 4.79 8.24 -1.59
CA VAL H 246 4.82 7.07 -0.71
C VAL H 246 4.58 7.49 0.73
N ILE H 247 5.15 8.64 1.12
CA ILE H 247 5.02 9.15 2.48
C ILE H 247 3.54 9.47 2.79
N GLN H 248 2.86 10.13 1.86
CA GLN H 248 1.48 10.54 2.08
C GLN H 248 0.56 9.31 2.18
N VAL H 249 0.80 8.34 1.30
CA VAL H 249 0.11 7.05 1.33
C VAL H 249 0.32 6.35 2.68
N ALA H 250 1.58 6.21 3.09
CA ALA H 250 1.93 5.59 4.37
C ALA H 250 1.23 6.27 5.55
N ALA H 251 1.16 7.60 5.51
CA ALA H 251 0.47 8.38 6.52
C ALA H 251 -1.02 8.06 6.57
N GLY H 252 -1.63 7.95 5.40
CA GLY H 252 -3.04 7.58 5.28
C GLY H 252 -3.30 6.12 5.60
N SER H 253 -2.31 5.27 5.33
CA SER H 253 -2.42 3.84 5.62
C SER H 253 -2.16 3.48 7.07
N SER H 254 -1.63 4.43 7.86
CA SER H 254 -1.25 4.14 9.23
C SER H 254 -2.19 4.80 10.25
N ASN H 255 -1.82 5.99 10.74
CA ASN H 255 -2.56 6.65 11.82
C ASN H 255 -3.04 8.07 11.47
N LEU H 256 -3.12 8.39 10.19
CA LEU H 256 -3.52 9.71 9.73
C LEU H 256 -2.63 10.83 10.28
N LYS H 257 -1.34 10.54 10.41
CA LYS H 257 -0.36 11.55 10.83
C LYS H 257 -0.34 12.74 9.89
N ARG H 258 -0.12 13.93 10.44
CA ARG H 258 -0.09 15.16 9.65
C ARG H 258 1.16 15.11 8.78
N VAL H 259 1.05 15.56 7.53
CA VAL H 259 2.16 15.46 6.57
C VAL H 259 2.51 16.83 5.99
N THR H 260 3.80 17.16 5.98
CA THR H 260 4.33 18.23 5.12
C THR H 260 5.45 17.64 4.24
N LEU H 261 5.59 18.19 3.04
CA LEU H 261 6.55 17.69 2.06
C LEU H 261 7.26 18.84 1.33
N GLU H 262 8.59 18.73 1.25
CA GLU H 262 9.42 19.61 0.40
C GLU H 262 10.08 18.72 -0.64
N LEU H 263 9.74 18.93 -1.90
CA LEU H 263 10.10 17.99 -2.96
C LEU H 263 10.89 18.69 -4.06
N GLY H 264 10.89 18.12 -5.26
CA GLY H 264 11.74 18.60 -6.34
C GLY H 264 11.05 19.61 -7.23
N GLY H 265 11.75 20.02 -8.28
CA GLY H 265 11.22 20.96 -9.22
C GLY H 265 11.96 20.98 -10.54
N LYS H 266 11.50 21.85 -11.42
CA LYS H 266 12.18 22.14 -12.68
C LYS H 266 11.95 23.62 -12.89
N SER H 267 12.59 24.41 -12.03
CA SER H 267 12.23 25.81 -11.83
C SER H 267 12.67 26.66 -13.01
N PRO H 268 11.77 27.51 -13.53
CA PRO H 268 12.10 28.37 -14.66
C PRO H 268 12.79 29.67 -14.26
N ASN H 269 13.88 30.00 -14.95
CA ASN H 269 14.62 31.25 -14.77
C ASN H 269 14.43 32.11 -16.04
N ILE H 270 13.67 33.19 -15.90
CA ILE H 270 13.19 33.95 -17.07
C ILE H 270 13.98 35.24 -17.25
N ILE H 271 14.67 35.36 -18.38
CA ILE H 271 15.50 36.53 -18.66
C ILE H 271 14.84 37.38 -19.74
N MET H 272 14.35 38.55 -19.35
CA MET H 272 13.70 39.46 -20.30
C MET H 272 14.76 40.22 -21.08
N SER H 273 14.36 40.81 -22.21
CA SER H 273 15.30 41.53 -23.07
C SER H 273 15.94 42.75 -22.39
N ASP H 274 15.21 43.36 -21.45
CA ASP H 274 15.66 44.57 -20.78
C ASP H 274 16.43 44.30 -19.48
N ALA H 275 16.92 43.07 -19.32
CA ALA H 275 17.67 42.72 -18.11
C ALA H 275 19.14 43.11 -18.25
N ASP H 276 19.82 43.19 -17.13
CA ASP H 276 21.27 43.41 -17.09
C ASP H 276 21.97 42.10 -17.50
N MET H 277 22.70 42.11 -18.61
CA MET H 277 23.25 40.87 -19.19
C MET H 277 24.29 40.19 -18.31
N ASP H 278 25.29 40.93 -17.85
CA ASP H 278 26.36 40.35 -17.04
C ASP H 278 25.89 39.80 -15.69
N TRP H 279 24.89 40.47 -15.10
CA TRP H 279 24.29 40.01 -13.84
C TRP H 279 23.43 38.78 -14.11
N ALA H 280 22.53 38.90 -15.10
CA ALA H 280 21.63 37.80 -15.49
C ALA H 280 22.35 36.52 -15.94
N VAL H 281 23.53 36.67 -16.52
CA VAL H 281 24.32 35.50 -16.96
C VAL H 281 25.00 34.85 -15.76
N GLU H 282 25.58 35.69 -14.89
CA GLU H 282 26.29 35.22 -13.71
C GLU H 282 25.31 34.57 -12.71
N GLN H 283 24.12 35.14 -12.60
CA GLN H 283 23.10 34.58 -11.70
C GLN H 283 22.42 33.33 -12.28
N ALA H 284 22.31 33.25 -13.61
CA ALA H 284 21.71 32.07 -14.24
C ALA H 284 22.65 30.87 -14.14
N HIS H 285 23.95 31.15 -14.20
CA HIS H 285 24.99 30.14 -13.99
C HIS H 285 24.92 29.60 -12.56
N PHE H 286 24.92 30.53 -11.60
CA PHE H 286 24.72 30.21 -10.19
C PHE H 286 23.42 29.42 -9.96
N ALA H 287 22.34 29.89 -10.59
CA ALA H 287 21.02 29.30 -10.41
C ALA H 287 21.01 27.80 -10.72
N LEU H 288 21.76 27.39 -11.73
CA LEU H 288 21.82 25.97 -12.08
C LEU H 288 22.96 25.22 -11.43
N PHE H 289 24.17 25.77 -11.49
CA PHE H 289 25.37 25.00 -11.12
C PHE H 289 25.66 24.91 -9.62
N PHE H 290 25.01 25.75 -8.79
CA PHE H 290 25.29 25.73 -7.35
C PHE H 290 25.09 24.35 -6.74
N ASN H 291 25.99 23.99 -5.82
CA ASN H 291 25.96 22.71 -5.12
C ASN H 291 25.98 21.52 -6.09
N GLN H 292 26.77 21.65 -7.16
CA GLN H 292 26.88 20.65 -8.22
C GLN H 292 25.52 20.34 -8.84
N GLY H 293 24.65 21.36 -8.89
CA GLY H 293 23.31 21.22 -9.46
C GLY H 293 22.35 20.44 -8.60
N GLN H 294 22.77 20.11 -7.38
CA GLN H 294 22.00 19.25 -6.47
C GLN H 294 21.14 20.13 -5.57
N CYS H 295 20.18 20.77 -6.22
CA CYS H 295 19.33 21.77 -5.62
C CYS H 295 17.92 21.57 -6.12
N CYS H 296 16.97 21.48 -5.20
CA CYS H 296 15.57 21.26 -5.53
C CYS H 296 14.98 22.35 -6.40
N CYS H 297 15.40 23.58 -6.15
CA CYS H 297 14.95 24.75 -6.90
C CYS H 297 16.01 25.27 -7.89
N ALA H 298 16.86 24.38 -8.39
CA ALA H 298 17.82 24.76 -9.42
C ALA H 298 17.10 25.40 -10.61
N GLY H 299 17.72 26.43 -11.19
CA GLY H 299 17.18 27.09 -12.38
C GLY H 299 17.44 26.25 -13.62
N SER H 300 16.69 25.17 -13.73
CA SER H 300 16.96 24.11 -14.71
C SER H 300 16.26 24.33 -16.05
N ARG H 301 15.48 25.39 -16.15
CA ARG H 301 14.93 25.85 -17.42
C ARG H 301 15.19 27.33 -17.54
N THR H 302 16.27 27.71 -18.23
CA THR H 302 16.59 29.10 -18.45
C THR H 302 15.89 29.57 -19.71
N PHE H 303 14.87 30.41 -19.52
CA PHE H 303 14.13 31.00 -20.63
C PHE H 303 14.74 32.36 -20.93
N VAL H 304 15.15 32.57 -22.19
CA VAL H 304 15.82 33.80 -22.58
C VAL H 304 15.14 34.40 -23.81
N GLN H 305 14.86 35.71 -23.73
CA GLN H 305 14.11 36.39 -24.79
C GLN H 305 14.94 36.39 -26.07
N GLU H 306 14.29 36.17 -27.20
CA GLU H 306 14.97 35.92 -28.48
C GLU H 306 15.97 36.99 -28.90
N ASP H 307 15.72 38.25 -28.52
CA ASP H 307 16.60 39.35 -28.93
C ASP H 307 17.99 39.28 -28.30
N ILE H 308 18.10 38.67 -27.12
CA ILE H 308 19.39 38.56 -26.42
C ILE H 308 19.89 37.11 -26.32
N TYR H 309 19.17 36.18 -26.95
CA TYR H 309 19.43 34.75 -26.81
C TYR H 309 20.83 34.32 -27.23
N ASP H 310 21.29 34.81 -28.37
CA ASP H 310 22.60 34.42 -28.91
C ASP H 310 23.73 34.83 -27.98
N GLU H 311 23.67 36.07 -27.50
CA GLU H 311 24.70 36.60 -26.62
C GLU H 311 24.69 35.95 -25.24
N PHE H 312 23.50 35.71 -24.70
CA PHE H 312 23.36 35.06 -23.40
C PHE H 312 23.96 33.66 -23.44
N VAL H 313 23.62 32.91 -24.48
CA VAL H 313 24.12 31.55 -24.68
C VAL H 313 25.64 31.52 -24.81
N GLU H 314 26.19 32.46 -25.57
CA GLU H 314 27.64 32.51 -25.78
C GLU H 314 28.39 32.80 -24.48
N ARG H 315 27.87 33.75 -23.71
CA ARG H 315 28.46 34.08 -22.40
C ARG H 315 28.28 32.94 -21.38
N SER H 316 27.12 32.29 -21.42
CA SER H 316 26.84 31.18 -20.51
C SER H 316 27.79 30.02 -20.76
N VAL H 317 28.03 29.72 -22.03
CA VAL H 317 28.92 28.63 -22.43
C VAL H 317 30.34 28.92 -21.93
N ALA H 318 30.76 30.17 -22.09
CA ALA H 318 32.07 30.62 -21.64
C ALA H 318 32.21 30.44 -20.13
N ARG H 319 31.17 30.81 -19.39
CA ARG H 319 31.19 30.68 -17.94
C ARG H 319 31.26 29.20 -17.53
N ALA H 320 30.51 28.36 -18.23
CA ALA H 320 30.53 26.91 -17.97
C ALA H 320 31.92 26.32 -18.16
N LYS H 321 32.57 26.68 -19.27
CA LYS H 321 33.92 26.20 -19.58
C LYS H 321 34.96 26.66 -18.57
N SER H 322 34.75 27.85 -18.00
CA SER H 322 35.68 28.40 -17.01
C SER H 322 35.48 27.81 -15.61
N ARG H 323 34.34 27.18 -15.37
CA ARG H 323 34.02 26.67 -14.02
C ARG H 323 35.02 25.60 -13.60
N VAL H 324 35.68 25.81 -12.46
CA VAL H 324 36.73 24.91 -12.00
C VAL H 324 36.15 23.71 -11.26
N VAL H 325 36.47 22.53 -11.78
CA VAL H 325 36.03 21.25 -11.21
C VAL H 325 37.26 20.58 -10.59
N GLY H 326 37.15 20.16 -9.33
CA GLY H 326 38.28 19.53 -8.66
C GLY H 326 38.07 19.28 -7.18
N ASN H 327 39.17 19.02 -6.48
CA ASN H 327 39.18 18.77 -5.04
C ASN H 327 38.42 19.88 -4.30
N PRO H 328 37.31 19.54 -3.61
CA PRO H 328 36.55 20.58 -2.90
C PRO H 328 37.28 21.25 -1.75
N PHE H 329 38.37 20.66 -1.28
CA PHE H 329 39.21 21.32 -0.28
C PHE H 329 40.20 22.33 -0.89
N ASP H 330 40.31 22.34 -2.22
CA ASP H 330 41.09 23.34 -2.94
C ASP H 330 40.30 24.65 -3.09
N SER H 331 40.97 25.77 -2.83
CA SER H 331 40.33 27.10 -2.87
C SER H 331 39.78 27.48 -4.24
N LYS H 332 40.46 27.04 -5.29
CA LYS H 332 40.07 27.36 -6.67
C LYS H 332 38.79 26.62 -7.11
N THR H 333 38.48 25.50 -6.47
CA THR H 333 37.37 24.66 -6.88
C THR H 333 36.01 25.30 -6.66
N GLU H 334 35.23 25.43 -7.75
CA GLU H 334 33.86 25.91 -7.68
C GLU H 334 32.86 24.75 -7.72
N GLN H 335 33.31 23.60 -8.21
CA GLN H 335 32.44 22.43 -8.32
C GLN H 335 33.13 21.15 -7.86
N GLY H 336 32.63 20.57 -6.77
CA GLY H 336 33.05 19.24 -6.33
C GLY H 336 32.39 18.13 -7.12
N PRO H 337 32.46 16.89 -6.59
CA PRO H 337 31.85 15.75 -7.27
C PRO H 337 30.39 15.63 -6.92
N GLN H 338 29.65 14.81 -7.65
CA GLN H 338 28.27 14.51 -7.29
C GLN H 338 28.30 13.63 -6.03
N VAL H 339 27.13 13.40 -5.41
CA VAL H 339 27.12 12.89 -4.04
C VAL H 339 27.53 11.42 -3.96
N ASP H 340 27.22 10.64 -4.99
CA ASP H 340 27.51 9.21 -4.98
C ASP H 340 27.44 8.60 -6.39
N GLU H 341 27.65 7.29 -6.47
CA GLU H 341 27.64 6.57 -7.75
C GLU H 341 26.28 6.57 -8.42
N THR H 342 25.22 6.40 -7.61
CA THR H 342 23.84 6.38 -8.10
C THR H 342 23.51 7.67 -8.85
N GLN H 343 23.75 8.81 -8.21
CA GLN H 343 23.49 10.12 -8.83
C GLN H 343 24.38 10.37 -10.06
N PHE H 344 25.68 10.16 -9.88
CA PHE H 344 26.65 10.20 -10.97
C PHE H 344 26.15 9.46 -12.22
N LYS H 345 25.66 8.24 -12.02
CA LYS H 345 25.09 7.43 -13.11
C LYS H 345 23.80 8.03 -13.69
N LYS H 346 22.93 8.53 -12.82
CA LYS H 346 21.67 9.11 -13.28
C LYS H 346 21.93 10.35 -14.12
N ILE H 347 22.94 11.13 -13.74
CA ILE H 347 23.25 12.36 -14.48
C ILE H 347 23.86 12.03 -15.85
N LEU H 348 24.77 11.06 -15.88
CA LEU H 348 25.32 10.57 -17.15
C LEU H 348 24.19 10.12 -18.08
N GLY H 349 23.20 9.41 -17.51
CA GLY H 349 22.04 8.98 -18.26
C GLY H 349 21.25 10.14 -18.86
N TYR H 350 21.01 11.17 -18.05
CA TYR H 350 20.28 12.36 -18.51
C TYR H 350 21.04 13.13 -19.58
N ILE H 351 22.36 13.22 -19.44
CA ILE H 351 23.18 13.86 -20.46
C ILE H 351 23.02 13.12 -21.79
N ASN H 352 23.09 11.79 -21.76
CA ASN H 352 22.87 11.00 -22.96
C ASN H 352 21.45 11.18 -23.48
N THR H 353 20.48 11.27 -22.57
CA THR H 353 19.09 11.48 -22.95
C THR H 353 18.92 12.78 -23.74
N GLY H 354 19.59 13.83 -23.29
CA GLY H 354 19.55 15.13 -23.96
C GLY H 354 20.09 15.04 -25.37
N LYS H 355 21.24 14.36 -25.52
CA LYS H 355 21.86 14.15 -26.84
C LYS H 355 20.96 13.36 -27.79
N GLN H 356 20.34 12.29 -27.30
CA GLN H 356 19.46 11.44 -28.13
C GLN H 356 18.17 12.15 -28.54
N GLU H 357 17.70 13.06 -27.69
CA GLU H 357 16.54 13.88 -28.01
C GLU H 357 16.82 14.94 -29.07
N GLY H 358 18.10 15.22 -29.30
CA GLY H 358 18.50 16.17 -30.32
C GLY H 358 18.67 17.59 -29.80
N ALA H 359 18.90 17.72 -28.50
CA ALA H 359 19.24 19.01 -27.91
C ALA H 359 20.70 19.32 -28.22
N LYS H 360 20.98 20.59 -28.48
CA LYS H 360 22.32 21.00 -28.89
C LYS H 360 23.28 21.08 -27.71
N LEU H 361 24.22 20.14 -27.65
CA LEU H 361 25.25 20.14 -26.63
C LEU H 361 26.28 21.20 -26.97
N LEU H 362 26.39 22.21 -26.12
CA LEU H 362 27.26 23.35 -26.38
C LEU H 362 28.60 23.21 -25.66
N CYS H 363 28.61 22.47 -24.54
CA CYS H 363 29.84 22.15 -23.84
C CYS H 363 29.62 21.05 -22.80
N GLY H 364 30.72 20.45 -22.35
CA GLY H 364 30.67 19.36 -21.39
C GLY H 364 30.11 18.09 -22.01
N GLY H 365 29.41 17.31 -21.19
CA GLY H 365 28.72 16.11 -21.67
C GLY H 365 29.31 14.78 -21.22
N GLY H 366 30.38 14.84 -20.42
CA GLY H 366 31.14 13.64 -20.06
C GLY H 366 31.65 13.64 -18.63
N ILE H 367 32.48 12.67 -18.32
CA ILE H 367 33.08 12.53 -17.00
C ILE H 367 34.28 13.48 -16.89
N ALA H 368 34.39 14.15 -15.74
CA ALA H 368 35.40 15.20 -15.56
C ALA H 368 36.70 14.69 -14.95
N ALA H 369 36.65 13.56 -14.25
CA ALA H 369 37.86 13.00 -13.65
C ALA H 369 37.78 11.49 -13.43
N ASP H 370 38.95 10.87 -13.26
CA ASP H 370 39.03 9.45 -13.00
C ASP H 370 38.42 9.07 -11.65
N ARG H 371 39.02 9.56 -10.56
CA ARG H 371 38.58 9.21 -9.22
C ARG H 371 37.38 10.08 -8.82
N GLY H 372 36.61 9.59 -7.87
CA GLY H 372 35.43 10.32 -7.38
C GLY H 372 34.29 10.32 -8.37
N TYR H 373 33.34 11.24 -8.18
CA TYR H 373 32.14 11.30 -9.01
C TYR H 373 31.97 12.67 -9.66
N PHE H 374 32.92 13.03 -10.52
CA PHE H 374 32.96 14.36 -11.13
C PHE H 374 32.39 14.36 -12.53
N ILE H 375 31.52 15.34 -12.80
CA ILE H 375 30.92 15.52 -14.10
C ILE H 375 31.24 16.92 -14.63
N GLN H 376 31.51 17.02 -15.93
CA GLN H 376 31.79 18.29 -16.58
C GLN H 376 30.55 19.17 -16.59
N PRO H 377 30.71 20.48 -16.30
CA PRO H 377 29.58 21.39 -16.49
C PRO H 377 29.05 21.29 -17.91
N THR H 378 27.75 21.03 -18.03
CA THR H 378 27.16 20.75 -19.33
C THR H 378 26.09 21.78 -19.65
N VAL H 379 26.10 22.30 -20.88
CA VAL H 379 25.10 23.25 -21.33
C VAL H 379 24.40 22.75 -22.60
N PHE H 380 23.09 22.64 -22.53
CA PHE H 380 22.26 22.30 -23.68
C PHE H 380 21.54 23.57 -24.17
N GLY H 381 21.57 23.79 -25.48
CA GLY H 381 20.92 24.95 -26.11
C GLY H 381 19.72 24.57 -26.94
N ASP H 382 18.89 25.56 -27.27
CA ASP H 382 17.67 25.35 -28.06
C ASP H 382 16.85 24.19 -27.54
N VAL H 383 16.71 24.12 -26.22
CA VAL H 383 15.95 23.05 -25.60
C VAL H 383 14.48 23.35 -25.83
N GLN H 384 13.69 22.31 -26.12
CA GLN H 384 12.25 22.47 -26.35
C GLN H 384 11.47 21.90 -25.17
N ASP H 385 10.33 22.49 -24.88
CA ASP H 385 9.47 22.09 -23.74
C ASP H 385 9.20 20.59 -23.71
N GLY H 386 8.93 20.00 -24.86
CA GLY H 386 8.60 18.58 -24.95
C GLY H 386 9.73 17.61 -24.64
N MET H 387 10.96 18.11 -24.54
CA MET H 387 12.13 17.28 -24.24
C MET H 387 12.12 16.77 -22.79
N THR H 388 12.62 15.57 -22.59
CA THR H 388 12.78 14.99 -21.25
C THR H 388 13.72 15.82 -20.36
N ILE H 389 14.85 16.28 -20.89
CA ILE H 389 15.76 17.14 -20.10
C ILE H 389 15.14 18.50 -19.75
N ALA H 390 14.00 18.83 -20.36
CA ALA H 390 13.25 20.04 -20.05
C ALA H 390 12.09 19.79 -19.09
N LYS H 391 11.72 18.53 -18.88
CA LYS H 391 10.62 18.18 -17.99
C LYS H 391 11.12 17.63 -16.65
N GLU H 392 12.08 16.73 -16.70
CA GLU H 392 12.50 15.99 -15.51
C GLU H 392 13.67 16.63 -14.77
N GLU H 393 13.64 16.53 -13.45
CA GLU H 393 14.71 17.02 -12.60
C GLU H 393 15.95 16.16 -12.78
N ILE H 394 17.03 16.78 -13.23
CA ILE H 394 18.29 16.09 -13.47
C ILE H 394 19.11 16.01 -12.19
N PHE H 395 19.11 17.10 -11.43
CA PHE H 395 19.84 17.18 -10.15
C PHE H 395 21.37 17.09 -10.35
N GLY H 396 21.85 17.70 -11.43
CA GLY H 396 23.28 17.72 -11.76
C GLY H 396 23.66 18.96 -12.54
N PRO H 397 24.96 19.13 -12.83
CA PRO H 397 25.44 20.33 -13.53
C PRO H 397 25.12 20.31 -15.03
N VAL H 398 23.82 20.31 -15.34
CA VAL H 398 23.32 20.25 -16.72
C VAL H 398 22.33 21.41 -16.94
N MET H 399 22.71 22.35 -17.80
CA MET H 399 21.94 23.56 -18.05
C MET H 399 21.10 23.42 -19.31
N GLN H 400 19.84 23.86 -19.21
CA GLN H 400 18.95 23.90 -20.35
C GLN H 400 18.59 25.34 -20.65
N ILE H 401 18.96 25.81 -21.84
CA ILE H 401 18.60 27.16 -22.25
C ILE H 401 17.53 27.09 -23.32
N LEU H 402 16.44 27.84 -23.10
CA LEU H 402 15.32 27.87 -24.02
C LEU H 402 15.08 29.30 -24.52
N LYS H 403 14.49 29.40 -25.72
CA LYS H 403 14.19 30.68 -26.34
C LYS H 403 12.69 30.93 -26.32
N PHE H 404 12.30 32.17 -26.03
CA PHE H 404 10.91 32.59 -26.12
C PHE H 404 10.80 33.99 -26.72
N LYS H 405 9.59 34.40 -27.09
CA LYS H 405 9.36 35.71 -27.71
C LYS H 405 8.61 36.69 -26.80
N THR H 406 7.44 36.30 -26.28
CA THR H 406 6.60 37.23 -25.53
C THR H 406 6.40 36.85 -24.06
N ILE H 407 5.92 37.81 -23.28
CA ILE H 407 5.74 37.63 -21.85
C ILE H 407 4.53 36.72 -21.57
N GLU H 408 3.52 36.79 -22.41
CA GLU H 408 2.35 35.92 -22.30
C GLU H 408 2.74 34.46 -22.59
N GLU H 409 3.57 34.30 -23.63
CA GLU H 409 4.07 33.00 -24.06
C GLU H 409 4.87 32.32 -22.95
N VAL H 410 5.84 33.04 -22.39
CA VAL H 410 6.73 32.44 -21.41
C VAL H 410 6.01 32.05 -20.12
N VAL H 411 4.97 32.81 -19.77
CA VAL H 411 4.15 32.51 -18.59
C VAL H 411 3.49 31.14 -18.70
N GLY H 412 2.80 30.91 -19.82
CA GLY H 412 2.16 29.63 -20.08
C GLY H 412 3.17 28.49 -20.07
N ARG H 413 4.33 28.72 -20.70
CA ARG H 413 5.38 27.70 -20.85
C ARG H 413 6.09 27.39 -19.54
N ALA H 414 6.38 28.42 -18.75
CA ALA H 414 6.98 28.26 -17.43
C ALA H 414 6.03 27.49 -16.50
N ASN H 415 4.74 27.85 -16.54
CA ASN H 415 3.73 27.19 -15.70
C ASN H 415 3.33 25.80 -16.19
N ASN H 416 3.66 25.47 -17.44
CA ASN H 416 3.30 24.16 -17.99
C ASN H 416 4.21 23.07 -17.44
N SER H 417 3.97 22.70 -16.18
CA SER H 417 4.82 21.75 -15.47
C SER H 417 4.10 21.29 -14.21
N THR H 418 4.37 20.04 -13.79
CA THR H 418 3.81 19.50 -12.55
C THR H 418 4.59 19.97 -11.33
N TYR H 419 5.74 20.60 -11.56
CA TYR H 419 6.53 21.20 -10.50
C TYR H 419 6.24 22.68 -10.37
N GLY H 420 6.59 23.25 -9.22
CA GLY H 420 6.34 24.66 -8.94
C GLY H 420 6.96 25.10 -7.63
N LEU H 421 8.21 24.74 -7.42
CA LEU H 421 8.92 25.06 -6.20
C LEU H 421 9.38 26.52 -6.21
N ALA H 422 9.99 26.92 -7.32
CA ALA H 422 10.50 28.27 -7.47
C ALA H 422 10.52 28.71 -8.92
N ALA H 423 10.79 30.00 -9.11
CA ALA H 423 10.91 30.60 -10.42
C ALA H 423 11.64 31.92 -10.27
N ALA H 424 12.12 32.46 -11.38
CA ALA H 424 12.79 33.76 -11.33
C ALA H 424 12.58 34.58 -12.59
N VAL H 425 12.68 35.89 -12.42
CA VAL H 425 12.47 36.85 -13.48
C VAL H 425 13.55 37.91 -13.42
N PHE H 426 14.20 38.17 -14.54
CA PHE H 426 15.21 39.21 -14.62
C PHE H 426 14.75 40.28 -15.60
N THR H 427 14.51 41.47 -15.08
CA THR H 427 13.99 42.60 -15.85
C THR H 427 14.23 43.90 -15.08
N LYS H 428 14.29 45.01 -15.80
CA LYS H 428 14.40 46.33 -15.17
C LYS H 428 13.03 46.98 -15.00
N ASP H 429 12.05 46.47 -15.76
CA ASP H 429 10.73 47.05 -15.78
C ASP H 429 9.91 46.62 -14.55
N LEU H 430 9.31 47.61 -13.89
CA LEU H 430 8.44 47.39 -12.73
C LEU H 430 7.21 46.55 -13.10
N ASP H 431 6.55 46.88 -14.21
CA ASP H 431 5.31 46.21 -14.59
C ASP H 431 5.53 44.76 -15.02
N LYS H 432 6.59 44.49 -15.78
CA LYS H 432 6.93 43.13 -16.17
C LYS H 432 7.18 42.29 -14.92
N ALA H 433 7.93 42.84 -13.98
CA ALA H 433 8.24 42.16 -12.72
C ALA H 433 6.98 41.83 -11.91
N ASN H 434 6.04 42.77 -11.84
CA ASN H 434 4.78 42.54 -11.09
C ASN H 434 3.80 41.62 -11.82
N TYR H 435 3.75 41.72 -13.16
CA TYR H 435 2.96 40.82 -13.99
C TYR H 435 3.45 39.38 -13.83
N LEU H 436 4.77 39.18 -13.90
CA LEU H 436 5.33 37.84 -13.84
C LEU H 436 5.32 37.23 -12.43
N SER H 437 5.80 37.97 -11.43
CA SER H 437 5.79 37.46 -10.06
C SER H 437 4.36 37.05 -9.63
N GLN H 438 3.35 37.78 -10.10
CA GLN H 438 1.96 37.39 -9.84
C GLN H 438 1.55 36.11 -10.58
N ALA H 439 1.88 36.04 -11.87
CA ALA H 439 1.43 34.97 -12.75
C ALA H 439 2.12 33.61 -12.58
N LEU H 440 3.38 33.61 -12.11
CA LEU H 440 4.15 32.37 -11.97
C LEU H 440 3.66 31.50 -10.83
N GLN H 441 3.28 30.26 -11.17
CA GLN H 441 2.77 29.29 -10.21
C GLN H 441 3.93 28.60 -9.50
N ALA H 442 4.49 29.31 -8.53
CA ALA H 442 5.65 28.84 -7.78
C ALA H 442 5.63 29.40 -6.37
N GLY H 443 6.10 28.61 -5.42
CA GLY H 443 6.14 29.01 -4.01
C GLY H 443 7.10 30.15 -3.71
N THR H 444 8.15 30.28 -4.52
CA THR H 444 9.08 31.41 -4.43
C THR H 444 9.38 31.96 -5.82
N VAL H 445 9.15 33.25 -6.02
CA VAL H 445 9.57 33.93 -7.23
C VAL H 445 10.67 34.91 -6.85
N TRP H 446 11.87 34.71 -7.42
CA TRP H 446 12.95 35.69 -7.27
C TRP H 446 12.89 36.72 -8.40
N VAL H 447 13.22 37.97 -8.07
CA VAL H 447 13.26 39.03 -9.07
C VAL H 447 14.64 39.69 -9.09
N ASN H 448 15.32 39.56 -10.23
CA ASN H 448 16.70 40.02 -10.41
C ASN H 448 17.69 39.39 -9.41
N CYS H 449 17.36 38.18 -8.95
CA CYS H 449 18.27 37.40 -8.12
C CYS H 449 17.85 35.93 -8.21
N TYR H 450 18.61 35.06 -7.54
CA TYR H 450 18.28 33.65 -7.45
C TYR H 450 18.85 33.02 -6.17
N ASP H 451 18.20 31.96 -5.69
CA ASP H 451 18.65 31.24 -4.48
C ASP H 451 18.88 32.13 -3.24
N VAL H 452 18.07 33.17 -3.10
CA VAL H 452 18.12 34.04 -1.95
C VAL H 452 17.14 33.49 -0.91
N PHE H 453 17.68 32.78 0.07
CA PHE H 453 16.89 32.24 1.16
C PHE H 453 17.14 33.07 2.39
N GLY H 454 16.09 33.30 3.17
CA GLY H 454 16.22 33.90 4.48
C GLY H 454 15.36 33.10 5.43
N ALA H 455 15.82 32.97 6.66
CA ALA H 455 15.08 32.27 7.70
C ALA H 455 13.69 32.86 7.92
N GLN H 456 13.54 34.13 7.52
CA GLN H 456 12.32 34.89 7.78
C GLN H 456 11.24 34.66 6.72
N SER H 457 11.64 34.25 5.52
CA SER H 457 10.71 34.11 4.40
C SER H 457 10.45 32.66 4.10
N PRO H 458 9.16 32.28 3.94
CA PRO H 458 8.78 30.89 3.76
C PRO H 458 9.21 30.34 2.41
N PHE H 459 9.46 29.04 2.38
CA PHE H 459 9.88 28.35 1.18
C PHE H 459 9.13 27.02 1.08
N GLY H 460 8.66 26.70 -0.12
CA GLY H 460 7.90 25.46 -0.36
C GLY H 460 7.22 25.43 -1.71
N GLY H 461 6.70 24.26 -2.07
CA GLY H 461 6.22 24.02 -3.42
C GLY H 461 4.75 24.27 -3.68
N TYR H 462 4.47 24.75 -4.90
CA TYR H 462 3.16 24.60 -5.53
C TYR H 462 3.12 23.21 -6.17
N LYS H 463 1.92 22.77 -6.50
CA LYS H 463 1.71 21.53 -7.25
C LYS H 463 2.45 20.35 -6.61
N MET H 464 3.16 19.56 -7.40
CA MET H 464 3.81 18.35 -6.90
C MET H 464 5.25 18.61 -6.41
N SER H 465 5.61 19.88 -6.23
CA SER H 465 6.88 20.26 -5.61
C SER H 465 6.81 20.22 -4.08
N GLY H 466 5.64 19.92 -3.53
CA GLY H 466 5.46 19.75 -2.08
C GLY H 466 4.15 20.30 -1.56
N SER H 467 3.99 20.24 -0.24
CA SER H 467 2.88 20.90 0.44
C SER H 467 3.33 21.41 1.81
N GLY H 468 2.77 22.54 2.22
CA GLY H 468 3.22 23.22 3.41
C GLY H 468 4.43 24.10 3.09
N ARG H 469 4.87 24.88 4.07
CA ARG H 469 6.03 25.75 3.90
C ARG H 469 6.99 25.57 5.06
N GLU H 470 8.28 25.76 4.77
CA GLU H 470 9.32 25.81 5.80
C GLU H 470 9.90 27.22 5.86
N LEU H 471 10.54 27.54 6.97
CA LEU H 471 11.08 28.89 7.28
C LEU H 471 9.97 29.91 7.57
N GLY H 472 10.37 31.03 8.17
CA GLY H 472 9.43 32.08 8.55
C GLY H 472 8.50 31.66 9.68
N GLU H 473 7.46 32.47 9.91
CA GLU H 473 6.37 32.13 10.83
C GLU H 473 5.60 30.91 10.30
N TYR H 474 5.47 30.86 8.99
CA TYR H 474 4.74 29.79 8.31
C TYR H 474 5.29 28.42 8.68
N GLY H 475 6.60 28.33 8.92
CA GLY H 475 7.24 27.08 9.29
C GLY H 475 6.77 26.47 10.61
N LEU H 476 6.07 27.26 11.41
CA LEU H 476 5.56 26.83 12.71
C LEU H 476 4.17 26.19 12.63
N GLN H 477 3.40 26.51 11.59
CA GLN H 477 2.01 26.04 11.51
C GLN H 477 1.88 24.52 11.55
N ALA H 478 2.69 23.83 10.74
CA ALA H 478 2.64 22.37 10.68
C ALA H 478 3.02 21.70 12.01
N TYR H 479 3.76 22.40 12.86
CA TYR H 479 4.23 21.85 14.13
C TYR H 479 3.34 22.19 15.33
N THR H 480 2.22 22.84 15.06
CA THR H 480 1.29 23.27 16.08
C THR H 480 -0.02 22.51 15.95
N GLU H 481 -0.57 22.06 17.08
CA GLU H 481 -1.94 21.57 17.11
C GLU H 481 -2.78 22.61 17.84
N VAL H 482 -3.92 22.96 17.25
CA VAL H 482 -4.75 24.04 17.75
C VAL H 482 -5.89 23.51 18.64
N LYS H 483 -5.98 24.05 19.85
CA LYS H 483 -7.03 23.67 20.78
C LYS H 483 -7.90 24.86 21.12
N THR H 484 -9.20 24.72 20.90
CA THR H 484 -10.17 25.74 21.28
C THR H 484 -10.73 25.43 22.66
N VAL H 485 -10.71 26.42 23.54
CA VAL H 485 -11.28 26.28 24.88
C VAL H 485 -12.40 27.31 25.01
N THR H 486 -13.63 26.83 25.20
CA THR H 486 -14.77 27.72 25.31
C THR H 486 -15.46 27.53 26.67
N VAL H 487 -15.50 28.61 27.44
CA VAL H 487 -15.91 28.58 28.85
C VAL H 487 -17.15 29.44 29.07
N LYS H 488 -18.16 28.85 29.69
CA LYS H 488 -19.34 29.59 30.12
C LYS H 488 -18.91 30.64 31.15
N VAL H 489 -19.41 31.87 31.00
CA VAL H 489 -19.16 32.94 31.98
C VAL H 489 -20.49 33.55 32.43
N PRO H 490 -20.51 34.19 33.61
CA PRO H 490 -21.74 34.79 34.13
C PRO H 490 -22.41 35.74 33.13
N GLN H 491 -21.63 36.68 32.60
CA GLN H 491 -22.15 37.69 31.67
C GLN H 491 -21.01 38.23 30.80
N LYS H 492 -21.07 37.99 29.50
CA LYS H 492 -20.06 38.48 28.56
C LYS H 492 -20.26 39.98 28.30
N ASN H 493 -19.20 40.76 28.52
CA ASN H 493 -19.14 42.14 28.07
C ASN H 493 -17.92 42.34 27.16
N SER H 494 -18.02 43.30 26.24
CA SER H 494 -16.92 43.62 25.32
C SER H 494 -15.66 44.07 26.07
#